data_9DD8
#
_entry.id   9DD8
#
_cell.length_a   1.00
_cell.length_b   1.00
_cell.length_c   1.00
_cell.angle_alpha   90.00
_cell.angle_beta   90.00
_cell.angle_gamma   90.00
#
_symmetry.space_group_name_H-M   'P 1'
#
loop_
_entity.id
_entity.type
_entity.pdbx_description
1 polymer 'Glycoprotein B'
2 polymer 'D48 heavy chain'
3 polymer 'D48 light chain'
4 branched alpha-D-mannopyranose-(1-3)-[alpha-D-mannopyranose-(1-6)]alpha-D-mannopyranose-(1-6)-[alpha-D-mannopyranose-(1-3)]beta-D-mannopyranose-(1-4)-2-acetamido-2-deoxy-beta-D-glucopyranose-(1-4)-2-acetamido-2-deoxy-beta-D-glucopyranose
5 branched 2-acetamido-2-deoxy-beta-D-glucopyranose-(1-4)-2-acetamido-2-deoxy-beta-D-glucopyranose
6 non-polymer 2-acetamido-2-deoxy-beta-D-glucopyranose
#
loop_
_entity_poly.entity_id
_entity_poly.type
_entity_poly.pdbx_seq_one_letter_code
_entity_poly.pdbx_strand_id
1 'polypeptide(L)'
;MHQGAPSWGRRWFVVWALLGLTLGVLVASAAPSSPGTPGVAAATQAANGGPATPAPPALGAAPTGDPKPKKNKKPKNPTP
PRPAGDNATVAAGHATLREHLRDIKAENTDANFYVCPPPTGATVVQFEQPRRCPTRPEGQNYTEGIAVVFKENIAPYKFK
ATMYYKDVTVSQVWFGHRYSQFMGIFEDRAPVPFEEVIDKINAKGVCRSTAKYVRNNLETTAFHRDDHETDMELKPANAA
TRTSRGWHTTDLKYNPSRVEAFHRYGTTVNCIVEEVDARSVYPYDEFVLATGDFVYMSPFYGYREGSHTEHTSYAADRFK
QVDGFYARDLTTKARATAPTTRNLLTTPKFTVAWDWVPKRPSVCTMTKWQEVDEMLRSEYGGSFRFSSDAISTTFTTNLT
EYPLSRVDLGDCIGKDARDAMDRIFARRYNATHIKVGQPQYYLANGGFLIAYQPLLSNTLAELYVREHLREQSRKPPNPT
PPPPGASANASVERIKTTSSIEFARLQFTYNHIQRPVNDMLGRVAIAWCELQNHELTLWNEARKLNPNAIASVTVGRRVS
ARMLGDVMAVSTCVPVAADNVIVQNSMRISSRPGACYSRPLVSFRYEDQGPLVEGQLGENNELRLTRDAIEPCTVGHRRY
FTFGGGYVYFEEYAYSHQLSRADITTVSTFIDLNITMLEDHEFVPLEVYTRHEIKDSGLLDYTEVQRRNQLHDLRFADID
TVIHADANGSGYIPEAPRDGQAYVRKDGEWVLLSTFLGRSLEVLFQGPGHHHHHHHHSAWSHPQFEKGGGSGGGGSGGSA
WSHPQFEK
;
A,B,C
2 'polypeptide(L)'
;EVQLVETGGGVVRPGRSLRLSCTTSGFSFSGSAMHWVRQAPGKGLEWVAVISHDGNIIQYHDSVKGRFTISRDNSKNVLL
LQMNSLRVDDTAMYYCARDVWLLPATISYAFDFWGQGTMVTVSSASTKGPSVFPLAPSSKSTSGGTAALGCLVKDYFPEP
VTVSWNSGALTSGVHTFPAVLQSSGLYSLSSVVTVPSSSLGTQTYICNVNHKPSNTKVDKKVEPKSCDKTHTLEVLFQ
;
H,I,J
3 'polypeptide(L)'
;VIWMTQSPPSLSASIGDTVTITCRASQGISNSIAWYQRRPGKAPELLVYAAYRLQSGVPSRLSGSGSGAEYTLTIKNMQP
EDFATYYCQQYYDNPLTFGGGTKVEIKRTVAAPSVFIFPPSDEQLKSGTASVVCLLNNFYPREAKVQWKVDNALQSGNSQ
ESVTEQDSKDSTYSLSSTLTLSKADYEKHKVYACEVTHQGLSSPVTKSFNRGEC
;
L,M,N
#
loop_
_chem_comp.id
_chem_comp.type
_chem_comp.name
_chem_comp.formula
BMA D-saccharide, beta linking beta-D-mannopyranose 'C6 H12 O6'
MAN D-saccharide, alpha linking alpha-D-mannopyranose 'C6 H12 O6'
NAG D-saccharide, beta linking 2-acetamido-2-deoxy-beta-D-glucopyranose 'C8 H15 N O6'
#
# COMPACT_ATOMS: atom_id res chain seq x y z
N ALA A 111 2.86 52.03 -22.71
CA ALA A 111 1.67 52.32 -23.57
C ALA A 111 2.11 52.85 -24.93
N ASN A 112 1.29 52.62 -25.94
CA ASN A 112 1.57 53.07 -27.30
C ASN A 112 0.28 53.47 -28.00
N PHE A 113 0.29 54.65 -28.61
CA PHE A 113 -0.88 55.12 -29.33
C PHE A 113 -1.00 54.36 -30.64
N TYR A 114 -2.13 54.51 -31.31
CA TYR A 114 -2.37 53.81 -32.57
C TYR A 114 -3.16 54.65 -33.54
N VAL A 115 -2.74 54.65 -34.80
CA VAL A 115 -3.41 55.35 -35.88
C VAL A 115 -4.07 54.27 -36.73
N CYS A 116 -5.39 54.28 -36.78
CA CYS A 116 -6.18 53.27 -37.51
C CYS A 116 -6.83 53.83 -38.77
N PRO A 117 -6.31 53.51 -39.95
CA PRO A 117 -6.96 53.99 -41.19
C PRO A 117 -8.29 53.29 -41.38
N PRO A 118 -9.25 53.90 -42.07
CA PRO A 118 -10.55 53.22 -42.29
C PRO A 118 -10.37 51.91 -43.02
N PRO A 119 -10.97 50.80 -42.56
CA PRO A 119 -10.79 49.54 -43.29
C PRO A 119 -11.63 49.49 -44.56
N THR A 120 -11.39 48.44 -45.34
CA THR A 120 -12.11 48.22 -46.59
C THR A 120 -12.30 46.72 -46.77
N GLY A 121 -12.96 46.35 -47.86
CA GLY A 121 -13.24 44.95 -48.15
C GLY A 121 -12.07 44.09 -48.59
N ALA A 122 -10.85 44.63 -48.54
CA ALA A 122 -9.68 43.85 -48.94
C ALA A 122 -9.46 42.65 -48.02
N THR A 123 -9.56 42.86 -46.71
CA THR A 123 -9.38 41.80 -45.72
C THR A 123 -10.68 41.65 -44.95
N VAL A 124 -11.14 40.41 -44.82
CA VAL A 124 -12.38 40.09 -44.12
C VAL A 124 -12.12 38.94 -43.14
N VAL A 125 -12.73 39.02 -41.96
CA VAL A 125 -12.58 38.02 -40.91
C VAL A 125 -13.96 37.70 -40.34
N GLN A 126 -14.14 36.45 -39.90
CA GLN A 126 -15.39 35.97 -39.33
C GLN A 126 -15.13 35.20 -38.05
N PHE A 127 -16.18 35.03 -37.25
CA PHE A 127 -16.08 34.29 -36.00
C PHE A 127 -16.33 32.81 -36.24
N GLU A 128 -15.97 32.00 -35.25
CA GLU A 128 -16.17 30.56 -35.34
C GLU A 128 -17.56 30.18 -34.87
N GLN A 129 -18.14 29.18 -35.53
CA GLN A 129 -19.47 28.72 -35.18
C GLN A 129 -19.41 27.90 -33.89
N PRO A 130 -20.55 27.70 -33.23
CA PRO A 130 -20.55 26.92 -31.98
C PRO A 130 -20.03 25.51 -32.20
N ARG A 131 -19.11 25.08 -31.35
CA ARG A 131 -18.54 23.75 -31.45
C ARG A 131 -19.41 22.74 -30.71
N ARG A 132 -19.54 21.54 -31.28
CA ARG A 132 -20.32 20.50 -30.63
C ARG A 132 -19.55 20.07 -29.39
N CYS A 133 -20.22 20.08 -28.24
CA CYS A 133 -19.55 19.72 -27.00
C CYS A 133 -19.35 18.22 -26.88
N PRO A 134 -18.37 17.78 -26.09
CA PRO A 134 -18.14 16.34 -25.94
C PRO A 134 -19.29 15.65 -25.23
N THR A 135 -19.47 14.37 -25.54
CA THR A 135 -20.53 13.59 -24.91
C THR A 135 -20.17 13.33 -23.45
N ARG A 136 -21.21 13.18 -22.63
CA ARG A 136 -20.99 12.93 -21.21
C ARG A 136 -20.19 11.64 -21.03
N PRO A 137 -19.24 11.59 -20.09
CA PRO A 137 -18.47 10.35 -19.93
C PRO A 137 -19.39 9.19 -19.54
N GLU A 138 -19.08 8.01 -20.09
CA GLU A 138 -19.88 6.84 -19.79
C GLU A 138 -19.58 6.31 -18.39
N GLY A 139 -20.64 6.03 -17.65
CA GLY A 139 -20.48 5.52 -16.31
C GLY A 139 -20.04 4.07 -16.29
N GLN A 140 -19.60 3.63 -15.12
CA GLN A 140 -19.13 2.26 -14.97
C GLN A 140 -20.30 1.29 -15.14
N ASN A 141 -20.02 0.18 -15.81
CA ASN A 141 -21.00 -0.88 -16.06
C ASN A 141 -20.95 -1.94 -14.97
N TYR A 142 -21.23 -1.55 -13.74
CA TYR A 142 -21.18 -2.49 -12.62
C TYR A 142 -22.38 -3.42 -12.62
N THR A 143 -22.20 -4.57 -11.96
CA THR A 143 -23.24 -5.59 -11.81
C THR A 143 -23.17 -6.11 -10.38
N GLU A 144 -24.11 -5.69 -9.55
CA GLU A 144 -24.13 -6.09 -8.15
C GLU A 144 -24.19 -7.61 -8.00
N GLY A 145 -23.45 -8.11 -7.01
CA GLY A 145 -23.43 -9.55 -6.75
C GLY A 145 -22.61 -9.85 -5.51
N ILE A 146 -22.97 -10.94 -4.87
CA ILE A 146 -22.29 -11.41 -3.66
C ILE A 146 -21.02 -12.12 -4.10
N ALA A 147 -19.98 -12.06 -3.28
CA ALA A 147 -18.71 -12.70 -3.62
C ALA A 147 -17.98 -13.20 -2.39
N VAL A 148 -17.21 -14.26 -2.58
CA VAL A 148 -16.40 -14.88 -1.55
C VAL A 148 -15.01 -15.10 -2.15
N VAL A 149 -13.99 -14.52 -1.54
CA VAL A 149 -12.61 -14.61 -2.01
C VAL A 149 -11.91 -15.75 -1.28
N PHE A 150 -11.21 -16.59 -2.04
CA PHE A 150 -10.47 -17.71 -1.50
C PHE A 150 -8.97 -17.50 -1.73
N LYS A 151 -8.17 -18.01 -0.80
CA LYS A 151 -6.72 -17.90 -0.85
C LYS A 151 -6.11 -19.28 -0.70
N GLU A 152 -4.84 -19.40 -1.08
CA GLU A 152 -4.15 -20.67 -0.97
C GLU A 152 -4.08 -21.08 0.49
N ASN A 153 -4.46 -22.32 0.78
CA ASN A 153 -4.47 -22.84 2.14
C ASN A 153 -3.06 -23.23 2.55
N ILE A 154 -2.49 -22.48 3.51
CA ILE A 154 -1.16 -22.76 4.01
C ILE A 154 -1.20 -23.45 5.37
N ALA A 155 -2.35 -23.43 6.04
CA ALA A 155 -2.45 -24.07 7.35
C ALA A 155 -2.37 -25.59 7.21
N PRO A 156 -1.48 -26.28 7.92
CA PRO A 156 -1.43 -27.74 7.78
C PRO A 156 -2.69 -28.40 8.31
N TYR A 157 -3.00 -29.57 7.74
CA TYR A 157 -4.18 -30.33 8.18
C TYR A 157 -3.93 -30.81 9.61
N LYS A 158 -4.74 -30.31 10.55
CA LYS A 158 -4.61 -30.65 11.96
C LYS A 158 -5.71 -31.61 12.39
N PHE A 159 -5.31 -32.70 13.05
CA PHE A 159 -6.23 -33.70 13.55
C PHE A 159 -5.66 -34.27 14.84
N LYS A 160 -6.55 -34.81 15.68
CA LYS A 160 -6.18 -35.37 16.97
C LYS A 160 -5.72 -36.81 16.81
N ALA A 161 -4.67 -37.17 17.55
CA ALA A 161 -4.10 -38.51 17.54
C ALA A 161 -3.65 -38.86 18.95
N THR A 162 -3.53 -40.16 19.21
CA THR A 162 -3.10 -40.67 20.51
C THR A 162 -1.89 -41.56 20.32
N MET A 163 -0.84 -41.30 21.12
CA MET A 163 0.41 -42.05 21.07
C MET A 163 0.43 -43.08 22.20
N TYR A 164 1.07 -44.22 21.94
CA TYR A 164 1.21 -45.29 22.91
C TYR A 164 2.63 -45.83 22.83
N TYR A 165 3.35 -45.76 23.94
CA TYR A 165 4.72 -46.25 23.97
C TYR A 165 5.14 -46.48 25.42
N LYS A 166 6.20 -47.27 25.59
CA LYS A 166 6.75 -47.60 26.89
C LYS A 166 8.19 -47.13 26.95
N ASP A 167 8.53 -46.38 28.00
CA ASP A 167 9.89 -45.87 28.16
C ASP A 167 10.80 -46.91 28.79
N VAL A 168 11.30 -47.84 27.98
CA VAL A 168 12.19 -48.87 28.48
C VAL A 168 13.50 -48.20 28.89
N THR A 169 13.91 -48.39 30.15
CA THR A 169 15.12 -47.77 30.65
C THR A 169 15.87 -48.78 31.52
N VAL A 170 17.03 -49.22 31.04
CA VAL A 170 17.89 -50.16 31.75
C VAL A 170 19.18 -49.42 32.05
N SER A 171 19.54 -49.34 33.33
CA SER A 171 20.71 -48.61 33.78
C SER A 171 21.69 -49.55 34.47
N GLN A 172 22.99 -49.28 34.26
CA GLN A 172 24.07 -50.04 34.87
C GLN A 172 24.63 -49.18 36.00
N VAL A 173 24.67 -49.74 37.21
CA VAL A 173 25.15 -49.03 38.39
C VAL A 173 26.34 -49.75 38.99
N TRP A 174 27.37 -48.98 39.31
CA TRP A 174 28.58 -49.49 39.94
C TRP A 174 28.56 -49.06 41.40
N PHE A 175 28.61 -50.04 42.30
CA PHE A 175 28.56 -49.81 43.74
C PHE A 175 29.99 -49.86 44.30
N GLY A 176 30.48 -48.70 44.73
CA GLY A 176 31.81 -48.62 45.30
C GLY A 176 31.79 -48.87 46.79
N HIS A 177 32.94 -48.63 47.42
CA HIS A 177 33.04 -48.83 48.85
C HIS A 177 32.19 -47.84 49.63
N ARG A 178 32.06 -46.60 49.11
CA ARG A 178 31.29 -45.56 49.78
C ARG A 178 30.48 -44.70 48.81
N TYR A 179 30.26 -45.14 47.58
CA TYR A 179 29.51 -44.33 46.63
C TYR A 179 28.90 -45.23 45.55
N SER A 180 27.96 -44.64 44.81
CA SER A 180 27.27 -45.30 43.72
C SER A 180 27.43 -44.44 42.47
N GLN A 181 27.54 -45.08 41.31
CA GLN A 181 27.74 -44.37 40.06
C GLN A 181 27.04 -45.09 38.92
N PHE A 182 26.56 -44.31 37.95
CA PHE A 182 25.89 -44.86 36.78
C PHE A 182 26.91 -45.14 35.68
N MET A 183 27.21 -46.42 35.45
CA MET A 183 28.16 -46.77 34.41
C MET A 183 27.55 -46.74 33.02
N GLY A 184 26.24 -46.55 32.91
CA GLY A 184 25.58 -46.50 31.62
C GLY A 184 24.07 -46.61 31.73
N ILE A 185 23.35 -45.82 30.95
CA ILE A 185 21.90 -45.80 30.93
C ILE A 185 21.45 -45.89 29.48
N PHE A 186 20.53 -46.81 29.20
CA PHE A 186 19.99 -47.03 27.86
C PHE A 186 18.50 -46.79 27.88
N GLU A 187 18.07 -45.71 27.25
CA GLU A 187 16.65 -45.32 27.18
C GLU A 187 16.13 -45.63 25.78
N ASP A 188 14.95 -46.24 25.71
CA ASP A 188 14.35 -46.60 24.44
C ASP A 188 12.84 -46.55 24.57
N ARG A 189 12.17 -46.09 23.51
CA ARG A 189 10.71 -45.99 23.47
C ARG A 189 10.17 -47.23 22.76
N ALA A 190 9.64 -48.16 23.52
CA ALA A 190 9.11 -49.40 22.95
C ALA A 190 7.66 -49.21 22.54
N PRO A 191 7.27 -49.60 21.32
CA PRO A 191 5.86 -49.43 20.93
C PRO A 191 4.98 -50.47 21.61
N VAL A 192 3.69 -50.16 21.66
CA VAL A 192 2.67 -51.01 22.26
C VAL A 192 1.97 -51.77 21.15
N PRO A 193 1.82 -53.09 21.23
CA PRO A 193 1.15 -53.82 20.13
C PRO A 193 -0.34 -53.54 20.09
N PHE A 194 -0.94 -53.87 18.95
CA PHE A 194 -2.37 -53.65 18.77
C PHE A 194 -3.18 -54.43 19.80
N GLU A 195 -2.76 -55.66 20.10
CA GLU A 195 -3.48 -56.47 21.08
C GLU A 195 -3.53 -55.79 22.43
N GLU A 196 -2.43 -55.16 22.86
CA GLU A 196 -2.42 -54.48 24.14
C GLU A 196 -3.18 -53.16 24.08
N VAL A 197 -3.09 -52.44 22.96
CA VAL A 197 -3.79 -51.17 22.85
C VAL A 197 -5.29 -51.38 22.85
N ILE A 198 -5.75 -52.51 22.33
CA ILE A 198 -7.19 -52.78 22.26
C ILE A 198 -7.70 -53.53 23.48
N ASP A 199 -7.16 -54.74 23.71
CA ASP A 199 -7.60 -55.60 24.81
C ASP A 199 -7.13 -55.21 26.20
N LYS A 200 -6.12 -54.34 26.34
CA LYS A 200 -5.63 -53.96 27.66
C LYS A 200 -5.80 -52.48 27.98
N ILE A 201 -5.33 -51.58 27.11
CA ILE A 201 -5.43 -50.15 27.39
C ILE A 201 -6.85 -49.65 27.15
N ASN A 202 -7.38 -49.88 25.96
CA ASN A 202 -8.73 -49.39 25.64
C ASN A 202 -9.80 -50.22 26.34
N ALA A 203 -9.61 -51.53 26.42
CA ALA A 203 -10.63 -52.38 27.03
C ALA A 203 -10.66 -52.27 28.55
N LYS A 204 -9.48 -52.24 29.20
CA LYS A 204 -9.42 -52.18 30.66
C LYS A 204 -8.58 -51.05 31.25
N GLY A 205 -7.94 -50.21 30.43
CA GLY A 205 -7.14 -49.14 30.98
C GLY A 205 -5.91 -49.59 31.75
N VAL A 206 -5.23 -50.62 31.28
CA VAL A 206 -4.03 -51.14 31.92
C VAL A 206 -3.00 -51.50 30.86
N CYS A 207 -1.74 -51.47 31.26
CA CYS A 207 -0.61 -51.80 30.40
C CYS A 207 0.16 -52.98 30.97
N ARG A 208 0.68 -53.82 30.07
CA ARG A 208 1.48 -54.95 30.51
C ARG A 208 2.77 -54.41 31.13
N SER A 209 3.26 -55.09 32.15
CA SER A 209 4.50 -54.67 32.81
C SER A 209 5.75 -55.11 32.06
N THR A 210 5.62 -55.54 30.80
CA THR A 210 6.74 -55.98 29.98
C THR A 210 6.63 -55.32 28.62
N ALA A 211 7.78 -55.10 27.99
CA ALA A 211 7.86 -54.47 26.68
C ALA A 211 8.50 -55.43 25.69
N LYS A 212 7.69 -55.99 24.79
CA LYS A 212 8.15 -56.92 23.77
C LYS A 212 8.07 -56.19 22.44
N TYR A 213 9.21 -56.05 21.77
CA TYR A 213 9.25 -55.34 20.50
C TYR A 213 10.52 -55.72 19.76
N VAL A 214 10.63 -55.23 18.52
CA VAL A 214 11.78 -55.50 17.67
C VAL A 214 12.67 -54.26 17.63
N ARG A 215 13.96 -54.47 17.88
CA ARG A 215 14.92 -53.38 17.88
C ARG A 215 16.22 -53.92 17.30
N ASN A 216 16.69 -53.29 16.21
CA ASN A 216 17.91 -53.69 15.53
C ASN A 216 17.86 -55.17 15.13
N ASN A 217 16.69 -55.57 14.62
CA ASN A 217 16.41 -56.93 14.15
C ASN A 217 16.48 -57.98 15.24
N LEU A 218 16.11 -57.65 16.47
CA LEU A 218 16.13 -58.61 17.58
C LEU A 218 14.86 -58.45 18.41
N GLU A 219 14.28 -59.59 18.79
CA GLU A 219 13.05 -59.61 19.59
C GLU A 219 13.45 -59.43 21.06
N THR A 220 13.54 -58.17 21.48
CA THR A 220 13.91 -57.83 22.84
C THR A 220 12.67 -57.82 23.72
N THR A 221 12.84 -58.29 24.97
CA THR A 221 11.76 -58.35 25.95
C THR A 221 12.28 -57.75 27.25
N ALA A 222 11.70 -56.63 27.65
CA ALA A 222 12.08 -55.93 28.88
C ALA A 222 11.00 -56.14 29.92
N PHE A 223 11.42 -56.39 31.17
CA PHE A 223 10.51 -56.62 32.28
C PHE A 223 10.70 -55.51 33.30
N HIS A 224 9.59 -54.93 33.77
CA HIS A 224 9.68 -53.87 34.77
C HIS A 224 10.15 -54.44 36.09
N ARG A 225 11.26 -53.90 36.60
CA ARG A 225 11.85 -54.35 37.86
C ARG A 225 12.22 -55.83 37.82
N ASP A 226 12.38 -56.37 36.61
CA ASP A 226 12.73 -57.79 36.43
C ASP A 226 11.68 -58.72 37.05
N ASP A 227 10.46 -58.21 37.25
CA ASP A 227 9.39 -59.01 37.83
C ASP A 227 8.54 -59.65 36.72
N HIS A 228 7.67 -60.56 37.14
CA HIS A 228 6.80 -61.24 36.19
C HIS A 228 5.79 -60.26 35.61
N GLU A 229 5.20 -60.64 34.48
CA GLU A 229 4.21 -59.80 33.83
C GLU A 229 3.04 -59.53 34.76
N THR A 230 2.61 -58.28 34.82
CA THR A 230 1.50 -57.87 35.67
C THR A 230 0.78 -56.69 35.02
N ASP A 231 -0.53 -56.62 35.24
CA ASP A 231 -1.33 -55.53 34.69
C ASP A 231 -1.17 -54.30 35.57
N MET A 232 -0.67 -53.22 35.00
CA MET A 232 -0.45 -51.97 35.72
C MET A 232 -1.52 -50.96 35.36
N GLU A 233 -2.16 -50.39 36.38
CA GLU A 233 -3.21 -49.42 36.16
C GLU A 233 -2.62 -48.08 35.69
N LEU A 234 -3.26 -47.49 34.69
CA LEU A 234 -2.80 -46.21 34.16
C LEU A 234 -3.38 -45.08 34.98
N LYS A 235 -2.54 -44.07 35.27
CA LYS A 235 -2.93 -42.91 36.05
C LYS A 235 -2.52 -41.64 35.32
N PRO A 236 -3.18 -40.51 35.60
CA PRO A 236 -2.81 -39.27 34.91
C PRO A 236 -1.40 -38.82 35.26
N ALA A 237 -0.78 -38.13 34.31
CA ALA A 237 0.57 -37.63 34.51
C ALA A 237 0.52 -36.34 35.34
N ASN A 238 1.71 -35.88 35.76
CA ASN A 238 1.79 -34.67 36.54
C ASN A 238 1.30 -33.47 35.73
N ALA A 239 0.67 -32.53 36.42
CA ALA A 239 0.14 -31.34 35.77
C ALA A 239 1.25 -30.51 35.13
N ALA A 240 0.96 -29.96 33.96
CA ALA A 240 1.91 -29.14 33.23
C ALA A 240 1.11 -28.11 32.43
N THR A 241 1.55 -26.85 32.49
CA THR A 241 0.86 -25.79 31.78
C THR A 241 0.99 -25.95 30.26
N ARG A 242 -0.12 -25.75 29.57
CA ARG A 242 -0.18 -25.85 28.11
C ARG A 242 0.33 -27.19 27.61
N THR A 243 -0.35 -28.25 28.02
CA THR A 243 0.00 -29.60 27.62
C THR A 243 -1.27 -30.45 27.54
N SER A 244 -1.30 -31.35 26.56
CA SER A 244 -2.46 -32.22 26.39
C SER A 244 -2.48 -33.30 27.47
N ARG A 245 -3.60 -34.00 27.55
CA ARG A 245 -3.75 -35.05 28.55
C ARG A 245 -2.77 -36.19 28.28
N GLY A 246 -2.27 -36.77 29.36
CA GLY A 246 -1.34 -37.88 29.27
C GLY A 246 -1.43 -38.74 30.51
N TRP A 247 -1.13 -40.03 30.35
CA TRP A 247 -1.20 -40.99 31.44
C TRP A 247 0.03 -41.88 31.40
N HIS A 248 0.38 -42.43 32.56
CA HIS A 248 1.52 -43.33 32.69
C HIS A 248 1.25 -44.30 33.83
N THR A 249 2.00 -45.41 33.82
CA THR A 249 1.84 -46.45 34.83
C THR A 249 2.90 -46.41 35.93
N THR A 250 4.11 -45.95 35.62
CA THR A 250 5.19 -45.89 36.59
C THR A 250 5.75 -44.48 36.68
N ASP A 251 6.23 -44.12 37.87
CA ASP A 251 6.80 -42.81 38.14
C ASP A 251 8.26 -42.90 38.60
N LEU A 252 8.54 -43.79 39.55
CA LEU A 252 9.90 -43.94 40.08
C LEU A 252 10.72 -44.89 39.22
N LYS A 253 11.93 -44.47 38.87
CA LYS A 253 12.82 -45.32 38.08
C LYS A 253 13.45 -46.36 38.98
N TYR A 254 13.58 -47.58 38.48
CA TYR A 254 14.13 -48.68 39.24
C TYR A 254 15.62 -48.88 38.96
N ASN A 255 16.37 -49.20 40.01
CA ASN A 255 17.79 -49.46 39.95
C ASN A 255 18.06 -50.69 40.80
N PRO A 256 19.15 -51.42 40.55
CA PRO A 256 19.43 -52.62 41.34
C PRO A 256 19.81 -52.30 42.78
N SER A 257 19.64 -53.28 43.66
CA SER A 257 20.02 -53.11 45.09
C SER A 257 21.54 -52.93 45.17
N ARG A 258 22.06 -52.40 46.29
CA ARG A 258 23.50 -52.10 46.45
C ARG A 258 24.29 -53.35 46.85
N VAL A 259 25.18 -53.85 45.99
CA VAL A 259 26.08 -54.99 46.34
C VAL A 259 27.51 -54.49 46.05
N GLU A 260 28.44 -54.65 47.00
CA GLU A 260 29.80 -54.06 46.87
C GLU A 260 30.56 -54.51 45.62
N ALA A 261 31.51 -53.69 45.14
CA ALA A 261 32.36 -53.99 43.97
C ALA A 261 31.67 -54.91 42.97
N PHE A 262 30.50 -54.51 42.48
CA PHE A 262 29.77 -55.32 41.46
C PHE A 262 28.96 -54.42 40.57
N HIS A 263 28.86 -54.77 39.30
CA HIS A 263 27.99 -54.03 38.35
C HIS A 263 26.65 -54.77 38.35
N ARG A 264 25.53 -54.05 38.27
CA ARG A 264 24.19 -54.61 38.23
C ARG A 264 23.35 -53.83 37.23
N TYR A 265 22.41 -54.53 36.61
CA TYR A 265 21.51 -53.95 35.61
C TYR A 265 20.08 -53.99 36.11
N GLY A 266 19.42 -52.82 36.10
CA GLY A 266 18.04 -52.68 36.54
C GLY A 266 17.19 -52.11 35.42
N THR A 267 16.20 -52.88 34.97
CA THR A 267 15.32 -52.47 33.89
C THR A 267 14.06 -51.81 34.42
N THR A 268 13.60 -50.79 33.70
CA THR A 268 12.39 -50.04 34.03
C THR A 268 11.55 -49.90 32.78
N VAL A 269 10.27 -50.28 32.88
CA VAL A 269 9.33 -50.21 31.77
C VAL A 269 8.13 -49.40 32.27
N ASN A 270 7.96 -48.20 31.70
CA ASN A 270 6.88 -47.29 32.09
C ASN A 270 5.96 -47.07 30.90
N CYS A 271 4.80 -47.72 30.91
CA CYS A 271 3.84 -47.54 29.82
C CYS A 271 3.36 -46.09 29.81
N ILE A 272 3.34 -45.48 28.64
CA ILE A 272 2.94 -44.09 28.49
C ILE A 272 1.99 -43.96 27.31
N VAL A 273 0.90 -43.23 27.53
CA VAL A 273 -0.11 -42.95 26.52
C VAL A 273 -0.39 -41.45 26.58
N GLU A 274 -0.39 -40.80 25.42
CA GLU A 274 -0.60 -39.36 25.36
C GLU A 274 -1.46 -38.97 24.17
N GLU A 275 -2.17 -37.85 24.33
CA GLU A 275 -2.99 -37.30 23.27
C GLU A 275 -2.20 -36.17 22.63
N VAL A 276 -1.82 -36.35 21.37
CA VAL A 276 -1.00 -35.37 20.66
C VAL A 276 -1.74 -34.83 19.44
N ASP A 277 -1.40 -33.59 19.08
CA ASP A 277 -2.00 -32.93 17.93
C ASP A 277 -1.16 -33.21 16.70
N ALA A 278 -1.71 -33.94 15.75
CA ALA A 278 -1.02 -34.30 14.52
C ALA A 278 -1.24 -33.22 13.47
N ARG A 279 -0.21 -33.02 12.64
CA ARG A 279 -0.24 -32.03 11.57
C ARG A 279 0.25 -32.65 10.28
N SER A 280 -0.29 -32.18 9.16
CA SER A 280 0.08 -32.68 7.85
C SER A 280 -0.09 -31.57 6.83
N VAL A 281 0.67 -31.68 5.74
CA VAL A 281 0.65 -30.70 4.65
C VAL A 281 0.52 -31.44 3.33
N TYR A 282 0.18 -30.69 2.29
CA TYR A 282 0.02 -31.26 0.96
C TYR A 282 1.34 -31.90 0.53
N PRO A 283 1.31 -33.06 -0.16
CA PRO A 283 0.17 -33.89 -0.61
C PRO A 283 -0.48 -34.73 0.48
N TYR A 284 -0.22 -34.43 1.77
CA TYR A 284 -0.80 -35.17 2.89
C TYR A 284 -0.41 -36.64 2.87
N ASP A 285 0.81 -36.94 2.40
CA ASP A 285 1.29 -38.31 2.36
C ASP A 285 1.96 -38.74 3.67
N GLU A 286 2.14 -37.81 4.61
CA GLU A 286 2.76 -38.10 5.90
C GLU A 286 2.32 -37.03 6.88
N PHE A 287 2.50 -37.32 8.17
CA PHE A 287 2.11 -36.39 9.21
C PHE A 287 3.09 -36.48 10.37
N VAL A 288 3.15 -35.40 11.14
CA VAL A 288 4.02 -35.30 12.31
C VAL A 288 3.13 -35.26 13.54
N LEU A 289 3.75 -35.41 14.71
CA LEU A 289 3.08 -35.40 15.99
C LEU A 289 3.60 -34.25 16.83
N ALA A 290 2.88 -33.97 17.93
CA ALA A 290 3.29 -32.88 18.80
C ALA A 290 4.65 -33.11 19.42
N THR A 291 5.10 -34.36 19.50
CA THR A 291 6.42 -34.69 20.05
C THR A 291 7.54 -34.54 19.04
N GLY A 292 7.25 -34.11 17.81
CA GLY A 292 8.26 -33.96 16.80
C GLY A 292 8.61 -35.22 16.04
N ASP A 293 7.86 -36.32 16.25
CA ASP A 293 8.12 -37.56 15.56
C ASP A 293 7.35 -37.62 14.25
N PHE A 294 8.05 -38.01 13.19
CA PHE A 294 7.42 -38.11 11.87
C PHE A 294 6.79 -39.48 11.68
N VAL A 295 5.65 -39.50 10.98
CA VAL A 295 4.92 -40.71 10.67
C VAL A 295 4.75 -40.74 9.17
N TYR A 296 5.50 -41.63 8.50
CA TYR A 296 5.46 -41.74 7.05
C TYR A 296 4.30 -42.59 6.57
N MET A 297 3.10 -42.04 6.73
CA MET A 297 1.86 -42.68 6.32
C MET A 297 0.81 -41.59 6.20
N SER A 298 0.02 -41.66 5.13
CA SER A 298 -1.01 -40.66 4.92
C SER A 298 -2.04 -40.75 6.05
N PRO A 299 -2.50 -39.61 6.59
CA PRO A 299 -3.50 -39.69 7.67
C PRO A 299 -4.79 -40.36 7.26
N PHE A 300 -5.10 -40.38 5.96
CA PHE A 300 -6.32 -40.97 5.44
C PHE A 300 -6.13 -42.39 4.91
N TYR A 301 -4.98 -43.00 5.15
CA TYR A 301 -4.73 -44.35 4.68
C TYR A 301 -5.67 -45.33 5.39
N GLY A 302 -6.15 -46.31 4.64
CA GLY A 302 -7.06 -47.30 5.20
C GLY A 302 -7.42 -48.33 4.16
N TYR A 303 -8.26 -49.28 4.59
CA TYR A 303 -8.71 -50.35 3.72
C TYR A 303 -10.04 -50.05 3.06
N ARG A 304 -10.79 -49.06 3.55
CA ARG A 304 -12.11 -48.75 3.02
C ARG A 304 -12.10 -47.66 1.95
N GLU A 305 -13.10 -47.77 1.06
CA GLU A 305 -13.40 -46.84 -0.04
C GLU A 305 -12.16 -46.21 -0.69
N GLY A 306 -11.32 -47.06 -1.27
CA GLY A 306 -10.14 -46.61 -1.98
C GLY A 306 -9.05 -46.00 -1.14
N SER A 307 -9.13 -46.05 0.19
CA SER A 307 -8.06 -45.46 1.01
C SER A 307 -6.76 -46.23 0.89
N HIS A 308 -6.79 -47.47 0.38
CA HIS A 308 -5.57 -48.25 0.24
C HIS A 308 -4.60 -47.65 -0.77
N THR A 309 -5.06 -46.75 -1.65
CA THR A 309 -4.18 -46.14 -2.63
C THR A 309 -3.31 -45.03 -2.06
N GLU A 310 -3.51 -44.66 -0.80
CA GLU A 310 -2.70 -43.60 -0.21
C GLU A 310 -1.28 -44.08 0.02
N HIS A 311 -0.39 -43.11 0.25
CA HIS A 311 1.02 -43.41 0.47
C HIS A 311 1.24 -44.09 1.81
N THR A 312 2.20 -45.01 1.84
CA THR A 312 2.56 -45.74 3.05
C THR A 312 3.96 -46.28 2.87
N SER A 313 4.76 -46.16 3.93
CA SER A 313 6.15 -46.61 3.94
C SER A 313 6.38 -47.83 4.82
N TYR A 314 5.45 -48.17 5.70
CA TYR A 314 5.59 -49.31 6.60
C TYR A 314 4.96 -50.55 5.99
N ALA A 315 5.31 -51.71 6.55
CA ALA A 315 4.78 -52.97 6.05
C ALA A 315 3.29 -53.07 6.33
N ALA A 316 2.66 -54.04 5.66
CA ALA A 316 1.22 -54.25 5.84
C ALA A 316 0.87 -54.66 7.26
N ASP A 317 1.68 -55.52 7.86
CA ASP A 317 1.43 -55.98 9.22
C ASP A 317 1.58 -54.90 10.27
N ARG A 318 2.21 -53.76 9.93
CA ARG A 318 2.41 -52.68 10.89
C ARG A 318 1.20 -51.75 11.01
N PHE A 319 0.17 -51.94 10.19
CA PHE A 319 -1.01 -51.09 10.21
C PHE A 319 -2.26 -51.94 10.48
N LYS A 320 -3.18 -51.38 11.25
CA LYS A 320 -4.43 -52.05 11.60
C LYS A 320 -5.55 -51.04 11.70
N GLN A 321 -6.70 -51.39 11.13
CA GLN A 321 -7.89 -50.55 11.14
C GLN A 321 -8.99 -51.31 11.86
N VAL A 322 -9.68 -50.64 12.78
CA VAL A 322 -10.76 -51.23 13.57
C VAL A 322 -12.01 -50.39 13.35
N ASP A 323 -13.12 -51.07 13.01
CA ASP A 323 -14.39 -50.39 12.80
C ASP A 323 -15.24 -50.50 14.06
N GLY A 324 -16.11 -49.51 14.26
CA GLY A 324 -16.94 -49.51 15.44
C GLY A 324 -16.15 -49.45 16.72
N PHE A 325 -15.05 -48.69 16.73
CA PHE A 325 -14.20 -48.58 17.90
C PHE A 325 -14.75 -47.54 18.87
N TYR A 326 -14.99 -47.97 20.11
CA TYR A 326 -15.48 -47.10 21.18
C TYR A 326 -14.30 -46.71 22.04
N ALA A 327 -13.87 -45.47 21.92
CA ALA A 327 -12.72 -44.97 22.66
C ALA A 327 -13.01 -44.93 24.16
N ARG A 328 -12.09 -45.50 24.94
CA ARG A 328 -12.26 -45.49 26.41
C ARG A 328 -11.51 -44.30 26.99
N ASP A 329 -12.22 -43.43 27.70
CA ASP A 329 -11.65 -42.24 28.32
C ASP A 329 -11.00 -42.63 29.64
N LEU A 330 -9.67 -42.68 29.66
CA LEU A 330 -8.94 -43.17 30.85
C LEU A 330 -9.15 -42.25 32.07
N THR A 331 -9.38 -40.96 31.85
CA THR A 331 -9.48 -40.04 33.01
C THR A 331 -10.85 -40.20 33.65
N THR A 332 -11.91 -40.05 32.87
CA THR A 332 -13.27 -40.10 33.44
C THR A 332 -13.81 -41.51 33.36
N LYS A 333 -12.96 -42.46 32.98
CA LYS A 333 -13.37 -43.89 32.93
C LYS A 333 -14.72 -43.99 32.22
N ALA A 334 -14.82 -43.41 31.03
CA ALA A 334 -16.11 -43.42 30.28
C ALA A 334 -15.89 -44.06 28.90
N ARG A 335 -16.98 -44.43 28.24
CA ARG A 335 -16.89 -45.03 26.88
C ARG A 335 -17.65 -44.12 25.89
N ALA A 336 -16.99 -43.72 24.80
CA ALA A 336 -17.64 -42.85 23.80
C ALA A 336 -18.91 -43.52 23.29
N THR A 337 -19.98 -42.74 23.10
CA THR A 337 -21.26 -43.31 22.63
C THR A 337 -21.27 -43.37 21.10
N ALA A 338 -20.19 -42.90 20.48
CA ALA A 338 -20.12 -42.88 19.00
C ALA A 338 -19.09 -43.89 18.51
N PRO A 339 -19.50 -44.96 17.78
CA PRO A 339 -18.55 -45.89 17.23
C PRO A 339 -17.70 -45.15 16.20
N THR A 340 -16.38 -45.24 16.32
CA THR A 340 -15.50 -44.50 15.41
C THR A 340 -14.60 -45.45 14.67
N THR A 341 -14.16 -45.07 13.48
CA THR A 341 -13.21 -45.88 12.72
C THR A 341 -11.83 -45.48 13.18
N ARG A 342 -11.18 -46.37 13.94
CA ARG A 342 -9.86 -46.12 14.51
C ARG A 342 -8.77 -46.78 13.69
N ASN A 343 -7.74 -46.01 13.36
CA ASN A 343 -6.58 -46.51 12.64
C ASN A 343 -5.46 -46.71 13.63
N LEU A 344 -4.63 -47.72 13.40
CA LEU A 344 -3.51 -48.02 14.29
C LEU A 344 -2.28 -48.37 13.48
N LEU A 345 -1.15 -47.76 13.85
CA LEU A 345 0.13 -47.97 13.18
C LEU A 345 1.19 -48.18 14.25
N THR A 346 1.98 -49.24 14.10
CA THR A 346 3.05 -49.57 15.05
C THR A 346 4.38 -49.15 14.46
N THR A 347 4.81 -47.94 14.78
CA THR A 347 6.09 -47.44 14.29
C THR A 347 7.22 -48.12 15.08
N PRO A 348 8.46 -48.03 14.59
CA PRO A 348 9.57 -48.68 15.32
C PRO A 348 9.78 -48.16 16.74
N LYS A 349 9.31 -46.95 17.06
CA LYS A 349 9.50 -46.39 18.39
C LYS A 349 8.21 -46.02 19.12
N PHE A 350 7.04 -46.17 18.50
CA PHE A 350 5.80 -45.83 19.17
C PHE A 350 4.63 -46.30 18.32
N THR A 351 3.45 -46.30 18.93
CA THR A 351 2.20 -46.69 18.29
C THR A 351 1.26 -45.50 18.35
N VAL A 352 0.75 -45.08 17.19
CA VAL A 352 -0.15 -43.94 17.07
C VAL A 352 -1.52 -44.44 16.65
N ALA A 353 -2.57 -43.83 17.21
CA ALA A 353 -3.95 -44.15 16.90
C ALA A 353 -4.71 -42.87 16.63
N TRP A 354 -5.38 -42.80 15.48
CA TRP A 354 -6.15 -41.62 15.10
C TRP A 354 -7.38 -42.05 14.34
N ASP A 355 -8.46 -41.29 14.52
CA ASP A 355 -9.72 -41.57 13.85
C ASP A 355 -9.56 -41.38 12.35
N TRP A 356 -10.09 -42.32 11.57
CA TRP A 356 -10.01 -42.26 10.13
C TRP A 356 -11.19 -41.50 9.54
N VAL A 357 -10.92 -40.73 8.49
CA VAL A 357 -11.94 -39.96 7.79
C VAL A 357 -11.58 -39.85 6.33
N PRO A 358 -12.57 -39.64 5.45
CA PRO A 358 -12.27 -39.52 4.02
C PRO A 358 -11.37 -38.31 3.76
N LYS A 359 -10.55 -38.38 2.71
CA LYS A 359 -9.56 -37.30 2.44
C LYS A 359 -10.24 -36.10 1.76
N ARG A 360 -10.86 -36.29 0.60
CA ARG A 360 -11.45 -35.17 -0.18
C ARG A 360 -12.31 -34.28 0.74
N PRO A 361 -13.22 -34.80 1.58
CA PRO A 361 -14.06 -33.94 2.40
C PRO A 361 -13.41 -33.45 3.69
N SER A 362 -12.12 -33.71 3.89
CA SER A 362 -11.39 -33.31 5.12
C SER A 362 -10.30 -32.27 4.80
N VAL A 363 -9.61 -32.39 3.67
CA VAL A 363 -8.48 -31.47 3.31
C VAL A 363 -8.91 -30.58 2.14
N CYS A 364 -8.42 -29.34 2.10
CA CYS A 364 -8.71 -28.39 1.00
C CYS A 364 -7.38 -27.74 0.57
N THR A 365 -7.31 -27.14 -0.62
CA THR A 365 -6.10 -26.40 -1.07
C THR A 365 -6.49 -24.95 -1.23
N MET A 366 -7.68 -24.58 -0.76
CA MET A 366 -8.15 -23.17 -0.79
C MET A 366 -8.93 -22.91 0.50
N THR A 367 -8.73 -21.76 1.15
CA THR A 367 -9.41 -21.39 2.37
C THR A 367 -10.22 -20.12 2.16
N LYS A 368 -11.43 -20.09 2.71
CA LYS A 368 -12.28 -18.92 2.59
C LYS A 368 -11.62 -17.76 3.31
N TRP A 369 -11.31 -16.69 2.56
CA TRP A 369 -10.63 -15.53 3.11
C TRP A 369 -11.58 -14.43 3.56
N GLN A 370 -12.38 -13.89 2.65
CA GLN A 370 -13.30 -12.80 2.97
C GLN A 370 -14.68 -13.06 2.38
N GLU A 371 -15.70 -12.56 3.07
CA GLU A 371 -17.10 -12.66 2.65
C GLU A 371 -17.56 -11.25 2.31
N VAL A 372 -17.55 -10.92 1.02
CA VAL A 372 -17.92 -9.59 0.53
C VAL A 372 -19.42 -9.56 0.26
N ASP A 373 -20.10 -8.54 0.82
CA ASP A 373 -21.53 -8.40 0.60
C ASP A 373 -21.83 -7.74 -0.73
N GLU A 374 -21.01 -6.77 -1.12
CA GLU A 374 -21.17 -6.04 -2.38
C GLU A 374 -19.87 -6.14 -3.17
N MET A 375 -19.91 -6.88 -4.27
CA MET A 375 -18.76 -7.08 -5.16
C MET A 375 -19.23 -6.67 -6.55
N LEU A 376 -18.90 -5.45 -6.96
CA LEU A 376 -19.30 -4.94 -8.26
C LEU A 376 -18.35 -5.46 -9.33
N ARG A 377 -18.91 -6.06 -10.38
CA ARG A 377 -18.13 -6.59 -11.50
C ARG A 377 -18.38 -5.73 -12.72
N SER A 378 -17.29 -5.27 -13.35
CA SER A 378 -17.33 -4.44 -14.53
C SER A 378 -16.32 -4.98 -15.54
N GLU A 379 -16.61 -4.76 -16.81
CA GLU A 379 -15.76 -5.21 -17.91
C GLU A 379 -15.25 -4.01 -18.70
N TYR A 380 -13.93 -3.90 -18.79
CA TYR A 380 -13.29 -2.83 -19.54
C TYR A 380 -11.86 -3.25 -19.82
N GLY A 381 -11.38 -2.94 -21.02
CA GLY A 381 -10.03 -3.33 -21.39
C GLY A 381 -9.88 -4.82 -21.58
N GLY A 382 -10.97 -5.51 -21.90
CA GLY A 382 -10.93 -6.94 -22.11
C GLY A 382 -10.66 -7.75 -20.87
N SER A 383 -11.26 -7.40 -19.73
CA SER A 383 -11.06 -8.14 -18.49
C SER A 383 -12.04 -7.67 -17.44
N PHE A 384 -12.56 -8.62 -16.67
CA PHE A 384 -13.49 -8.31 -15.59
C PHE A 384 -12.71 -7.74 -14.41
N ARG A 385 -13.32 -6.79 -13.71
CA ARG A 385 -12.72 -6.15 -12.56
C ARG A 385 -13.71 -6.18 -11.39
N PHE A 386 -13.43 -7.04 -10.41
CA PHE A 386 -14.27 -7.20 -9.23
C PHE A 386 -13.76 -6.24 -8.17
N SER A 387 -14.50 -5.15 -7.96
CA SER A 387 -14.14 -4.12 -6.98
C SER A 387 -15.07 -4.21 -5.78
N SER A 388 -14.50 -4.25 -4.60
CA SER A 388 -15.25 -4.33 -3.35
C SER A 388 -15.07 -3.02 -2.58
N ASP A 389 -16.19 -2.32 -2.35
CA ASP A 389 -16.13 -1.05 -1.63
C ASP A 389 -15.96 -1.25 -0.13
N ALA A 390 -16.41 -2.39 0.39
CA ALA A 390 -16.30 -2.63 1.83
C ALA A 390 -14.85 -2.81 2.28
N ILE A 391 -14.10 -3.66 1.58
CA ILE A 391 -12.71 -3.93 1.93
C ILE A 391 -11.73 -3.08 1.12
N SER A 392 -12.22 -2.31 0.15
CA SER A 392 -11.37 -1.45 -0.68
C SER A 392 -10.32 -2.28 -1.42
N THR A 393 -10.80 -3.19 -2.27
CA THR A 393 -9.93 -4.07 -3.04
C THR A 393 -10.52 -4.28 -4.43
N THR A 394 -9.65 -4.43 -5.43
CA THR A 394 -10.06 -4.65 -6.81
C THR A 394 -9.26 -5.81 -7.38
N PHE A 395 -9.98 -6.78 -7.95
CA PHE A 395 -9.38 -7.97 -8.55
C PHE A 395 -9.67 -7.99 -10.04
N THR A 396 -8.68 -8.46 -10.82
CA THR A 396 -8.79 -8.55 -12.27
C THR A 396 -8.75 -10.01 -12.70
N THR A 397 -9.61 -10.37 -13.67
CA THR A 397 -9.69 -11.73 -14.18
C THR A 397 -9.60 -11.73 -15.70
N ASN A 398 -9.88 -12.89 -16.29
CA ASN A 398 -9.82 -13.10 -17.73
C ASN A 398 -11.18 -13.34 -18.39
N LEU A 399 -12.29 -13.05 -17.69
CA LEU A 399 -13.65 -13.22 -18.19
C LEU A 399 -14.08 -14.68 -18.35
N THR A 400 -13.17 -15.63 -18.12
CA THR A 400 -13.49 -17.04 -18.26
C THR A 400 -13.59 -17.67 -16.87
N GLU A 401 -14.72 -18.32 -16.61
CA GLU A 401 -14.92 -18.97 -15.33
C GLU A 401 -13.88 -20.05 -15.12
N TYR A 402 -13.07 -19.89 -14.08
CA TYR A 402 -12.04 -20.88 -13.78
C TYR A 402 -12.72 -22.20 -13.43
N PRO A 403 -12.47 -23.31 -14.17
CA PRO A 403 -13.14 -24.57 -13.81
C PRO A 403 -12.78 -25.02 -12.40
N LEU A 404 -13.78 -25.10 -11.53
CA LEU A 404 -13.54 -25.54 -10.15
C LEU A 404 -13.00 -26.95 -10.09
N SER A 405 -13.29 -27.78 -11.10
CA SER A 405 -12.77 -29.15 -11.10
C SER A 405 -11.25 -29.17 -11.25
N ARG A 406 -10.66 -28.08 -11.75
CA ARG A 406 -9.22 -28.01 -11.91
C ARG A 406 -8.48 -27.82 -10.59
N VAL A 407 -9.17 -27.41 -9.54
CA VAL A 407 -8.53 -27.22 -8.25
C VAL A 407 -8.35 -28.56 -7.57
N ASP A 408 -7.12 -28.87 -7.17
CA ASP A 408 -6.85 -30.13 -6.51
C ASP A 408 -7.41 -30.11 -5.10
N LEU A 409 -8.22 -31.12 -4.74
CA LEU A 409 -8.85 -31.17 -3.40
C LEU A 409 -9.55 -29.82 -3.13
N GLY A 410 -10.64 -29.52 -3.83
CA GLY A 410 -11.37 -28.25 -3.68
C GLY A 410 -12.86 -28.47 -3.51
N ASP A 411 -13.27 -29.53 -2.81
CA ASP A 411 -14.70 -29.83 -2.56
C ASP A 411 -15.25 -28.88 -1.51
N CYS A 412 -14.40 -28.40 -0.59
CA CYS A 412 -14.80 -27.49 0.51
C CYS A 412 -15.15 -26.11 -0.01
N ILE A 413 -14.78 -25.82 -1.27
CA ILE A 413 -14.92 -24.47 -1.91
C ILE A 413 -16.34 -24.30 -2.47
N GLY A 414 -16.96 -25.37 -2.95
CA GLY A 414 -18.35 -25.28 -3.39
C GLY A 414 -19.23 -25.18 -2.17
N LYS A 415 -18.84 -25.84 -1.08
CA LYS A 415 -19.60 -25.82 0.16
C LYS A 415 -19.44 -24.48 0.89
N ASP A 416 -18.19 -24.03 1.06
CA ASP A 416 -17.96 -22.77 1.75
C ASP A 416 -18.52 -21.58 0.99
N ALA A 417 -18.35 -21.55 -0.34
CA ALA A 417 -18.85 -20.44 -1.13
C ALA A 417 -20.37 -20.37 -1.10
N ARG A 418 -21.04 -21.51 -1.25
CA ARG A 418 -22.50 -21.51 -1.23
C ARG A 418 -23.05 -21.18 0.15
N ASP A 419 -22.38 -21.65 1.21
CA ASP A 419 -22.87 -21.37 2.55
C ASP A 419 -22.84 -19.88 2.85
N ALA A 420 -21.78 -19.18 2.45
CA ALA A 420 -21.69 -17.75 2.69
C ALA A 420 -22.69 -16.99 1.82
N MET A 421 -22.86 -17.41 0.56
CA MET A 421 -23.80 -16.73 -0.32
C MET A 421 -25.23 -16.84 0.20
N ASP A 422 -25.63 -18.02 0.66
CA ASP A 422 -27.00 -18.18 1.17
C ASP A 422 -27.22 -17.33 2.42
N ARG A 423 -26.23 -17.30 3.32
CA ARG A 423 -26.37 -16.51 4.54
C ARG A 423 -26.38 -15.01 4.24
N ILE A 424 -25.54 -14.57 3.31
CA ILE A 424 -25.48 -13.15 2.96
C ILE A 424 -26.74 -12.71 2.23
N PHE A 425 -27.21 -13.54 1.29
CA PHE A 425 -28.39 -13.19 0.53
C PHE A 425 -29.62 -13.03 1.41
N ALA A 426 -29.87 -14.00 2.29
CA ALA A 426 -31.05 -13.93 3.16
C ALA A 426 -30.91 -12.82 4.19
N ARG A 427 -29.68 -12.45 4.54
CA ARG A 427 -29.47 -11.43 5.57
C ARG A 427 -29.69 -10.02 5.03
N ARG A 428 -29.30 -9.77 3.78
CA ARG A 428 -29.40 -8.43 3.20
C ARG A 428 -30.09 -8.32 1.85
N TYR A 429 -29.92 -9.28 0.95
CA TYR A 429 -30.49 -9.19 -0.40
C TYR A 429 -31.82 -9.89 -0.60
N ASN A 430 -32.44 -10.46 0.44
CA ASN A 430 -33.72 -11.14 0.21
C ASN A 430 -34.88 -10.20 -0.10
N ALA A 431 -34.93 -9.05 0.57
CA ALA A 431 -36.04 -8.12 0.38
C ALA A 431 -35.85 -7.12 -0.76
N THR A 432 -34.70 -7.07 -1.42
CA THR A 432 -34.49 -6.09 -2.50
C THR A 432 -33.87 -6.64 -3.77
N HIS A 433 -33.14 -7.75 -3.75
CA HIS A 433 -32.51 -8.30 -4.94
C HIS A 433 -32.96 -9.73 -5.18
N ILE A 434 -32.58 -10.25 -6.34
CA ILE A 434 -32.92 -11.60 -6.77
C ILE A 434 -31.67 -12.28 -7.29
N LYS A 435 -31.52 -13.56 -6.99
CA LYS A 435 -30.37 -14.33 -7.45
C LYS A 435 -30.53 -14.65 -8.93
N VAL A 436 -29.47 -14.45 -9.70
CA VAL A 436 -29.47 -14.71 -11.14
C VAL A 436 -28.45 -15.79 -11.42
N GLY A 437 -28.93 -16.98 -11.81
CA GLY A 437 -28.04 -18.08 -12.13
C GLY A 437 -27.37 -18.66 -10.91
N GLN A 438 -26.42 -19.54 -11.18
CA GLN A 438 -25.64 -20.24 -10.15
C GLN A 438 -24.34 -19.51 -9.91
N PRO A 439 -23.61 -19.86 -8.85
CA PRO A 439 -22.33 -19.17 -8.58
C PRO A 439 -21.33 -19.39 -9.70
N GLN A 440 -20.49 -18.36 -9.91
CA GLN A 440 -19.46 -18.36 -10.94
C GLN A 440 -18.11 -18.17 -10.26
N TYR A 441 -17.16 -19.03 -10.59
CA TYR A 441 -15.81 -18.98 -10.04
C TYR A 441 -14.86 -18.40 -11.06
N TYR A 442 -14.12 -17.35 -10.68
CA TYR A 442 -13.17 -16.67 -11.54
C TYR A 442 -11.80 -16.64 -10.89
N LEU A 443 -10.76 -16.93 -11.66
CA LEU A 443 -9.37 -16.89 -11.13
C LEU A 443 -8.83 -15.48 -11.35
N ALA A 444 -8.68 -14.72 -10.29
CA ALA A 444 -8.21 -13.34 -10.34
C ALA A 444 -6.69 -13.26 -10.34
N ASN A 445 -6.19 -12.09 -10.74
CA ASN A 445 -4.76 -11.86 -10.77
C ASN A 445 -4.20 -11.91 -9.35
N GLY A 446 -2.99 -12.46 -9.22
CA GLY A 446 -2.35 -12.59 -7.94
C GLY A 446 -2.56 -13.93 -7.25
N GLY A 447 -3.46 -14.76 -7.77
CA GLY A 447 -3.71 -16.07 -7.18
C GLY A 447 -4.91 -16.15 -6.27
N PHE A 448 -5.93 -15.35 -6.52
CA PHE A 448 -7.15 -15.34 -5.72
C PHE A 448 -8.32 -15.89 -6.53
N LEU A 449 -9.01 -16.89 -5.97
CA LEU A 449 -10.18 -17.49 -6.59
C LEU A 449 -11.39 -16.79 -6.01
N ILE A 450 -12.19 -16.18 -6.87
CA ILE A 450 -13.36 -15.42 -6.45
C ILE A 450 -14.63 -16.16 -6.86
N ALA A 451 -15.43 -16.54 -5.88
CA ALA A 451 -16.71 -17.19 -6.13
C ALA A 451 -17.76 -16.11 -6.19
N TYR A 452 -18.26 -15.82 -7.39
CA TYR A 452 -19.22 -14.76 -7.62
C TYR A 452 -20.63 -15.28 -7.84
N GLN A 453 -21.61 -14.51 -7.34
CA GLN A 453 -23.03 -14.82 -7.46
C GLN A 453 -23.71 -13.58 -8.02
N PRO A 454 -24.01 -13.50 -9.31
CA PRO A 454 -24.66 -12.29 -9.85
C PRO A 454 -26.02 -12.04 -9.22
N LEU A 455 -26.36 -10.75 -9.08
CA LEU A 455 -27.61 -10.32 -8.51
C LEU A 455 -28.24 -9.26 -9.41
N LEU A 456 -29.57 -9.14 -9.31
CA LEU A 456 -30.35 -8.18 -10.08
C LEU A 456 -31.27 -7.44 -9.12
N SER A 457 -31.50 -6.16 -9.40
CA SER A 457 -32.37 -5.34 -8.56
C SER A 457 -33.82 -5.43 -9.02
N ASN A 458 -34.73 -5.39 -8.04
CA ASN A 458 -36.15 -5.46 -8.35
C ASN A 458 -36.63 -4.23 -9.10
N THR A 459 -35.98 -3.08 -8.91
CA THR A 459 -36.37 -1.85 -9.59
C THR A 459 -36.14 -1.97 -11.09
N VAL A 492 -5.45 -30.57 -13.48
CA VAL A 492 -5.42 -30.40 -12.03
C VAL A 492 -4.16 -29.63 -11.64
N GLU A 493 -4.31 -28.67 -10.73
CA GLU A 493 -3.18 -27.86 -10.29
C GLU A 493 -3.54 -27.20 -8.96
N ARG A 494 -2.55 -26.51 -8.39
CA ARG A 494 -2.68 -25.79 -7.13
C ARG A 494 -2.50 -24.30 -7.40
N ILE A 495 -3.37 -23.49 -6.81
CA ILE A 495 -3.30 -22.05 -6.99
C ILE A 495 -2.31 -21.45 -6.00
N LYS A 496 -1.40 -20.61 -6.51
CA LYS A 496 -0.39 -19.95 -5.70
C LYS A 496 -0.84 -18.52 -5.44
N THR A 497 -1.22 -18.24 -4.20
CA THR A 497 -1.70 -16.93 -3.81
C THR A 497 -0.55 -16.05 -3.35
N THR A 498 -0.58 -14.78 -3.79
CA THR A 498 0.46 -13.84 -3.41
C THR A 498 0.36 -13.55 -1.92
N SER A 499 1.50 -13.19 -1.32
CA SER A 499 1.55 -12.89 0.11
C SER A 499 1.20 -11.45 0.45
N SER A 500 0.80 -10.63 -0.53
CA SER A 500 0.48 -9.23 -0.27
C SER A 500 -0.68 -8.79 -1.16
N ILE A 501 -1.75 -8.31 -0.53
CA ILE A 501 -2.93 -7.82 -1.26
C ILE A 501 -2.81 -6.32 -1.51
N GLU A 502 -1.74 -5.69 -1.04
CA GLU A 502 -1.59 -4.24 -1.22
C GLU A 502 -1.57 -3.86 -2.69
N PHE A 503 -1.20 -4.79 -3.59
CA PHE A 503 -1.21 -4.46 -5.01
C PHE A 503 -2.63 -4.21 -5.48
N ALA A 504 -3.59 -4.94 -4.92
CA ALA A 504 -4.99 -4.77 -5.29
C ALA A 504 -5.60 -3.54 -4.62
N ARG A 505 -5.19 -3.24 -3.39
CA ARG A 505 -5.71 -2.07 -2.70
C ARG A 505 -5.33 -0.80 -3.43
N LEU A 506 -4.11 -0.73 -3.97
CA LEU A 506 -3.70 0.44 -4.73
C LEU A 506 -4.56 0.60 -5.96
N GLN A 507 -4.93 -0.53 -6.58
CA GLN A 507 -5.79 -0.49 -7.76
C GLN A 507 -7.13 0.15 -7.43
N PHE A 508 -7.71 -0.23 -6.29
CA PHE A 508 -8.98 0.35 -5.89
C PHE A 508 -8.82 1.82 -5.55
N THR A 509 -7.77 2.16 -4.80
CA THR A 509 -7.54 3.55 -4.43
C THR A 509 -7.35 4.43 -5.66
N TYR A 510 -6.54 3.97 -6.62
CA TYR A 510 -6.33 4.76 -7.82
C TYR A 510 -7.63 4.88 -8.61
N ASN A 511 -8.38 3.78 -8.72
CA ASN A 511 -9.64 3.81 -9.44
C ASN A 511 -10.67 4.66 -8.71
N HIS A 512 -10.68 4.61 -7.37
CA HIS A 512 -11.64 5.40 -6.61
C HIS A 512 -11.35 6.89 -6.74
N ILE A 513 -10.13 7.27 -7.13
CA ILE A 513 -9.73 8.71 -7.22
C ILE A 513 -9.75 9.14 -8.69
N GLN A 514 -9.45 8.23 -9.61
CA GLN A 514 -9.38 8.54 -11.06
C GLN A 514 -10.79 8.65 -11.63
N ARG A 515 -11.64 7.67 -11.34
CA ARG A 515 -13.04 7.61 -11.86
C ARG A 515 -13.79 8.91 -11.55
N PRO A 516 -13.86 9.40 -10.29
CA PRO A 516 -14.60 10.62 -10.01
C PRO A 516 -13.89 11.84 -10.59
N VAL A 517 -12.58 11.98 -10.35
CA VAL A 517 -11.83 13.17 -10.83
C VAL A 517 -12.06 13.32 -12.33
N ASN A 518 -12.07 12.21 -13.07
CA ASN A 518 -12.28 12.24 -14.55
C ASN A 518 -13.72 12.65 -14.83
N ASP A 519 -14.67 12.17 -14.03
CA ASP A 519 -16.10 12.54 -14.19
C ASP A 519 -16.23 14.05 -14.00
N MET A 520 -15.49 14.63 -13.06
CA MET A 520 -15.58 16.08 -12.76
C MET A 520 -14.74 16.86 -13.78
N LEU A 521 -13.73 16.22 -14.36
CA LEU A 521 -12.91 16.86 -15.42
C LEU A 521 -13.76 16.86 -16.70
N GLY A 522 -14.65 15.86 -16.84
CA GLY A 522 -15.48 15.74 -18.04
C GLY A 522 -16.62 16.72 -18.00
N ARG A 523 -17.21 16.98 -16.83
CA ARG A 523 -18.28 17.95 -16.67
C ARG A 523 -17.75 19.37 -16.84
N VAL A 524 -16.57 19.67 -16.31
CA VAL A 524 -15.99 21.00 -16.46
C VAL A 524 -15.73 21.27 -17.93
N ALA A 525 -15.19 20.30 -18.65
CA ALA A 525 -14.92 20.48 -20.07
C ALA A 525 -16.22 20.68 -20.84
N ILE A 526 -17.25 19.90 -20.51
CA ILE A 526 -18.54 20.04 -21.19
C ILE A 526 -19.14 21.41 -20.86
N ALA A 527 -19.10 21.81 -19.58
CA ALA A 527 -19.64 23.10 -19.19
C ALA A 527 -18.90 24.23 -19.87
N TRP A 528 -17.58 24.13 -19.99
CA TRP A 528 -16.81 25.18 -20.65
C TRP A 528 -17.24 25.34 -22.09
N CYS A 529 -17.38 24.22 -22.81
CA CYS A 529 -17.82 24.29 -24.20
C CYS A 529 -19.19 24.92 -24.31
N GLU A 530 -20.12 24.52 -23.44
CA GLU A 530 -21.46 25.10 -23.48
C GLU A 530 -21.40 26.58 -23.17
N LEU A 531 -20.48 26.99 -22.29
CA LEU A 531 -20.36 28.41 -21.96
C LEU A 531 -19.81 29.18 -23.14
N GLN A 532 -18.74 28.68 -23.77
CA GLN A 532 -18.15 29.37 -24.91
C GLN A 532 -19.17 29.57 -26.02
N ASN A 533 -19.97 28.53 -26.29
CA ASN A 533 -21.00 28.66 -27.32
C ASN A 533 -22.04 29.69 -26.89
N HIS A 534 -22.17 29.91 -25.57
CA HIS A 534 -23.13 30.87 -25.06
C HIS A 534 -22.62 32.30 -25.23
N GLU A 535 -21.30 32.49 -25.10
CA GLU A 535 -20.73 33.83 -25.25
C GLU A 535 -20.84 34.33 -26.67
N LEU A 536 -20.86 33.44 -27.66
CA LEU A 536 -20.95 33.87 -29.05
C LEU A 536 -22.19 34.74 -29.28
N THR A 537 -23.27 34.46 -28.55
CA THR A 537 -24.48 35.27 -28.71
C THR A 537 -24.23 36.71 -28.26
N LEU A 538 -23.27 36.92 -27.36
CA LEU A 538 -22.96 38.27 -26.90
C LEU A 538 -21.94 38.94 -27.81
N TRP A 539 -20.95 38.20 -28.30
CA TRP A 539 -19.95 38.77 -29.17
C TRP A 539 -20.54 39.19 -30.51
N ASN A 540 -21.58 38.48 -30.97
CA ASN A 540 -22.21 38.82 -32.24
C ASN A 540 -22.86 40.20 -32.18
N GLU A 541 -23.28 40.63 -30.99
CA GLU A 541 -23.90 41.92 -30.77
C GLU A 541 -22.92 42.97 -30.28
N ALA A 542 -21.92 42.56 -29.49
CA ALA A 542 -20.93 43.50 -28.98
C ALA A 542 -20.10 44.08 -30.12
N ARG A 543 -19.91 43.32 -31.19
CA ARG A 543 -19.12 43.80 -32.32
C ARG A 543 -19.77 45.01 -32.98
N LYS A 544 -21.10 45.04 -33.07
CA LYS A 544 -21.79 46.17 -33.67
C LYS A 544 -21.61 47.44 -32.85
N LEU A 545 -21.59 47.33 -31.52
CA LEU A 545 -21.43 48.50 -30.68
C LEU A 545 -20.07 49.15 -30.88
N ASN A 546 -19.00 48.35 -30.95
CA ASN A 546 -17.65 48.86 -31.13
C ASN A 546 -16.82 47.79 -31.82
N PRO A 547 -16.86 47.73 -33.16
CA PRO A 547 -16.06 46.69 -33.85
C PRO A 547 -14.56 46.82 -33.63
N ASN A 548 -14.07 48.02 -33.35
CA ASN A 548 -12.63 48.21 -33.14
C ASN A 548 -12.14 47.42 -31.94
N ALA A 549 -12.80 47.58 -30.80
CA ALA A 549 -12.38 46.86 -29.59
C ALA A 549 -12.64 45.37 -29.70
N ILE A 550 -13.77 44.97 -30.29
CA ILE A 550 -14.07 43.54 -30.39
C ILE A 550 -13.09 42.86 -31.33
N ALA A 551 -12.81 43.49 -32.48
CA ALA A 551 -11.90 42.89 -33.45
C ALA A 551 -10.47 42.82 -32.91
N SER A 552 -10.06 43.83 -32.15
CA SER A 552 -8.71 43.86 -31.62
C SER A 552 -8.42 42.67 -30.70
N VAL A 553 -9.32 42.42 -29.74
CA VAL A 553 -9.10 41.30 -28.82
C VAL A 553 -9.26 39.96 -29.52
N THR A 554 -10.21 39.84 -30.44
CA THR A 554 -10.44 38.57 -31.13
C THR A 554 -9.36 38.28 -32.16
N VAL A 555 -8.91 39.29 -32.91
CA VAL A 555 -7.88 39.08 -33.92
C VAL A 555 -6.49 38.87 -33.31
N GLY A 556 -6.24 39.41 -32.13
CA GLY A 556 -4.96 39.28 -31.47
C GLY A 556 -4.05 40.48 -31.58
N ARG A 557 -4.42 41.50 -32.36
CA ARG A 557 -3.62 42.70 -32.52
C ARG A 557 -4.57 43.87 -32.70
N ARG A 558 -4.09 45.06 -32.34
CA ARG A 558 -4.89 46.27 -32.46
C ARG A 558 -5.27 46.51 -33.91
N VAL A 559 -6.57 46.46 -34.21
CA VAL A 559 -7.08 46.66 -35.55
C VAL A 559 -8.40 47.41 -35.47
N SER A 560 -8.79 48.00 -36.61
CA SER A 560 -10.04 48.72 -36.74
C SER A 560 -10.94 47.96 -37.69
N ALA A 561 -12.23 47.92 -37.35
CA ALA A 561 -13.20 47.18 -38.15
C ALA A 561 -14.49 47.97 -38.30
N ARG A 562 -15.23 47.61 -39.33
CA ARG A 562 -16.52 48.20 -39.64
C ARG A 562 -17.41 47.08 -40.19
N MET A 563 -18.66 47.07 -39.77
CA MET A 563 -19.62 46.05 -40.18
C MET A 563 -19.74 46.04 -41.69
N LEU A 564 -19.46 44.87 -42.30
CA LEU A 564 -19.58 44.67 -43.73
C LEU A 564 -20.80 43.80 -43.98
N GLY A 565 -21.76 43.86 -43.05
CA GLY A 565 -22.97 43.07 -43.10
C GLY A 565 -22.90 42.05 -42.00
N ASP A 566 -22.94 40.77 -42.35
CA ASP A 566 -22.84 39.69 -41.37
C ASP A 566 -21.39 39.35 -41.04
N VAL A 567 -20.43 40.01 -41.67
CA VAL A 567 -19.01 39.79 -41.47
C VAL A 567 -18.36 41.15 -41.27
N MET A 568 -17.13 41.15 -40.76
CA MET A 568 -16.40 42.38 -40.49
C MET A 568 -15.08 42.43 -41.25
N ALA A 569 -14.66 43.63 -41.61
CA ALA A 569 -13.40 43.87 -42.28
C ALA A 569 -12.40 44.32 -41.22
N VAL A 570 -11.11 44.25 -41.54
CA VAL A 570 -10.08 44.64 -40.59
C VAL A 570 -8.90 45.30 -41.28
N SER A 571 -8.30 46.26 -40.58
CA SER A 571 -7.15 47.02 -41.03
C SER A 571 -6.17 47.11 -39.86
N THR A 572 -4.88 46.89 -40.14
CA THR A 572 -3.86 46.94 -39.11
C THR A 572 -3.48 48.38 -38.81
N CYS A 573 -3.53 48.76 -37.54
CA CYS A 573 -3.17 50.12 -37.13
C CYS A 573 -1.67 50.22 -36.90
N VAL A 574 -1.12 51.40 -37.12
CA VAL A 574 0.30 51.67 -36.95
C VAL A 574 0.52 52.30 -35.57
N PRO A 575 1.51 51.87 -34.80
CA PRO A 575 1.71 52.48 -33.48
C PRO A 575 2.37 53.85 -33.58
N VAL A 576 2.28 54.60 -32.49
CA VAL A 576 2.84 55.93 -32.38
C VAL A 576 3.36 56.11 -30.95
N ALA A 577 4.59 56.60 -30.81
CA ALA A 577 5.17 56.81 -29.49
C ALA A 577 4.43 57.90 -28.73
N ALA A 578 4.44 57.78 -27.40
CA ALA A 578 3.76 58.75 -26.54
C ALA A 578 4.33 60.15 -26.67
N ASP A 579 5.66 60.29 -26.70
CA ASP A 579 6.30 61.60 -26.82
C ASP A 579 5.92 62.34 -28.09
N ASN A 580 5.49 61.63 -29.14
CA ASN A 580 5.10 62.24 -30.40
C ASN A 580 3.63 62.65 -30.43
N VAL A 581 2.98 62.74 -29.28
CA VAL A 581 1.58 63.12 -29.17
C VAL A 581 1.42 64.14 -28.05
N ILE A 582 0.58 65.13 -28.27
CA ILE A 582 0.33 66.19 -27.29
C ILE A 582 -1.14 66.59 -27.37
N VAL A 583 -1.72 66.90 -26.22
CA VAL A 583 -3.11 67.30 -26.11
C VAL A 583 -3.17 68.82 -25.96
N GLN A 584 -4.12 69.44 -26.65
CA GLN A 584 -4.26 70.89 -26.58
C GLN A 584 -4.80 71.31 -25.22
N ASN A 585 -4.52 72.56 -24.86
CA ASN A 585 -4.97 73.11 -23.58
C ASN A 585 -6.45 73.43 -23.56
N SER A 586 -7.12 73.46 -24.72
CA SER A 586 -8.54 73.78 -24.75
C SER A 586 -9.20 73.05 -25.93
N MET A 587 -10.52 72.94 -25.84
CA MET A 587 -11.31 72.27 -26.87
C MET A 587 -12.15 73.28 -27.65
N ARG A 588 -12.46 74.43 -27.03
CA ARG A 588 -13.29 75.51 -27.56
C ARG A 588 -13.23 75.71 -29.07
N ILE A 589 -14.41 75.73 -29.69
CA ILE A 589 -14.58 75.95 -31.12
C ILE A 589 -14.98 77.41 -31.29
N SER A 590 -13.99 78.29 -31.47
CA SER A 590 -14.28 79.72 -31.60
C SER A 590 -15.07 80.03 -32.87
N SER A 591 -15.06 79.14 -33.87
CA SER A 591 -15.79 79.41 -35.10
C SER A 591 -17.28 79.13 -35.00
N ARG A 592 -17.72 78.38 -34.00
CA ARG A 592 -19.14 78.04 -33.84
C ARG A 592 -19.52 77.97 -32.37
N PRO A 593 -19.97 79.09 -31.79
CA PRO A 593 -20.38 79.06 -30.38
C PRO A 593 -21.53 78.09 -30.18
N GLY A 594 -21.53 77.41 -29.03
CA GLY A 594 -22.56 76.44 -28.71
C GLY A 594 -22.24 75.02 -29.12
N ALA A 595 -21.22 74.81 -29.94
CA ALA A 595 -20.80 73.49 -30.40
C ALA A 595 -19.51 73.12 -29.68
N CYS A 596 -19.49 71.93 -29.09
CA CYS A 596 -18.33 71.45 -28.34
C CYS A 596 -18.02 70.00 -28.71
N TYR A 597 -16.74 69.70 -28.91
CA TYR A 597 -16.34 68.34 -29.24
C TYR A 597 -16.53 67.44 -28.03
N SER A 598 -16.86 66.17 -28.28
CA SER A 598 -17.06 65.22 -27.19
C SER A 598 -15.75 64.61 -26.70
N ARG A 599 -14.66 64.77 -27.45
CA ARG A 599 -13.36 64.22 -27.10
C ARG A 599 -12.30 65.29 -27.33
N PRO A 600 -11.18 65.28 -26.59
CA PRO A 600 -10.16 66.31 -26.80
C PRO A 600 -9.45 66.15 -28.13
N LEU A 601 -8.91 67.26 -28.62
CA LEU A 601 -8.16 67.27 -29.87
C LEU A 601 -6.71 66.91 -29.59
N VAL A 602 -5.98 66.52 -30.63
CA VAL A 602 -4.58 66.14 -30.50
C VAL A 602 -3.79 66.47 -31.76
N SER A 603 -2.48 66.55 -31.59
CA SER A 603 -1.53 66.82 -32.65
C SER A 603 -0.41 65.80 -32.50
N PHE A 604 -0.07 65.12 -33.60
CA PHE A 604 0.96 64.09 -33.53
C PHE A 604 1.71 63.98 -34.85
N ARG A 605 2.80 63.23 -34.80
CA ARG A 605 3.65 62.96 -35.94
C ARG A 605 4.01 61.49 -35.95
N TYR A 606 4.00 60.89 -37.15
CA TYR A 606 4.30 59.47 -37.26
C TYR A 606 5.75 59.19 -36.84
N GLU A 607 6.71 59.80 -37.52
CA GLU A 607 8.11 59.63 -37.20
C GLU A 607 8.56 60.72 -36.25
N ASP A 608 9.76 60.53 -35.68
CA ASP A 608 10.28 61.53 -34.75
C ASP A 608 10.49 62.88 -35.44
N GLN A 609 10.86 62.86 -36.71
CA GLN A 609 11.09 64.07 -37.49
C GLN A 609 9.95 64.36 -38.47
N GLY A 610 8.83 63.65 -38.38
CA GLY A 610 7.72 63.87 -39.28
C GLY A 610 6.92 65.12 -38.94
N PRO A 611 6.11 65.61 -39.89
CA PRO A 611 5.32 66.81 -39.61
C PRO A 611 4.19 66.52 -38.65
N LEU A 612 3.70 67.59 -38.01
CA LEU A 612 2.59 67.45 -37.07
C LEU A 612 1.29 67.31 -37.85
N VAL A 613 0.50 66.29 -37.51
CA VAL A 613 -0.76 66.01 -38.18
C VAL A 613 -1.92 66.37 -37.25
N GLU A 614 -2.98 66.91 -37.84
CA GLU A 614 -4.17 67.29 -37.09
C GLU A 614 -5.04 66.07 -36.85
N GLY A 615 -5.57 65.95 -35.64
CA GLY A 615 -6.41 64.82 -35.32
C GLY A 615 -7.11 65.00 -34.00
N GLN A 616 -7.86 63.97 -33.60
CA GLN A 616 -8.62 63.97 -32.35
C GLN A 616 -8.40 62.65 -31.65
N LEU A 617 -8.35 62.70 -30.31
CA LEU A 617 -8.15 61.51 -29.51
C LEU A 617 -9.36 60.59 -29.59
N GLY A 618 -9.11 59.29 -29.39
CA GLY A 618 -10.13 58.28 -29.42
C GLY A 618 -10.10 57.41 -28.18
N GLU A 619 -10.75 56.25 -28.28
CA GLU A 619 -10.81 55.32 -27.17
C GLU A 619 -9.63 54.35 -27.22
N ASN A 620 -9.13 53.99 -26.04
CA ASN A 620 -8.00 53.07 -25.91
C ASN A 620 -6.77 53.62 -26.61
N ASN A 621 -6.49 54.91 -26.39
CA ASN A 621 -5.34 55.59 -26.98
C ASN A 621 -5.39 55.59 -28.50
N GLU A 622 -6.60 55.60 -29.07
CA GLU A 622 -6.74 55.62 -30.51
C GLU A 622 -6.72 57.05 -31.01
N LEU A 623 -5.97 57.28 -32.09
CA LEU A 623 -5.84 58.60 -32.70
C LEU A 623 -6.70 58.65 -33.96
N ARG A 624 -7.68 59.54 -33.97
CA ARG A 624 -8.59 59.71 -35.09
C ARG A 624 -8.14 60.90 -35.92
N LEU A 625 -8.13 60.74 -37.25
CA LEU A 625 -7.70 61.80 -38.14
C LEU A 625 -8.81 62.77 -38.53
N THR A 626 -10.07 62.46 -38.20
CA THR A 626 -11.21 63.31 -38.54
C THR A 626 -11.87 63.83 -37.26
N ARG A 627 -12.17 65.12 -37.24
CA ARG A 627 -12.83 65.77 -36.11
C ARG A 627 -14.29 65.95 -36.48
N ASP A 628 -15.14 65.04 -35.99
CA ASP A 628 -16.56 65.08 -36.26
C ASP A 628 -17.43 64.75 -35.05
N ALA A 629 -16.83 64.51 -33.88
CA ALA A 629 -17.60 64.19 -32.68
C ALA A 629 -17.98 65.48 -31.93
N ILE A 630 -18.90 66.21 -32.54
CA ILE A 630 -19.40 67.48 -32.00
C ILE A 630 -20.71 67.24 -31.28
N GLU A 631 -20.85 67.89 -30.12
CA GLU A 631 -22.04 67.79 -29.30
C GLU A 631 -22.33 69.17 -28.72
N PRO A 632 -23.59 69.46 -28.36
CA PRO A 632 -23.89 70.78 -27.79
C PRO A 632 -23.15 70.97 -26.47
N CYS A 633 -22.66 72.18 -26.24
CA CYS A 633 -21.95 72.46 -25.00
C CYS A 633 -22.90 72.40 -23.82
N THR A 634 -22.51 71.66 -22.79
CA THR A 634 -23.31 71.46 -21.58
C THR A 634 -22.62 72.12 -20.41
N VAL A 635 -23.41 72.72 -19.52
CA VAL A 635 -22.87 73.37 -18.33
C VAL A 635 -22.29 72.32 -17.39
N GLY A 636 -21.27 72.71 -16.62
CA GLY A 636 -20.67 71.81 -15.62
C GLY A 636 -20.04 70.62 -16.30
N HIS A 637 -19.47 70.83 -17.49
CA HIS A 637 -18.82 69.74 -18.25
C HIS A 637 -17.69 69.14 -17.39
N ARG A 638 -17.39 67.87 -17.58
CA ARG A 638 -16.30 67.19 -16.85
C ARG A 638 -16.12 65.82 -17.52
N ARG A 639 -14.88 65.44 -17.84
CA ARG A 639 -14.64 64.17 -18.56
C ARG A 639 -13.19 63.71 -18.41
N TYR A 640 -12.96 62.45 -18.03
CA TYR A 640 -11.59 61.88 -18.01
C TYR A 640 -11.44 61.22 -19.37
N PHE A 641 -10.24 61.19 -19.95
CA PHE A 641 -9.98 60.52 -21.25
C PHE A 641 -8.67 59.78 -21.16
N THR A 642 -8.63 58.53 -21.61
CA THR A 642 -7.40 57.74 -21.53
C THR A 642 -6.34 58.35 -22.43
N PHE A 643 -5.13 58.49 -21.90
CA PHE A 643 -4.02 59.05 -22.65
C PHE A 643 -2.74 58.36 -22.20
N GLY A 644 -2.15 57.57 -23.09
CA GLY A 644 -0.92 56.87 -22.73
C GLY A 644 -1.17 55.93 -21.58
N GLY A 645 -0.30 55.99 -20.57
CA GLY A 645 -0.44 55.13 -19.41
C GLY A 645 -1.30 55.69 -18.31
N GLY A 646 -1.81 56.92 -18.46
CA GLY A 646 -2.65 57.56 -17.47
C GLY A 646 -3.92 58.12 -18.10
N TYR A 647 -4.39 59.23 -17.52
CA TYR A 647 -5.59 59.91 -17.97
C TYR A 647 -5.35 61.41 -18.06
N VAL A 648 -6.23 62.09 -18.79
CA VAL A 648 -6.20 63.53 -18.95
C VAL A 648 -7.55 64.06 -18.47
N TYR A 649 -7.50 64.97 -17.50
CA TYR A 649 -8.70 65.53 -16.90
C TYR A 649 -9.07 66.85 -17.55
N PHE A 650 -10.37 67.02 -17.80
CA PHE A 650 -10.91 68.21 -18.43
C PHE A 650 -12.11 68.71 -17.63
N GLU A 651 -12.22 70.04 -17.51
CA GLU A 651 -13.32 70.69 -16.80
C GLU A 651 -13.80 71.87 -17.63
N GLU A 652 -15.11 71.92 -17.86
CA GLU A 652 -15.71 72.99 -18.65
C GLU A 652 -15.07 73.05 -20.03
N TYR A 653 -14.79 71.87 -20.59
CA TYR A 653 -14.14 71.70 -21.89
C TYR A 653 -12.74 72.29 -21.93
N ALA A 654 -12.08 72.40 -20.79
CA ALA A 654 -10.74 72.95 -20.69
C ALA A 654 -9.81 71.94 -20.02
N TYR A 655 -8.62 71.78 -20.60
CA TYR A 655 -7.63 70.86 -20.07
C TYR A 655 -7.24 71.24 -18.64
N SER A 656 -7.05 70.23 -17.80
CA SER A 656 -6.68 70.45 -16.40
C SER A 656 -5.28 69.95 -16.08
N HIS A 657 -4.99 68.67 -16.25
CA HIS A 657 -3.67 68.12 -15.94
C HIS A 657 -3.68 66.61 -16.24
N GLN A 658 -2.50 66.01 -16.09
CA GLN A 658 -2.32 64.58 -16.28
C GLN A 658 -2.24 63.91 -14.91
N LEU A 659 -2.98 62.81 -14.74
CA LEU A 659 -3.02 62.07 -13.49
C LEU A 659 -2.70 60.61 -13.75
N SER A 660 -2.05 59.99 -12.77
CA SER A 660 -1.65 58.59 -12.86
C SER A 660 -2.85 57.67 -12.96
N ARG A 661 -2.58 56.42 -13.34
CA ARG A 661 -3.64 55.42 -13.49
C ARG A 661 -4.16 54.95 -12.14
N ALA A 662 -3.33 54.97 -11.11
CA ALA A 662 -3.74 54.53 -9.78
C ALA A 662 -4.45 55.61 -8.97
N ASP A 663 -4.61 56.82 -9.51
CA ASP A 663 -5.28 57.87 -8.77
C ASP A 663 -6.79 57.68 -8.70
N ILE A 664 -7.37 56.87 -9.59
CA ILE A 664 -8.81 56.62 -9.61
C ILE A 664 -9.08 55.27 -8.96
N THR A 665 -10.18 55.18 -8.23
CA THR A 665 -10.54 53.93 -7.57
C THR A 665 -10.82 52.87 -8.63
N THR A 666 -10.32 51.67 -8.39
CA THR A 666 -10.48 50.55 -9.32
C THR A 666 -11.29 49.44 -8.68
N VAL A 667 -12.18 48.84 -9.45
CA VAL A 667 -13.04 47.73 -9.02
C VAL A 667 -12.75 46.55 -9.94
N SER A 668 -12.53 45.39 -9.34
CA SER A 668 -12.22 44.19 -10.10
C SER A 668 -13.47 43.67 -10.78
N THR A 669 -13.49 43.71 -12.12
CA THR A 669 -14.61 43.21 -12.88
C THR A 669 -14.52 41.71 -13.15
N PHE A 670 -13.46 41.06 -12.69
CA PHE A 670 -13.26 39.64 -12.88
C PHE A 670 -13.70 38.86 -11.65
N ILE A 671 -14.15 37.61 -11.86
CA ILE A 671 -14.65 36.72 -10.75
C ILE A 671 -13.49 35.84 -10.30
N ASP A 672 -12.63 36.32 -9.41
CA ASP A 672 -11.39 35.60 -8.98
C ASP A 672 -11.64 34.12 -8.67
N LEU A 673 -10.75 33.23 -9.13
CA LEU A 673 -10.81 31.77 -8.81
C LEU A 673 -9.41 31.36 -8.35
N ASN A 674 -9.22 31.12 -7.05
CA ASN A 674 -7.89 30.76 -6.49
C ASN A 674 -7.63 29.27 -6.72
N ILE A 675 -6.48 28.92 -7.32
CA ILE A 675 -6.13 27.50 -7.59
C ILE A 675 -4.81 27.15 -6.86
N THR A 676 -4.87 26.30 -5.83
CA THR A 676 -3.69 25.87 -5.06
C THR A 676 -3.27 24.48 -5.49
N MET A 677 -2.19 24.38 -6.27
CA MET A 677 -1.67 23.09 -6.77
C MET A 677 -1.40 22.17 -5.57
N LEU A 678 -1.40 20.86 -5.79
CA LEU A 678 -1.17 19.88 -4.73
C LEU A 678 0.32 19.81 -4.42
N GLU A 679 0.68 20.09 -3.18
CA GLU A 679 2.08 20.07 -2.79
C GLU A 679 2.66 18.66 -2.92
N ASP A 680 3.94 18.60 -3.30
CA ASP A 680 4.62 17.32 -3.45
C ASP A 680 4.75 16.66 -2.09
N HIS A 681 4.60 15.33 -2.07
CA HIS A 681 4.70 14.55 -0.85
C HIS A 681 5.71 13.45 -1.02
N GLU A 682 6.52 13.22 0.01
CA GLU A 682 7.55 12.19 0.02
C GLU A 682 7.15 11.11 1.02
N PHE A 683 7.13 9.86 0.55
CA PHE A 683 6.77 8.72 1.39
C PHE A 683 8.05 8.04 1.87
N VAL A 684 8.15 7.85 3.18
CA VAL A 684 9.32 7.23 3.79
C VAL A 684 9.02 5.77 4.08
N PRO A 685 10.00 4.87 4.10
CA PRO A 685 9.71 3.46 4.40
C PRO A 685 9.13 3.31 5.80
N LEU A 686 8.20 2.38 5.95
CA LEU A 686 7.56 2.15 7.23
C LEU A 686 7.08 0.72 7.31
N GLU A 687 7.49 0.01 8.37
CA GLU A 687 7.12 -1.37 8.60
C GLU A 687 6.77 -1.55 10.07
N VAL A 688 5.69 -2.29 10.34
CA VAL A 688 5.30 -2.51 11.73
C VAL A 688 6.32 -3.42 12.41
N TYR A 689 6.75 -4.48 11.71
CA TYR A 689 7.72 -5.42 12.22
C TYR A 689 8.64 -5.82 11.07
N THR A 690 9.91 -5.45 11.19
CA THR A 690 10.87 -5.82 10.14
C THR A 690 11.04 -7.32 10.12
N ARG A 691 11.59 -7.83 9.01
CA ARG A 691 11.79 -9.28 8.91
C ARG A 691 12.70 -9.78 10.01
N HIS A 692 13.62 -8.95 10.49
CA HIS A 692 14.50 -9.36 11.58
C HIS A 692 13.72 -9.49 12.88
N GLU A 693 12.79 -8.56 13.12
CA GLU A 693 11.99 -8.61 14.34
C GLU A 693 11.09 -9.84 14.35
N ILE A 694 10.50 -10.18 13.20
CA ILE A 694 9.63 -11.34 13.11
C ILE A 694 10.44 -12.60 13.41
N LYS A 695 11.65 -12.69 12.86
CA LYS A 695 12.49 -13.86 13.13
C LYS A 695 12.84 -13.93 14.61
N ASP A 696 13.14 -12.78 15.22
CA ASP A 696 13.48 -12.73 16.64
C ASP A 696 12.28 -13.00 17.53
N SER A 697 11.05 -12.93 17.00
CA SER A 697 9.88 -13.18 17.83
C SER A 697 9.84 -14.62 18.35
N GLY A 698 10.45 -15.55 17.64
CA GLY A 698 10.45 -16.93 18.10
C GLY A 698 11.27 -17.08 19.37
N LEU A 699 10.76 -17.89 20.29
CA LEU A 699 11.46 -18.11 21.56
C LEU A 699 12.80 -18.80 21.35
N LEU A 700 12.85 -19.77 20.44
CA LEU A 700 14.05 -20.53 20.14
C LEU A 700 14.27 -20.58 18.63
N ASP A 701 15.54 -20.63 18.25
CA ASP A 701 15.97 -20.71 16.85
C ASP A 701 16.76 -21.99 16.67
N TYR A 702 16.31 -22.85 15.77
CA TYR A 702 17.00 -24.12 15.53
C TYR A 702 18.40 -23.90 14.98
N THR A 703 18.59 -22.85 14.17
CA THR A 703 19.91 -22.58 13.60
C THR A 703 20.92 -22.23 14.68
N GLU A 704 20.58 -21.26 15.54
CA GLU A 704 21.50 -20.85 16.59
C GLU A 704 21.70 -21.93 17.64
N VAL A 705 20.64 -22.65 17.99
CA VAL A 705 20.76 -23.70 19.00
C VAL A 705 21.69 -24.81 18.51
N GLN A 706 21.54 -25.21 17.24
CA GLN A 706 22.40 -26.26 16.71
C GLN A 706 23.83 -25.77 16.55
N ARG A 707 24.02 -24.51 16.16
CA ARG A 707 25.38 -23.99 15.99
C ARG A 707 26.13 -23.98 17.32
N ARG A 708 25.47 -23.56 18.40
CA ARG A 708 26.13 -23.53 19.70
C ARG A 708 26.29 -24.93 20.26
N ASN A 709 25.26 -25.77 20.16
CA ASN A 709 25.35 -27.12 20.69
C ASN A 709 26.43 -27.93 20.00
N GLN A 710 26.56 -27.83 18.68
CA GLN A 710 27.56 -28.58 17.96
C GLN A 710 28.97 -28.04 18.19
N LEU A 711 29.10 -26.81 18.69
CA LEU A 711 30.42 -26.24 18.97
C LEU A 711 30.94 -26.68 20.34
N HIS A 712 30.15 -27.43 21.11
CA HIS A 712 30.57 -27.87 22.44
C HIS A 712 31.85 -28.67 22.40
N ASP A 713 31.94 -29.65 21.49
CA ASP A 713 33.14 -30.47 21.40
C ASP A 713 34.37 -29.65 21.01
N LEU A 714 34.22 -28.72 20.06
CA LEU A 714 35.34 -27.90 19.63
C LEU A 714 35.69 -26.83 20.66
N ARG A 715 34.75 -26.48 21.54
CA ARG A 715 35.00 -25.44 22.55
C ARG A 715 35.49 -26.01 23.87
N PHE A 716 34.90 -27.11 24.34
CA PHE A 716 35.24 -27.69 25.63
C PHE A 716 35.96 -29.04 25.55
N ALA A 717 36.67 -29.34 24.47
CA ALA A 717 37.37 -30.62 24.40
C ALA A 717 38.37 -30.62 23.25
N ASP A 718 39.37 -31.50 23.39
CA ASP A 718 40.41 -31.65 22.37
C ASP A 718 39.91 -32.66 21.36
N ILE A 719 40.07 -32.34 20.07
CA ILE A 719 39.56 -33.21 19.01
C ILE A 719 40.67 -34.02 18.35
N ASP A 720 41.92 -33.55 18.38
CA ASP A 720 43.04 -34.22 17.72
C ASP A 720 43.94 -35.02 18.66
N THR A 721 44.07 -34.64 19.92
CA THR A 721 44.95 -35.38 20.82
C THR A 721 44.48 -36.82 20.99
N VAL A 722 45.43 -37.75 20.94
CA VAL A 722 45.17 -39.18 21.10
C VAL A 722 46.02 -39.69 22.25
N ILE A 723 45.41 -40.47 23.13
CA ILE A 723 46.08 -41.04 24.30
C ILE A 723 45.98 -42.55 24.20
N HIS A 724 47.11 -43.23 24.32
CA HIS A 724 47.16 -44.69 24.23
C HIS A 724 48.30 -45.20 25.11
N ALA A 725 48.19 -46.46 25.50
CA ALA A 725 49.19 -47.11 26.35
C ALA A 725 49.46 -48.52 25.87
N VAL B 2 -42.38 -14.99 -30.98
CA VAL B 2 -41.25 -15.97 -30.87
C VAL B 2 -41.73 -17.34 -31.35
N GLN B 3 -40.83 -18.09 -31.97
CA GLN B 3 -41.15 -19.42 -32.48
C GLN B 3 -39.92 -20.31 -32.40
N LEU B 4 -40.13 -21.54 -31.91
CA LEU B 4 -39.07 -22.54 -31.77
C LEU B 4 -39.53 -23.80 -32.47
N VAL B 5 -38.67 -24.36 -33.32
CA VAL B 5 -38.97 -25.57 -34.08
C VAL B 5 -37.84 -26.57 -33.88
N GLU B 6 -38.21 -27.85 -33.76
CA GLU B 6 -37.26 -28.94 -33.57
C GLU B 6 -37.41 -29.95 -34.70
N THR B 7 -36.27 -30.44 -35.20
CA THR B 7 -36.24 -31.43 -36.27
C THR B 7 -35.20 -32.48 -35.94
N GLY B 8 -35.42 -33.69 -36.44
CA GLY B 8 -34.52 -34.81 -36.23
C GLY B 8 -35.08 -35.95 -35.42
N GLY B 9 -36.33 -35.89 -34.97
CA GLY B 9 -36.88 -36.98 -34.19
C GLY B 9 -37.24 -38.19 -35.04
N GLY B 10 -37.40 -39.32 -34.37
CA GLY B 10 -37.76 -40.54 -35.06
C GLY B 10 -37.47 -41.74 -34.20
N VAL B 11 -37.68 -42.92 -34.78
CA VAL B 11 -37.46 -44.21 -34.14
C VAL B 11 -36.03 -44.66 -34.45
N VAL B 12 -35.30 -45.08 -33.43
CA VAL B 12 -33.92 -45.50 -33.58
C VAL B 12 -33.67 -46.73 -32.69
N ARG B 13 -32.77 -47.61 -33.15
CA ARG B 13 -32.45 -48.80 -32.39
C ARG B 13 -31.56 -48.46 -31.20
N PRO B 14 -31.53 -49.31 -30.17
CA PRO B 14 -30.67 -49.03 -29.01
C PRO B 14 -29.20 -49.04 -29.40
N GLY B 15 -28.40 -48.25 -28.68
CA GLY B 15 -26.98 -48.16 -28.93
C GLY B 15 -26.58 -47.42 -30.19
N ARG B 16 -27.53 -46.82 -30.89
CA ARG B 16 -27.25 -46.09 -32.13
C ARG B 16 -27.20 -44.59 -31.83
N SER B 17 -26.68 -43.83 -32.80
CA SER B 17 -26.55 -42.39 -32.67
C SER B 17 -27.66 -41.66 -33.42
N LEU B 18 -28.06 -40.51 -32.87
CA LEU B 18 -29.10 -39.68 -33.45
C LEU B 18 -28.73 -38.23 -33.15
N ARG B 19 -28.99 -37.34 -34.10
CA ARG B 19 -28.67 -35.92 -33.97
C ARG B 19 -29.93 -35.10 -34.16
N LEU B 20 -30.24 -34.26 -33.17
CA LEU B 20 -31.40 -33.38 -33.21
C LEU B 20 -30.97 -31.95 -33.52
N SER B 21 -31.92 -31.16 -34.00
CA SER B 21 -31.67 -29.77 -34.34
C SER B 21 -32.86 -28.94 -33.88
N CYS B 22 -32.58 -27.70 -33.44
CA CYS B 22 -33.61 -26.79 -32.97
C CYS B 22 -33.37 -25.42 -33.57
N THR B 23 -34.29 -24.98 -34.43
CA THR B 23 -34.21 -23.69 -35.09
C THR B 23 -34.92 -22.67 -34.21
N THR B 24 -34.44 -21.42 -34.26
CA THR B 24 -34.99 -20.34 -33.45
C THR B 24 -35.33 -19.13 -34.32
N SER B 25 -36.12 -18.24 -33.73
CA SER B 25 -36.56 -17.02 -34.39
C SER B 25 -37.27 -16.16 -33.37
N GLY B 26 -37.20 -14.84 -33.57
CA GLY B 26 -37.84 -13.90 -32.68
C GLY B 26 -37.01 -13.37 -31.54
N PHE B 27 -35.79 -13.89 -31.33
CA PHE B 27 -34.94 -13.41 -30.25
C PHE B 27 -33.48 -13.54 -30.66
N SER B 28 -32.62 -12.79 -29.96
CA SER B 28 -31.19 -12.81 -30.22
C SER B 28 -30.61 -14.14 -29.76
N PHE B 29 -30.40 -15.05 -30.72
CA PHE B 29 -29.85 -16.35 -30.37
C PHE B 29 -28.43 -16.24 -29.80
N SER B 30 -27.63 -15.34 -30.36
CA SER B 30 -26.26 -15.17 -29.90
C SER B 30 -26.18 -14.60 -28.49
N GLY B 31 -27.23 -13.97 -27.99
CA GLY B 31 -27.25 -13.38 -26.66
C GLY B 31 -28.01 -14.13 -25.59
N SER B 32 -28.31 -15.42 -25.79
CA SER B 32 -29.06 -16.19 -24.80
C SER B 32 -28.64 -17.65 -24.85
N ALA B 33 -28.55 -18.27 -23.67
CA ALA B 33 -28.18 -19.67 -23.59
C ALA B 33 -29.38 -20.54 -23.97
N MET B 34 -29.09 -21.79 -24.32
CA MET B 34 -30.11 -22.75 -24.73
C MET B 34 -30.01 -23.99 -23.85
N HIS B 35 -31.15 -24.61 -23.60
CA HIS B 35 -31.25 -25.81 -22.78
C HIS B 35 -32.09 -26.86 -23.49
N TRP B 36 -31.87 -28.11 -23.11
CA TRP B 36 -32.60 -29.25 -23.66
C TRP B 36 -33.33 -29.95 -22.52
N VAL B 37 -34.62 -30.22 -22.73
CA VAL B 37 -35.47 -30.86 -21.73
C VAL B 37 -36.17 -32.04 -22.38
N ARG B 38 -36.32 -33.13 -21.62
CA ARG B 38 -36.97 -34.34 -22.06
C ARG B 38 -38.21 -34.60 -21.22
N GLN B 39 -39.18 -35.30 -21.83
CA GLN B 39 -40.45 -35.63 -21.16
C GLN B 39 -40.79 -37.08 -21.55
N ALA B 40 -40.51 -38.02 -20.65
CA ALA B 40 -40.81 -39.40 -20.94
C ALA B 40 -42.32 -39.63 -20.96
N PRO B 41 -42.77 -40.71 -21.60
CA PRO B 41 -44.23 -40.96 -21.66
C PRO B 41 -44.85 -41.12 -20.28
N GLY B 42 -45.75 -40.20 -19.94
CA GLY B 42 -46.44 -40.24 -18.66
C GLY B 42 -45.58 -40.02 -17.45
N LYS B 43 -44.39 -39.45 -17.61
CA LYS B 43 -43.47 -39.19 -16.50
C LYS B 43 -43.27 -37.68 -16.38
N GLY B 44 -42.40 -37.29 -15.45
CA GLY B 44 -42.11 -35.89 -15.24
C GLY B 44 -41.01 -35.36 -16.13
N LEU B 45 -40.84 -34.04 -16.10
CA LEU B 45 -39.82 -33.40 -16.92
C LEU B 45 -38.44 -33.64 -16.33
N GLU B 46 -37.42 -33.55 -17.18
CA GLU B 46 -36.04 -33.75 -16.76
C GLU B 46 -35.11 -32.97 -17.67
N TRP B 47 -34.16 -32.27 -17.07
CA TRP B 47 -33.19 -31.48 -17.83
C TRP B 47 -32.17 -32.38 -18.49
N VAL B 48 -31.66 -31.96 -19.64
CA VAL B 48 -30.68 -32.73 -20.43
C VAL B 48 -29.32 -32.05 -20.44
N ALA B 49 -29.23 -30.84 -21.00
CA ALA B 49 -27.96 -30.15 -21.08
C ALA B 49 -28.21 -28.65 -21.25
N VAL B 50 -27.11 -27.91 -21.36
CA VAL B 50 -27.15 -26.46 -21.54
C VAL B 50 -25.91 -26.02 -22.30
N ILE B 51 -26.07 -24.99 -23.14
CA ILE B 51 -25.01 -24.41 -23.94
C ILE B 51 -25.08 -22.90 -23.71
N SER B 52 -23.94 -22.30 -23.37
CA SER B 52 -23.91 -20.86 -23.12
C SER B 52 -24.26 -20.08 -24.39
N HIS B 53 -24.33 -18.76 -24.23
CA HIS B 53 -24.66 -17.89 -25.36
C HIS B 53 -23.64 -18.04 -26.48
N ASP B 54 -22.36 -18.12 -26.14
CA ASP B 54 -21.28 -18.28 -27.11
C ASP B 54 -20.73 -19.69 -27.16
N GLY B 55 -21.22 -20.60 -26.30
CA GLY B 55 -20.77 -21.97 -26.29
C GLY B 55 -19.44 -22.21 -25.62
N ASN B 56 -18.98 -21.31 -24.76
CA ASN B 56 -17.68 -21.52 -24.10
C ASN B 56 -17.77 -22.57 -23.00
N ILE B 57 -18.91 -22.69 -22.32
CA ILE B 57 -19.09 -23.66 -21.24
C ILE B 57 -20.30 -24.54 -21.52
N ILE B 58 -20.16 -25.83 -21.20
CA ILE B 58 -21.20 -26.82 -21.40
C ILE B 58 -21.36 -27.63 -20.12
N GLN B 59 -22.61 -27.96 -19.79
CA GLN B 59 -22.94 -28.75 -18.60
C GLN B 59 -23.98 -29.78 -19.01
N TYR B 60 -23.84 -31.00 -18.47
CA TYR B 60 -24.73 -32.10 -18.78
C TYR B 60 -25.31 -32.71 -17.52
N HIS B 61 -26.32 -33.56 -17.73
CA HIS B 61 -26.96 -34.29 -16.65
C HIS B 61 -26.17 -35.57 -16.40
N ASP B 62 -26.15 -36.01 -15.15
CA ASP B 62 -25.41 -37.23 -14.81
C ASP B 62 -25.92 -38.45 -15.57
N SER B 63 -27.17 -38.44 -16.03
CA SER B 63 -27.71 -39.58 -16.76
C SER B 63 -27.32 -39.54 -18.23
N VAL B 64 -26.81 -38.41 -18.72
CA VAL B 64 -26.40 -38.25 -20.11
C VAL B 64 -24.98 -37.73 -20.26
N LYS B 65 -24.23 -37.57 -19.17
CA LYS B 65 -22.87 -37.08 -19.27
C LYS B 65 -21.99 -38.11 -19.98
N GLY B 66 -21.26 -37.65 -20.99
CA GLY B 66 -20.38 -38.50 -21.75
C GLY B 66 -21.03 -39.23 -22.91
N ARG B 67 -22.35 -39.23 -22.98
CA ARG B 67 -23.09 -39.89 -24.06
C ARG B 67 -23.62 -38.89 -25.08
N PHE B 68 -24.13 -37.76 -24.61
CA PHE B 68 -24.70 -36.73 -25.46
C PHE B 68 -23.61 -35.72 -25.86
N THR B 69 -23.99 -34.79 -26.72
CA THR B 69 -23.07 -33.74 -27.17
C THR B 69 -23.91 -32.58 -27.68
N ILE B 70 -23.87 -31.46 -26.95
CA ILE B 70 -24.63 -30.27 -27.31
C ILE B 70 -23.72 -29.27 -28.00
N SER B 71 -24.26 -28.57 -28.99
CA SER B 71 -23.51 -27.58 -29.75
C SER B 71 -24.49 -26.58 -30.35
N ARG B 72 -23.96 -25.44 -30.78
CA ARG B 72 -24.76 -24.39 -31.37
C ARG B 72 -23.96 -23.66 -32.44
N ASP B 73 -24.69 -22.98 -33.33
CA ASP B 73 -24.11 -22.20 -34.42
C ASP B 73 -24.83 -20.85 -34.42
N ASN B 74 -24.18 -19.84 -33.85
CA ASN B 74 -24.79 -18.51 -33.77
C ASN B 74 -24.99 -17.90 -35.15
N SER B 75 -24.13 -18.23 -36.12
CA SER B 75 -24.28 -17.66 -37.46
C SER B 75 -25.60 -18.08 -38.08
N LYS B 76 -25.97 -19.36 -37.95
CA LYS B 76 -27.22 -19.88 -38.48
C LYS B 76 -28.33 -19.92 -37.45
N ASN B 77 -28.09 -19.41 -36.24
CA ASN B 77 -29.06 -19.39 -35.13
C ASN B 77 -29.81 -20.71 -35.02
N VAL B 78 -29.04 -21.80 -34.95
CA VAL B 78 -29.59 -23.15 -34.85
C VAL B 78 -28.86 -23.89 -33.73
N LEU B 79 -29.62 -24.64 -32.94
CA LEU B 79 -29.11 -25.43 -31.83
C LEU B 79 -29.14 -26.90 -32.22
N LEU B 80 -28.12 -27.65 -31.80
CA LEU B 80 -28.01 -29.06 -32.11
C LEU B 80 -27.63 -29.85 -30.87
N LEU B 81 -28.00 -31.14 -30.88
CA LEU B 81 -27.73 -32.05 -29.77
C LEU B 81 -27.40 -33.42 -30.38
N GLN B 82 -26.12 -33.68 -30.59
CA GLN B 82 -25.68 -34.95 -31.15
C GLN B 82 -25.75 -36.02 -30.08
N MET B 83 -26.60 -37.02 -30.29
CA MET B 83 -26.81 -38.12 -29.33
C MET B 83 -26.09 -39.36 -29.83
N ASN B 84 -25.42 -40.06 -28.91
CA ASN B 84 -24.70 -41.29 -29.20
C ASN B 84 -24.94 -42.29 -28.06
N SER B 85 -24.91 -43.56 -28.41
CA SER B 85 -25.12 -44.65 -27.45
C SER B 85 -26.48 -44.51 -26.77
N LEU B 86 -27.54 -44.58 -27.58
CA LEU B 86 -28.89 -44.46 -27.04
C LEU B 86 -29.26 -45.69 -26.23
N ARG B 87 -30.25 -45.51 -25.34
CA ARG B 87 -30.75 -46.57 -24.49
C ARG B 87 -32.27 -46.53 -24.48
N VAL B 88 -32.88 -47.62 -24.01
CA VAL B 88 -34.33 -47.69 -23.97
C VAL B 88 -34.91 -46.64 -23.03
N ASP B 89 -34.21 -46.33 -21.93
CA ASP B 89 -34.69 -45.34 -20.99
C ASP B 89 -34.69 -43.92 -21.56
N ASP B 90 -34.03 -43.69 -22.70
CA ASP B 90 -33.97 -42.36 -23.30
C ASP B 90 -35.22 -42.01 -24.10
N THR B 91 -36.18 -42.94 -24.23
CA THR B 91 -37.40 -42.67 -24.98
C THR B 91 -38.15 -41.52 -24.32
N ALA B 92 -38.22 -40.36 -24.98
CA ALA B 92 -38.90 -39.23 -24.39
C ALA B 92 -39.01 -38.09 -25.41
N MET B 93 -39.93 -37.17 -25.13
CA MET B 93 -40.12 -36.01 -25.99
C MET B 93 -39.10 -34.95 -25.61
N TYR B 94 -38.19 -34.66 -26.53
CA TYR B 94 -37.13 -33.68 -26.32
C TYR B 94 -37.60 -32.30 -26.75
N TYR B 95 -37.41 -31.32 -25.86
CA TYR B 95 -37.78 -29.93 -26.10
C TYR B 95 -36.54 -29.06 -25.98
N CYS B 96 -36.45 -28.05 -26.85
CA CYS B 96 -35.36 -27.09 -26.80
C CYS B 96 -35.94 -25.80 -26.25
N ALA B 97 -35.31 -25.27 -25.19
CA ALA B 97 -35.80 -24.06 -24.54
C ALA B 97 -34.68 -23.07 -24.30
N ARG B 98 -35.03 -21.79 -24.37
CA ARG B 98 -34.09 -20.71 -24.15
C ARG B 98 -34.13 -20.29 -22.69
N ASP B 99 -32.99 -19.79 -22.19
CA ASP B 99 -32.93 -19.37 -20.80
C ASP B 99 -33.70 -18.06 -20.61
N VAL B 100 -33.92 -17.70 -19.34
CA VAL B 100 -34.62 -16.46 -19.04
C VAL B 100 -33.57 -15.35 -19.04
N TRP B 101 -33.71 -14.40 -19.96
CA TRP B 101 -32.75 -13.31 -20.03
C TRP B 101 -33.00 -12.32 -18.91
N LEU B 102 -32.09 -12.28 -17.95
CA LEU B 102 -32.14 -11.38 -16.80
C LEU B 102 -30.92 -10.49 -16.73
N LEU B 103 -29.76 -10.98 -17.19
CA LEU B 103 -28.51 -10.25 -17.24
C LEU B 103 -27.83 -10.54 -18.57
N PRO B 104 -26.85 -9.73 -18.97
CA PRO B 104 -26.20 -9.95 -20.27
C PRO B 104 -25.56 -11.30 -20.56
N ALA B 105 -24.61 -11.76 -19.75
CA ALA B 105 -23.91 -13.02 -20.01
C ALA B 105 -24.14 -14.14 -19.00
N THR B 106 -25.02 -13.98 -18.03
CA THR B 106 -25.23 -15.06 -17.07
C THR B 106 -26.25 -16.07 -17.60
N ILE B 107 -26.27 -17.23 -16.97
CA ILE B 107 -27.19 -18.32 -17.30
C ILE B 107 -28.17 -18.44 -16.14
N SER B 108 -29.44 -18.14 -16.41
CA SER B 108 -30.48 -18.20 -15.38
C SER B 108 -30.84 -19.63 -14.96
N TYR B 109 -30.49 -20.63 -15.76
CA TYR B 109 -30.81 -22.03 -15.45
C TYR B 109 -32.32 -22.25 -15.32
N ALA B 110 -33.10 -21.36 -15.94
CA ALA B 110 -34.58 -21.46 -15.96
C ALA B 110 -35.01 -21.43 -17.42
N PHE B 111 -36.25 -21.80 -17.72
CA PHE B 111 -36.78 -21.87 -19.10
C PHE B 111 -37.86 -20.82 -19.24
N ASP B 112 -37.87 -20.04 -20.33
CA ASP B 112 -38.90 -18.98 -20.53
C ASP B 112 -39.65 -19.26 -21.83
N PHE B 113 -38.98 -19.77 -22.85
CA PHE B 113 -39.56 -20.11 -24.15
C PHE B 113 -39.26 -21.56 -24.45
N TRP B 114 -40.29 -22.31 -24.86
CA TRP B 114 -40.17 -23.73 -25.17
C TRP B 114 -40.60 -23.99 -26.60
N GLY B 115 -40.04 -25.04 -27.19
CA GLY B 115 -40.39 -25.42 -28.54
C GLY B 115 -41.51 -26.43 -28.58
N GLN B 116 -41.93 -26.78 -29.79
CA GLN B 116 -43.01 -27.74 -29.96
C GLN B 116 -42.62 -29.14 -29.49
N GLY B 117 -41.34 -29.48 -29.56
CA GLY B 117 -40.88 -30.78 -29.13
C GLY B 117 -41.02 -31.84 -30.21
N THR B 118 -40.16 -32.85 -30.13
CA THR B 118 -40.15 -33.95 -31.08
C THR B 118 -39.93 -35.26 -30.32
N MET B 119 -40.41 -36.34 -30.91
CA MET B 119 -40.28 -37.66 -30.28
C MET B 119 -39.02 -38.38 -30.71
N VAL B 120 -38.45 -39.12 -29.77
CA VAL B 120 -37.26 -39.93 -29.97
C VAL B 120 -37.54 -41.24 -29.27
N THR B 121 -38.01 -42.24 -30.01
CA THR B 121 -38.37 -43.55 -29.47
C THR B 121 -37.24 -44.54 -29.71
N VAL B 122 -36.83 -45.24 -28.66
CA VAL B 122 -35.79 -46.25 -28.71
C VAL B 122 -36.47 -47.61 -28.59
N SER B 123 -36.54 -48.35 -29.69
CA SER B 123 -37.17 -49.66 -29.71
C SER B 123 -36.35 -50.60 -30.56
N SER B 124 -36.60 -51.90 -30.38
CA SER B 124 -35.92 -52.95 -31.12
C SER B 124 -36.91 -54.00 -31.60
N VAL C 1 -27.78 -34.88 -6.34
CA VAL C 1 -29.08 -34.51 -6.99
C VAL C 1 -30.07 -34.05 -5.93
N ILE C 2 -30.74 -32.94 -6.19
CA ILE C 2 -31.72 -32.39 -5.27
C ILE C 2 -33.10 -32.85 -5.71
N TRP C 3 -33.68 -33.80 -4.97
CA TRP C 3 -35.00 -34.31 -5.30
C TRP C 3 -36.05 -33.26 -4.97
N MET C 4 -37.07 -33.18 -5.83
CA MET C 4 -38.15 -32.21 -5.68
C MET C 4 -39.46 -32.93 -5.40
N THR C 5 -39.97 -32.76 -4.18
CA THR C 5 -41.23 -33.37 -3.78
C THR C 5 -42.34 -32.35 -3.94
N GLN C 6 -43.28 -32.63 -4.85
CA GLN C 6 -44.40 -31.74 -5.13
C GLN C 6 -45.70 -32.44 -4.74
N SER C 7 -46.53 -31.73 -3.99
CA SER C 7 -47.82 -32.25 -3.54
C SER C 7 -48.80 -31.09 -3.47
N PRO C 8 -50.11 -31.37 -3.62
CA PRO C 8 -50.75 -32.65 -3.88
C PRO C 8 -50.59 -33.09 -5.34
N PRO C 9 -50.44 -34.38 -5.66
CA PRO C 9 -50.28 -34.76 -7.07
C PRO C 9 -51.46 -34.39 -7.94
N SER C 10 -52.65 -34.23 -7.37
CA SER C 10 -53.83 -33.88 -8.14
C SER C 10 -54.94 -33.41 -7.22
N LEU C 11 -55.57 -32.30 -7.59
CA LEU C 11 -56.67 -31.73 -6.83
C LEU C 11 -57.59 -31.00 -7.79
N SER C 12 -58.83 -30.81 -7.36
CA SER C 12 -59.85 -30.14 -8.16
C SER C 12 -60.29 -28.85 -7.47
N ALA C 13 -60.67 -27.86 -8.27
CA ALA C 13 -61.12 -26.58 -7.76
C ALA C 13 -62.14 -25.99 -8.72
N SER C 14 -62.94 -25.06 -8.20
CA SER C 14 -63.97 -24.39 -8.96
C SER C 14 -63.49 -23.02 -9.45
N ILE C 15 -64.17 -22.50 -10.47
CA ILE C 15 -63.80 -21.20 -11.02
C ILE C 15 -64.16 -20.12 -10.01
N GLY C 16 -63.16 -19.39 -9.54
CA GLY C 16 -63.36 -18.32 -8.59
C GLY C 16 -63.05 -18.67 -7.15
N ASP C 17 -62.07 -19.54 -6.91
CA ASP C 17 -61.68 -19.95 -5.57
C ASP C 17 -60.16 -19.91 -5.45
N THR C 18 -59.68 -20.10 -4.23
CA THR C 18 -58.25 -20.08 -3.92
C THR C 18 -57.68 -21.49 -3.92
N VAL C 19 -56.43 -21.62 -4.37
CA VAL C 19 -55.70 -22.89 -4.43
C VAL C 19 -54.28 -22.65 -3.95
N THR C 20 -53.64 -23.70 -3.45
CA THR C 20 -52.27 -23.62 -2.96
C THR C 20 -51.55 -24.91 -3.30
N ILE C 21 -50.47 -24.81 -4.06
CA ILE C 21 -49.67 -25.96 -4.46
C ILE C 21 -48.34 -25.86 -3.73
N THR C 22 -47.98 -26.91 -3.00
CA THR C 22 -46.75 -26.97 -2.22
C THR C 22 -45.68 -27.77 -2.94
N CYS C 23 -44.45 -27.27 -2.88
CA CYS C 23 -43.28 -27.90 -3.47
C CYS C 23 -42.19 -27.92 -2.42
N ARG C 24 -41.57 -29.08 -2.23
CA ARG C 24 -40.53 -29.25 -1.22
C ARG C 24 -39.30 -29.89 -1.86
N ALA C 25 -38.11 -29.42 -1.46
CA ALA C 25 -36.86 -29.93 -1.97
C ALA C 25 -36.17 -30.77 -0.89
N SER C 26 -35.27 -31.64 -1.34
CA SER C 26 -34.53 -32.50 -0.42
C SER C 26 -33.54 -31.76 0.45
N GLN C 27 -33.17 -30.52 0.09
CA GLN C 27 -32.23 -29.75 0.87
C GLN C 27 -32.52 -28.27 0.68
N GLY C 28 -32.02 -27.46 1.61
CA GLY C 28 -32.23 -26.02 1.54
C GLY C 28 -31.63 -25.46 0.28
N ILE C 29 -32.44 -24.74 -0.51
CA ILE C 29 -32.03 -24.14 -1.77
C ILE C 29 -32.19 -22.63 -1.75
N SER C 30 -32.26 -22.01 -0.56
CA SER C 30 -32.42 -20.57 -0.42
C SER C 30 -33.67 -20.09 -1.14
N ASN C 31 -33.54 -19.63 -2.38
CA ASN C 31 -34.69 -19.15 -3.14
C ASN C 31 -34.60 -19.56 -4.61
N SER C 32 -33.60 -20.37 -4.97
CA SER C 32 -33.42 -20.79 -6.36
C SER C 32 -34.45 -21.87 -6.73
N ILE C 33 -35.57 -21.39 -7.28
CA ILE C 33 -36.66 -22.27 -7.70
C ILE C 33 -37.54 -21.50 -8.67
N ALA C 34 -38.08 -22.22 -9.65
CA ALA C 34 -38.95 -21.66 -10.67
C ALA C 34 -40.23 -22.48 -10.77
N TRP C 35 -41.29 -21.83 -11.25
CA TRP C 35 -42.60 -22.45 -11.41
C TRP C 35 -43.00 -22.38 -12.87
N TYR C 36 -43.59 -23.46 -13.37
CA TYR C 36 -44.02 -23.56 -14.76
C TYR C 36 -45.48 -23.99 -14.84
N GLN C 37 -46.07 -23.79 -16.02
CA GLN C 37 -47.44 -24.15 -16.31
C GLN C 37 -47.49 -24.76 -17.70
N ARG C 38 -48.17 -25.89 -17.84
CA ARG C 38 -48.28 -26.60 -19.12
C ARG C 38 -49.75 -26.95 -19.34
N ARG C 39 -50.40 -26.25 -20.26
CA ARG C 39 -51.78 -26.52 -20.57
C ARG C 39 -51.85 -27.78 -21.45
N PRO C 40 -52.98 -28.49 -21.47
CA PRO C 40 -53.06 -29.69 -22.31
C PRO C 40 -52.83 -29.36 -23.78
N GLY C 41 -51.94 -30.14 -24.41
CA GLY C 41 -51.64 -29.97 -25.81
C GLY C 41 -50.69 -28.83 -26.15
N LYS C 42 -50.04 -28.22 -25.16
CA LYS C 42 -49.11 -27.12 -25.39
C LYS C 42 -47.83 -27.32 -24.59
N ALA C 43 -46.81 -26.55 -24.97
CA ALA C 43 -45.53 -26.60 -24.29
C ALA C 43 -45.62 -25.82 -22.98
N PRO C 44 -44.73 -26.08 -22.03
CA PRO C 44 -44.79 -25.34 -20.76
C PRO C 44 -44.38 -23.88 -20.92
N GLU C 45 -44.83 -23.06 -19.97
CA GLU C 45 -44.53 -21.64 -19.95
C GLU C 45 -44.17 -21.25 -18.52
N LEU C 46 -43.14 -20.43 -18.38
CA LEU C 46 -42.67 -20.01 -17.07
C LEU C 46 -43.64 -19.02 -16.42
N LEU C 47 -43.78 -19.14 -15.11
CA LEU C 47 -44.65 -18.27 -14.32
C LEU C 47 -43.89 -17.42 -13.31
N VAL C 48 -43.09 -18.05 -12.44
CA VAL C 48 -42.34 -17.35 -11.41
C VAL C 48 -40.88 -17.80 -11.47
N TYR C 49 -40.00 -16.91 -11.00
CA TYR C 49 -38.57 -17.17 -10.96
C TYR C 49 -38.04 -16.72 -9.61
N ALA C 50 -37.19 -17.55 -9.02
CA ALA C 50 -36.58 -17.30 -7.72
C ALA C 50 -37.63 -17.27 -6.60
N ALA C 51 -38.77 -17.91 -6.86
CA ALA C 51 -39.88 -18.04 -5.93
C ALA C 51 -40.69 -16.75 -5.69
N TYR C 52 -40.24 -15.59 -6.16
CA TYR C 52 -40.95 -14.34 -5.96
C TYR C 52 -41.08 -13.46 -7.19
N ARG C 53 -40.20 -13.58 -8.18
CA ARG C 53 -40.26 -12.73 -9.35
C ARG C 53 -41.29 -13.24 -10.34
N LEU C 54 -42.36 -12.46 -10.54
CA LEU C 54 -43.41 -12.84 -11.47
C LEU C 54 -42.97 -12.49 -12.89
N GLN C 55 -43.19 -13.42 -13.82
CA GLN C 55 -42.82 -13.18 -15.21
C GLN C 55 -43.70 -12.11 -15.82
N SER C 56 -43.16 -11.45 -16.83
CA SER C 56 -43.91 -10.39 -17.52
C SER C 56 -45.13 -10.97 -18.20
N GLY C 57 -46.28 -10.32 -17.98
CA GLY C 57 -47.52 -10.77 -18.58
C GLY C 57 -48.28 -11.81 -17.79
N VAL C 58 -47.71 -12.32 -16.71
CA VAL C 58 -48.39 -13.33 -15.89
C VAL C 58 -49.42 -12.60 -15.04
N PRO C 59 -50.59 -13.19 -14.74
CA PRO C 59 -51.57 -12.49 -13.91
C PRO C 59 -51.01 -12.17 -12.53
N SER C 60 -51.36 -10.98 -12.02
CA SER C 60 -50.90 -10.58 -10.70
C SER C 60 -51.55 -11.39 -9.59
N ARG C 61 -52.75 -11.92 -9.83
CA ARG C 61 -53.47 -12.73 -8.86
C ARG C 61 -52.74 -14.03 -8.52
N LEU C 62 -51.78 -14.45 -9.34
CA LEU C 62 -50.99 -15.66 -9.12
C LEU C 62 -49.66 -15.23 -8.55
N SER C 63 -49.26 -15.86 -7.44
CA SER C 63 -47.99 -15.52 -6.80
C SER C 63 -47.46 -16.72 -6.02
N GLY C 64 -46.15 -16.69 -5.76
CA GLY C 64 -45.48 -17.74 -5.02
C GLY C 64 -44.83 -17.19 -3.76
N SER C 65 -44.46 -18.11 -2.87
CA SER C 65 -43.85 -17.72 -1.61
C SER C 65 -43.10 -18.93 -1.03
N GLY C 66 -42.41 -18.68 0.07
CA GLY C 66 -41.65 -19.70 0.76
C GLY C 66 -40.19 -19.31 0.91
N SER C 67 -39.46 -20.17 1.63
CA SER C 67 -38.05 -19.96 1.87
C SER C 67 -37.43 -21.31 2.23
N GLY C 68 -36.10 -21.37 2.17
CA GLY C 68 -35.39 -22.59 2.48
C GLY C 68 -35.77 -23.73 1.55
N ALA C 69 -36.24 -24.84 2.12
CA ALA C 69 -36.65 -25.99 1.33
C ALA C 69 -38.15 -26.09 1.14
N GLU C 70 -38.92 -25.13 1.65
CA GLU C 70 -40.37 -25.12 1.54
C GLU C 70 -40.80 -23.99 0.62
N TYR C 71 -41.64 -24.30 -0.37
CA TYR C 71 -42.13 -23.32 -1.31
C TYR C 71 -43.58 -23.63 -1.65
N THR C 72 -44.32 -22.58 -1.99
CA THR C 72 -45.74 -22.73 -2.34
C THR C 72 -46.12 -21.73 -3.42
N LEU C 73 -47.05 -22.14 -4.27
CA LEU C 73 -47.60 -21.33 -5.34
C LEU C 73 -49.09 -21.20 -5.08
N THR C 74 -49.58 -19.96 -5.05
CA THR C 74 -50.98 -19.70 -4.75
C THR C 74 -51.64 -18.84 -5.82
N ILE C 75 -52.94 -19.04 -5.98
CA ILE C 75 -53.77 -18.30 -6.92
C ILE C 75 -55.00 -17.87 -6.13
N LYS C 76 -55.20 -16.55 -6.00
CA LYS C 76 -56.33 -16.05 -5.25
C LYS C 76 -57.65 -16.08 -6.01
N ASN C 77 -57.61 -16.17 -7.34
CA ASN C 77 -58.84 -16.19 -8.13
C ASN C 77 -58.61 -17.06 -9.37
N MET C 78 -59.05 -18.31 -9.30
CA MET C 78 -58.88 -19.22 -10.42
C MET C 78 -59.76 -18.78 -11.59
N GLN C 79 -59.24 -18.97 -12.78
CA GLN C 79 -59.90 -18.68 -14.04
C GLN C 79 -59.94 -19.94 -14.88
N PRO C 80 -60.84 -20.02 -15.88
CA PRO C 80 -60.91 -21.25 -16.69
C PRO C 80 -59.61 -21.60 -17.39
N GLU C 81 -58.74 -20.62 -17.67
CA GLU C 81 -57.47 -20.89 -18.34
C GLU C 81 -56.36 -21.29 -17.37
N ASP C 82 -56.60 -21.28 -16.06
CA ASP C 82 -55.59 -21.65 -15.09
C ASP C 82 -55.51 -23.15 -14.82
N PHE C 83 -56.56 -23.90 -15.15
CA PHE C 83 -56.56 -25.34 -14.92
C PHE C 83 -55.54 -25.99 -15.85
N ALA C 84 -54.42 -26.42 -15.29
CA ALA C 84 -53.36 -27.05 -16.06
C ALA C 84 -52.37 -27.67 -15.09
N THR C 85 -51.33 -28.29 -15.65
CA THR C 85 -50.30 -28.91 -14.84
C THR C 85 -49.27 -27.87 -14.44
N TYR C 86 -48.88 -27.87 -13.17
CA TYR C 86 -47.90 -26.93 -12.65
C TYR C 86 -46.69 -27.69 -12.12
N TYR C 87 -45.50 -27.33 -12.59
CA TYR C 87 -44.24 -27.95 -12.19
C TYR C 87 -43.33 -26.95 -11.50
N CYS C 88 -42.62 -27.43 -10.47
CA CYS C 88 -41.65 -26.65 -9.74
C CYS C 88 -40.26 -27.21 -10.00
N GLN C 89 -39.36 -26.34 -10.44
CA GLN C 89 -38.00 -26.73 -10.80
C GLN C 89 -37.00 -25.88 -10.04
N GLN C 90 -35.93 -26.52 -9.57
CA GLN C 90 -34.87 -25.82 -8.85
C GLN C 90 -33.65 -25.64 -9.73
N TYR C 91 -32.85 -24.63 -9.39
CA TYR C 91 -31.61 -24.34 -10.10
C TYR C 91 -30.50 -23.97 -9.12
N TYR C 92 -30.60 -24.42 -7.87
CA TYR C 92 -29.57 -24.12 -6.88
C TYR C 92 -28.28 -24.84 -7.20
N ASP C 93 -28.37 -26.11 -7.60
CA ASP C 93 -27.20 -26.90 -7.94
C ASP C 93 -27.59 -27.87 -9.05
N ASN C 94 -26.62 -28.21 -9.88
CA ASN C 94 -26.87 -29.13 -10.97
C ASN C 94 -26.93 -30.57 -10.46
N PRO C 95 -27.66 -31.46 -11.15
CA PRO C 95 -28.46 -31.23 -12.37
C PRO C 95 -29.82 -30.63 -12.06
N LEU C 96 -30.40 -29.87 -12.98
CA LEU C 96 -31.71 -29.27 -12.74
C LEU C 96 -32.75 -30.38 -12.65
N THR C 97 -33.59 -30.31 -11.62
CA THR C 97 -34.63 -31.31 -11.38
C THR C 97 -35.99 -30.64 -11.27
N PHE C 98 -37.00 -31.27 -11.86
CA PHE C 98 -38.36 -30.78 -11.84
C PHE C 98 -39.16 -31.47 -10.75
N GLY C 99 -40.33 -30.91 -10.43
CA GLY C 99 -41.19 -31.49 -9.44
C GLY C 99 -42.08 -32.56 -10.05
N GLY C 100 -42.75 -33.30 -9.18
CA GLY C 100 -43.64 -34.35 -9.64
C GLY C 100 -44.83 -33.86 -10.44
N GLY C 101 -45.18 -32.58 -10.32
CA GLY C 101 -46.30 -32.02 -11.04
C GLY C 101 -47.62 -32.24 -10.30
N THR C 102 -48.48 -31.22 -10.37
CA THR C 102 -49.81 -31.23 -9.73
C THR C 102 -50.82 -30.78 -10.74
N LYS C 103 -51.80 -31.63 -11.08
CA LYS C 103 -52.79 -31.29 -12.14
C LYS C 103 -54.04 -30.68 -11.50
N VAL C 104 -54.25 -29.39 -11.69
CA VAL C 104 -55.47 -28.71 -11.18
C VAL C 104 -56.54 -28.99 -12.24
N GLU C 105 -57.73 -29.41 -11.83
CA GLU C 105 -58.81 -29.80 -12.79
C GLU C 105 -60.12 -29.15 -12.33
N ILE C 106 -61.18 -29.21 -13.14
CA ILE C 106 -62.51 -28.67 -12.74
C ILE C 106 -63.10 -29.64 -11.70
N LYS C 107 -63.82 -29.13 -10.70
CA LYS C 107 -64.44 -29.98 -9.65
C LYS C 107 -65.96 -29.95 -9.82
N ALA D 111 -28.34 23.69 -43.18
CA ALA D 111 -28.93 25.01 -42.79
C ALA D 111 -30.39 25.08 -43.18
N ASN D 112 -31.16 25.87 -42.44
CA ASN D 112 -32.59 26.05 -42.67
C ASN D 112 -33.00 27.48 -42.38
N PHE D 113 -33.72 28.08 -43.32
CA PHE D 113 -34.20 29.44 -43.14
C PHE D 113 -35.35 29.43 -42.14
N TYR D 114 -35.75 30.62 -41.69
CA TYR D 114 -36.84 30.73 -40.72
C TYR D 114 -37.68 31.97 -40.96
N VAL D 115 -38.99 31.79 -40.88
CA VAL D 115 -39.96 32.87 -41.02
C VAL D 115 -40.50 33.13 -39.62
N CYS D 116 -40.24 34.32 -39.10
CA CYS D 116 -40.65 34.69 -37.73
C CYS D 116 -41.78 35.72 -37.72
N PRO D 117 -43.01 35.33 -37.41
CA PRO D 117 -44.10 36.31 -37.33
C PRO D 117 -43.90 37.22 -36.13
N PRO D 118 -44.40 38.45 -36.15
CA PRO D 118 -44.23 39.34 -34.99
C PRO D 118 -44.84 38.73 -33.74
N PRO D 119 -44.14 38.71 -32.60
CA PRO D 119 -44.74 38.13 -31.40
C PRO D 119 -45.77 39.07 -30.77
N THR D 120 -46.46 38.53 -29.76
CA THR D 120 -47.47 39.27 -29.03
C THR D 120 -47.44 38.82 -27.57
N GLY D 121 -48.30 39.43 -26.76
CA GLY D 121 -48.36 39.13 -25.34
C GLY D 121 -48.95 37.78 -24.96
N ALA D 122 -49.26 36.93 -25.94
CA ALA D 122 -49.83 35.63 -25.62
C ALA D 122 -48.86 34.77 -24.82
N THR D 123 -47.60 34.71 -25.23
CA THR D 123 -46.56 33.94 -24.56
C THR D 123 -45.49 34.89 -24.05
N VAL D 124 -45.12 34.75 -22.78
CA VAL D 124 -44.11 35.58 -22.13
C VAL D 124 -43.11 34.70 -21.42
N VAL D 125 -41.84 35.08 -21.48
CA VAL D 125 -40.75 34.35 -20.85
C VAL D 125 -39.83 35.33 -20.12
N GLN D 126 -39.23 34.88 -19.03
CA GLN D 126 -38.34 35.69 -18.22
C GLN D 126 -37.07 34.91 -17.88
N PHE D 127 -36.04 35.63 -17.46
CA PHE D 127 -34.78 35.01 -17.10
C PHE D 127 -34.78 34.64 -15.62
N GLU D 128 -33.82 33.81 -15.24
CA GLU D 128 -33.71 33.37 -13.85
C GLU D 128 -32.89 34.37 -13.04
N GLN D 129 -33.28 34.56 -11.78
CA GLN D 129 -32.57 35.48 -10.92
C GLN D 129 -31.25 34.86 -10.47
N PRO D 130 -30.32 35.68 -9.96
CA PRO D 130 -29.03 35.13 -9.52
C PRO D 130 -29.22 34.10 -8.41
N ARG D 131 -28.54 32.96 -8.57
CA ARG D 131 -28.64 31.90 -7.58
C ARG D 131 -27.61 32.11 -6.47
N ARG D 132 -28.01 31.80 -5.24
CA ARG D 132 -27.07 31.93 -4.13
C ARG D 132 -26.00 30.86 -4.29
N CYS D 133 -24.75 31.26 -4.26
CA CYS D 133 -23.66 30.31 -4.46
C CYS D 133 -23.43 29.46 -3.22
N PRO D 134 -22.84 28.26 -3.38
CA PRO D 134 -22.60 27.42 -2.21
C PRO D 134 -21.56 28.01 -1.27
N THR D 135 -21.68 27.68 0.00
CA THR D 135 -20.74 28.17 1.00
C THR D 135 -19.38 27.52 0.80
N ARG D 136 -18.32 28.22 1.18
CA ARG D 136 -16.98 27.69 1.04
C ARG D 136 -16.86 26.39 1.84
N PRO D 137 -16.16 25.37 1.32
CA PRO D 137 -16.04 24.12 2.08
C PRO D 137 -15.33 24.37 3.41
N GLU D 138 -15.79 23.68 4.45
CA GLU D 138 -15.20 23.83 5.77
C GLU D 138 -13.86 23.12 5.83
N GLY D 139 -12.85 23.81 6.36
CA GLY D 139 -11.54 23.22 6.49
C GLY D 139 -11.47 22.20 7.60
N GLN D 140 -10.40 21.42 7.58
CA GLN D 140 -10.21 20.39 8.60
C GLN D 140 -9.99 21.03 9.97
N ASN D 141 -10.58 20.41 10.99
CA ASN D 141 -10.48 20.88 12.37
C ASN D 141 -9.32 20.19 13.10
N TYR D 142 -8.11 20.40 12.60
CA TYR D 142 -6.93 19.76 13.20
C TYR D 142 -6.55 20.43 14.52
N THR D 143 -5.83 19.67 15.34
CA THR D 143 -5.33 20.12 16.64
C THR D 143 -3.91 19.59 16.78
N GLU D 144 -2.93 20.47 16.63
CA GLU D 144 -1.53 20.08 16.71
C GLU D 144 -1.20 19.46 18.07
N GLY D 145 -0.37 18.43 18.03
CA GLY D 145 0.04 17.74 19.23
C GLY D 145 1.07 16.68 18.94
N ILE D 146 1.91 16.41 19.93
CA ILE D 146 2.97 15.41 19.85
C ILE D 146 2.32 14.06 20.06
N ALA D 147 2.86 13.01 19.43
CA ALA D 147 2.30 11.67 19.57
C ALA D 147 3.39 10.61 19.47
N VAL D 148 3.13 9.49 20.15
CA VAL D 148 4.00 8.32 20.18
C VAL D 148 3.12 7.11 19.94
N VAL D 149 3.42 6.36 18.89
CA VAL D 149 2.64 5.18 18.52
C VAL D 149 3.31 3.94 19.10
N PHE D 150 2.51 3.07 19.73
CA PHE D 150 2.97 1.84 20.33
C PHE D 150 2.37 0.66 19.60
N LYS D 151 3.14 -0.42 19.54
CA LYS D 151 2.74 -1.65 18.87
C LYS D 151 2.90 -2.82 19.84
N GLU D 152 2.24 -3.93 19.51
CA GLU D 152 2.33 -5.12 20.36
C GLU D 152 3.78 -5.60 20.41
N ASN D 153 4.28 -5.85 21.61
CA ASN D 153 5.65 -6.28 21.81
C ASN D 153 5.77 -7.77 21.50
N ILE D 154 6.47 -8.11 20.42
CA ILE D 154 6.68 -9.50 20.03
C ILE D 154 8.08 -9.98 20.40
N ALA D 155 8.99 -9.08 20.70
CA ALA D 155 10.34 -9.47 21.06
C ALA D 155 10.35 -10.17 22.42
N PRO D 156 10.91 -11.38 22.54
CA PRO D 156 10.92 -12.04 23.85
C PRO D 156 11.80 -11.29 24.85
N TYR D 157 11.47 -11.43 26.13
CA TYR D 157 12.24 -10.78 27.17
C TYR D 157 13.62 -11.44 27.23
N LYS D 158 14.66 -10.68 26.92
CA LYS D 158 16.03 -11.17 26.89
C LYS D 158 16.80 -10.68 28.11
N PHE D 159 17.47 -11.62 28.79
CA PHE D 159 18.29 -11.32 29.95
C PHE D 159 19.47 -12.28 29.98
N LYS D 160 20.54 -11.85 30.64
CA LYS D 160 21.76 -12.65 30.74
C LYS D 160 21.65 -13.66 31.88
N ALA D 161 22.16 -14.86 31.64
CA ALA D 161 22.17 -15.94 32.61
C ALA D 161 23.46 -16.73 32.47
N THR D 162 23.83 -17.44 33.52
CA THR D 162 25.04 -18.25 33.56
C THR D 162 24.67 -19.68 33.89
N MET D 163 25.17 -20.63 33.10
CA MET D 163 24.91 -22.04 33.29
C MET D 163 26.11 -22.70 33.97
N TYR D 164 25.84 -23.72 34.78
CA TYR D 164 26.87 -24.47 35.49
C TYR D 164 26.51 -25.94 35.42
N TYR D 165 27.41 -26.74 34.85
CA TYR D 165 27.17 -28.18 34.73
C TYR D 165 28.49 -28.88 34.48
N LYS D 166 28.49 -30.18 34.74
CA LYS D 166 29.66 -31.04 34.55
C LYS D 166 29.32 -32.13 33.54
N ASP D 167 30.17 -32.27 32.53
CA ASP D 167 29.96 -33.28 31.50
C ASP D 167 30.47 -34.64 31.95
N VAL D 168 29.67 -35.36 32.74
CA VAL D 168 30.06 -36.67 33.20
C VAL D 168 30.07 -37.61 32.00
N THR D 169 31.20 -38.26 31.76
CA THR D 169 31.34 -39.16 30.61
C THR D 169 32.12 -40.41 31.05
N VAL D 170 31.43 -41.54 31.08
CA VAL D 170 32.03 -42.82 31.43
C VAL D 170 31.93 -43.69 30.19
N SER D 171 33.07 -44.20 29.72
CA SER D 171 33.15 -45.00 28.51
C SER D 171 33.68 -46.39 28.82
N GLN D 172 33.16 -47.38 28.11
CA GLN D 172 33.58 -48.77 28.23
C GLN D 172 34.43 -49.08 27.02
N VAL D 173 35.65 -49.56 27.26
CA VAL D 173 36.61 -49.86 26.20
C VAL D 173 36.98 -51.34 26.25
N TRP D 174 36.98 -51.98 25.09
CA TRP D 174 37.35 -53.37 24.93
C TRP D 174 38.72 -53.40 24.26
N PHE D 175 39.68 -54.02 24.93
CA PHE D 175 41.06 -54.12 24.47
C PHE D 175 41.28 -55.49 23.83
N GLY D 176 41.44 -55.50 22.51
CA GLY D 176 41.67 -56.74 21.80
C GLY D 176 43.15 -57.08 21.73
N HIS D 177 43.46 -58.10 20.93
CA HIS D 177 44.85 -58.52 20.78
C HIS D 177 45.67 -57.46 20.07
N ARG D 178 45.07 -56.73 19.13
CA ARG D 178 45.79 -55.70 18.37
C ARG D 178 44.95 -54.46 18.12
N TYR D 179 43.85 -54.24 18.85
CA TYR D 179 43.02 -53.07 18.62
C TYR D 179 42.23 -52.74 19.87
N SER D 180 41.66 -51.53 19.87
CA SER D 180 40.84 -51.02 20.95
C SER D 180 39.50 -50.60 20.36
N GLN D 181 38.43 -50.77 21.13
CA GLN D 181 37.09 -50.43 20.66
C GLN D 181 36.24 -49.93 21.81
N PHE D 182 35.33 -49.01 21.50
CA PHE D 182 34.42 -48.45 22.49
C PHE D 182 33.15 -49.31 22.55
N MET D 183 33.00 -50.08 23.62
CA MET D 183 31.81 -50.91 23.77
C MET D 183 30.61 -50.12 24.27
N GLY D 184 30.78 -48.85 24.63
CA GLY D 184 29.69 -48.04 25.10
C GLY D 184 30.17 -46.77 25.79
N ILE D 185 29.48 -45.66 25.52
CA ILE D 185 29.80 -44.36 26.09
C ILE D 185 28.52 -43.76 26.64
N PHE D 186 28.56 -43.29 27.89
CA PHE D 186 27.42 -42.70 28.56
C PHE D 186 27.78 -41.26 28.94
N GLU D 187 27.14 -40.30 28.27
CA GLU D 187 27.36 -38.88 28.50
C GLU D 187 26.17 -38.32 29.26
N ASP D 188 26.45 -37.52 30.30
CA ASP D 188 25.41 -36.93 31.11
C ASP D 188 25.87 -35.59 31.64
N ARG D 189 24.95 -34.62 31.71
CA ARG D 189 25.24 -33.29 32.21
C ARG D 189 24.82 -33.22 33.67
N ALA D 190 25.78 -33.29 34.58
CA ALA D 190 25.50 -33.26 36.00
C ALA D 190 25.43 -31.82 36.50
N PRO D 191 24.38 -31.44 37.24
CA PRO D 191 24.31 -30.06 37.74
C PRO D 191 25.29 -29.83 38.88
N VAL D 192 25.60 -28.56 39.11
CA VAL D 192 26.52 -28.13 40.15
C VAL D 192 25.69 -27.65 41.34
N PRO D 193 25.95 -28.11 42.57
CA PRO D 193 25.14 -27.65 43.70
C PRO D 193 25.42 -26.19 44.06
N PHE D 194 24.48 -25.61 44.82
CA PHE D 194 24.61 -24.22 45.23
C PHE D 194 25.89 -24.01 46.05
N GLU D 195 26.23 -24.96 46.92
CA GLU D 195 27.42 -24.84 47.73
C GLU D 195 28.67 -24.72 46.87
N GLU D 196 28.75 -25.50 45.79
CA GLU D 196 29.91 -25.43 44.92
C GLU D 196 29.89 -24.18 44.05
N VAL D 197 28.70 -23.77 43.60
CA VAL D 197 28.62 -22.57 42.76
C VAL D 197 28.99 -21.32 43.54
N ILE D 198 28.74 -21.32 44.85
CA ILE D 198 29.03 -20.15 45.68
C ILE D 198 30.41 -20.24 46.31
N ASP D 199 30.65 -21.27 47.12
CA ASP D 199 31.89 -21.43 47.86
C ASP D 199 33.09 -21.92 47.04
N LYS D 200 32.89 -22.44 45.83
CA LYS D 200 34.02 -22.94 45.04
C LYS D 200 34.20 -22.21 43.71
N ILE D 201 33.15 -22.09 42.90
CA ILE D 201 33.28 -21.43 41.60
C ILE D 201 33.33 -19.91 41.77
N ASN D 202 32.32 -19.35 42.42
CA ASN D 202 32.28 -17.89 42.58
C ASN D 202 33.30 -17.41 43.61
N ALA D 203 33.48 -18.16 44.70
CA ALA D 203 34.40 -17.72 45.74
C ALA D 203 35.87 -17.91 45.35
N LYS D 204 36.21 -19.03 44.72
CA LYS D 204 37.60 -19.31 44.35
C LYS D 204 37.84 -19.67 42.90
N GLY D 205 36.81 -19.74 42.05
CA GLY D 205 37.03 -20.07 40.66
C GLY D 205 37.53 -21.48 40.42
N VAL D 206 37.03 -22.46 41.16
CA VAL D 206 37.44 -23.85 41.02
C VAL D 206 36.21 -24.74 41.15
N CYS D 207 36.30 -25.92 40.54
CA CYS D 207 35.24 -26.91 40.55
C CYS D 207 35.73 -28.20 41.18
N ARG D 208 34.84 -28.87 41.91
CA ARG D 208 35.20 -30.14 42.51
C ARG D 208 35.43 -31.15 41.39
N SER D 209 36.39 -32.06 41.61
CA SER D 209 36.68 -33.08 40.60
C SER D 209 35.71 -34.25 40.64
N THR D 210 34.58 -34.12 41.34
CA THR D 210 33.57 -35.16 41.44
C THR D 210 32.20 -34.55 41.17
N ALA D 211 31.31 -35.37 40.63
CA ALA D 211 29.95 -34.95 40.30
C ALA D 211 28.95 -35.77 41.10
N LYS D 212 28.34 -35.15 42.10
CA LYS D 212 27.35 -35.79 42.96
C LYS D 212 26.00 -35.18 42.59
N TYR D 213 25.06 -36.03 42.16
CA TYR D 213 23.75 -35.55 41.76
C TYR D 213 22.78 -36.71 41.73
N VAL D 214 21.51 -36.38 41.51
CA VAL D 214 20.44 -37.38 41.45
C VAL D 214 20.06 -37.63 40.00
N ARG D 215 20.02 -38.91 39.62
CA ARG D 215 19.67 -39.29 38.26
C ARG D 215 18.87 -40.58 38.34
N ASN D 216 17.64 -40.53 37.81
CA ASN D 216 16.75 -41.68 37.81
C ASN D 216 16.52 -42.20 39.23
N ASN D 217 16.36 -41.26 40.17
CA ASN D 217 16.12 -41.52 41.58
C ASN D 217 17.28 -42.22 42.28
N LEU D 218 18.52 -41.96 41.89
CA LEU D 218 19.68 -42.57 42.51
C LEU D 218 20.76 -41.51 42.72
N GLU D 219 21.40 -41.56 43.89
CA GLU D 219 22.45 -40.62 44.24
C GLU D 219 23.75 -41.12 43.63
N THR D 220 24.00 -40.73 42.38
CA THR D 220 25.19 -41.14 41.65
C THR D 220 26.34 -40.19 41.96
N THR D 221 27.55 -40.73 42.07
CA THR D 221 28.75 -39.98 42.36
C THR D 221 29.83 -40.39 41.36
N ALA D 222 30.23 -39.45 40.50
CA ALA D 222 31.25 -39.70 39.49
C ALA D 222 32.54 -39.00 39.89
N PHE D 223 33.66 -39.69 39.71
CA PHE D 223 34.98 -39.17 40.05
C PHE D 223 35.80 -39.02 38.77
N HIS D 224 36.45 -37.87 38.61
CA HIS D 224 37.27 -37.64 37.43
C HIS D 224 38.50 -38.54 37.49
N ARG D 225 38.68 -39.36 36.46
CA ARG D 225 39.81 -40.29 36.37
C ARG D 225 39.84 -41.25 37.55
N ASP D 226 38.70 -41.44 38.23
CA ASP D 226 38.59 -42.32 39.39
C ASP D 226 39.54 -41.90 40.51
N ASP D 227 39.96 -40.63 40.52
CA ASP D 227 40.86 -40.12 41.53
C ASP D 227 40.08 -39.47 42.66
N HIS D 228 40.77 -39.16 43.74
CA HIS D 228 40.13 -38.52 44.89
C HIS D 228 39.70 -37.11 44.53
N GLU D 229 38.80 -36.56 45.33
CA GLU D 229 38.30 -35.21 45.09
C GLU D 229 39.44 -34.21 45.15
N THR D 230 39.46 -33.29 44.18
CA THR D 230 40.50 -32.28 44.09
C THR D 230 39.92 -31.03 43.46
N ASP D 231 40.42 -29.87 43.87
CA ASP D 231 39.96 -28.60 43.33
C ASP D 231 40.64 -28.35 41.99
N MET D 232 39.85 -28.23 40.92
CA MET D 232 40.35 -28.01 39.57
C MET D 232 40.15 -26.56 39.18
N GLU D 233 41.22 -25.92 38.71
CA GLU D 233 41.15 -24.52 38.30
C GLU D 233 40.41 -24.40 36.97
N LEU D 234 39.52 -23.42 36.89
CA LEU D 234 38.76 -23.18 35.68
C LEU D 234 39.57 -22.31 34.72
N LYS D 235 39.54 -22.68 33.44
CA LYS D 235 40.26 -21.96 32.40
C LYS D 235 39.32 -21.64 31.24
N PRO D 236 39.62 -20.62 30.44
CA PRO D 236 38.73 -20.30 29.31
C PRO D 236 38.68 -21.40 28.28
N ALA D 237 37.54 -21.50 27.60
CA ALA D 237 37.37 -22.52 26.57
C ALA D 237 38.03 -22.05 25.28
N ASN D 238 38.10 -22.97 24.32
CA ASN D 238 38.71 -22.65 23.03
C ASN D 238 37.91 -21.57 22.32
N ALA D 239 38.63 -20.72 21.59
CA ALA D 239 37.99 -19.62 20.88
C ALA D 239 37.03 -20.15 19.81
N ALA D 240 35.90 -19.46 19.68
CA ALA D 240 34.88 -19.81 18.70
C ALA D 240 34.18 -18.54 18.25
N THR D 241 33.99 -18.40 16.94
CA THR D 241 33.36 -17.20 16.41
C THR D 241 31.88 -17.14 16.80
N ARG D 242 31.45 -15.95 17.20
CA ARG D 242 30.05 -15.70 17.60
C ARG D 242 29.60 -16.65 18.70
N THR D 243 30.27 -16.57 19.85
CA THR D 243 29.96 -17.40 21.01
C THR D 243 30.26 -16.63 22.27
N SER D 244 29.44 -16.82 23.29
CA SER D 244 29.64 -16.14 24.56
C SER D 244 30.80 -16.78 25.32
N ARG D 245 31.23 -16.09 26.38
CA ARG D 245 32.33 -16.58 27.19
C ARG D 245 31.97 -17.90 27.87
N GLY D 246 32.97 -18.77 27.97
CA GLY D 246 32.78 -20.06 28.60
C GLY D 246 34.09 -20.56 29.17
N TRP D 247 34.01 -21.35 30.24
CA TRP D 247 35.19 -21.90 30.90
C TRP D 247 34.96 -23.36 31.22
N HIS D 248 36.06 -24.11 31.34
CA HIS D 248 36.01 -25.51 31.66
C HIS D 248 37.28 -25.89 32.41
N THR D 249 37.22 -27.02 33.11
CA THR D 249 38.35 -27.51 33.90
C THR D 249 39.15 -28.60 33.23
N THR D 250 38.52 -29.43 32.39
CA THR D 250 39.21 -30.53 31.71
C THR D 250 39.01 -30.42 30.21
N ASP D 251 39.99 -30.89 29.46
CA ASP D 251 39.98 -30.89 28.00
C ASP D 251 40.10 -32.28 27.41
N LEU D 252 41.04 -33.09 27.90
CA LEU D 252 41.25 -34.44 27.39
C LEU D 252 40.33 -35.42 28.09
N LYS D 253 39.66 -36.27 27.29
CA LYS D 253 38.78 -37.28 27.86
C LYS D 253 39.62 -38.44 28.35
N TYR D 254 39.25 -39.00 29.50
CA TYR D 254 39.97 -40.10 30.11
C TYR D 254 39.37 -41.45 29.75
N ASN D 255 40.24 -42.42 29.53
CA ASN D 255 39.88 -43.80 29.21
C ASN D 255 40.78 -44.70 30.03
N PRO D 256 40.35 -45.94 30.30
CA PRO D 256 41.20 -46.84 31.10
C PRO D 256 42.45 -47.27 30.38
N SER D 257 43.46 -47.71 31.16
CA SER D 257 44.73 -48.21 30.56
C SER D 257 44.44 -49.49 29.77
N ARG D 258 45.34 -49.89 28.88
CA ARG D 258 45.12 -51.08 28.00
C ARG D 258 45.46 -52.37 28.73
N VAL D 259 44.46 -53.24 28.98
CA VAL D 259 44.73 -54.59 29.57
C VAL D 259 44.06 -55.59 28.62
N GLU D 260 44.77 -56.64 28.19
CA GLU D 260 44.26 -57.57 27.15
C GLU D 260 42.92 -58.24 27.50
N ALA D 261 42.15 -58.64 26.49
CA ALA D 261 40.85 -59.34 26.65
C ALA D 261 40.16 -58.95 27.95
N PHE D 262 39.90 -57.66 28.15
CA PHE D 262 39.19 -57.20 29.37
C PHE D 262 38.42 -55.94 29.07
N HIS D 263 37.25 -55.79 29.67
CA HIS D 263 36.47 -54.54 29.55
C HIS D 263 36.86 -53.66 30.74
N ARG D 264 36.96 -52.36 30.56
CA ARG D 264 37.29 -51.40 31.60
C ARG D 264 36.44 -50.16 31.44
N TYR D 265 36.14 -49.52 32.57
CA TYR D 265 35.32 -48.31 32.60
C TYR D 265 36.15 -47.14 33.12
N GLY D 266 36.16 -46.06 32.33
CA GLY D 266 36.89 -44.85 32.68
C GLY D 266 35.95 -43.66 32.72
N THR D 267 35.83 -43.04 33.90
CA THR D 267 34.95 -41.91 34.10
C THR D 267 35.68 -40.59 33.90
N THR D 268 34.98 -39.61 33.32
CA THR D 268 35.51 -38.29 33.06
C THR D 268 34.48 -37.26 33.52
N VAL D 269 34.92 -36.31 34.35
CA VAL D 269 34.06 -35.26 34.89
C VAL D 269 34.73 -33.93 34.53
N ASN D 270 34.09 -33.17 33.65
CA ASN D 270 34.62 -31.88 33.20
C ASN D 270 33.65 -30.77 33.60
N CYS D 271 34.01 -30.02 34.64
CA CYS D 271 33.17 -28.92 35.07
C CYS D 271 33.11 -27.87 33.97
N ILE D 272 31.91 -27.39 33.66
CA ILE D 272 31.70 -26.40 32.62
C ILE D 272 30.77 -25.32 33.11
N VAL D 273 31.17 -24.06 32.84
CA VAL D 273 30.39 -22.88 33.20
C VAL D 273 30.35 -22.00 31.96
N GLU D 274 29.16 -21.53 31.61
CA GLU D 274 28.99 -20.71 30.41
C GLU D 274 28.00 -19.57 30.64
N GLU D 275 28.20 -18.50 29.89
CA GLU D 275 27.30 -17.36 29.94
C GLU D 275 26.38 -17.46 28.74
N VAL D 276 25.08 -17.67 28.99
CA VAL D 276 24.10 -17.86 27.93
C VAL D 276 23.05 -16.76 27.99
N ASP D 277 22.48 -16.46 26.82
CA ASP D 277 21.44 -15.45 26.71
C ASP D 277 20.08 -16.13 26.86
N ALA D 278 19.37 -15.79 27.93
CA ALA D 278 18.07 -16.35 28.22
C ALA D 278 16.98 -15.52 27.55
N ARG D 279 15.92 -16.20 27.12
CA ARG D 279 14.79 -15.57 26.46
C ARG D 279 13.49 -16.06 27.08
N SER D 280 12.49 -15.19 27.09
CA SER D 280 11.19 -15.52 27.66
C SER D 280 10.11 -14.72 26.94
N VAL D 281 8.90 -15.26 26.94
CA VAL D 281 7.74 -14.64 26.30
C VAL D 281 6.58 -14.62 27.27
N TYR D 282 5.57 -13.83 26.94
CA TYR D 282 4.38 -13.72 27.78
C TYR D 282 3.72 -15.09 27.92
N PRO D 283 3.20 -15.45 29.10
CA PRO D 283 3.13 -14.72 30.38
C PRO D 283 4.43 -14.69 31.18
N TYR D 284 5.57 -15.00 30.55
CA TYR D 284 6.87 -14.99 31.22
C TYR D 284 6.93 -15.98 32.39
N ASP D 285 6.23 -17.10 32.27
CA ASP D 285 6.23 -18.12 33.31
C ASP D 285 7.38 -19.12 33.16
N GLU D 286 8.14 -19.04 32.07
CA GLU D 286 9.27 -19.92 31.83
C GLU D 286 10.20 -19.23 30.85
N PHE D 287 11.44 -19.72 30.79
CA PHE D 287 12.43 -19.15 29.89
C PHE D 287 13.34 -20.25 29.36
N VAL D 288 13.94 -19.97 28.21
CA VAL D 288 14.86 -20.88 27.54
C VAL D 288 16.24 -20.28 27.61
N LEU D 289 17.24 -21.09 27.26
CA LEU D 289 18.64 -20.70 27.27
C LEU D 289 19.20 -20.81 25.87
N ALA D 290 20.40 -20.23 25.68
CA ALA D 290 21.04 -20.27 24.37
C ALA D 290 21.33 -21.68 23.91
N THR D 291 21.44 -22.64 24.83
CA THR D 291 21.71 -24.03 24.49
C THR D 291 20.45 -24.80 24.12
N GLY D 292 19.29 -24.15 24.10
CA GLY D 292 18.06 -24.81 23.75
C GLY D 292 17.38 -25.54 24.90
N ASP D 293 17.88 -25.38 26.12
CA ASP D 293 17.29 -26.04 27.28
C ASP D 293 16.21 -25.17 27.89
N PHE D 294 15.05 -25.76 28.19
CA PHE D 294 13.94 -25.04 28.78
C PHE D 294 14.07 -25.03 30.30
N VAL D 295 13.65 -23.93 30.90
CA VAL D 295 13.66 -23.75 32.35
C VAL D 295 12.25 -23.37 32.75
N TYR D 296 11.53 -24.30 33.37
CA TYR D 296 10.15 -24.08 33.77
C TYR D 296 10.04 -23.34 35.10
N MET D 297 10.43 -22.06 35.05
CA MET D 297 10.40 -21.17 36.20
C MET D 297 10.40 -19.74 35.67
N SER D 298 9.56 -18.90 36.27
CA SER D 298 9.50 -17.52 35.82
C SER D 298 10.83 -16.83 36.08
N PRO D 299 11.33 -16.02 35.14
CA PRO D 299 12.63 -15.35 35.39
C PRO D 299 12.60 -14.43 36.60
N PHE D 300 11.42 -13.94 36.99
CA PHE D 300 11.28 -13.03 38.12
C PHE D 300 10.88 -13.73 39.41
N TYR D 301 10.90 -15.05 39.44
CA TYR D 301 10.54 -15.78 40.66
C TYR D 301 11.55 -15.48 41.76
N GLY D 302 11.05 -15.36 42.98
CA GLY D 302 11.92 -15.06 44.11
C GLY D 302 11.11 -15.03 45.40
N TYR D 303 11.83 -14.76 46.48
CA TYR D 303 11.20 -14.69 47.81
C TYR D 303 10.85 -13.27 48.20
N ARG D 304 11.39 -12.26 47.51
CA ARG D 304 11.14 -10.87 47.87
C ARG D 304 10.00 -10.21 47.10
N GLU D 305 9.38 -9.23 47.77
CA GLU D 305 8.29 -8.38 47.28
C GLU D 305 7.30 -9.09 46.36
N GLY D 306 6.64 -10.12 46.89
CA GLY D 306 5.63 -10.85 46.16
C GLY D 306 6.11 -11.70 45.01
N SER D 307 7.42 -11.87 44.82
CA SER D 307 7.90 -12.68 43.71
C SER D 307 7.56 -14.16 43.90
N HIS D 308 7.22 -14.58 45.12
CA HIS D 308 6.88 -15.97 45.36
C HIS D 308 5.61 -16.41 44.64
N THR D 309 4.77 -15.48 44.20
CA THR D 309 3.55 -15.82 43.50
C THR D 309 3.77 -16.21 42.05
N GLU D 310 5.00 -16.08 41.53
CA GLU D 310 5.26 -16.43 40.15
C GLU D 310 5.20 -17.95 39.95
N HIS D 311 5.10 -18.35 38.69
CA HIS D 311 5.02 -19.76 38.35
C HIS D 311 6.34 -20.47 38.61
N THR D 312 6.24 -21.73 39.05
CA THR D 312 7.41 -22.56 39.32
C THR D 312 6.96 -24.02 39.27
N SER D 313 7.79 -24.85 38.64
CA SER D 313 7.52 -26.27 38.48
C SER D 313 8.46 -27.16 39.31
N TYR D 314 9.57 -26.62 39.80
CA TYR D 314 10.52 -27.38 40.58
C TYR D 314 10.21 -27.26 42.07
N ALA D 315 10.80 -28.16 42.85
CA ALA D 315 10.58 -28.16 44.28
C ALA D 315 11.21 -26.93 44.93
N ALA D 316 10.83 -26.68 46.18
CA ALA D 316 11.35 -25.52 46.90
C ALA D 316 12.85 -25.62 47.13
N ASP D 317 13.35 -26.82 47.46
CA ASP D 317 14.76 -27.01 47.70
C ASP D 317 15.63 -26.87 46.46
N ARG D 318 15.02 -26.87 45.26
CA ARG D 318 15.79 -26.73 44.03
C ARG D 318 16.07 -25.29 43.65
N PHE D 319 15.55 -24.31 44.39
CA PHE D 319 15.76 -22.90 44.10
C PHE D 319 16.39 -22.21 45.30
N LYS D 320 17.30 -21.28 45.02
CA LYS D 320 18.00 -20.53 46.05
C LYS D 320 18.25 -19.10 45.57
N GLN D 321 18.01 -18.14 46.45
CA GLN D 321 18.20 -16.73 46.18
C GLN D 321 19.24 -16.19 47.15
N VAL D 322 20.22 -15.45 46.64
CA VAL D 322 21.30 -14.88 47.45
C VAL D 322 21.29 -13.38 47.25
N ASP D 323 21.29 -12.63 48.35
CA ASP D 323 21.31 -11.18 48.31
C ASP D 323 22.74 -10.68 48.47
N GLY D 324 23.03 -9.51 47.90
CA GLY D 324 24.37 -8.96 47.99
C GLY D 324 25.41 -9.86 47.37
N PHE D 325 25.08 -10.50 46.26
CA PHE D 325 25.99 -11.41 45.58
C PHE D 325 26.95 -10.64 44.68
N TYR D 326 28.25 -10.80 44.91
CA TYR D 326 29.30 -10.16 44.12
C TYR D 326 29.80 -11.20 43.13
N ALA D 327 29.46 -11.02 41.86
CA ALA D 327 29.85 -11.95 40.80
C ALA D 327 31.36 -11.92 40.60
N ARG D 328 31.96 -13.11 40.59
CA ARG D 328 33.43 -13.21 40.36
C ARG D 328 33.69 -13.46 38.87
N ASP D 329 34.44 -12.56 38.24
CA ASP D 329 34.76 -12.65 36.82
C ASP D 329 35.92 -13.61 36.64
N LEU D 330 35.63 -14.82 36.15
CA LEU D 330 36.68 -15.88 36.06
C LEU D 330 37.79 -15.49 35.08
N THR D 331 37.50 -14.67 34.08
CA THR D 331 38.53 -14.38 33.06
C THR D 331 39.48 -13.32 33.61
N THR D 332 38.95 -12.20 34.08
CA THR D 332 39.81 -11.10 34.56
C THR D 332 40.00 -11.22 36.05
N LYS D 333 39.56 -12.32 36.64
CA LYS D 333 39.75 -12.56 38.10
C LYS D 333 39.38 -11.28 38.87
N ALA D 334 38.19 -10.73 38.61
CA ALA D 334 37.76 -9.47 39.27
C ALA D 334 36.47 -9.71 40.03
N ARG D 335 36.13 -8.80 40.94
CA ARG D 335 34.86 -8.91 41.71
C ARG D 335 33.99 -7.69 41.40
N ALA D 336 32.75 -7.92 40.96
CA ALA D 336 31.83 -6.80 40.64
C ALA D 336 31.65 -5.91 41.87
N THR D 337 31.55 -4.60 41.67
CA THR D 337 31.41 -3.66 42.81
C THR D 337 29.92 -3.42 43.09
N ALA D 338 29.04 -4.14 42.39
CA ALA D 338 27.59 -3.92 42.56
C ALA D 338 26.92 -5.18 43.11
N PRO D 339 26.35 -5.16 44.33
CA PRO D 339 25.62 -6.30 44.85
C PRO D 339 24.39 -6.56 44.02
N THR D 340 24.10 -7.83 43.72
CA THR D 340 22.91 -8.18 42.92
C THR D 340 22.14 -9.26 43.65
N THR D 341 20.84 -9.39 43.36
CA THR D 341 20.05 -10.49 43.97
C THR D 341 20.15 -11.68 43.05
N ARG D 342 21.21 -12.47 43.19
CA ARG D 342 21.43 -13.62 42.32
C ARG D 342 20.46 -14.74 42.65
N ASN D 343 19.81 -15.27 41.61
CA ASN D 343 18.89 -16.39 41.74
C ASN D 343 19.62 -17.64 41.27
N LEU D 344 19.30 -18.77 41.89
CA LEU D 344 19.94 -20.04 41.53
C LEU D 344 18.90 -21.14 41.52
N LEU D 345 18.93 -21.94 40.45
CA LEU D 345 18.01 -23.06 40.26
C LEU D 345 18.82 -24.27 39.81
N THR D 346 18.60 -25.40 40.47
CA THR D 346 19.31 -26.64 40.16
C THR D 346 18.37 -27.56 39.37
N THR D 347 18.45 -27.47 38.05
CA THR D 347 17.63 -28.30 37.19
C THR D 347 18.20 -29.71 37.18
N PRO D 348 17.43 -30.70 36.70
CA PRO D 348 17.94 -32.08 36.70
C PRO D 348 19.19 -32.28 35.87
N LYS D 349 19.49 -31.40 34.90
CA LYS D 349 20.67 -31.54 34.06
C LYS D 349 21.63 -30.36 34.10
N PHE D 350 21.33 -29.29 34.83
CA PHE D 350 22.23 -28.15 34.89
C PHE D 350 21.73 -27.17 35.94
N THR D 351 22.61 -26.23 36.30
CA THR D 351 22.32 -25.19 37.27
C THR D 351 22.47 -23.84 36.57
N VAL D 352 21.42 -23.03 36.63
CA VAL D 352 21.39 -21.71 35.99
C VAL D 352 21.35 -20.63 37.07
N ALA D 353 22.07 -19.55 36.82
CA ALA D 353 22.14 -18.41 37.73
C ALA D 353 21.92 -17.13 36.93
N TRP D 354 20.95 -16.32 37.38
CA TRP D 354 20.64 -15.07 36.70
C TRP D 354 20.24 -14.03 37.73
N ASP D 355 20.58 -12.78 37.44
CA ASP D 355 20.26 -11.67 38.33
C ASP D 355 18.75 -11.48 38.39
N TRP D 356 18.23 -11.29 39.61
CA TRP D 356 16.80 -11.10 39.80
C TRP D 356 16.43 -9.62 39.71
N VAL D 357 15.27 -9.36 39.13
CA VAL D 357 14.76 -8.00 38.98
C VAL D 357 13.24 -8.03 39.03
N PRO D 358 12.61 -6.92 39.42
CA PRO D 358 11.14 -6.90 39.47
C PRO D 358 10.54 -7.13 38.08
N LYS D 359 9.34 -7.71 38.02
CA LYS D 359 8.73 -8.06 36.72
C LYS D 359 8.09 -6.84 36.04
N ARG D 360 7.14 -6.18 36.70
CA ARG D 360 6.41 -5.04 36.08
C ARG D 360 7.39 -4.05 35.45
N PRO D 361 8.49 -3.61 36.11
CA PRO D 361 9.37 -2.62 35.51
C PRO D 361 10.41 -3.21 34.56
N SER D 362 10.33 -4.50 34.24
CA SER D 362 11.30 -5.18 33.34
C SER D 362 10.63 -5.64 32.04
N VAL D 363 9.38 -6.11 32.10
CA VAL D 363 8.68 -6.66 30.89
C VAL D 363 7.55 -5.69 30.49
N CYS D 364 7.26 -5.59 29.20
CA CYS D 364 6.16 -4.74 28.68
C CYS D 364 5.36 -5.56 27.66
N THR D 365 4.14 -5.17 27.33
CA THR D 365 3.32 -5.84 26.29
C THR D 365 3.10 -4.86 25.16
N MET D 366 3.80 -3.71 25.22
CA MET D 366 3.72 -2.68 24.15
C MET D 366 5.12 -2.09 23.98
N THR D 367 5.57 -1.89 22.74
CA THR D 367 6.88 -1.32 22.43
C THR D 367 6.71 -0.01 21.66
N LYS D 368 7.53 0.98 22.01
CA LYS D 368 7.49 2.26 21.32
C LYS D 368 7.89 2.05 19.87
N TRP D 369 6.98 2.36 18.95
CA TRP D 369 7.23 2.17 17.53
C TRP D 369 7.77 3.42 16.83
N GLN D 370 7.01 4.52 16.85
CA GLN D 370 7.41 5.74 16.17
C GLN D 370 7.20 6.95 17.07
N GLU D 371 8.04 7.96 16.90
CA GLU D 371 7.98 9.21 17.62
C GLU D 371 7.60 10.30 16.62
N VAL D 372 6.32 10.65 16.58
CA VAL D 372 5.79 11.63 15.64
C VAL D 372 5.88 13.02 16.26
N ASP D 373 6.46 13.96 15.51
CA ASP D 373 6.57 15.33 16.00
C ASP D 373 5.29 16.11 15.79
N GLU D 374 4.60 15.87 14.67
CA GLU D 374 3.35 16.53 14.32
C GLU D 374 2.29 15.47 14.06
N MET D 375 1.32 15.36 14.96
CA MET D 375 0.21 14.41 14.85
C MET D 375 -1.07 15.23 14.96
N LEU D 376 -1.67 15.52 13.82
CA LEU D 376 -2.89 16.31 13.78
C LEU D 376 -4.09 15.43 14.07
N ARG D 377 -4.91 15.84 15.04
CA ARG D 377 -6.11 15.11 15.43
C ARG D 377 -7.33 15.90 14.99
N SER D 378 -8.24 15.23 14.28
CA SER D 378 -9.47 15.83 13.80
C SER D 378 -10.62 14.87 14.07
N GLU D 379 -11.81 15.43 14.25
CA GLU D 379 -13.01 14.67 14.52
C GLU D 379 -14.03 14.86 13.41
N TYR D 380 -14.43 13.75 12.79
CA TYR D 380 -15.43 13.78 11.74
C TYR D 380 -15.98 12.37 11.60
N GLY D 381 -17.30 12.28 11.37
CA GLY D 381 -17.92 10.97 11.25
C GLY D 381 -17.98 10.23 12.56
N GLY D 382 -17.95 10.96 13.68
CA GLY D 382 -18.01 10.33 14.98
C GLY D 382 -16.79 9.53 15.35
N SER D 383 -15.58 10.03 15.05
CA SER D 383 -14.35 9.33 15.39
C SER D 383 -13.16 10.22 15.14
N PHE D 384 -12.19 10.15 16.06
CA PHE D 384 -10.96 10.92 15.93
C PHE D 384 -10.06 10.29 14.89
N ARG D 385 -9.36 11.12 14.13
CA ARG D 385 -8.45 10.67 13.09
C ARG D 385 -7.09 11.34 13.28
N PHE D 386 -6.12 10.57 13.75
CA PHE D 386 -4.76 11.05 13.98
C PHE D 386 -3.96 10.83 12.70
N SER D 387 -3.71 11.92 11.98
CA SER D 387 -2.96 11.88 10.72
C SER D 387 -1.58 12.48 10.94
N SER D 388 -0.55 11.75 10.51
CA SER D 388 0.83 12.18 10.63
C SER D 388 1.38 12.46 9.23
N ASP D 389 1.79 13.71 9.01
CA ASP D 389 2.33 14.09 7.71
C ASP D 389 3.76 13.61 7.52
N ALA D 390 4.51 13.42 8.62
CA ALA D 390 5.90 12.98 8.51
C ALA D 390 6.01 11.55 8.00
N ILE D 391 5.26 10.62 8.59
CA ILE D 391 5.29 9.22 8.20
C ILE D 391 4.19 8.86 7.21
N SER D 392 3.28 9.79 6.93
CA SER D 392 2.18 9.54 5.98
C SER D 392 1.32 8.37 6.46
N THR D 393 0.69 8.55 7.62
CA THR D 393 -0.15 7.53 8.21
C THR D 393 -1.32 8.20 8.91
N THR D 394 -2.47 7.52 8.90
CA THR D 394 -3.69 8.02 9.53
C THR D 394 -4.31 6.90 10.37
N PHE D 395 -4.58 7.20 11.64
CA PHE D 395 -5.16 6.28 12.59
C PHE D 395 -6.54 6.75 13.02
N THR D 396 -7.46 5.81 13.20
CA THR D 396 -8.84 6.11 13.60
C THR D 396 -9.10 5.51 14.99
N THR D 397 -9.78 6.27 15.84
CA THR D 397 -10.10 5.84 17.20
C THR D 397 -11.60 6.03 17.46
N ASN D 398 -11.98 5.86 18.73
CA ASN D 398 -13.37 5.95 19.18
C ASN D 398 -13.65 7.17 20.07
N LEU D 399 -12.74 8.16 20.11
CA LEU D 399 -12.90 9.38 20.90
C LEU D 399 -12.79 9.16 22.41
N THR D 400 -12.67 7.91 22.85
CA THR D 400 -12.57 7.59 24.28
C THR D 400 -11.15 7.19 24.60
N GLU D 401 -10.56 7.86 25.59
CA GLU D 401 -9.20 7.55 25.99
C GLU D 401 -9.12 6.11 26.50
N TYR D 402 -8.32 5.30 25.84
CA TYR D 402 -8.18 3.91 26.25
C TYR D 402 -7.53 3.88 27.62
N PRO D 403 -8.17 3.30 28.67
CA PRO D 403 -7.53 3.29 29.98
C PRO D 403 -6.21 2.55 29.97
N LEU D 404 -5.12 3.26 30.27
CA LEU D 404 -3.81 2.62 30.28
C LEU D 404 -3.72 1.51 31.33
N SER D 405 -4.52 1.59 32.38
CA SER D 405 -4.49 0.53 33.40
C SER D 405 -4.99 -0.79 32.85
N ARG D 406 -5.73 -0.77 31.73
CA ARG D 406 -6.24 -1.99 31.13
C ARG D 406 -5.15 -2.78 30.40
N VAL D 407 -4.02 -2.16 30.10
CA VAL D 407 -2.95 -2.85 29.40
C VAL D 407 -2.20 -3.71 30.41
N ASP D 408 -2.05 -5.00 30.11
CA ASP D 408 -1.34 -5.90 31.01
C ASP D 408 0.16 -5.63 30.93
N LEU D 409 0.80 -5.40 32.08
CA LEU D 409 2.25 -5.09 32.11
C LEU D 409 2.53 -3.93 31.13
N GLY D 410 2.06 -2.72 31.44
CA GLY D 410 2.24 -1.55 30.56
C GLY D 410 2.78 -0.35 31.32
N ASP D 411 3.68 -0.56 32.29
CA ASP D 411 4.28 0.55 33.08
C ASP D 411 5.33 1.26 32.24
N CYS D 412 5.96 0.57 31.29
CA CYS D 412 7.02 1.12 30.42
C CYS D 412 6.44 2.13 29.43
N ILE D 413 5.10 2.13 29.27
CA ILE D 413 4.37 2.94 28.24
C ILE D 413 4.14 4.36 28.77
N GLY D 414 3.94 4.53 30.06
CA GLY D 414 3.83 5.88 30.64
C GLY D 414 5.20 6.49 30.66
N LYS D 415 6.25 5.68 30.86
CA LYS D 415 7.63 6.16 30.90
C LYS D 415 8.13 6.48 29.50
N ASP D 416 7.95 5.55 28.56
CA ASP D 416 8.43 5.76 27.21
C ASP D 416 7.69 6.91 26.52
N ALA D 417 6.37 6.98 26.68
CA ALA D 417 5.59 8.04 26.05
C ALA D 417 5.98 9.41 26.58
N ARG D 418 6.12 9.54 27.90
CA ARG D 418 6.47 10.83 28.47
C ARG D 418 7.91 11.23 28.13
N ASP D 419 8.82 10.26 28.08
CA ASP D 419 10.20 10.59 27.75
C ASP D 419 10.30 11.17 26.35
N ALA D 420 9.60 10.59 25.38
CA ALA D 420 9.65 11.09 24.01
C ALA D 420 8.97 12.44 23.90
N MET D 421 7.84 12.62 24.61
CA MET D 421 7.13 13.90 24.55
C MET D 421 7.98 15.03 25.10
N ASP D 422 8.65 14.80 26.23
CA ASP D 422 9.49 15.84 26.82
C ASP D 422 10.65 16.20 25.90
N ARG D 423 11.27 15.20 25.30
CA ARG D 423 12.39 15.46 24.40
C ARG D 423 11.95 16.16 23.13
N ILE D 424 10.80 15.77 22.58
CA ILE D 424 10.31 16.38 21.34
C ILE D 424 9.84 17.81 21.62
N PHE D 425 9.14 18.03 22.72
CA PHE D 425 8.63 19.36 23.04
C PHE D 425 9.77 20.37 23.21
N ALA D 426 10.77 20.02 24.00
CA ALA D 426 11.88 20.95 24.23
C ALA D 426 12.72 21.14 22.97
N ARG D 427 12.74 20.14 22.09
CA ARG D 427 13.57 20.23 20.88
C ARG D 427 12.93 21.12 19.81
N ARG D 428 11.60 21.11 19.69
CA ARG D 428 10.92 21.86 18.64
C ARG D 428 9.77 22.74 19.09
N TYR D 429 8.97 22.33 20.06
CA TYR D 429 7.79 23.09 20.48
C TYR D 429 7.99 24.01 21.68
N ASN D 430 9.20 24.14 22.23
CA ASN D 430 9.35 25.01 23.38
C ASN D 430 9.22 26.50 23.06
N ALA D 431 9.75 26.94 21.93
CA ALA D 431 9.73 28.35 21.58
C ALA D 431 8.48 28.81 20.84
N THR D 432 7.57 27.91 20.46
CA THR D 432 6.36 28.33 19.72
C THR D 432 5.04 27.75 20.21
N HIS D 433 5.03 26.62 20.92
CA HIS D 433 3.78 26.02 21.39
C HIS D 433 3.82 25.85 22.90
N ILE D 434 2.66 25.47 23.45
CA ILE D 434 2.47 25.27 24.88
C ILE D 434 1.75 23.95 25.08
N LYS D 435 2.15 23.21 26.12
CA LYS D 435 1.53 21.93 26.44
C LYS D 435 0.16 22.19 27.08
N VAL D 436 -0.85 21.46 26.63
CA VAL D 436 -2.21 21.59 27.15
C VAL D 436 -2.60 20.25 27.78
N GLY D 437 -2.74 20.24 29.10
CA GLY D 437 -3.13 19.03 29.79
C GLY D 437 -2.04 17.98 29.80
N GLN D 438 -2.43 16.80 30.27
CA GLN D 438 -1.54 15.65 30.37
C GLN D 438 -1.71 14.75 29.15
N PRO D 439 -0.81 13.79 28.96
CA PRO D 439 -0.92 12.91 27.78
C PRO D 439 -2.21 12.11 27.80
N GLN D 440 -2.73 11.85 26.60
CA GLN D 440 -3.96 11.10 26.39
C GLN D 440 -3.64 9.88 25.54
N TYR D 441 -4.11 8.71 25.99
CA TYR D 441 -3.88 7.45 25.30
C TYR D 441 -5.16 7.03 24.60
N TYR D 442 -5.07 6.77 23.30
CA TYR D 442 -6.20 6.36 22.48
C TYR D 442 -5.90 5.06 21.77
N LEU D 443 -6.87 4.12 21.78
CA LEU D 443 -6.68 2.83 21.08
C LEU D 443 -7.18 2.99 19.64
N ALA D 444 -6.26 3.01 18.69
CA ALA D 444 -6.58 3.20 17.28
C ALA D 444 -6.94 1.88 16.60
N ASN D 445 -7.57 2.02 15.43
CA ASN D 445 -7.96 0.85 14.65
C ASN D 445 -6.72 0.10 14.20
N GLY D 446 -6.81 -1.22 14.19
CA GLY D 446 -5.71 -2.06 13.79
C GLY D 446 -4.86 -2.58 14.94
N GLY D 447 -5.05 -2.05 16.14
CA GLY D 447 -4.29 -2.50 17.29
C GLY D 447 -3.11 -1.61 17.67
N PHE D 448 -3.21 -0.31 17.41
CA PHE D 448 -2.14 0.63 17.74
C PHE D 448 -2.59 1.57 18.85
N LEU D 449 -1.78 1.65 19.90
CA LEU D 449 -2.04 2.53 21.03
C LEU D 449 -1.27 3.81 20.78
N ILE D 450 -1.98 4.93 20.71
CA ILE D 450 -1.39 6.23 20.42
C ILE D 450 -1.41 7.09 21.67
N ALA D 451 -0.22 7.48 22.13
CA ALA D 451 -0.09 8.37 23.28
C ALA D 451 -0.02 9.79 22.74
N TYR D 452 -1.10 10.54 22.92
CA TYR D 452 -1.22 11.90 22.40
C TYR D 452 -1.03 12.96 23.48
N GLN D 453 -0.41 14.07 23.08
CA GLN D 453 -0.15 15.22 23.95
C GLN D 453 -0.67 16.45 23.22
N PRO D 454 -1.86 16.97 23.52
CA PRO D 454 -2.36 18.15 22.80
C PRO D 454 -1.46 19.37 23.00
N LEU D 455 -1.39 20.19 21.96
CA LEU D 455 -0.60 21.41 21.95
C LEU D 455 -1.43 22.58 21.44
N LEU D 456 -1.04 23.78 21.84
CA LEU D 456 -1.70 25.01 21.45
C LEU D 456 -0.64 25.99 20.97
N SER D 457 -0.99 26.80 19.97
CA SER D 457 -0.07 27.77 19.40
C SER D 457 -0.16 29.10 20.16
N ASN D 458 0.98 29.76 20.29
CA ASN D 458 1.03 31.04 20.99
C ASN D 458 0.28 32.13 20.22
N THR D 459 0.18 32.01 18.90
CA THR D 459 -0.52 33.00 18.09
C THR D 459 -2.01 33.00 18.41
N VAL D 492 -8.35 -6.17 32.23
CA VAL D 492 -6.98 -6.37 31.78
C VAL D 492 -6.98 -7.21 30.50
N GLU D 493 -6.16 -6.81 29.52
CA GLU D 493 -6.09 -7.54 28.26
C GLU D 493 -4.81 -7.15 27.53
N ARG D 494 -4.57 -7.83 26.42
CA ARG D 494 -3.40 -7.61 25.58
C ARG D 494 -3.85 -7.09 24.22
N ILE D 495 -3.18 -6.06 23.72
CA ILE D 495 -3.54 -5.47 22.45
C ILE D 495 -2.87 -6.25 21.32
N LYS D 496 -3.67 -6.62 20.31
CA LYS D 496 -3.20 -7.36 19.15
C LYS D 496 -2.99 -6.38 18.00
N THR D 497 -1.74 -6.13 17.66
CA THR D 497 -1.39 -5.20 16.58
C THR D 497 -1.33 -5.91 15.24
N THR D 498 -1.88 -5.27 14.23
CA THR D 498 -1.86 -5.85 12.88
C THR D 498 -0.43 -5.89 12.37
N SER D 499 -0.16 -6.83 11.47
CA SER D 499 1.18 -6.98 10.91
C SER D 499 1.43 -6.11 9.68
N SER D 500 0.48 -5.25 9.30
CA SER D 500 0.66 -4.39 8.13
C SER D 500 0.02 -3.04 8.37
N ILE D 501 0.82 -1.97 8.25
CA ILE D 501 0.34 -0.61 8.42
C ILE D 501 -0.08 -0.01 7.09
N GLU D 502 0.05 -0.77 5.99
CA GLU D 502 -0.33 -0.25 4.68
C GLU D 502 -1.79 0.15 4.62
N PHE D 503 -2.64 -0.44 5.48
CA PHE D 503 -4.05 -0.06 5.47
C PHE D 503 -4.20 1.39 5.90
N ALA D 504 -3.35 1.84 6.85
CA ALA D 504 -3.40 3.21 7.32
C ALA D 504 -2.75 4.17 6.33
N ARG D 505 -1.68 3.73 5.65
CA ARG D 505 -1.03 4.60 4.68
C ARG D 505 -1.97 4.93 3.53
N LEU D 506 -2.78 3.96 3.09
CA LEU D 506 -3.73 4.24 2.03
C LEU D 506 -4.74 5.27 2.48
N GLN D 507 -5.13 5.22 3.76
CA GLN D 507 -6.07 6.18 4.30
C GLN D 507 -5.51 7.59 4.20
N PHE D 508 -4.24 7.76 4.54
CA PHE D 508 -3.61 9.07 4.46
C PHE D 508 -3.48 9.50 3.00
N THR D 509 -3.04 8.59 2.13
CA THR D 509 -2.88 8.93 0.72
C THR D 509 -4.22 9.35 0.10
N TYR D 510 -5.28 8.59 0.37
CA TYR D 510 -6.59 8.94 -0.17
C TYR D 510 -7.05 10.29 0.40
N ASN D 511 -6.86 10.48 1.70
CA ASN D 511 -7.27 11.74 2.32
C ASN D 511 -6.42 12.90 1.82
N HIS D 512 -5.13 12.66 1.61
CA HIS D 512 -4.24 13.72 1.13
C HIS D 512 -4.59 14.13 -0.29
N ILE D 513 -5.30 13.27 -1.04
CA ILE D 513 -5.64 13.57 -2.46
C ILE D 513 -7.11 14.00 -2.55
N GLN D 514 -7.96 13.50 -1.67
CA GLN D 514 -9.42 13.82 -1.69
C GLN D 514 -9.64 15.21 -1.11
N ARG D 515 -9.05 15.49 0.06
CA ARG D 515 -9.23 16.79 0.76
C ARG D 515 -8.90 17.97 -0.18
N PRO D 516 -7.72 18.03 -0.83
CA PRO D 516 -7.40 19.17 -1.69
C PRO D 516 -8.27 19.16 -2.93
N VAL D 517 -8.36 18.02 -3.64
CA VAL D 517 -9.13 17.95 -4.91
C VAL D 517 -10.55 18.47 -4.64
N ASN D 518 -11.14 18.12 -3.50
CA ASN D 518 -12.51 18.56 -3.14
C ASN D 518 -12.49 20.07 -2.88
N ASP D 519 -11.44 20.56 -2.23
CA ASP D 519 -11.31 22.01 -1.96
C ASP D 519 -11.25 22.76 -3.30
N MET D 520 -10.58 22.20 -4.31
CA MET D 520 -10.43 22.86 -5.63
C MET D 520 -11.70 22.61 -6.46
N LEU D 521 -12.43 21.53 -6.17
CA LEU D 521 -13.72 21.27 -6.85
C LEU D 521 -14.75 22.23 -6.27
N GLY D 522 -14.58 22.60 -5.00
CA GLY D 522 -15.52 23.49 -4.30
C GLY D 522 -15.32 24.93 -4.74
N ARG D 523 -14.08 25.35 -4.97
CA ARG D 523 -13.77 26.70 -5.44
C ARG D 523 -14.23 26.88 -6.89
N VAL D 524 -14.02 25.86 -7.73
CA VAL D 524 -14.45 25.96 -9.12
C VAL D 524 -15.97 26.09 -9.19
N ALA D 525 -16.68 25.30 -8.38
CA ALA D 525 -18.14 25.39 -8.37
C ALA D 525 -18.60 26.75 -7.88
N ILE D 526 -17.96 27.27 -6.83
CA ILE D 526 -18.32 28.59 -6.32
C ILE D 526 -18.01 29.66 -7.36
N ALA D 527 -16.83 29.57 -7.99
CA ALA D 527 -16.47 30.56 -9.00
C ALA D 527 -17.43 30.50 -10.18
N TRP D 528 -17.84 29.29 -10.60
CA TRP D 528 -18.76 29.18 -11.71
C TRP D 528 -20.08 29.87 -11.39
N CYS D 529 -20.62 29.64 -10.19
CA CYS D 529 -21.87 30.27 -9.80
C CYS D 529 -21.72 31.79 -9.79
N GLU D 530 -20.62 32.29 -9.24
CA GLU D 530 -20.40 33.73 -9.21
C GLU D 530 -20.28 34.28 -10.63
N LEU D 531 -19.69 33.50 -11.53
CA LEU D 531 -19.56 33.94 -12.91
C LEU D 531 -20.92 33.98 -13.60
N GLN D 532 -21.72 32.92 -13.45
CA GLN D 532 -23.03 32.89 -14.08
C GLN D 532 -23.88 34.06 -13.62
N ASN D 533 -23.86 34.37 -12.32
CA ASN D 533 -24.61 35.50 -11.83
C ASN D 533 -24.07 36.81 -12.41
N HIS D 534 -22.79 36.80 -12.82
CA HIS D 534 -22.18 37.98 -13.40
C HIS D 534 -22.62 38.17 -14.85
N GLU D 535 -22.82 37.06 -15.57
CA GLU D 535 -23.24 37.16 -16.96
C GLU D 535 -24.65 37.71 -17.10
N LEU D 536 -25.50 37.50 -16.09
CA LEU D 536 -26.88 38.00 -16.16
C LEU D 536 -26.90 39.51 -16.39
N THR D 537 -25.91 40.23 -15.87
CA THR D 537 -25.87 41.68 -16.07
C THR D 537 -25.66 42.01 -17.54
N LEU D 538 -25.04 41.09 -18.30
CA LEU D 538 -24.82 41.33 -19.73
C LEU D 538 -26.00 40.87 -20.56
N TRP D 539 -26.62 39.74 -20.17
CA TRP D 539 -27.77 39.25 -20.92
C TRP D 539 -28.97 40.18 -20.78
N ASN D 540 -29.09 40.86 -19.64
CA ASN D 540 -30.22 41.79 -19.46
C ASN D 540 -30.15 42.95 -20.44
N GLU D 541 -28.94 43.31 -20.89
CA GLU D 541 -28.73 44.39 -21.84
C GLU D 541 -28.61 43.88 -23.27
N ALA D 542 -28.03 42.69 -23.45
CA ALA D 542 -27.88 42.14 -24.80
C ALA D 542 -29.23 41.84 -25.43
N ARG D 543 -30.24 41.51 -24.60
CA ARG D 543 -31.56 41.22 -25.13
C ARG D 543 -32.18 42.42 -25.82
N LYS D 544 -31.95 43.63 -25.29
CA LYS D 544 -32.50 44.83 -25.91
C LYS D 544 -31.89 45.09 -27.28
N LEU D 545 -30.60 44.79 -27.46
CA LEU D 545 -29.95 45.02 -28.74
C LEU D 545 -30.53 44.13 -29.83
N ASN D 546 -30.77 42.85 -29.51
CA ASN D 546 -31.31 41.90 -30.48
C ASN D 546 -32.06 40.81 -29.71
N PRO D 547 -33.33 41.05 -29.37
CA PRO D 547 -34.08 40.01 -28.63
C PRO D 547 -34.22 38.70 -29.39
N ASN D 548 -34.20 38.74 -30.72
CA ASN D 548 -34.36 37.51 -31.49
C ASN D 548 -33.22 36.53 -31.22
N ALA D 549 -31.98 36.99 -31.33
CA ALA D 549 -30.84 36.11 -31.10
C ALA D 549 -30.72 35.71 -29.63
N ILE D 550 -30.98 36.63 -28.71
CA ILE D 550 -30.85 36.31 -27.29
C ILE D 550 -31.91 35.30 -26.89
N ALA D 551 -33.15 35.51 -27.33
CA ALA D 551 -34.24 34.61 -26.97
C ALA D 551 -34.05 33.22 -27.58
N SER D 552 -33.52 33.16 -28.81
CA SER D 552 -33.33 31.88 -29.48
C SER D 552 -32.38 30.98 -28.70
N VAL D 553 -31.21 31.49 -28.31
CA VAL D 553 -30.25 30.67 -27.59
C VAL D 553 -30.75 30.35 -26.18
N THR D 554 -31.40 31.30 -25.51
CA THR D 554 -31.87 31.06 -24.15
C THR D 554 -33.10 30.15 -24.11
N VAL D 555 -34.03 30.31 -25.05
CA VAL D 555 -35.22 29.47 -25.06
C VAL D 555 -34.94 28.05 -25.56
N GLY D 556 -33.90 27.87 -26.37
CA GLY D 556 -33.55 26.56 -26.90
C GLY D 556 -34.01 26.30 -28.32
N ARG D 557 -34.80 27.19 -28.91
CA ARG D 557 -35.27 27.03 -30.28
C ARG D 557 -35.35 28.41 -30.92
N ARG D 558 -35.25 28.44 -32.25
CA ARG D 558 -35.30 29.70 -32.99
C ARG D 558 -36.64 30.38 -32.76
N VAL D 559 -36.61 31.55 -32.13
CA VAL D 559 -37.82 32.31 -31.85
C VAL D 559 -37.52 33.80 -32.01
N SER D 560 -38.58 34.58 -32.14
CA SER D 560 -38.51 36.03 -32.28
C SER D 560 -39.11 36.65 -31.04
N ALA D 561 -38.49 37.73 -30.56
CA ALA D 561 -38.96 38.39 -29.35
C ALA D 561 -38.88 39.90 -29.51
N ARG D 562 -39.66 40.57 -28.68
CA ARG D 562 -39.73 42.03 -28.63
C ARG D 562 -39.93 42.41 -27.18
N MET D 563 -39.22 43.45 -26.75
CA MET D 563 -39.28 43.94 -25.37
C MET D 563 -40.71 44.28 -25.01
N LEU D 564 -41.23 43.64 -23.96
CA LEU D 564 -42.57 43.90 -23.45
C LEU D 564 -42.42 44.64 -22.13
N GLY D 565 -41.31 45.36 -21.99
CA GLY D 565 -40.99 46.11 -20.79
C GLY D 565 -39.83 45.41 -20.11
N ASP D 566 -40.02 44.96 -18.89
CA ASP D 566 -38.98 44.24 -18.15
C ASP D 566 -38.96 42.76 -18.50
N VAL D 567 -39.87 42.28 -19.35
CA VAL D 567 -39.98 40.90 -19.76
C VAL D 567 -40.09 40.89 -21.28
N MET D 568 -39.88 39.70 -21.87
CA MET D 568 -39.93 39.54 -23.32
C MET D 568 -40.98 38.51 -23.72
N ALA D 569 -41.56 38.73 -24.91
CA ALA D 569 -42.52 37.82 -25.48
C ALA D 569 -41.78 36.95 -26.50
N VAL D 570 -42.40 35.84 -26.89
CA VAL D 570 -41.76 34.94 -27.84
C VAL D 570 -42.78 34.29 -28.76
N SER D 571 -42.34 34.05 -30.00
CA SER D 571 -43.12 33.43 -31.05
C SER D 571 -42.25 32.41 -31.75
N THR D 572 -42.80 31.23 -32.02
CA THR D 572 -42.03 30.17 -32.67
C THR D 572 -42.00 30.41 -34.18
N CYS D 573 -40.80 30.40 -34.76
CA CYS D 573 -40.64 30.60 -36.18
C CYS D 573 -40.78 29.27 -36.92
N VAL D 574 -41.25 29.35 -38.16
CA VAL D 574 -41.45 28.17 -38.99
C VAL D 574 -40.25 28.02 -39.92
N PRO D 575 -39.68 26.82 -40.09
CA PRO D 575 -38.52 26.68 -40.98
C PRO D 575 -38.92 26.72 -42.44
N VAL D 576 -37.92 26.94 -43.29
CA VAL D 576 -38.11 26.99 -44.74
C VAL D 576 -36.87 26.38 -45.38
N ALA D 577 -37.08 25.48 -46.34
CA ALA D 577 -35.96 24.83 -47.02
C ALA D 577 -35.17 25.84 -47.85
N ALA D 578 -33.87 25.57 -48.02
CA ALA D 578 -33.00 26.43 -48.79
C ALA D 578 -33.40 26.55 -50.25
N ASP D 579 -33.76 25.44 -50.90
CA ASP D 579 -34.18 25.46 -52.29
C ASP D 579 -35.39 26.33 -52.55
N ASN D 580 -36.23 26.58 -51.54
CA ASN D 580 -37.42 27.39 -51.68
C ASN D 580 -37.16 28.88 -51.44
N VAL D 581 -35.89 29.31 -51.51
CA VAL D 581 -35.50 30.69 -51.30
C VAL D 581 -34.49 31.08 -52.37
N ILE D 582 -34.63 32.30 -52.89
CA ILE D 582 -33.73 32.82 -53.93
C ILE D 582 -33.52 34.31 -53.68
N VAL D 583 -32.30 34.76 -53.95
CA VAL D 583 -31.91 36.16 -53.78
C VAL D 583 -31.92 36.83 -55.15
N GLN D 584 -32.44 38.06 -55.20
CA GLN D 584 -32.49 38.80 -56.45
C GLN D 584 -31.10 39.24 -56.88
N ASN D 585 -30.96 39.46 -58.18
CA ASN D 585 -29.67 39.89 -58.74
C ASN D 585 -29.34 41.34 -58.44
N SER D 586 -30.31 42.14 -57.98
CA SER D 586 -30.05 43.54 -57.68
C SER D 586 -30.94 44.01 -56.54
N MET D 587 -30.53 45.12 -55.93
CA MET D 587 -31.27 45.69 -54.80
C MET D 587 -31.94 47.00 -55.23
N ARG D 588 -31.40 47.67 -56.25
CA ARG D 588 -31.83 48.96 -56.78
C ARG D 588 -33.32 49.25 -56.68
N ILE D 589 -33.65 50.41 -56.11
CA ILE D 589 -35.02 50.88 -55.95
C ILE D 589 -35.25 51.90 -57.06
N SER D 590 -35.75 51.43 -58.20
CA SER D 590 -35.97 52.32 -59.34
C SER D 590 -37.04 53.38 -59.06
N SER D 591 -37.91 53.15 -58.07
CA SER D 591 -38.96 54.11 -57.77
C SER D 591 -38.48 55.29 -56.94
N ARG D 592 -37.33 55.20 -56.29
CA ARG D 592 -36.80 56.29 -55.46
C ARG D 592 -35.29 56.34 -55.54
N PRO D 593 -34.74 57.14 -56.47
CA PRO D 593 -33.28 57.25 -56.56
C PRO D 593 -32.71 57.82 -55.28
N GLY D 594 -31.52 57.33 -54.90
CA GLY D 594 -30.87 57.77 -53.69
C GLY D 594 -31.19 56.95 -52.45
N ALA D 595 -32.20 56.08 -52.51
CA ALA D 595 -32.59 55.22 -51.41
C ALA D 595 -32.16 53.79 -51.73
N CYS D 596 -31.46 53.15 -50.79
CA CYS D 596 -30.96 51.80 -50.97
C CYS D 596 -31.22 50.97 -49.73
N TYR D 597 -31.69 49.73 -49.93
CA TYR D 597 -31.94 48.84 -48.81
C TYR D 597 -30.63 48.41 -48.17
N SER D 598 -30.65 48.22 -46.85
CA SER D 598 -29.45 47.79 -46.15
C SER D 598 -29.22 46.29 -46.21
N ARG D 599 -30.22 45.52 -46.64
CA ARG D 599 -30.12 44.07 -46.75
C ARG D 599 -30.71 43.63 -48.08
N PRO D 600 -30.26 42.51 -48.66
CA PRO D 600 -30.81 42.09 -49.95
C PRO D 600 -32.25 41.61 -49.83
N LEU D 601 -32.97 41.69 -50.94
CA LEU D 601 -34.36 41.24 -50.99
C LEU D 601 -34.38 39.75 -51.31
N VAL D 602 -35.52 39.10 -51.04
CA VAL D 602 -35.68 37.67 -51.28
C VAL D 602 -37.12 37.34 -51.64
N SER D 603 -37.27 36.18 -52.28
CA SER D 603 -38.56 35.63 -52.68
C SER D 603 -38.56 34.18 -52.24
N PHE D 604 -39.61 33.75 -51.55
CA PHE D 604 -39.67 32.39 -51.05
C PHE D 604 -41.11 31.90 -50.99
N ARG D 605 -41.24 30.59 -50.77
CA ARG D 605 -42.51 29.91 -50.65
C ARG D 605 -42.44 28.96 -49.46
N TYR D 606 -43.52 28.91 -48.69
CA TYR D 606 -43.56 28.04 -47.52
C TYR D 606 -43.46 26.58 -47.92
N GLU D 607 -44.41 26.10 -48.72
CA GLU D 607 -44.41 24.73 -49.19
C GLU D 607 -43.71 24.64 -50.54
N ASP D 608 -43.42 23.41 -50.96
CA ASP D 608 -42.76 23.23 -52.24
C ASP D 608 -43.61 23.73 -53.39
N GLN D 609 -44.94 23.61 -53.27
CA GLN D 609 -45.88 24.06 -54.29
C GLN D 609 -46.59 25.35 -53.91
N GLY D 610 -46.15 26.03 -52.84
CA GLY D 610 -46.79 27.25 -52.41
C GLY D 610 -46.42 28.44 -53.28
N PRO D 611 -47.20 29.53 -53.20
CA PRO D 611 -46.88 30.70 -54.02
C PRO D 611 -45.64 31.43 -53.51
N LEU D 612 -45.02 32.21 -54.38
CA LEU D 612 -43.84 32.98 -54.01
C LEU D 612 -44.28 34.20 -53.21
N VAL D 613 -43.66 34.40 -52.06
CA VAL D 613 -43.97 35.52 -51.16
C VAL D 613 -42.85 36.54 -51.21
N GLU D 614 -43.22 37.81 -51.14
CA GLU D 614 -42.26 38.90 -51.17
C GLU D 614 -41.70 39.11 -49.77
N GLY D 615 -40.38 39.32 -49.69
CA GLY D 615 -39.75 39.53 -48.40
C GLY D 615 -38.33 40.01 -48.56
N GLN D 616 -37.66 40.17 -47.42
CA GLN D 616 -36.28 40.62 -47.36
C GLN D 616 -35.50 39.74 -46.40
N LEU D 617 -34.24 39.51 -46.74
CA LEU D 617 -33.37 38.67 -45.91
C LEU D 617 -33.06 39.37 -44.59
N GLY D 618 -32.79 38.55 -43.57
CA GLY D 618 -32.46 39.02 -42.25
C GLY D 618 -31.17 38.42 -41.73
N GLU D 619 -30.99 38.52 -40.41
CA GLU D 619 -29.81 37.97 -39.78
C GLU D 619 -30.02 36.52 -39.37
N ASN D 620 -28.96 35.73 -39.48
CA ASN D 620 -29.00 34.30 -39.13
C ASN D 620 -30.03 33.57 -39.98
N ASN D 621 -30.01 33.83 -41.28
CA ASN D 621 -30.93 33.20 -42.24
C ASN D 621 -32.39 33.51 -41.92
N GLU D 622 -32.66 34.67 -41.33
CA GLU D 622 -34.02 35.05 -41.00
C GLU D 622 -34.67 35.74 -42.19
N LEU D 623 -35.90 35.34 -42.49
CA LEU D 623 -36.67 35.90 -43.59
C LEU D 623 -37.69 36.88 -43.04
N ARG D 624 -37.57 38.15 -43.45
CA ARG D 624 -38.46 39.22 -43.01
C ARG D 624 -39.50 39.48 -44.10
N LEU D 625 -40.76 39.61 -43.69
CA LEU D 625 -41.85 39.84 -44.63
C LEU D 625 -42.06 41.31 -44.98
N THR D 626 -41.42 42.23 -44.27
CA THR D 626 -41.57 43.67 -44.50
C THR D 626 -40.25 44.27 -44.95
N ARG D 627 -40.30 45.08 -46.00
CA ARG D 627 -39.12 45.75 -46.54
C ARG D 627 -39.16 47.20 -46.05
N ASP D 628 -38.38 47.47 -44.99
CA ASP D 628 -38.31 48.80 -44.41
C ASP D 628 -36.91 49.22 -44.00
N ALA D 629 -35.89 48.40 -44.26
CA ALA D 629 -34.50 48.74 -43.91
C ALA D 629 -33.84 49.51 -45.05
N ILE D 630 -34.29 50.75 -45.23
CA ILE D 630 -33.80 51.64 -46.26
C ILE D 630 -32.76 52.58 -45.67
N GLU D 631 -31.70 52.80 -46.42
CA GLU D 631 -30.60 53.67 -46.04
C GLU D 631 -30.12 54.43 -47.26
N PRO D 632 -29.52 55.60 -47.09
CA PRO D 632 -29.04 56.34 -48.27
C PRO D 632 -27.97 55.56 -48.99
N CYS D 633 -27.99 55.62 -50.32
CA CYS D 633 -27.00 54.89 -51.11
C CYS D 633 -25.63 55.51 -50.90
N THR D 634 -24.64 54.67 -50.61
CA THR D 634 -23.27 55.11 -50.35
C THR D 634 -22.36 54.58 -51.45
N VAL D 635 -21.38 55.39 -51.84
CA VAL D 635 -20.44 55.00 -52.88
C VAL D 635 -19.55 53.88 -52.36
N GLY D 636 -19.08 53.02 -53.27
CA GLY D 636 -18.16 51.93 -52.89
C GLY D 636 -18.83 50.96 -51.95
N HIS D 637 -20.14 50.75 -52.13
CA HIS D 637 -20.90 49.81 -51.26
C HIS D 637 -20.27 48.43 -51.36
N ARG D 638 -20.39 47.64 -50.29
CA ARG D 638 -19.86 46.26 -50.26
C ARG D 638 -20.40 45.62 -48.98
N ARG D 639 -20.96 44.42 -49.08
CA ARG D 639 -21.57 43.76 -47.89
C ARG D 639 -21.71 42.25 -48.08
N TYR D 640 -21.25 41.44 -47.13
CA TYR D 640 -21.50 39.98 -47.16
C TYR D 640 -22.78 39.78 -46.36
N PHE D 641 -23.61 38.80 -46.69
CA PHE D 641 -24.86 38.51 -45.94
C PHE D 641 -25.01 37.01 -45.82
N THR D 642 -25.30 36.50 -44.64
CA THR D 642 -25.42 35.06 -44.43
C THR D 642 -26.61 34.53 -45.22
N PHE D 643 -26.40 33.43 -45.92
CA PHE D 643 -27.45 32.81 -46.73
C PHE D 643 -27.24 31.31 -46.71
N GLY D 644 -28.14 30.59 -46.07
CA GLY D 644 -28.01 29.15 -45.99
C GLY D 644 -26.72 28.76 -45.28
N GLY D 645 -25.97 27.85 -45.89
CA GLY D 645 -24.72 27.40 -45.30
C GLY D 645 -23.51 28.23 -45.67
N GLY D 646 -23.68 29.24 -46.53
CA GLY D 646 -22.60 30.10 -46.97
C GLY D 646 -22.97 31.57 -46.84
N TYR D 647 -22.42 32.36 -47.76
CA TYR D 647 -22.66 33.81 -47.80
C TYR D 647 -22.96 34.25 -49.22
N VAL D 648 -23.53 35.44 -49.33
CA VAL D 648 -23.86 36.08 -50.61
C VAL D 648 -23.12 37.41 -50.64
N TYR D 649 -22.30 37.61 -51.65
CA TYR D 649 -21.50 38.81 -51.81
C TYR D 649 -22.20 39.82 -52.70
N PHE D 650 -22.15 41.09 -52.29
CA PHE D 650 -22.76 42.19 -53.02
C PHE D 650 -21.76 43.34 -53.15
N GLU D 651 -21.77 43.98 -54.31
CA GLU D 651 -20.89 45.11 -54.59
C GLU D 651 -21.71 46.19 -55.29
N GLU D 652 -21.64 47.41 -54.77
CA GLU D 652 -22.38 48.55 -55.34
C GLU D 652 -23.87 48.23 -55.37
N TYR D 653 -24.34 47.56 -54.32
CA TYR D 653 -25.73 47.13 -54.16
C TYR D 653 -26.17 46.15 -55.24
N ALA D 654 -25.23 45.43 -55.83
CA ALA D 654 -25.51 44.44 -56.87
C ALA D 654 -24.97 43.08 -56.48
N TYR D 655 -25.79 42.06 -56.70
CA TYR D 655 -25.41 40.69 -56.37
C TYR D 655 -24.17 40.27 -57.15
N SER D 656 -23.28 39.53 -56.49
CA SER D 656 -22.04 39.07 -57.11
C SER D 656 -22.00 37.55 -57.29
N HIS D 657 -22.09 36.78 -56.22
CA HIS D 657 -22.05 35.32 -56.31
C HIS D 657 -22.17 34.72 -54.91
N GLN D 658 -22.23 33.39 -54.87
CA GLN D 658 -22.30 32.65 -53.62
C GLN D 658 -20.92 32.06 -53.32
N LEU D 659 -20.47 32.21 -52.08
CA LEU D 659 -19.17 31.72 -51.66
C LEU D 659 -19.33 30.84 -50.42
N SER D 660 -18.47 29.83 -50.32
CA SER D 660 -18.49 28.89 -49.21
C SER D 660 -18.21 29.58 -47.88
N ARG D 661 -18.50 28.86 -46.80
CA ARG D 661 -18.29 29.39 -45.46
C ARG D 661 -16.81 29.43 -45.09
N ALA D 662 -16.00 28.53 -45.66
CA ALA D 662 -14.58 28.48 -45.35
C ALA D 662 -13.75 29.45 -46.20
N ASP D 663 -14.37 30.20 -47.10
CA ASP D 663 -13.62 31.13 -47.94
C ASP D 663 -13.17 32.37 -47.17
N ILE D 664 -13.80 32.68 -46.04
CA ILE D 664 -13.46 33.85 -45.24
C ILE D 664 -12.62 33.40 -44.05
N THR D 665 -11.64 34.22 -43.68
CA THR D 665 -10.78 33.88 -42.55
C THR D 665 -11.62 33.85 -41.28
N THR D 666 -11.38 32.84 -40.43
CA THR D 666 -12.11 32.66 -39.20
C THR D 666 -11.18 32.78 -38.00
N VAL D 667 -11.66 33.45 -36.95
CA VAL D 667 -10.92 33.66 -35.72
C VAL D 667 -11.73 33.05 -34.59
N SER D 668 -11.09 32.24 -33.76
CA SER D 668 -11.76 31.58 -32.66
C SER D 668 -12.07 32.58 -31.55
N THR D 669 -13.36 32.83 -31.32
CA THR D 669 -13.78 33.75 -30.27
C THR D 669 -13.89 33.06 -28.91
N PHE D 670 -13.62 31.76 -28.84
CA PHE D 670 -13.70 30.99 -27.61
C PHE D 670 -12.32 30.84 -26.98
N ILE D 671 -12.27 30.74 -25.64
CA ILE D 671 -10.99 30.61 -24.87
C ILE D 671 -10.73 29.13 -24.63
N ASP D 672 -10.12 28.43 -25.59
CA ASP D 672 -9.92 26.96 -25.52
C ASP D 672 -9.40 26.48 -24.15
N LEU D 673 -9.96 25.38 -23.63
CA LEU D 673 -9.48 24.76 -22.36
C LEU D 673 -9.32 23.25 -22.63
N ASN D 674 -8.08 22.76 -22.76
CA ASN D 674 -7.80 21.33 -23.08
C ASN D 674 -7.92 20.51 -21.81
N ILE D 675 -8.72 19.43 -21.83
CA ILE D 675 -8.92 18.55 -20.65
C ILE D 675 -8.49 17.12 -21.00
N THR D 676 -7.38 16.62 -20.43
CA THR D 676 -6.86 15.27 -20.67
C THR D 676 -7.23 14.36 -19.51
N MET D 677 -8.23 13.49 -19.69
CA MET D 677 -8.69 12.56 -18.64
C MET D 677 -7.49 11.72 -18.17
N LEU D 678 -7.55 11.19 -16.95
CA LEU D 678 -6.48 10.40 -16.37
C LEU D 678 -6.53 9.00 -16.97
N GLU D 679 -5.44 8.59 -17.61
CA GLU D 679 -5.38 7.26 -18.23
C GLU D 679 -5.50 6.16 -17.18
N ASP D 680 -6.16 5.07 -17.56
CA ASP D 680 -6.32 3.95 -16.66
C ASP D 680 -4.96 3.31 -16.38
N HIS D 681 -4.76 2.87 -15.14
CA HIS D 681 -3.51 2.25 -14.72
C HIS D 681 -3.80 0.89 -14.11
N GLU D 682 -2.97 -0.09 -14.43
CA GLU D 682 -3.09 -1.46 -13.92
C GLU D 682 -1.92 -1.73 -13.00
N PHE D 683 -2.21 -2.17 -11.78
CA PHE D 683 -1.21 -2.48 -10.77
C PHE D 683 -0.96 -3.98 -10.78
N VAL D 684 0.30 -4.38 -10.91
CA VAL D 684 0.69 -5.79 -10.94
C VAL D 684 1.20 -6.20 -9.57
N PRO D 685 1.08 -7.47 -9.16
CA PRO D 685 1.60 -7.86 -7.85
C PRO D 685 3.10 -7.65 -7.76
N LEU D 686 3.56 -7.25 -6.58
CA LEU D 686 4.99 -7.00 -6.38
C LEU D 686 5.34 -7.20 -4.92
N GLU D 687 6.33 -8.05 -4.67
CA GLU D 687 6.80 -8.36 -3.32
C GLU D 687 8.33 -8.37 -3.33
N VAL D 688 8.92 -7.77 -2.29
CA VAL D 688 10.38 -7.76 -2.20
C VAL D 688 10.89 -9.16 -1.93
N TYR D 689 10.23 -9.87 -1.02
CA TYR D 689 10.60 -11.23 -0.66
C TYR D 689 9.32 -12.03 -0.44
N THR D 690 9.09 -13.03 -1.30
CA THR D 690 7.90 -13.85 -1.15
C THR D 690 8.00 -14.65 0.14
N ARG D 691 6.86 -15.18 0.59
CA ARG D 691 6.87 -15.97 1.83
C ARG D 691 7.78 -17.17 1.69
N HIS D 692 7.93 -17.71 0.48
CA HIS D 692 8.82 -18.84 0.29
C HIS D 692 10.28 -18.42 0.46
N GLU D 693 10.63 -17.24 -0.06
CA GLU D 693 12.00 -16.75 0.07
C GLU D 693 12.36 -16.49 1.53
N ILE D 694 11.42 -15.92 2.29
CA ILE D 694 11.67 -15.65 3.70
C ILE D 694 11.91 -16.95 4.44
N LYS D 695 11.10 -17.97 4.15
CA LYS D 695 11.30 -19.26 4.81
C LYS D 695 12.65 -19.85 4.43
N ASP D 696 13.05 -19.72 3.16
CA ASP D 696 14.32 -20.23 2.71
C ASP D 696 15.50 -19.44 3.25
N SER D 697 15.27 -18.23 3.77
CA SER D 697 16.37 -17.44 4.31
C SER D 697 17.04 -18.10 5.49
N GLY D 698 16.32 -18.93 6.24
CA GLY D 698 16.91 -19.61 7.38
C GLY D 698 17.97 -20.61 6.92
N LEU D 699 19.07 -20.66 7.68
CA LEU D 699 20.14 -21.58 7.34
C LEU D 699 19.70 -23.03 7.47
N LEU D 700 18.93 -23.34 8.50
CA LEU D 700 18.43 -24.69 8.75
C LEU D 700 16.93 -24.67 9.02
N ASP D 701 16.27 -25.75 8.62
CA ASP D 701 14.83 -25.92 8.81
C ASP D 701 14.62 -27.16 9.67
N TYR D 702 13.95 -26.97 10.81
CA TYR D 702 13.70 -28.09 11.71
C TYR D 702 12.81 -29.15 11.06
N THR D 703 11.87 -28.73 10.22
CA THR D 703 10.97 -29.69 9.56
C THR D 703 11.75 -30.61 8.62
N GLU D 704 12.54 -30.03 7.72
CA GLU D 704 13.29 -30.84 6.77
C GLU D 704 14.38 -31.65 7.46
N VAL D 705 15.06 -31.09 8.45
CA VAL D 705 16.11 -31.82 9.15
C VAL D 705 15.53 -33.04 9.86
N GLN D 706 14.41 -32.87 10.54
CA GLN D 706 13.79 -34.00 11.24
C GLN D 706 13.26 -35.04 10.26
N ARG D 707 12.70 -34.59 9.13
CA ARG D 707 12.16 -35.54 8.16
C ARG D 707 13.26 -36.42 7.59
N ARG D 708 14.41 -35.84 7.26
CA ARG D 708 15.51 -36.63 6.71
C ARG D 708 16.18 -37.47 7.78
N ASN D 709 16.41 -36.89 8.96
CA ASN D 709 17.06 -37.64 10.04
C ASN D 709 16.22 -38.84 10.47
N GLN D 710 14.91 -38.68 10.59
CA GLN D 710 14.06 -39.79 11.00
C GLN D 710 13.89 -40.84 9.91
N LEU D 711 14.20 -40.51 8.66
CA LEU D 711 14.11 -41.48 7.57
C LEU D 711 15.35 -42.35 7.47
N HIS D 712 16.35 -42.11 8.32
CA HIS D 712 17.59 -42.89 8.28
C HIS D 712 17.34 -44.37 8.49
N ASP D 713 16.55 -44.71 9.51
CA ASP D 713 16.27 -46.12 9.78
C ASP D 713 15.52 -46.78 8.64
N LEU D 714 14.53 -46.09 8.06
CA LEU D 714 13.77 -46.67 6.95
C LEU D 714 14.56 -46.69 5.65
N ARG D 715 15.59 -45.84 5.54
CA ARG D 715 16.39 -45.78 4.32
C ARG D 715 17.62 -46.68 4.35
N PHE D 716 18.33 -46.71 5.49
CA PHE D 716 19.56 -47.48 5.62
C PHE D 716 19.47 -48.68 6.54
N ALA D 717 18.29 -49.27 6.76
CA ALA D 717 18.19 -50.43 7.63
C ALA D 717 16.85 -51.13 7.46
N ASP D 718 16.84 -52.41 7.82
CA ASP D 718 15.65 -53.23 7.74
C ASP D 718 14.89 -53.05 9.06
N ILE D 719 13.57 -52.85 8.95
CA ILE D 719 12.76 -52.60 10.14
C ILE D 719 11.95 -53.83 10.56
N ASP D 720 11.65 -54.73 9.63
CA ASP D 720 10.82 -55.90 9.92
C ASP D 720 11.59 -57.20 10.10
N THR D 721 12.74 -57.36 9.45
CA THR D 721 13.49 -58.61 9.58
C THR D 721 13.93 -58.84 11.02
N VAL D 722 13.75 -60.08 11.48
CA VAL D 722 14.12 -60.49 12.83
C VAL D 722 15.09 -61.66 12.72
N ILE D 723 16.17 -61.60 13.48
CA ILE D 723 17.20 -62.63 13.50
C ILE D 723 17.30 -63.18 14.92
N HIS D 724 17.22 -64.50 15.05
CA HIS D 724 17.30 -65.16 16.35
C HIS D 724 17.93 -66.53 16.18
N ALA D 725 18.48 -67.04 17.28
CA ALA D 725 19.13 -68.35 17.29
C ALA D 725 18.76 -69.12 18.53
N VAL E 2 -18.32 36.19 36.51
CA VAL E 2 -18.37 34.77 36.91
C VAL E 2 -18.56 34.68 38.43
N GLN E 3 -19.29 33.66 38.86
CA GLN E 3 -19.57 33.44 40.28
C GLN E 3 -19.67 31.96 40.57
N LEU E 4 -19.02 31.53 41.65
CA LEU E 4 -19.02 30.14 42.09
C LEU E 4 -19.45 30.11 43.55
N VAL E 5 -20.41 29.24 43.87
CA VAL E 5 -20.94 29.11 45.23
C VAL E 5 -20.90 27.65 45.64
N GLU E 6 -20.56 27.41 46.90
CA GLU E 6 -20.48 26.06 47.47
C GLU E 6 -21.41 25.94 48.66
N THR E 7 -22.11 24.81 48.74
CA THR E 7 -23.05 24.53 49.82
C THR E 7 -22.85 23.10 50.28
N GLY E 8 -23.17 22.85 51.56
CA GLY E 8 -23.05 21.53 52.15
C GLY E 8 -22.00 21.40 53.24
N GLY E 9 -21.28 22.46 53.59
CA GLY E 9 -20.28 22.35 54.63
C GLY E 9 -20.89 22.30 56.02
N GLY E 10 -20.07 21.84 56.97
CA GLY E 10 -20.51 21.74 58.34
C GLY E 10 -19.61 20.81 59.14
N VAL E 11 -20.01 20.59 60.39
CA VAL E 11 -19.29 19.73 61.32
C VAL E 11 -19.88 18.33 61.21
N VAL E 12 -19.02 17.33 61.10
CA VAL E 12 -19.44 15.94 60.96
C VAL E 12 -18.51 15.04 61.77
N ARG E 13 -19.06 13.95 62.29
CA ARG E 13 -18.28 13.02 63.09
C ARG E 13 -17.36 12.18 62.19
N PRO E 14 -16.28 11.61 62.73
CA PRO E 14 -15.40 10.78 61.90
C PRO E 14 -16.12 9.53 61.41
N GLY E 15 -15.70 9.06 60.23
CA GLY E 15 -16.28 7.87 59.64
C GLY E 15 -17.67 8.04 59.07
N ARG E 16 -18.20 9.25 59.05
CA ARG E 16 -19.53 9.53 58.53
C ARG E 16 -19.43 10.09 57.11
N SER E 17 -20.56 10.13 56.42
CA SER E 17 -20.64 10.61 55.05
C SER E 17 -21.18 12.03 54.99
N LEU E 18 -20.69 12.79 54.01
CA LEU E 18 -21.09 14.17 53.79
C LEU E 18 -21.04 14.42 52.29
N ARG E 19 -22.01 15.19 51.78
CA ARG E 19 -22.11 15.49 50.36
C ARG E 19 -22.09 17.01 50.16
N LEU E 20 -21.15 17.47 49.34
CA LEU E 20 -21.02 18.88 49.03
C LEU E 20 -21.57 19.17 47.64
N SER E 21 -21.90 20.44 47.40
CA SER E 21 -22.44 20.88 46.13
C SER E 21 -21.80 22.21 45.77
N CYS E 22 -21.58 22.43 44.48
CA CYS E 22 -20.98 23.65 43.96
C CYS E 22 -21.78 24.14 42.77
N THR E 23 -22.44 25.28 42.91
CA THR E 23 -23.24 25.88 41.85
C THR E 23 -22.33 26.80 41.04
N THR E 24 -22.63 26.92 39.76
CA THR E 24 -21.85 27.75 38.84
C THR E 24 -22.73 28.71 38.07
N SER E 25 -22.08 29.71 37.47
CA SER E 25 -22.75 30.72 36.67
C SER E 25 -21.69 31.57 36.00
N GLY E 26 -22.04 32.09 34.82
CA GLY E 26 -21.14 32.94 34.05
C GLY E 26 -20.30 32.23 33.02
N PHE E 27 -20.32 30.90 32.96
CA PHE E 27 -19.53 30.16 31.98
C PHE E 27 -20.26 28.89 31.60
N SER E 28 -19.86 28.33 30.45
CA SER E 28 -20.45 27.09 29.94
C SER E 28 -19.99 25.94 30.81
N PHE E 29 -20.86 25.50 31.72
CA PHE E 29 -20.51 24.40 32.61
C PHE E 29 -20.31 23.11 31.82
N SER E 30 -21.14 22.87 30.82
CA SER E 30 -21.03 21.65 30.02
C SER E 30 -19.75 21.58 29.19
N GLY E 31 -19.09 22.72 28.95
CA GLY E 31 -17.87 22.76 28.17
C GLY E 31 -16.58 22.94 28.93
N SER E 32 -16.55 22.68 30.24
CA SER E 32 -15.34 22.84 31.03
C SER E 32 -15.32 21.85 32.19
N ALA E 33 -14.14 21.31 32.47
CA ALA E 33 -13.98 20.37 33.56
C ALA E 33 -13.98 21.11 34.89
N MET E 34 -14.25 20.37 35.96
CA MET E 34 -14.29 20.92 37.31
C MET E 34 -13.33 20.16 38.20
N HIS E 35 -12.76 20.87 39.16
CA HIS E 35 -11.80 20.30 40.12
C HIS E 35 -12.19 20.70 41.53
N TRP E 36 -11.72 19.91 42.49
CA TRP E 36 -11.96 20.15 43.91
C TRP E 36 -10.61 20.30 44.60
N VAL E 37 -10.48 21.38 45.39
CA VAL E 37 -9.25 21.68 46.11
C VAL E 37 -9.57 21.90 47.58
N ARG E 38 -8.68 21.44 48.45
CA ARG E 38 -8.83 21.56 49.89
C ARG E 38 -7.70 22.41 50.46
N GLN E 39 -7.97 23.07 51.58
CA GLN E 39 -7.01 23.93 52.25
C GLN E 39 -7.13 23.68 53.76
N ALA E 40 -6.23 22.88 54.31
CA ALA E 40 -6.30 22.58 55.73
C ALA E 40 -5.93 23.83 56.54
N PRO E 41 -6.31 23.88 57.82
CA PRO E 41 -6.01 25.06 58.63
C PRO E 41 -4.52 25.32 58.75
N GLY E 42 -4.08 26.46 58.21
CA GLY E 42 -2.68 26.85 58.27
C GLY E 42 -1.72 25.97 57.50
N LYS E 43 -2.23 25.19 56.54
CA LYS E 43 -1.39 24.31 55.71
C LYS E 43 -1.50 24.75 54.26
N GLY E 44 -0.84 24.00 53.38
CA GLY E 44 -0.87 24.32 51.97
C GLY E 44 -2.06 23.72 51.24
N LEU E 45 -2.21 24.13 49.99
CA LEU E 45 -3.30 23.64 49.15
C LEU E 45 -3.02 22.21 48.71
N GLU E 46 -4.10 21.49 48.39
CA GLU E 46 -4.00 20.11 47.93
C GLU E 46 -5.19 19.77 47.05
N TRP E 47 -4.90 19.13 45.92
CA TRP E 47 -5.95 18.75 44.97
C TRP E 47 -6.73 17.56 45.52
N VAL E 48 -8.01 17.48 45.16
CA VAL E 48 -8.90 16.41 45.61
C VAL E 48 -9.31 15.50 44.46
N ALA E 49 -10.01 16.05 43.46
CA ALA E 49 -10.46 15.23 42.35
C ALA E 49 -10.73 16.12 41.14
N VAL E 50 -11.18 15.49 40.06
CA VAL E 50 -11.50 16.17 38.81
C VAL E 50 -12.57 15.39 38.07
N ILE E 51 -13.45 16.12 37.39
CA ILE E 51 -14.54 15.55 36.60
C ILE E 51 -14.48 16.24 35.24
N SER E 52 -14.48 15.44 34.17
CA SER E 52 -14.41 15.99 32.83
C SER E 52 -15.64 16.84 32.52
N HIS E 53 -15.62 17.46 31.33
CA HIS E 53 -16.73 18.30 30.91
C HIS E 53 -18.03 17.53 30.86
N ASP E 54 -17.99 16.30 30.35
CA ASP E 54 -19.16 15.43 30.25
C ASP E 54 -19.18 14.34 31.32
N GLY E 55 -18.14 14.25 32.15
CA GLY E 55 -18.08 13.25 33.20
C GLY E 55 -17.72 11.85 32.75
N ASN E 56 -17.09 11.69 31.58
CA ASN E 56 -16.74 10.35 31.13
C ASN E 56 -15.54 9.78 31.88
N ILE E 57 -14.60 10.63 32.31
CA ILE E 57 -13.41 10.19 33.03
C ILE E 57 -13.30 10.93 34.36
N ILE E 58 -12.88 10.20 35.39
CA ILE E 58 -12.73 10.72 36.74
C ILE E 58 -11.36 10.30 37.26
N GLN E 59 -10.70 11.22 38.00
CA GLN E 59 -9.41 10.97 38.59
C GLN E 59 -9.43 11.51 40.02
N TYR E 60 -8.82 10.77 40.94
CA TYR E 60 -8.78 11.13 42.35
C TYR E 60 -7.36 11.17 42.88
N HIS E 61 -7.23 11.74 44.08
CA HIS E 61 -5.96 11.82 44.76
C HIS E 61 -5.76 10.53 45.55
N ASP E 62 -4.50 10.10 45.69
CA ASP E 62 -4.22 8.86 46.42
C ASP E 62 -4.71 8.91 47.86
N SER E 63 -4.84 10.11 48.44
CA SER E 63 -5.31 10.21 49.82
C SER E 63 -6.83 10.11 49.92
N VAL E 64 -7.54 10.25 48.80
CA VAL E 64 -9.00 10.18 48.79
C VAL E 64 -9.53 9.17 47.77
N LYS E 65 -8.67 8.40 47.13
CA LYS E 65 -9.14 7.42 46.16
C LYS E 65 -9.91 6.31 46.87
N GLY E 66 -11.12 6.02 46.37
CA GLY E 66 -11.96 5.00 46.93
C GLY E 66 -12.85 5.46 48.06
N ARG E 67 -12.61 6.66 48.62
CA ARG E 67 -13.40 7.19 49.72
C ARG E 67 -14.38 8.27 49.23
N PHE E 68 -13.92 9.13 48.33
CA PHE E 68 -14.73 10.22 47.81
C PHE E 68 -15.47 9.76 46.55
N THR E 69 -16.32 10.64 46.04
CA THR E 69 -17.09 10.35 44.83
C THR E 69 -17.51 11.68 44.22
N ILE E 70 -16.96 12.00 43.05
CA ILE E 70 -17.24 13.25 42.37
C ILE E 70 -18.24 12.99 41.24
N SER E 71 -19.14 13.94 41.04
CA SER E 71 -20.17 13.82 40.00
C SER E 71 -20.62 15.22 39.62
N ARG E 72 -21.29 15.32 38.47
CA ARG E 72 -21.79 16.60 37.97
C ARG E 72 -23.09 16.37 37.21
N ASP E 73 -23.85 17.46 37.07
CA ASP E 73 -25.13 17.47 36.36
C ASP E 73 -25.11 18.68 35.44
N ASN E 74 -24.81 18.45 34.15
CA ASN E 74 -24.74 19.54 33.20
C ASN E 74 -26.10 20.21 33.00
N SER E 75 -27.20 19.47 33.15
CA SER E 75 -28.52 20.07 32.97
C SER E 75 -28.77 21.18 33.99
N LYS E 76 -28.41 20.92 35.26
CA LYS E 76 -28.58 21.89 36.33
C LYS E 76 -27.31 22.69 36.60
N ASN E 77 -26.25 22.49 35.81
CA ASN E 77 -24.97 23.18 35.95
C ASN E 77 -24.53 23.24 37.42
N VAL E 78 -24.53 22.09 38.07
CA VAL E 78 -24.15 21.97 39.47
C VAL E 78 -23.16 20.82 39.62
N LEU E 79 -22.14 21.05 40.44
CA LEU E 79 -21.10 20.07 40.71
C LEU E 79 -21.31 19.53 42.13
N LEU E 80 -21.05 18.23 42.31
CA LEU E 80 -21.22 17.57 43.59
C LEU E 80 -20.02 16.69 43.90
N LEU E 81 -19.80 16.45 45.20
CA LEU E 81 -18.70 15.63 45.69
C LEU E 81 -19.21 14.86 46.90
N GLN E 82 -19.68 13.64 46.66
CA GLN E 82 -20.20 12.80 47.74
C GLN E 82 -19.01 12.22 48.52
N MET E 83 -18.91 12.57 49.79
CA MET E 83 -17.82 12.12 50.66
C MET E 83 -18.33 11.04 51.59
N ASN E 84 -17.53 9.99 51.76
CA ASN E 84 -17.83 8.87 52.64
C ASN E 84 -16.57 8.45 53.39
N SER E 85 -16.77 7.93 54.60
CA SER E 85 -15.68 7.50 55.46
C SER E 85 -14.71 8.64 55.74
N LEU E 86 -15.24 9.68 56.39
CA LEU E 86 -14.42 10.85 56.71
C LEU E 86 -13.41 10.52 57.80
N ARG E 87 -12.34 11.32 57.86
CA ARG E 87 -11.29 11.16 58.84
C ARG E 87 -10.93 12.53 59.40
N VAL E 88 -10.21 12.52 60.53
CA VAL E 88 -9.82 13.78 61.17
C VAL E 88 -8.90 14.59 60.26
N ASP E 89 -8.03 13.91 59.49
CA ASP E 89 -7.11 14.61 58.61
C ASP E 89 -7.83 15.31 57.45
N ASP E 90 -9.11 15.02 57.21
CA ASP E 90 -9.84 15.64 56.12
C ASP E 90 -10.36 17.04 56.47
N THR E 91 -10.17 17.50 57.70
CA THR E 91 -10.64 18.83 58.10
C THR E 91 -9.94 19.88 57.24
N ALA E 92 -10.69 20.55 56.36
CA ALA E 92 -10.09 21.55 55.50
C ALA E 92 -11.17 22.31 54.73
N MET E 93 -10.79 23.48 54.22
CA MET E 93 -11.70 24.28 53.42
C MET E 93 -11.69 23.76 51.99
N TYR E 94 -12.83 23.25 51.55
CA TYR E 94 -12.98 22.70 50.22
C TYR E 94 -13.43 23.78 49.25
N TYR E 95 -12.73 23.89 48.12
CA TYR E 95 -13.03 24.86 47.07
C TYR E 95 -13.30 24.11 45.77
N CYS E 96 -14.27 24.61 45.01
CA CYS E 96 -14.59 24.05 43.71
C CYS E 96 -14.05 25.03 42.67
N ALA E 97 -13.24 24.52 41.74
CA ALA E 97 -12.64 25.38 40.73
C ALA E 97 -12.77 24.77 39.34
N ARG E 98 -12.91 25.65 38.34
CA ARG E 98 -13.04 25.25 36.95
C ARG E 98 -11.66 25.22 36.31
N ASP E 99 -11.50 24.35 35.31
CA ASP E 99 -10.22 24.25 34.63
C ASP E 99 -10.00 25.46 33.73
N VAL E 100 -8.76 25.59 33.25
CA VAL E 100 -8.45 26.70 32.34
C VAL E 100 -8.82 26.26 30.93
N TRP E 101 -9.76 26.95 30.32
CA TRP E 101 -10.18 26.57 28.98
C TRP E 101 -9.14 27.04 27.97
N LEU E 102 -8.44 26.09 27.38
CA LEU E 102 -7.42 26.34 26.37
C LEU E 102 -7.75 25.62 25.06
N LEU E 103 -8.40 24.47 25.14
CA LEU E 103 -8.82 23.68 23.99
C LEU E 103 -10.23 23.17 24.25
N PRO E 104 -10.94 22.72 23.21
CA PRO E 104 -12.33 22.26 23.40
C PRO E 104 -12.61 21.17 24.42
N ALA E 105 -11.99 19.98 24.29
CA ALA E 105 -12.28 18.86 25.18
C ALA E 105 -11.13 18.42 26.08
N THR E 106 -10.00 19.11 26.09
CA THR E 106 -8.90 18.66 26.95
C THR E 106 -9.06 19.22 28.37
N ILE E 107 -8.30 18.63 29.30
CA ILE E 107 -8.29 19.03 30.69
C ILE E 107 -6.93 19.65 30.97
N SER E 108 -6.92 20.95 31.27
CA SER E 108 -5.69 21.67 31.53
C SER E 108 -5.04 21.31 32.86
N TYR E 109 -5.77 20.70 33.79
CA TYR E 109 -5.25 20.32 35.10
C TYR E 109 -4.75 21.55 35.87
N ALA E 110 -5.27 22.73 35.52
CA ALA E 110 -4.93 24.00 36.20
C ALA E 110 -6.24 24.63 36.63
N PHE E 111 -6.19 25.63 37.51
CA PHE E 111 -7.40 26.28 38.05
C PHE E 111 -7.39 27.73 37.58
N ASP E 112 -8.52 28.25 37.12
CA ASP E 112 -8.61 29.66 36.61
C ASP E 112 -9.64 30.42 37.41
N PHE E 113 -10.74 29.77 37.81
CA PHE E 113 -11.81 30.36 38.60
C PHE E 113 -12.01 29.50 39.85
N TRP E 114 -12.09 30.16 41.00
CA TRP E 114 -12.26 29.50 42.28
C TRP E 114 -13.51 30.01 42.97
N GLY E 115 -14.09 29.15 43.82
CA GLY E 115 -15.28 29.52 44.56
C GLY E 115 -14.93 30.09 45.92
N GLN E 116 -15.98 30.50 46.65
CA GLN E 116 -15.77 31.07 47.97
C GLN E 116 -15.26 30.04 48.97
N GLY E 117 -15.58 28.78 48.78
CA GLY E 117 -15.13 27.73 49.67
C GLY E 117 -16.03 27.58 50.90
N THR E 118 -16.03 26.37 51.43
CA THR E 118 -16.84 26.04 52.60
C THR E 118 -16.01 25.15 53.54
N MET E 119 -16.35 25.21 54.82
CA MET E 119 -15.63 24.43 55.82
C MET E 119 -16.26 23.06 56.04
N VAL E 120 -15.40 22.08 56.29
CA VAL E 120 -15.78 20.71 56.59
C VAL E 120 -14.89 20.27 57.74
N THR E 121 -15.39 20.38 58.96
CA THR E 121 -14.65 20.05 60.17
C THR E 121 -15.04 18.66 60.65
N VAL E 122 -14.03 17.82 60.90
CA VAL E 122 -14.22 16.47 61.41
C VAL E 122 -13.78 16.47 62.87
N SER E 123 -14.76 16.38 63.78
CA SER E 123 -14.47 16.39 65.20
C SER E 123 -15.39 15.40 65.90
N SER E 124 -15.01 15.02 67.12
CA SER E 124 -15.77 14.09 67.93
C SER E 124 -15.89 14.58 69.36
N VAL F 1 4.25 10.58 43.57
CA VAL F 1 3.89 11.99 43.88
C VAL F 1 5.10 12.89 43.67
N ILE F 2 4.88 14.01 42.99
CA ILE F 2 5.94 14.97 42.70
C ILE F 2 5.89 16.07 43.76
N TRP F 3 6.84 16.05 44.68
CA TRP F 3 6.89 17.05 45.74
C TRP F 3 7.34 18.38 45.15
N MET F 4 6.74 19.47 45.65
CA MET F 4 7.03 20.82 45.19
C MET F 4 7.69 21.63 46.30
N THR F 5 8.97 21.93 46.10
CA THR F 5 9.71 22.72 47.08
C THR F 5 9.71 24.19 46.65
N GLN F 6 9.08 25.04 47.45
CA GLN F 6 8.97 26.46 47.16
C GLN F 6 9.73 27.24 48.22
N SER F 7 10.58 28.17 47.77
CA SER F 7 11.37 29.01 48.66
C SER F 7 11.54 30.38 48.00
N PRO F 8 11.72 31.44 48.79
CA PRO F 8 11.77 31.50 50.27
C PRO F 8 10.38 31.40 50.88
N PRO F 9 10.18 30.76 52.04
CA PRO F 9 8.81 30.69 52.59
C PRO F 9 8.21 32.05 52.91
N SER F 10 9.03 33.07 53.12
CA SER F 10 8.51 34.40 53.43
C SER F 10 9.61 35.43 53.27
N LEU F 11 9.28 36.53 52.61
CA LEU F 11 10.21 37.62 52.37
C LEU F 11 9.42 38.92 52.29
N SER F 12 10.10 40.03 52.52
CA SER F 12 9.50 41.36 52.49
C SER F 12 10.12 42.19 51.38
N ALA F 13 9.33 43.08 50.81
CA ALA F 13 9.78 43.94 49.73
C ALA F 13 9.03 45.27 49.80
N SER F 14 9.62 46.29 49.17
CA SER F 14 9.05 47.63 49.15
C SER F 14 8.31 47.86 47.83
N ILE F 15 7.44 48.86 47.84
CA ILE F 15 6.68 49.19 46.64
C ILE F 15 7.62 49.81 45.62
N GLY F 16 7.74 49.15 44.47
CA GLY F 16 8.60 49.64 43.41
C GLY F 16 9.95 48.98 43.30
N ASP F 17 10.06 47.70 43.65
CA ASP F 17 11.30 46.95 43.59
C ASP F 17 11.05 45.60 42.92
N THR F 18 12.14 44.88 42.66
CA THR F 18 12.09 43.58 42.01
C THR F 18 12.13 42.46 43.04
N VAL F 19 11.41 41.38 42.75
CA VAL F 19 11.33 40.19 43.61
C VAL F 19 11.42 38.95 42.72
N THR F 20 11.88 37.85 43.31
CA THR F 20 12.02 36.59 42.59
C THR F 20 11.67 35.45 43.53
N ILE F 21 10.68 34.66 43.16
CA ILE F 21 10.21 33.52 43.94
C ILE F 21 10.60 32.26 43.18
N THR F 22 11.33 31.37 43.84
CA THR F 22 11.81 30.13 43.24
C THR F 22 10.95 28.94 43.67
N CYS F 23 10.66 28.07 42.72
CA CYS F 23 9.88 26.86 42.95
C CYS F 23 10.65 25.70 42.31
N ARG F 24 10.82 24.62 43.06
CA ARG F 24 11.57 23.46 42.60
C ARG F 24 10.73 22.20 42.81
N ALA F 25 10.78 21.29 41.84
CA ALA F 25 10.07 20.04 41.90
C ALA F 25 11.03 18.88 42.15
N SER F 26 10.49 17.78 42.66
CA SER F 26 11.29 16.61 42.97
C SER F 26 11.82 15.90 41.72
N GLN F 27 11.25 16.17 40.55
CA GLN F 27 11.69 15.54 39.31
C GLN F 27 11.42 16.48 38.15
N GLY F 28 12.11 16.22 37.04
CA GLY F 28 11.94 17.04 35.84
C GLY F 28 10.51 16.97 35.35
N ILE F 29 9.87 18.12 35.21
CA ILE F 29 8.48 18.22 34.74
C ILE F 29 8.37 19.03 33.45
N SER F 30 9.46 19.14 32.69
CA SER F 30 9.48 19.89 31.43
C SER F 30 9.03 21.34 31.65
N ASN F 31 7.75 21.62 31.43
CA ASN F 31 7.22 22.97 31.61
C ASN F 31 5.83 22.96 32.23
N SER F 32 5.33 21.78 32.63
CA SER F 32 4.00 21.66 33.22
C SER F 32 4.01 22.18 34.66
N ILE F 33 3.68 23.46 34.80
CA ILE F 33 3.63 24.12 36.10
C ILE F 33 2.81 25.40 35.96
N ALA F 34 2.08 25.72 37.02
CA ALA F 34 1.23 26.90 37.06
C ALA F 34 1.52 27.70 38.33
N TRP F 35 1.24 29.00 38.26
CA TRP F 35 1.46 29.93 39.37
C TRP F 35 0.13 30.56 39.75
N TYR F 36 -0.10 30.69 41.06
CA TYR F 36 -1.32 31.26 41.61
C TYR F 36 -1.00 32.38 42.59
N GLN F 37 -2.02 33.18 42.87
CA GLN F 37 -1.94 34.29 43.80
C GLN F 37 -3.22 34.31 44.64
N ARG F 38 -3.07 34.44 45.96
CA ARG F 38 -4.19 34.45 46.89
C ARG F 38 -4.02 35.63 47.84
N ARG F 39 -4.85 36.67 47.64
CA ARG F 39 -4.78 37.83 48.51
C ARG F 39 -5.48 37.48 49.83
N PRO F 40 -5.16 38.19 50.93
CA PRO F 40 -5.82 37.87 52.20
C PRO F 40 -7.33 38.06 52.12
N GLY F 41 -8.05 37.04 52.58
CA GLY F 41 -9.50 37.07 52.58
C GLY F 41 -10.17 36.77 51.25
N LYS F 42 -9.43 36.31 50.24
CA LYS F 42 -10.01 35.99 48.94
C LYS F 42 -9.50 34.64 48.44
N ALA F 43 -10.20 34.13 47.43
CA ALA F 43 -9.83 32.87 46.83
C ALA F 43 -8.63 33.07 45.90
N PRO F 44 -7.89 32.00 45.58
CA PRO F 44 -6.74 32.17 44.70
C PRO F 44 -7.15 32.47 43.27
N GLU F 45 -6.22 33.05 42.52
CA GLU F 45 -6.43 33.40 41.11
C GLU F 45 -5.17 33.02 40.34
N LEU F 46 -5.37 32.43 39.17
CA LEU F 46 -4.26 31.98 38.34
C LEU F 46 -3.52 33.16 37.72
N LEU F 47 -2.20 33.02 37.61
CA LEU F 47 -1.33 34.03 37.03
C LEU F 47 -0.63 33.56 35.76
N VAL F 48 0.09 32.44 35.84
CA VAL F 48 0.83 31.89 34.71
C VAL F 48 0.50 30.42 34.53
N TYR F 49 0.63 29.94 33.30
CA TYR F 49 0.37 28.56 32.95
C TYR F 49 1.51 28.06 32.07
N ALA F 50 1.96 26.84 32.35
CA ALA F 50 3.05 26.20 31.62
C ALA F 50 4.37 26.96 31.79
N ALA F 51 4.45 27.74 32.87
CA ALA F 51 5.63 28.52 33.25
C ALA F 51 5.92 29.74 32.38
N TYR F 52 5.21 29.93 31.25
CA TYR F 52 5.45 31.07 30.37
C TYR F 52 4.19 31.76 29.88
N ARG F 53 3.04 31.10 29.84
CA ARG F 53 1.82 31.70 29.32
C ARG F 53 1.17 32.57 30.39
N LEU F 54 1.15 33.88 30.16
CA LEU F 54 0.53 34.80 31.10
C LEU F 54 -0.98 34.81 30.90
N GLN F 55 -1.72 34.75 32.01
CA GLN F 55 -3.18 34.75 31.92
C GLN F 55 -3.69 36.10 31.43
N SER F 56 -4.86 36.08 30.83
CA SER F 56 -5.47 37.30 30.32
C SER F 56 -5.77 38.26 31.46
N GLY F 57 -5.37 39.52 31.30
CA GLY F 57 -5.61 40.52 32.31
C GLY F 57 -4.55 40.62 33.39
N VAL F 58 -3.58 39.71 33.41
CA VAL F 58 -2.51 39.74 34.41
C VAL F 58 -1.53 40.83 34.01
N PRO F 59 -0.90 41.55 34.94
CA PRO F 59 0.05 42.59 34.53
C PRO F 59 1.22 42.02 33.75
N SER F 60 1.66 42.76 32.72
CA SER F 60 2.78 42.30 31.91
C SER F 60 4.10 42.34 32.69
N ARG F 61 4.21 43.21 33.69
CA ARG F 61 5.40 43.33 34.51
C ARG F 61 5.70 42.07 35.31
N LEU F 62 4.73 41.17 35.47
CA LEU F 62 4.89 39.92 36.19
C LEU F 62 5.08 38.81 35.17
N SER F 63 6.13 38.01 35.34
CA SER F 63 6.41 36.94 34.40
C SER F 63 7.17 35.82 35.11
N GLY F 64 7.11 34.62 34.52
CA GLY F 64 7.78 33.46 35.04
C GLY F 64 8.79 32.91 34.04
N SER F 65 9.67 32.04 34.53
CA SER F 65 10.70 31.45 33.68
C SER F 65 11.21 30.17 34.35
N GLY F 66 12.08 29.48 33.64
CA GLY F 66 12.69 28.25 34.10
C GLY F 66 12.45 27.10 33.14
N SER F 67 13.07 25.97 33.48
CA SER F 67 12.96 24.76 32.69
C SER F 67 13.30 23.57 33.58
N GLY F 68 12.94 22.38 33.11
CA GLY F 68 13.21 21.17 33.85
C GLY F 68 12.52 21.16 35.21
N ALA F 69 13.30 21.01 36.28
CA ALA F 69 12.76 21.01 37.63
C ALA F 69 12.93 22.33 38.36
N GLU F 70 13.51 23.34 37.70
CA GLU F 70 13.74 24.66 38.30
C GLU F 70 12.83 25.67 37.63
N TYR F 71 12.10 26.44 38.45
CA TYR F 71 11.20 27.46 37.95
C TYR F 71 11.25 28.66 38.87
N THR F 72 10.97 29.83 38.31
CA THR F 72 10.99 31.08 39.06
C THR F 72 9.93 32.03 38.54
N LEU F 73 9.37 32.82 39.45
CA LEU F 73 8.37 33.84 39.15
C LEU F 73 8.96 35.17 39.59
N THR F 74 8.97 36.14 38.67
CA THR F 74 9.56 37.44 38.94
C THR F 74 8.58 38.57 38.63
N ILE F 75 8.75 39.67 39.37
CA ILE F 75 7.95 40.88 39.22
C ILE F 75 8.96 42.02 39.17
N LYS F 76 8.99 42.75 38.05
CA LYS F 76 9.93 43.84 37.90
C LYS F 76 9.50 45.13 38.60
N ASN F 77 8.22 45.28 38.93
CA ASN F 77 7.76 46.49 39.60
C ASN F 77 6.59 46.10 40.53
N MET F 78 6.90 45.94 41.81
CA MET F 78 5.88 45.59 42.79
C MET F 78 4.91 46.74 42.97
N GLN F 79 3.66 46.40 43.19
CA GLN F 79 2.57 47.32 43.43
C GLN F 79 1.90 46.96 44.75
N PRO F 80 1.15 47.89 45.37
CA PRO F 80 0.52 47.55 46.65
C PRO F 80 -0.41 46.36 46.59
N GLU F 81 -1.00 46.07 45.42
CA GLU F 81 -1.91 44.93 45.29
C GLU F 81 -1.20 43.61 45.02
N ASP F 82 0.13 43.62 44.85
CA ASP F 82 0.87 42.39 44.58
C ASP F 82 1.28 41.64 45.82
N PHE F 83 1.28 42.30 46.99
CA PHE F 83 1.66 41.63 48.23
C PHE F 83 0.60 40.60 48.59
N ALA F 84 0.93 39.33 48.41
CA ALA F 84 0.00 38.25 48.72
C ALA F 84 0.77 36.94 48.67
N THR F 85 0.05 35.84 48.93
CA THR F 85 0.67 34.52 48.92
C THR F 85 0.69 33.99 47.49
N TYR F 86 1.83 33.44 47.08
CA TYR F 86 2.00 32.88 45.74
C TYR F 86 2.32 31.40 45.84
N TYR F 87 1.55 30.58 45.12
CA TYR F 87 1.70 29.14 45.11
C TYR F 87 2.05 28.64 43.71
N CYS F 88 2.92 27.63 43.66
CA CYS F 88 3.32 27.00 42.41
C CYS F 88 2.80 25.57 42.43
N GLN F 89 2.06 25.22 41.37
CA GLN F 89 1.45 23.90 41.25
C GLN F 89 1.85 23.25 39.93
N GLN F 90 2.12 21.94 39.98
CA GLN F 90 2.49 21.20 38.80
C GLN F 90 1.34 20.33 38.33
N TYR F 91 1.36 20.01 37.03
CA TYR F 91 0.36 19.15 36.42
C TYR F 91 1.00 18.16 35.45
N TYR F 92 2.28 17.85 35.64
CA TYR F 92 2.97 16.90 34.76
C TYR F 92 2.43 15.50 34.95
N ASP F 93 2.21 15.10 36.21
CA ASP F 93 1.69 13.77 36.52
C ASP F 93 0.82 13.88 37.76
N ASN F 94 -0.18 13.01 37.84
CA ASN F 94 -1.07 13.02 38.98
C ASN F 94 -0.40 12.37 40.19
N PRO F 95 -0.80 12.75 41.42
CA PRO F 95 -1.81 13.75 41.79
C PRO F 95 -1.26 15.17 41.72
N LEU F 96 -2.10 16.17 41.46
CA LEU F 96 -1.61 17.54 41.40
C LEU F 96 -1.17 17.97 42.79
N THR F 97 0.02 18.58 42.86
CA THR F 97 0.61 19.03 44.12
C THR F 97 0.94 20.51 44.04
N PHE F 98 0.69 21.22 45.12
CA PHE F 98 0.97 22.64 45.22
C PHE F 98 2.29 22.87 45.94
N GLY F 99 2.81 24.09 45.84
CA GLY F 99 4.03 24.44 46.51
C GLY F 99 3.78 24.86 47.94
N GLY F 100 4.86 25.00 48.70
CA GLY F 100 4.72 25.41 50.09
C GLY F 100 4.19 26.81 50.27
N GLY F 101 4.24 27.65 49.25
CA GLY F 101 3.75 29.01 49.34
C GLY F 101 4.79 29.96 49.91
N THR F 102 4.81 31.18 49.36
CA THR F 102 5.75 32.24 49.77
C THR F 102 4.95 33.50 49.98
N LYS F 103 4.95 34.07 51.19
CA LYS F 103 4.12 35.25 51.49
C LYS F 103 4.96 36.53 51.33
N VAL F 104 4.69 37.31 50.28
CA VAL F 104 5.39 38.60 50.07
C VAL F 104 4.65 39.59 50.96
N GLU F 105 5.36 40.40 51.74
CA GLU F 105 4.75 41.34 52.70
C GLU F 105 5.42 42.71 52.54
N ILE F 106 4.89 43.76 53.19
CA ILE F 106 5.53 45.10 53.15
C ILE F 106 6.78 45.03 54.04
N LYS F 107 7.86 45.73 53.68
CA LYS F 107 9.11 45.73 54.48
C LYS F 107 9.30 47.14 55.09
N ALA G 111 -37.74 42.50 -1.27
CA ALA G 111 -37.37 43.53 -2.29
C ALA G 111 -37.41 44.92 -1.69
N ASN G 112 -36.61 45.82 -2.24
CA ASN G 112 -36.52 47.20 -1.78
C ASN G 112 -36.29 48.14 -2.95
N PHE G 113 -37.11 49.20 -3.01
CA PHE G 113 -36.97 50.17 -4.08
C PHE G 113 -35.73 51.03 -3.80
N TYR G 114 -35.34 51.83 -4.80
CA TYR G 114 -34.16 52.67 -4.65
C TYR G 114 -34.33 54.00 -5.37
N VAL G 115 -33.93 55.07 -4.71
CA VAL G 115 -33.96 56.42 -5.26
C VAL G 115 -32.51 56.78 -5.55
N CYS G 116 -32.18 56.98 -6.83
CA CYS G 116 -30.83 57.28 -7.27
C CYS G 116 -30.65 58.72 -7.73
N PRO G 117 -30.02 59.59 -6.95
CA PRO G 117 -29.80 60.97 -7.41
C PRO G 117 -28.79 60.99 -8.55
N PRO G 118 -28.83 61.98 -9.44
CA PRO G 118 -27.85 62.01 -10.53
C PRO G 118 -26.43 62.09 -9.99
N PRO G 119 -25.50 61.27 -10.48
CA PRO G 119 -24.12 61.35 -9.96
C PRO G 119 -23.38 62.55 -10.52
N THR G 120 -22.19 62.78 -9.95
CA THR G 120 -21.33 63.87 -10.36
C THR G 120 -19.88 63.41 -10.26
N GLY G 121 -18.96 64.31 -10.62
CA GLY G 121 -17.54 64.00 -10.61
C GLY G 121 -16.88 63.88 -9.24
N ALA G 122 -17.66 63.93 -8.16
CA ALA G 122 -17.08 63.83 -6.83
C ALA G 122 -16.43 62.46 -6.61
N THR G 123 -17.12 61.38 -6.99
CA THR G 123 -16.62 60.02 -6.84
C THR G 123 -16.49 59.41 -8.23
N VAL G 124 -15.34 58.81 -8.49
CA VAL G 124 -15.04 58.18 -9.77
C VAL G 124 -14.48 56.78 -9.53
N VAL G 125 -14.88 55.83 -10.37
CA VAL G 125 -14.45 54.44 -10.27
C VAL G 125 -14.07 53.95 -11.66
N GLN G 126 -13.11 53.03 -11.71
CA GLN G 126 -12.62 52.46 -12.97
C GLN G 126 -12.49 50.94 -12.83
N PHE G 127 -12.42 50.27 -13.98
CA PHE G 127 -12.29 48.82 -14.01
C PHE G 127 -10.82 48.43 -13.96
N GLU G 128 -10.58 47.15 -13.68
CA GLU G 128 -9.22 46.63 -13.61
C GLU G 128 -8.74 46.21 -14.99
N GLN G 129 -7.46 46.42 -15.25
CA GLN G 129 -6.88 46.05 -16.54
C GLN G 129 -6.69 44.54 -16.60
N PRO G 130 -6.51 43.98 -17.80
CA PRO G 130 -6.31 42.53 -17.92
C PRO G 130 -5.09 42.07 -17.14
N ARG G 131 -5.27 41.01 -16.35
CA ARG G 131 -4.18 40.47 -15.56
C ARG G 131 -3.37 39.47 -16.38
N ARG G 132 -2.06 39.48 -16.19
CA ARG G 132 -1.21 38.52 -16.90
C ARG G 132 -1.51 37.13 -16.34
N CYS G 133 -1.81 36.19 -17.22
CA CYS G 133 -2.15 34.85 -16.76
C CYS G 133 -0.91 34.07 -16.34
N PRO G 134 -1.07 33.07 -15.47
CA PRO G 134 0.10 32.29 -15.04
C PRO G 134 0.69 31.48 -16.18
N THR G 135 1.99 31.22 -16.09
CA THR G 135 2.67 30.44 -17.10
C THR G 135 2.24 28.99 -17.01
N ARG G 136 2.28 28.30 -18.15
CA ARG G 136 1.89 26.90 -18.19
C ARG G 136 2.78 26.10 -17.23
N PRO G 137 2.23 25.13 -16.49
CA PRO G 137 3.08 24.35 -15.58
C PRO G 137 4.17 23.60 -16.34
N GLU G 138 5.35 23.56 -15.75
CA GLU G 138 6.47 22.87 -16.39
C GLU G 138 6.31 21.36 -16.29
N GLY G 139 6.50 20.69 -17.42
CA GLY G 139 6.38 19.24 -17.45
C GLY G 139 7.55 18.56 -16.78
N GLN G 140 7.37 17.27 -16.51
CA GLN G 140 8.43 16.49 -15.87
C GLN G 140 9.63 16.35 -16.80
N ASN G 141 10.82 16.43 -16.21
CA ASN G 141 12.08 16.32 -16.95
C ASN G 141 12.59 14.88 -16.94
N TYR G 142 11.80 13.97 -17.50
CA TYR G 142 12.17 12.56 -17.54
C TYR G 142 13.28 12.29 -18.55
N THR G 143 13.99 11.18 -18.32
CA THR G 143 15.08 10.72 -19.18
C THR G 143 14.95 9.22 -19.30
N GLU G 144 14.48 8.76 -20.45
CA GLU G 144 14.27 7.33 -20.68
C GLU G 144 15.57 6.55 -20.53
N GLY G 145 15.45 5.37 -19.93
CA GLY G 145 16.60 4.51 -19.71
C GLY G 145 16.19 3.18 -19.12
N ILE G 146 16.99 2.17 -19.42
CA ILE G 146 16.76 0.82 -18.92
C ILE G 146 17.28 0.76 -17.49
N ALA G 147 16.65 -0.07 -16.66
CA ALA G 147 17.06 -0.17 -15.26
C ALA G 147 16.84 -1.58 -14.72
N VAL G 148 17.67 -1.94 -13.76
CA VAL G 148 17.62 -3.23 -13.07
C VAL G 148 17.74 -2.94 -11.58
N VAL G 149 16.73 -3.36 -10.82
CA VAL G 149 16.69 -3.12 -9.38
C VAL G 149 17.23 -4.34 -8.65
N PHE G 150 18.12 -4.10 -7.69
CA PHE G 150 18.73 -5.16 -6.89
C PHE G 150 18.29 -5.02 -5.44
N LYS G 151 18.17 -6.16 -4.76
CA LYS G 151 17.76 -6.23 -3.38
C LYS G 151 18.78 -7.03 -2.58
N GLU G 152 18.75 -6.87 -1.26
CA GLU G 152 19.68 -7.61 -0.41
C GLU G 152 19.43 -9.10 -0.57
N ASN G 153 20.51 -9.85 -0.79
CA ASN G 153 20.43 -11.29 -0.98
C ASN G 153 20.28 -11.99 0.36
N ILE G 154 19.10 -12.57 0.59
CA ILE G 154 18.83 -13.30 1.83
C ILE G 154 18.91 -14.81 1.63
N ALA G 155 18.89 -15.28 0.40
CA ALA G 155 18.96 -16.71 0.14
C ALA G 155 20.35 -17.24 0.49
N PRO G 156 20.48 -18.28 1.32
CA PRO G 156 21.80 -18.79 1.65
C PRO G 156 22.48 -19.41 0.43
N TYR G 157 23.81 -19.38 0.43
CA TYR G 157 24.57 -19.97 -0.67
C TYR G 157 24.38 -21.48 -0.64
N LYS G 158 23.75 -22.02 -1.68
CA LYS G 158 23.46 -23.44 -1.78
C LYS G 158 24.40 -24.12 -2.76
N PHE G 159 25.00 -25.23 -2.33
CA PHE G 159 25.91 -26.01 -3.16
C PHE G 159 25.77 -27.47 -2.78
N LYS G 160 26.11 -28.35 -3.71
CA LYS G 160 26.01 -29.79 -3.51
C LYS G 160 27.24 -30.33 -2.80
N ALA G 161 27.02 -31.26 -1.88
CA ALA G 161 28.08 -31.88 -1.11
C ALA G 161 27.72 -33.35 -0.89
N THR G 162 28.75 -34.16 -0.61
CA THR G 162 28.58 -35.59 -0.38
C THR G 162 29.15 -35.94 0.99
N MET G 163 28.36 -36.66 1.79
CA MET G 163 28.76 -37.07 3.12
C MET G 163 29.22 -38.52 3.09
N TYR G 164 30.17 -38.86 3.96
CA TYR G 164 30.71 -40.22 4.07
C TYR G 164 30.87 -40.53 5.55
N TYR G 165 30.21 -41.58 6.02
CA TYR G 165 30.31 -41.97 7.42
C TYR G 165 29.84 -43.40 7.57
N LYS G 166 30.24 -44.01 8.68
CA LYS G 166 29.88 -45.38 9.01
C LYS G 166 29.10 -45.39 10.32
N ASP G 167 27.94 -46.05 10.31
CA ASP G 167 27.10 -46.12 11.50
C ASP G 167 27.56 -47.23 12.43
N VAL G 168 28.59 -46.97 13.23
CA VAL G 168 29.09 -47.96 14.17
C VAL G 168 28.03 -48.18 15.24
N THR G 169 27.60 -49.43 15.41
CA THR G 169 26.57 -49.75 16.39
C THR G 169 26.95 -51.05 17.10
N VAL G 170 27.26 -50.93 18.39
CA VAL G 170 27.60 -52.07 19.23
C VAL G 170 26.53 -52.17 20.30
N SER G 171 25.86 -53.32 20.37
CA SER G 171 24.77 -53.54 21.31
C SER G 171 25.09 -54.66 22.27
N GLN G 172 24.63 -54.51 23.51
CA GLN G 172 24.81 -55.49 24.57
C GLN G 172 23.47 -56.20 24.74
N VAL G 173 23.48 -57.53 24.63
CA VAL G 173 22.26 -58.33 24.74
C VAL G 173 22.38 -59.31 25.89
N TRP G 174 21.32 -59.38 26.69
CA TRP G 174 21.24 -60.30 27.83
C TRP G 174 20.28 -61.41 27.44
N PHE G 175 20.78 -62.64 27.47
CA PHE G 175 20.01 -63.83 27.10
C PHE G 175 19.50 -64.51 28.37
N GLY G 176 18.19 -64.45 28.58
CA GLY G 176 17.58 -65.07 29.73
C GLY G 176 17.21 -66.51 29.46
N HIS G 177 16.48 -67.10 30.41
CA HIS G 177 16.05 -68.48 30.26
C HIS G 177 15.06 -68.65 29.12
N ARG G 178 14.21 -67.64 28.89
CA ARG G 178 13.20 -67.70 27.84
C ARG G 178 13.01 -66.38 27.11
N TYR G 179 13.95 -65.43 27.21
CA TYR G 179 13.79 -64.15 26.54
C TYR G 179 15.15 -63.51 26.31
N SER G 180 15.15 -62.49 25.46
CA SER G 180 16.33 -61.72 25.11
C SER G 180 16.02 -60.25 25.38
N GLN G 181 17.04 -59.50 25.82
CA GLN G 181 16.85 -58.09 26.14
C GLN G 181 18.11 -57.31 25.82
N PHE G 182 17.92 -56.05 25.42
CA PHE G 182 19.03 -55.16 25.09
C PHE G 182 19.47 -54.42 26.34
N MET G 183 20.63 -54.79 26.88
CA MET G 183 21.15 -54.13 28.07
C MET G 183 21.81 -52.80 27.75
N GLY G 184 21.99 -52.47 26.47
CA GLY G 184 22.61 -51.23 26.08
C GLY G 184 23.03 -51.21 24.63
N ILE G 185 22.79 -50.08 23.96
CA ILE G 185 23.14 -49.89 22.55
C ILE G 185 23.90 -48.59 22.43
N PHE G 186 25.04 -48.63 21.74
CA PHE G 186 25.89 -47.47 21.53
C PHE G 186 26.02 -47.22 20.03
N GLU G 187 25.41 -46.13 19.56
CA GLU G 187 25.43 -45.76 18.16
C GLU G 187 26.38 -44.58 17.98
N ASP G 188 27.23 -44.65 16.95
CA ASP G 188 28.19 -43.61 16.67
C ASP G 188 28.45 -43.52 15.18
N ARG G 189 28.62 -42.30 14.67
CA ARG G 189 28.89 -42.06 13.26
C ARG G 189 30.40 -41.90 13.09
N ALA G 190 31.05 -42.93 12.57
CA ALA G 190 32.49 -42.91 12.38
C ALA G 190 32.84 -42.29 11.02
N PRO G 191 33.75 -41.32 10.95
CA PRO G 191 34.09 -40.75 9.65
C PRO G 191 34.93 -41.71 8.82
N VAL G 192 34.94 -41.47 7.52
CA VAL G 192 35.69 -42.27 6.55
C VAL G 192 36.98 -41.52 6.23
N PRO G 193 38.16 -42.15 6.29
CA PRO G 193 39.39 -41.41 5.97
C PRO G 193 39.51 -41.09 4.49
N PHE G 194 40.40 -40.14 4.19
CA PHE G 194 40.62 -39.72 2.80
C PHE G 194 41.08 -40.90 1.95
N GLU G 195 41.95 -41.75 2.50
CA GLU G 195 42.44 -42.89 1.75
C GLU G 195 41.31 -43.80 1.31
N GLU G 196 40.33 -44.04 2.19
CA GLU G 196 39.21 -44.89 1.83
C GLU G 196 38.24 -44.18 0.90
N VAL G 197 38.03 -42.88 1.09
CA VAL G 197 37.11 -42.15 0.23
C VAL G 197 37.65 -42.06 -1.19
N ILE G 198 38.97 -42.05 -1.35
CA ILE G 198 39.56 -41.93 -2.68
C ILE G 198 39.87 -43.31 -3.29
N ASP G 199 40.71 -44.10 -2.62
CA ASP G 199 41.15 -45.39 -3.12
C ASP G 199 40.13 -46.52 -3.01
N LYS G 200 39.06 -46.38 -2.21
CA LYS G 200 38.09 -47.47 -2.06
C LYS G 200 36.69 -47.09 -2.52
N ILE G 201 36.13 -45.97 -2.05
CA ILE G 201 34.78 -45.60 -2.44
C ILE G 201 34.76 -45.00 -3.84
N ASN G 202 35.56 -43.97 -4.08
CA ASN G 202 35.56 -43.34 -5.39
C ASN G 202 36.28 -44.19 -6.44
N ALA G 203 37.36 -44.86 -6.06
CA ALA G 203 38.11 -45.66 -7.02
C ALA G 203 37.41 -46.97 -7.36
N LYS G 204 36.85 -47.66 -6.36
CA LYS G 204 36.19 -48.95 -6.60
C LYS G 204 34.77 -49.08 -6.09
N GLY G 205 34.20 -48.06 -5.44
CA GLY G 205 32.84 -48.18 -4.95
C GLY G 205 32.65 -49.19 -3.86
N VAL G 206 33.60 -49.30 -2.93
CA VAL G 206 33.51 -50.23 -1.81
C VAL G 206 34.02 -49.55 -0.56
N CYS G 207 33.55 -50.04 0.59
CA CYS G 207 33.92 -49.53 1.90
C CYS G 207 34.55 -50.63 2.73
N ARG G 208 35.53 -50.25 3.53
CA ARG G 208 36.17 -51.22 4.42
C ARG G 208 35.15 -51.68 5.45
N SER G 209 35.23 -52.95 5.84
CA SER G 209 34.31 -53.49 6.83
C SER G 209 34.70 -53.14 8.25
N THR G 210 35.62 -52.20 8.45
CA THR G 210 36.07 -51.77 9.76
C THR G 210 36.06 -50.26 9.82
N ALA G 211 35.84 -49.72 11.03
CA ALA G 211 35.79 -48.28 11.25
C ALA G 211 36.88 -47.89 12.24
N LYS G 212 37.93 -47.24 11.72
CA LYS G 212 39.06 -46.77 12.52
C LYS G 212 38.96 -45.26 12.59
N TYR G 213 38.84 -44.73 13.80
CA TYR G 213 38.70 -43.29 13.98
C TYR G 213 39.05 -42.93 15.42
N VAL G 214 39.08 -41.63 15.68
CA VAL G 214 39.38 -41.11 17.01
C VAL G 214 38.09 -40.63 17.67
N ARG G 215 37.88 -41.09 18.90
CA ARG G 215 36.69 -40.73 19.67
C ARG G 215 37.10 -40.57 21.12
N ASN G 216 36.87 -39.39 21.68
CA ASN G 216 37.20 -39.09 23.07
C ASN G 216 38.69 -39.36 23.33
N ASN G 217 39.53 -38.95 22.37
CA ASN G 217 40.98 -39.08 22.41
C ASN G 217 41.46 -40.53 22.45
N LEU G 218 40.76 -41.45 21.79
CA LEU G 218 41.16 -42.85 21.74
C LEU G 218 41.00 -43.38 20.33
N GLU G 219 41.98 -44.16 19.87
CA GLU G 219 41.97 -44.75 18.54
C GLU G 219 41.13 -46.02 18.60
N THR G 220 39.82 -45.86 18.39
CA THR G 220 38.89 -46.97 18.42
C THR G 220 38.81 -47.62 17.05
N THR G 221 38.70 -48.95 17.04
CA THR G 221 38.61 -49.74 15.82
C THR G 221 37.45 -50.71 15.96
N ALA G 222 36.42 -50.51 15.14
CA ALA G 222 35.23 -51.36 15.14
C ALA G 222 35.23 -52.27 13.92
N PHE G 223 34.88 -53.52 14.13
CA PHE G 223 34.83 -54.52 13.07
C PHE G 223 33.39 -54.98 12.86
N HIS G 224 32.96 -55.03 11.60
CA HIS G 224 31.60 -55.47 11.30
C HIS G 224 31.48 -56.95 11.60
N ARG G 225 30.52 -57.30 12.48
CA ARG G 225 30.28 -58.69 12.87
C ARG G 225 31.52 -59.32 13.48
N ASP G 226 32.45 -58.50 13.97
CA ASP G 226 33.70 -58.99 14.57
C ASP G 226 34.52 -59.83 13.59
N ASP G 227 34.29 -59.65 12.29
CA ASP G 227 35.01 -60.40 11.27
C ASP G 227 36.20 -59.60 10.77
N HIS G 228 37.05 -60.26 10.00
CA HIS G 228 38.24 -59.61 9.46
C HIS G 228 37.83 -58.56 8.43
N GLU G 229 38.76 -57.65 8.15
CA GLU G 229 38.51 -56.58 7.20
C GLU G 229 38.17 -57.17 5.83
N THR G 230 37.14 -56.63 5.20
CA THR G 230 36.70 -57.10 3.89
C THR G 230 36.08 -55.94 3.12
N ASP G 231 36.24 -55.95 1.80
CA ASP G 231 35.68 -54.90 0.96
C ASP G 231 34.20 -55.18 0.74
N MET G 232 33.34 -54.25 1.16
CA MET G 232 31.90 -54.38 1.03
C MET G 232 31.40 -53.50 -0.11
N GLU G 233 30.63 -54.10 -1.02
CA GLU G 233 30.10 -53.37 -2.16
C GLU G 233 28.97 -52.44 -1.70
N LEU G 234 28.99 -51.21 -2.21
CA LEU G 234 27.97 -50.23 -1.88
C LEU G 234 26.76 -50.42 -2.78
N LYS G 235 25.57 -50.33 -2.20
CA LYS G 235 24.32 -50.48 -2.92
C LYS G 235 23.39 -49.34 -2.60
N PRO G 236 22.43 -49.02 -3.48
CA PRO G 236 21.51 -47.91 -3.18
C PRO G 236 20.64 -48.18 -1.98
N ALA G 237 20.27 -47.10 -1.29
CA ALA G 237 19.42 -47.21 -0.11
C ALA G 237 17.96 -47.39 -0.53
N ASN G 238 17.12 -47.69 0.45
CA ASN G 238 15.71 -47.89 0.18
C ASN G 238 15.09 -46.59 -0.33
N ALA G 239 14.12 -46.73 -1.23
CA ALA G 239 13.46 -45.57 -1.81
C ALA G 239 12.71 -44.77 -0.75
N ALA G 240 12.77 -43.45 -0.88
CA ALA G 240 12.10 -42.54 0.04
C ALA G 240 11.69 -41.30 -0.74
N THR G 241 10.46 -40.85 -0.53
CA THR G 241 9.95 -39.68 -1.23
C THR G 241 10.67 -38.42 -0.77
N ARG G 242 11.03 -37.58 -1.75
CA ARG G 242 11.71 -36.31 -1.49
C ARG G 242 12.99 -36.50 -0.68
N THR G 243 13.93 -37.24 -1.25
CA THR G 243 15.21 -37.52 -0.62
C THR G 243 16.27 -37.66 -1.68
N SER G 244 17.47 -37.18 -1.38
CA SER G 244 18.57 -37.27 -2.31
C SER G 244 19.12 -38.70 -2.36
N ARG G 245 19.97 -38.96 -3.36
CA ARG G 245 20.55 -40.28 -3.52
C ARG G 245 21.43 -40.65 -2.34
N GLY G 246 21.39 -41.93 -1.97
CA GLY G 246 22.18 -42.42 -0.87
C GLY G 246 22.48 -43.90 -1.07
N TRP G 247 23.62 -44.33 -0.53
CA TRP G 247 24.05 -45.72 -0.65
C TRP G 247 24.57 -46.21 0.69
N HIS G 248 24.51 -47.52 0.88
CA HIS G 248 24.99 -48.14 2.11
C HIS G 248 25.46 -49.55 1.79
N THR G 249 26.27 -50.11 2.69
CA THR G 249 26.82 -51.44 2.51
C THR G 249 26.11 -52.53 3.30
N THR G 250 25.54 -52.19 4.47
CA THR G 250 24.84 -53.16 5.30
C THR G 250 23.44 -52.69 5.59
N ASP G 251 22.52 -53.65 5.76
CA ASP G 251 21.12 -53.39 6.05
C ASP G 251 20.68 -54.01 7.36
N LEU G 252 21.02 -55.27 7.60
CA LEU G 252 20.62 -55.95 8.83
C LEU G 252 21.62 -55.68 9.95
N LYS G 253 21.11 -55.32 11.13
CA LYS G 253 21.96 -55.08 12.27
C LYS G 253 22.38 -56.41 12.88
N TYR G 254 23.64 -56.50 13.30
CA TYR G 254 24.17 -57.72 13.87
C TYR G 254 24.12 -57.72 15.39
N ASN G 255 23.80 -58.88 15.96
CA ASN G 255 23.73 -59.10 17.40
C ASN G 255 24.42 -60.43 17.69
N PRO G 256 24.91 -60.63 18.92
CA PRO G 256 25.60 -61.89 19.22
C PRO G 256 24.65 -63.07 19.24
N SER G 257 25.21 -64.28 19.07
CA SER G 257 24.39 -65.52 19.13
C SER G 257 23.85 -65.69 20.56
N ARG G 258 22.81 -66.52 20.73
CA ARG G 258 22.15 -66.69 22.05
C ARG G 258 22.91 -67.67 22.94
N VAL G 259 23.48 -67.21 24.05
CA VAL G 259 24.14 -68.12 25.04
C VAL G 259 23.49 -67.81 26.40
N GLU G 260 23.03 -68.82 27.13
CA GLU G 260 22.24 -68.60 28.37
C GLU G 260 22.97 -67.76 29.43
N ALA G 261 22.20 -67.09 30.31
CA ALA G 261 22.74 -66.26 31.42
C ALA G 261 24.13 -65.69 31.09
N PHE G 262 24.24 -64.94 30.00
CA PHE G 262 25.53 -64.31 29.63
C PHE G 262 25.28 -63.04 28.87
N HIS G 263 26.12 -62.03 29.09
CA HIS G 263 26.04 -60.77 28.31
C HIS G 263 27.01 -60.94 27.14
N ARG G 264 26.66 -60.43 25.96
CA ARG G 264 27.49 -60.49 24.77
C ARG G 264 27.40 -59.16 24.03
N TYR G 265 28.48 -58.81 23.35
CA TYR G 265 28.58 -57.57 22.59
C TYR G 265 28.74 -57.88 21.10
N GLY G 266 27.87 -57.29 20.29
CA GLY G 266 27.89 -57.46 18.85
C GLY G 266 28.03 -56.14 18.15
N THR G 267 29.12 -55.95 17.41
CA THR G 267 29.40 -54.71 16.71
C THR G 267 28.88 -54.75 15.28
N THR G 268 28.39 -53.62 14.81
CA THR G 268 27.86 -53.46 13.45
C THR G 268 28.44 -52.18 12.86
N VAL G 269 29.03 -52.30 11.66
CA VAL G 269 29.64 -51.16 10.96
C VAL G 269 28.99 -51.13 9.58
N ASN G 270 28.20 -50.09 9.33
CA ASN G 270 27.49 -49.92 8.05
C ASN G 270 27.99 -48.66 7.36
N CYS G 271 28.83 -48.81 6.35
CA CYS G 271 29.32 -47.66 5.61
C CYS G 271 28.16 -46.98 4.92
N ILE G 272 28.08 -45.65 5.03
CA ILE G 272 27.01 -44.88 4.43
C ILE G 272 27.59 -43.66 3.74
N VAL G 273 27.11 -43.43 2.51
CA VAL G 273 27.50 -42.28 1.69
C VAL G 273 26.21 -41.67 1.17
N GLU G 274 26.10 -40.34 1.29
CA GLU G 274 24.89 -39.63 0.87
C GLU G 274 25.22 -38.31 0.20
N GLU G 275 24.33 -37.90 -0.70
CA GLU G 275 24.46 -36.61 -1.37
C GLU G 275 23.53 -35.64 -0.66
N VAL G 276 24.10 -34.62 -0.01
CA VAL G 276 23.32 -33.66 0.76
C VAL G 276 23.50 -32.26 0.19
N ASP G 277 22.47 -31.44 0.38
CA ASP G 277 22.50 -30.06 -0.08
C ASP G 277 23.03 -29.18 1.04
N ALA G 278 24.19 -28.57 0.80
CA ALA G 278 24.84 -27.72 1.78
C ALA G 278 24.35 -26.28 1.61
N ARG G 279 24.26 -25.56 2.72
CA ARG G 279 23.81 -24.18 2.74
C ARG G 279 24.77 -23.35 3.58
N SER G 280 24.92 -22.08 3.20
CA SER G 280 25.81 -21.16 3.90
C SER G 280 25.27 -19.75 3.77
N VAL G 281 25.63 -18.90 4.73
CA VAL G 281 25.19 -17.50 4.76
C VAL G 281 26.41 -16.63 5.03
N TYR G 282 26.23 -15.34 4.78
CA TYR G 282 27.31 -14.37 4.99
C TYR G 282 27.76 -14.41 6.46
N PRO G 283 29.06 -14.29 6.75
CA PRO G 283 30.23 -14.12 5.87
C PRO G 283 30.69 -15.39 5.17
N TYR G 284 29.86 -16.43 5.11
CA TYR G 284 30.20 -17.69 4.45
C TYR G 284 31.42 -18.36 5.08
N ASP G 285 31.59 -18.21 6.39
CA ASP G 285 32.71 -18.82 7.09
C ASP G 285 32.41 -20.24 7.56
N GLU G 286 31.17 -20.71 7.38
CA GLU G 286 30.78 -22.06 7.77
C GLU G 286 29.53 -22.42 6.98
N PHE G 287 29.23 -23.71 6.93
CA PHE G 287 28.07 -24.20 6.20
C PHE G 287 27.48 -25.40 6.93
N VAL G 288 26.18 -25.62 6.66
CA VAL G 288 25.43 -26.71 7.25
C VAL G 288 25.11 -27.70 6.15
N LEU G 289 24.63 -28.88 6.54
CA LEU G 289 24.28 -29.95 5.63
C LEU G 289 22.79 -30.27 5.78
N ALA G 290 22.27 -31.04 4.82
CA ALA G 290 20.86 -31.40 4.85
C ALA G 290 20.50 -32.20 6.10
N THR G 291 21.47 -32.86 6.72
CA THR G 291 21.23 -33.65 7.93
C THR G 291 21.25 -32.81 9.19
N GLY G 292 21.43 -31.49 9.08
CA GLY G 292 21.47 -30.63 10.24
C GLY G 292 22.81 -30.53 10.93
N ASP G 293 23.85 -31.11 10.35
CA ASP G 293 25.18 -31.07 10.95
C ASP G 293 25.93 -29.83 10.47
N PHE G 294 26.54 -29.12 11.41
CA PHE G 294 27.30 -27.92 11.09
C PHE G 294 28.74 -28.27 10.73
N VAL G 295 29.29 -27.52 9.79
CA VAL G 295 30.67 -27.69 9.34
C VAL G 295 31.34 -26.33 9.48
N TYR G 296 32.22 -26.21 10.48
CA TYR G 296 32.91 -24.95 10.76
C TYR G 296 34.12 -24.76 9.87
N MET G 297 33.85 -24.53 8.59
CA MET G 297 34.86 -24.31 7.57
C MET G 297 34.19 -23.61 6.40
N SER G 298 34.87 -22.60 5.87
CA SER G 298 34.31 -21.87 4.75
C SER G 298 34.17 -22.80 3.54
N PRO G 299 33.05 -22.74 2.80
CA PRO G 299 32.92 -23.63 1.63
C PRO G 299 34.00 -23.41 0.58
N PHE G 300 34.59 -22.22 0.53
CA PHE G 300 35.62 -21.89 -0.44
C PHE G 300 37.03 -22.05 0.09
N TYR G 301 37.21 -22.64 1.25
CA TYR G 301 38.54 -22.84 1.81
C TYR G 301 39.34 -23.78 0.92
N GLY G 302 40.63 -23.49 0.76
CA GLY G 302 41.49 -24.31 -0.07
C GLY G 302 42.90 -23.79 -0.04
N TYR G 303 43.77 -24.50 -0.78
CA TYR G 303 45.18 -24.14 -0.85
C TYR G 303 45.49 -23.26 -2.07
N ARG G 304 44.58 -23.19 -3.03
CA ARG G 304 44.83 -22.44 -4.27
C ARG G 304 44.28 -21.01 -4.24
N GLU G 305 44.97 -20.15 -5.00
CA GLU G 305 44.65 -18.73 -5.22
C GLU G 305 44.07 -18.01 -4.00
N GLY G 306 44.86 -17.96 -2.93
CA GLY G 306 44.46 -17.26 -1.73
C GLY G 306 43.32 -17.86 -0.93
N SER G 307 42.86 -19.06 -1.28
CA SER G 307 41.77 -19.66 -0.51
C SER G 307 42.20 -20.02 0.91
N HIS G 308 43.50 -20.10 1.18
CA HIS G 308 43.97 -20.45 2.51
C HIS G 308 43.61 -19.40 3.56
N THR G 309 43.27 -18.18 3.14
CA THR G 309 42.92 -17.13 4.09
C THR G 309 41.51 -17.26 4.63
N GLU G 310 40.71 -18.20 4.12
CA GLU G 310 39.36 -18.36 4.61
C GLU G 310 39.34 -18.93 6.02
N HIS G 311 38.20 -18.81 6.68
CA HIS G 311 38.04 -19.29 8.04
C HIS G 311 38.06 -20.82 8.10
N THR G 312 38.65 -21.35 9.17
CA THR G 312 38.73 -22.78 9.40
C THR G 312 38.94 -23.01 10.88
N SER G 313 38.23 -24.00 11.42
CA SER G 313 38.31 -24.35 12.84
C SER G 313 38.98 -25.69 13.09
N TYR G 314 39.14 -26.53 12.06
CA TYR G 314 39.76 -27.83 12.20
C TYR G 314 41.25 -27.76 11.93
N ALA G 315 41.97 -28.80 12.34
CA ALA G 315 43.41 -28.83 12.15
C ALA G 315 43.75 -28.96 10.67
N ALA G 316 45.02 -28.72 10.34
CA ALA G 316 45.46 -28.80 8.96
C ALA G 316 45.35 -30.22 8.41
N ASP G 317 45.68 -31.22 9.21
CA ASP G 317 45.61 -32.61 8.76
C ASP G 317 44.19 -33.10 8.54
N ARG G 318 43.17 -32.37 9.01
CA ARG G 318 41.78 -32.79 8.83
C ARG G 318 41.19 -32.35 7.50
N PHE G 319 41.93 -31.58 6.69
CA PHE G 319 41.44 -31.11 5.40
C PHE G 319 42.37 -31.57 4.29
N LYS G 320 41.78 -31.93 3.15
CA LYS G 320 42.54 -32.39 1.99
C LYS G 320 41.85 -31.92 0.72
N GLN G 321 42.66 -31.43 -0.22
CA GLN G 321 42.19 -30.95 -1.51
C GLN G 321 42.84 -31.79 -2.60
N VAL G 322 42.04 -32.25 -3.55
CA VAL G 322 42.51 -33.10 -4.66
C VAL G 322 42.14 -32.40 -5.96
N ASP G 323 43.12 -32.26 -6.84
CA ASP G 323 42.92 -31.65 -8.14
C ASP G 323 42.69 -32.72 -9.19
N GLY G 324 41.94 -32.38 -10.24
CA GLY G 324 41.66 -33.35 -11.28
C GLY G 324 40.91 -34.55 -10.78
N PHE G 325 39.99 -34.35 -9.85
CA PHE G 325 39.21 -35.45 -9.27
C PHE G 325 38.03 -35.81 -10.17
N TYR G 326 37.98 -37.08 -10.58
CA TYR G 326 36.91 -37.60 -11.42
C TYR G 326 35.94 -38.34 -10.50
N ALA G 327 34.77 -37.74 -10.27
CA ALA G 327 33.76 -38.31 -9.38
C ALA G 327 33.21 -39.60 -9.97
N ARG G 328 33.19 -40.65 -9.15
CA ARG G 328 32.63 -41.94 -9.61
C ARG G 328 31.16 -42.03 -9.19
N ASP G 329 30.28 -42.22 -10.15
CA ASP G 329 28.84 -42.31 -9.93
C ASP G 329 28.51 -43.73 -9.50
N LEU G 330 28.24 -43.92 -8.20
CA LEU G 330 28.01 -45.29 -7.66
C LEU G 330 26.81 -45.96 -8.33
N THR G 331 25.68 -45.25 -8.46
CA THR G 331 24.46 -45.88 -9.01
C THR G 331 24.69 -46.34 -10.43
N THR G 332 25.21 -45.47 -11.29
CA THR G 332 25.34 -45.83 -12.72
C THR G 332 26.75 -46.29 -13.02
N LYS G 333 27.55 -46.53 -11.98
CA LYS G 333 28.92 -47.06 -12.18
C LYS G 333 29.59 -46.30 -13.33
N ALA G 334 29.66 -44.97 -13.22
CA ALA G 334 30.22 -44.16 -14.32
C ALA G 334 31.33 -43.24 -13.77
N ARG G 335 32.20 -42.75 -14.65
CA ARG G 335 33.28 -41.82 -14.23
C ARG G 335 33.03 -40.45 -14.88
N ALA G 336 32.91 -39.40 -14.07
CA ALA G 336 32.64 -38.05 -14.60
C ALA G 336 33.70 -37.69 -15.64
N THR G 337 33.28 -37.07 -16.75
CA THR G 337 34.23 -36.69 -17.83
C THR G 337 35.08 -35.51 -17.39
N ALA G 338 34.46 -34.52 -16.74
CA ALA G 338 35.20 -33.28 -16.36
C ALA G 338 35.98 -33.49 -15.05
N PRO G 339 37.26 -33.10 -14.98
CA PRO G 339 38.01 -33.19 -13.74
C PRO G 339 37.49 -32.08 -12.83
N THR G 340 37.34 -32.38 -11.53
CA THR G 340 36.78 -31.38 -10.60
C THR G 340 37.70 -31.20 -9.42
N THR G 341 37.86 -29.97 -8.94
CA THR G 341 38.66 -29.75 -7.74
C THR G 341 37.80 -30.15 -6.56
N ARG G 342 38.14 -31.28 -5.93
CA ARG G 342 37.38 -31.82 -4.82
C ARG G 342 38.04 -31.50 -3.48
N ASN G 343 37.25 -30.99 -2.55
CA ASN G 343 37.71 -30.69 -1.21
C ASN G 343 37.22 -31.79 -0.29
N LEU G 344 38.02 -32.11 0.73
CA LEU G 344 37.66 -33.16 1.68
C LEU G 344 38.01 -32.71 3.09
N LEU G 345 37.07 -32.90 4.00
CA LEU G 345 37.21 -32.54 5.40
C LEU G 345 36.73 -33.71 6.25
N THR G 346 37.55 -34.12 7.22
CA THR G 346 37.21 -35.23 8.12
C THR G 346 36.78 -34.67 9.46
N THR G 347 35.46 -34.48 9.62
CA THR G 347 34.92 -33.98 10.86
C THR G 347 34.94 -35.09 11.90
N PRO G 348 34.76 -34.76 13.18
CA PRO G 348 34.79 -35.81 14.21
C PRO G 348 33.72 -36.87 14.06
N LYS G 349 32.63 -36.59 13.34
CA LYS G 349 31.54 -37.56 13.16
C LYS G 349 31.24 -37.91 11.71
N PHE G 350 31.89 -37.30 10.73
CA PHE G 350 31.61 -37.61 9.34
C PHE G 350 32.63 -36.91 8.46
N THR G 351 32.67 -37.34 7.19
CA THR G 351 33.56 -36.80 6.18
C THR G 351 32.71 -36.22 5.06
N VAL G 352 32.92 -34.95 4.73
CA VAL G 352 32.17 -34.25 3.70
C VAL G 352 33.09 -33.93 2.54
N ALA G 353 32.57 -34.06 1.32
CA ALA G 353 33.30 -33.77 0.10
C ALA G 353 32.45 -32.89 -0.80
N TRP G 354 33.00 -31.76 -1.22
CA TRP G 354 32.29 -30.84 -2.08
C TRP G 354 33.26 -30.19 -3.06
N ASP G 355 32.76 -29.91 -4.26
CA ASP G 355 33.58 -29.29 -5.29
C ASP G 355 33.97 -27.88 -4.87
N TRP G 356 35.24 -27.54 -5.08
CA TRP G 356 35.74 -26.22 -4.72
C TRP G 356 35.57 -25.24 -5.87
N VAL G 357 35.25 -24.00 -5.53
CA VAL G 357 35.09 -22.92 -6.51
C VAL G 357 35.49 -21.61 -5.88
N PRO G 358 35.89 -20.63 -6.70
CA PRO G 358 36.28 -19.33 -6.13
C PRO G 358 35.11 -18.66 -5.43
N LYS G 359 35.39 -17.85 -4.40
CA LYS G 359 34.32 -17.24 -3.58
C LYS G 359 33.68 -16.04 -4.30
N ARG G 360 34.45 -15.02 -4.63
CA ARG G 360 33.91 -13.77 -5.24
C ARG G 360 32.96 -14.11 -6.39
N PRO G 361 33.29 -15.00 -7.36
CA PRO G 361 32.40 -15.26 -8.46
C PRO G 361 31.30 -16.27 -8.17
N SER G 362 31.15 -16.70 -6.92
CA SER G 362 30.13 -17.71 -6.52
C SER G 362 29.08 -17.11 -5.58
N VAL G 363 29.48 -16.22 -4.68
CA VAL G 363 28.54 -15.63 -3.67
C VAL G 363 28.31 -14.15 -3.99
N CYS G 364 27.12 -13.63 -3.71
CA CYS G 364 26.78 -12.20 -3.93
C CYS G 364 26.07 -11.69 -2.68
N THR G 365 25.99 -10.38 -2.47
CA THR G 365 25.25 -9.77 -1.33
C THR G 365 24.11 -8.98 -1.91
N MET G 366 23.87 -9.09 -3.22
CA MET G 366 22.75 -8.40 -3.90
C MET G 366 22.18 -9.36 -4.95
N THR G 367 20.86 -9.47 -5.07
CA THR G 367 20.19 -10.33 -6.03
C THR G 367 19.35 -9.49 -6.98
N LYS G 368 19.38 -9.84 -8.27
CA LYS G 368 18.59 -9.14 -9.26
C LYS G 368 17.11 -9.35 -8.95
N TRP G 369 16.40 -8.25 -8.68
CA TRP G 369 14.99 -8.32 -8.32
C TRP G 369 14.05 -8.14 -9.51
N GLN G 370 14.13 -7.01 -10.20
CA GLN G 370 13.24 -6.72 -11.33
C GLN G 370 14.03 -6.14 -12.50
N GLU G 371 13.55 -6.44 -13.71
CA GLU G 371 14.13 -5.95 -14.95
C GLU G 371 13.13 -4.99 -15.56
N VAL G 372 13.35 -3.69 -15.35
CA VAL G 372 12.46 -2.64 -15.83
C VAL G 372 12.88 -2.22 -17.24
N ASP G 373 11.92 -2.20 -18.16
CA ASP G 373 12.23 -1.80 -19.53
C ASP G 373 12.24 -0.28 -19.67
N GLU G 374 11.34 0.41 -18.95
CA GLU G 374 11.22 1.86 -18.98
C GLU G 374 11.33 2.39 -17.55
N MET G 375 12.43 3.05 -17.25
CA MET G 375 12.70 3.63 -15.93
C MET G 375 13.00 5.11 -16.17
N LEU G 376 12.01 5.96 -15.97
CA LEU G 376 12.17 7.39 -16.18
C LEU G 376 12.83 8.03 -14.97
N ARG G 377 13.91 8.77 -15.20
CA ARG G 377 14.65 9.45 -14.14
C ARG G 377 14.43 10.94 -14.27
N SER G 378 14.02 11.57 -13.17
CA SER G 378 13.78 13.01 -13.12
C SER G 378 14.41 13.56 -11.85
N GLU G 379 14.80 14.84 -11.91
CA GLU G 379 15.43 15.52 -10.80
C GLU G 379 14.57 16.69 -10.35
N TYR G 380 14.19 16.67 -9.07
CA TYR G 380 13.40 17.74 -8.48
C TYR G 380 13.55 17.64 -6.97
N GLY G 381 13.64 18.80 -6.32
CA GLY G 381 13.81 18.81 -4.89
C GLY G 381 15.19 18.32 -4.45
N GLY G 382 16.18 18.43 -5.33
CA GLY G 382 17.52 18.00 -5.01
C GLY G 382 17.68 16.51 -4.86
N SER G 383 17.06 15.71 -5.73
CA SER G 383 17.17 14.26 -5.66
C SER G 383 16.56 13.62 -6.89
N PHE G 384 17.21 12.58 -7.39
CA PHE G 384 16.73 11.86 -8.56
C PHE G 384 15.58 10.96 -8.13
N ARG G 385 14.59 10.82 -9.02
CA ARG G 385 13.42 9.98 -8.76
C ARG G 385 13.22 9.04 -9.95
N PHE G 386 13.52 7.76 -9.74
CA PHE G 386 13.39 6.73 -10.76
C PHE G 386 11.99 6.14 -10.64
N SER G 387 11.11 6.51 -11.57
CA SER G 387 9.72 6.04 -11.58
C SER G 387 9.54 5.03 -12.72
N SER G 388 8.97 3.88 -12.38
CA SER G 388 8.71 2.81 -13.35
C SER G 388 7.20 2.68 -13.54
N ASP G 389 6.76 2.89 -14.78
CA ASP G 389 5.33 2.79 -15.07
C ASP G 389 4.86 1.34 -15.19
N ALA G 390 5.78 0.42 -15.53
CA ALA G 390 5.39 -0.97 -15.67
C ALA G 390 5.04 -1.60 -14.33
N ILE G 391 5.89 -1.44 -13.32
CA ILE G 391 5.66 -2.02 -12.01
C ILE G 391 5.00 -1.03 -11.04
N SER G 392 4.83 0.22 -11.45
CA SER G 392 4.20 1.24 -10.60
C SER G 392 4.99 1.42 -9.31
N THR G 393 6.24 1.86 -9.45
CA THR G 393 7.12 2.07 -8.31
C THR G 393 8.00 3.29 -8.58
N THR G 394 8.33 4.01 -7.51
CA THR G 394 9.17 5.19 -7.60
C THR G 394 10.25 5.12 -6.52
N PHE G 395 11.50 5.29 -6.93
CA PHE G 395 12.66 5.24 -6.05
C PHE G 395 13.34 6.60 -6.02
N THR G 396 13.84 6.99 -4.84
CA THR G 396 14.52 8.26 -4.63
C THR G 396 15.98 8.01 -4.27
N THR G 397 16.88 8.81 -4.85
CA THR G 397 18.31 8.69 -4.61
C THR G 397 18.89 10.04 -4.23
N ASN G 398 20.23 10.10 -4.17
CA ASN G 398 20.98 11.29 -3.79
C ASN G 398 21.76 11.94 -4.95
N LEU G 399 21.48 11.54 -6.19
CA LEU G 399 22.16 12.08 -7.39
C LEU G 399 23.61 11.64 -7.53
N THR G 400 24.15 10.91 -6.55
CA THR G 400 25.53 10.47 -6.58
C THR G 400 25.56 8.97 -6.86
N GLU G 401 26.30 8.57 -7.89
CA GLU G 401 26.40 7.17 -8.24
C GLU G 401 27.04 6.41 -7.09
N TYR G 402 26.30 5.45 -6.54
CA TYR G 402 26.81 4.65 -5.45
C TYR G 402 27.99 3.84 -5.95
N PRO G 403 29.22 3.98 -5.39
CA PRO G 403 30.35 3.20 -5.89
C PRO G 403 30.11 1.70 -5.76
N LEU G 404 30.06 0.99 -6.89
CA LEU G 404 29.84 -0.44 -6.85
C LEU G 404 30.95 -1.18 -6.10
N SER G 405 32.15 -0.60 -6.05
CA SER G 405 33.24 -1.25 -5.32
C SER G 405 32.97 -1.30 -3.82
N ARG G 406 32.07 -0.45 -3.33
CA ARG G 406 31.72 -0.43 -1.92
C ARG G 406 30.87 -1.61 -1.50
N VAL G 407 30.23 -2.29 -2.45
CA VAL G 407 29.39 -3.44 -2.11
C VAL G 407 30.28 -4.64 -1.85
N ASP G 408 30.10 -5.28 -0.70
CA ASP G 408 30.90 -6.44 -0.36
C ASP G 408 30.45 -7.64 -1.18
N LEU G 409 31.39 -8.30 -1.87
CA LEU G 409 31.05 -9.45 -2.74
C LEU G 409 29.91 -9.04 -3.68
N GLY G 410 30.18 -8.15 -4.64
CA GLY G 410 29.16 -7.67 -5.60
C GLY G 410 29.63 -7.74 -7.03
N ASP G 411 30.38 -8.78 -7.39
CA ASP G 411 30.89 -8.98 -8.77
C ASP G 411 29.75 -9.45 -9.67
N CYS G 412 28.75 -10.15 -9.12
CA CYS G 412 27.61 -10.71 -9.86
C CYS G 412 26.67 -9.59 -10.34
N ILE G 413 26.84 -8.38 -9.77
CA ILE G 413 25.93 -7.21 -10.00
C ILE G 413 26.33 -6.49 -11.29
N GLY G 414 27.61 -6.45 -11.61
CA GLY G 414 28.04 -5.86 -12.89
C GLY G 414 27.67 -6.82 -13.99
N LYS G 415 27.72 -8.13 -13.73
CA LYS G 415 27.38 -9.15 -14.71
C LYS G 415 25.88 -9.23 -14.92
N ASP G 416 25.12 -9.32 -13.83
CA ASP G 416 23.66 -9.42 -13.95
C ASP G 416 23.04 -8.15 -14.53
N ALA G 417 23.51 -6.98 -14.10
CA ALA G 417 22.95 -5.73 -14.61
C ALA G 417 23.23 -5.57 -16.10
N ARG G 418 24.46 -5.85 -16.53
CA ARG G 418 24.80 -5.71 -17.95
C ARG G 418 24.08 -6.73 -18.80
N ASP G 419 23.92 -7.96 -18.30
CA ASP G 419 23.24 -8.99 -19.08
C ASP G 419 21.79 -8.61 -19.36
N ALA G 420 21.10 -8.07 -18.36
CA ALA G 420 19.71 -7.68 -18.56
C ALA G 420 19.62 -6.46 -19.49
N MET G 421 20.54 -5.51 -19.32
CA MET G 421 20.50 -4.32 -20.17
C MET G 421 20.71 -4.66 -21.63
N ASP G 422 21.68 -5.55 -21.92
CA ASP G 422 21.94 -5.93 -23.31
C ASP G 422 20.74 -6.64 -23.92
N ARG G 423 20.11 -7.54 -23.15
CA ARG G 423 18.95 -8.28 -23.65
C ARG G 423 17.75 -7.36 -23.84
N ILE G 424 17.54 -6.43 -22.92
CA ILE G 424 16.40 -5.53 -23.03
C ILE G 424 16.60 -4.54 -24.18
N PHE G 425 17.81 -4.00 -24.31
CA PHE G 425 18.09 -3.03 -25.36
C PHE G 425 17.89 -3.62 -26.75
N ALA G 426 18.45 -4.80 -27.00
CA ALA G 426 18.31 -5.42 -28.31
C ALA G 426 16.88 -5.88 -28.57
N ARG G 427 16.13 -6.17 -27.51
CA ARG G 427 14.76 -6.66 -27.69
C ARG G 427 13.78 -5.54 -28.02
N ARG G 428 13.97 -4.36 -27.44
CA ARG G 428 13.04 -3.25 -27.64
C ARG G 428 13.64 -1.92 -28.06
N TYR G 429 14.82 -1.56 -27.56
CA TYR G 429 15.40 -0.25 -27.85
C TYR G 429 16.41 -0.22 -28.99
N ASN G 430 16.65 -1.33 -29.69
CA ASN G 430 17.64 -1.28 -30.77
C ASN G 430 17.20 -0.46 -31.99
N ALA G 431 15.93 -0.55 -32.36
CA ALA G 431 15.43 0.14 -33.54
C ALA G 431 14.96 1.57 -33.31
N THR G 432 14.90 2.05 -32.06
CA THR G 432 14.43 3.41 -31.82
C THR G 432 15.27 4.25 -30.87
N HIS G 433 16.09 3.67 -29.99
CA HIS G 433 16.90 4.43 -29.05
C HIS G 433 18.37 4.08 -29.21
N ILE G 434 19.20 4.85 -28.52
CA ILE G 434 20.66 4.69 -28.55
C ILE G 434 21.17 4.73 -27.11
N LYS G 435 22.16 3.87 -26.82
CA LYS G 435 22.75 3.82 -25.49
C LYS G 435 23.66 5.04 -25.31
N VAL G 436 23.54 5.70 -24.15
CA VAL G 436 24.35 6.86 -23.83
C VAL G 436 25.19 6.54 -22.60
N GLY G 437 26.50 6.44 -22.80
CA GLY G 437 27.40 6.15 -21.70
C GLY G 437 27.27 4.72 -21.20
N GLN G 438 27.94 4.48 -20.08
CA GLN G 438 27.97 3.18 -19.42
C GLN G 438 26.91 3.14 -18.31
N PRO G 439 26.62 1.95 -17.78
CA PRO G 439 25.63 1.86 -16.71
C PRO G 439 26.02 2.66 -15.47
N GLN G 440 25.01 3.21 -14.80
CA GLN G 440 25.18 4.00 -13.59
C GLN G 440 24.42 3.33 -12.46
N TYR G 441 25.09 3.16 -11.32
CA TYR G 441 24.50 2.53 -10.15
C TYR G 441 24.18 3.59 -9.12
N TYR G 442 22.93 3.61 -8.66
CA TYR G 442 22.45 4.58 -7.68
C TYR G 442 21.84 3.85 -6.49
N LEU G 443 22.17 4.31 -5.28
CA LEU G 443 21.59 3.70 -4.06
C LEU G 443 20.31 4.45 -3.72
N ALA G 444 19.17 3.80 -3.90
CA ALA G 444 17.86 4.39 -3.67
C ALA G 444 17.43 4.26 -2.22
N ASN G 445 16.43 5.07 -1.85
CA ASN G 445 15.91 5.03 -0.49
C ASN G 445 15.25 3.69 -0.23
N GLY G 446 15.41 3.20 1.00
CA GLY G 446 14.87 1.92 1.39
C GLY G 446 15.83 0.76 1.27
N GLY G 447 16.98 0.95 0.64
CA GLY G 447 17.96 -0.11 0.50
C GLY G 447 17.96 -0.82 -0.82
N PHE G 448 17.58 -0.13 -1.90
CA PHE G 448 17.55 -0.72 -3.24
C PHE G 448 18.62 -0.10 -4.12
N LEU G 449 19.44 -0.95 -4.73
CA LEU G 449 20.50 -0.54 -5.63
C LEU G 449 19.93 -0.63 -7.03
N ILE G 450 19.92 0.51 -7.74
CA ILE G 450 19.35 0.59 -9.08
C ILE G 450 20.47 0.78 -10.10
N ALA G 451 20.59 -0.18 -11.02
CA ALA G 451 21.57 -0.10 -12.08
C ALA G 451 20.88 0.55 -13.27
N TYR G 452 21.23 1.80 -13.56
CA TYR G 452 20.60 2.57 -14.62
C TYR G 452 21.48 2.70 -15.85
N GLN G 453 20.84 2.68 -17.01
CA GLN G 453 21.48 2.82 -18.32
C GLN G 453 20.76 3.93 -19.07
N PRO G 454 21.27 5.16 -19.12
CA PRO G 454 20.57 6.22 -19.83
C PRO G 454 20.41 5.92 -21.32
N LEU G 455 19.29 6.40 -21.88
CA LEU G 455 18.97 6.22 -23.28
C LEU G 455 18.54 7.54 -23.89
N LEU G 456 18.70 7.65 -25.20
CA LEU G 456 18.34 8.83 -25.96
C LEU G 456 17.52 8.41 -27.17
N SER G 457 16.55 9.23 -27.55
CA SER G 457 15.69 8.93 -28.68
C SER G 457 16.28 9.46 -29.97
N ASN G 458 16.08 8.70 -31.05
CA ASN G 458 16.59 9.11 -32.36
C ASN G 458 15.91 10.37 -32.88
N THR G 459 14.67 10.62 -32.47
CA THR G 459 13.95 11.80 -32.92
C THR G 459 14.59 13.08 -32.38
N VAL G 492 33.74 -0.55 2.45
CA VAL G 492 33.01 -1.77 2.17
C VAL G 492 31.87 -1.93 3.17
N GLU G 493 30.70 -2.31 2.69
CA GLU G 493 29.54 -2.49 3.56
C GLU G 493 28.50 -3.34 2.84
N ARG G 494 27.43 -3.67 3.58
CA ARG G 494 26.33 -4.47 3.08
C ARG G 494 25.07 -3.61 3.07
N ILE G 495 24.32 -3.69 1.96
CA ILE G 495 23.10 -2.90 1.84
C ILE G 495 21.94 -3.64 2.50
N LYS G 496 21.19 -2.93 3.35
CA LYS G 496 20.04 -3.47 4.05
C LYS G 496 18.79 -3.04 3.32
N THR G 497 18.12 -3.99 2.67
CA THR G 497 16.91 -3.73 1.90
C THR G 497 15.67 -3.88 2.78
N THR G 498 14.74 -2.94 2.64
CA THR G 498 13.51 -2.98 3.40
C THR G 498 12.68 -4.19 2.97
N SER G 499 11.85 -4.68 3.88
CA SER G 499 11.01 -5.84 3.59
C SER G 499 9.68 -5.48 2.96
N SER G 500 9.44 -4.21 2.64
CA SER G 500 8.17 -3.80 2.05
C SER G 500 8.40 -2.68 1.04
N ILE G 501 7.98 -2.92 -0.21
CA ILE G 501 8.11 -1.93 -1.27
C ILE G 501 6.85 -1.07 -1.36
N GLU G 502 5.85 -1.33 -0.53
CA GLU G 502 4.61 -0.57 -0.58
C GLU G 502 4.85 0.91 -0.33
N PHE G 503 5.94 1.27 0.35
CA PHE G 503 6.22 2.68 0.58
C PHE G 503 6.51 3.38 -0.75
N ALA G 504 7.17 2.67 -1.67
CA ALA G 504 7.49 3.22 -2.97
C ALA G 504 6.29 3.23 -3.90
N ARG G 505 5.43 2.20 -3.80
CA ARG G 505 4.24 2.16 -4.63
C ARG G 505 3.31 3.32 -4.34
N LEU G 506 3.18 3.70 -3.05
CA LEU G 506 2.34 4.83 -2.70
C LEU G 506 2.91 6.11 -3.32
N GLN G 507 4.23 6.21 -3.36
CA GLN G 507 4.87 7.38 -3.96
C GLN G 507 4.49 7.50 -5.42
N PHE G 508 4.51 6.38 -6.15
CA PHE G 508 4.12 6.42 -7.56
C PHE G 508 2.64 6.73 -7.71
N THR G 509 1.80 6.09 -6.90
CA THR G 509 0.36 6.33 -6.98
C THR G 509 0.03 7.79 -6.69
N TYR G 510 0.63 8.36 -5.65
CA TYR G 510 0.37 9.76 -5.34
C TYR G 510 0.87 10.66 -6.46
N ASN G 511 2.07 10.36 -6.97
CA ASN G 511 2.63 11.17 -8.05
C ASN G 511 1.82 10.99 -9.34
N HIS G 512 1.33 9.78 -9.59
CA HIS G 512 0.55 9.54 -10.80
C HIS G 512 -0.79 10.26 -10.75
N ILE G 513 -1.25 10.64 -9.56
CA ILE G 513 -2.58 11.31 -9.39
C ILE G 513 -2.37 12.80 -9.18
N GLN G 514 -1.26 13.20 -8.56
CA GLN G 514 -0.98 14.63 -8.26
C GLN G 514 -0.52 15.34 -9.53
N ARG G 515 0.44 14.75 -10.25
CA ARG G 515 1.01 15.35 -11.48
C ARG G 515 -0.10 15.72 -12.48
N PRO G 516 -1.01 14.81 -12.88
CA PRO G 516 -2.03 15.17 -13.85
C PRO G 516 -3.04 16.14 -13.24
N VAL G 517 -3.57 15.84 -12.07
CA VAL G 517 -4.61 16.69 -11.43
C VAL G 517 -4.08 18.13 -11.38
N ASN G 518 -2.80 18.32 -11.07
CA ASN G 518 -2.18 19.67 -10.97
C ASN G 518 -2.10 20.26 -12.38
N ASP G 519 -1.78 19.44 -13.38
CA ASP G 519 -1.71 19.90 -14.78
C ASP G 519 -3.09 20.40 -15.20
N MET G 520 -4.16 19.72 -14.77
CA MET G 520 -5.54 20.10 -15.16
C MET G 520 -6.02 21.25 -14.26
N LEU G 521 -5.46 21.39 -13.06
CA LEU G 521 -5.78 22.52 -12.17
C LEU G 521 -5.08 23.75 -12.74
N GLY G 522 -3.94 23.56 -13.40
CA GLY G 522 -3.14 24.67 -13.96
C GLY G 522 -3.77 25.18 -15.23
N ARG G 523 -4.33 24.31 -16.06
CA ARG G 523 -5.01 24.69 -17.29
C ARG G 523 -6.32 25.42 -16.98
N VAL G 524 -7.07 24.93 -15.99
CA VAL G 524 -8.32 25.58 -15.63
C VAL G 524 -8.04 26.99 -15.13
N ALA G 525 -7.01 27.15 -14.29
CA ALA G 525 -6.68 28.48 -13.79
C ALA G 525 -6.24 29.39 -14.93
N ILE G 526 -5.44 28.87 -15.86
CA ILE G 526 -5.00 29.67 -16.99
C ILE G 526 -6.19 30.04 -17.86
N ALA G 527 -7.07 29.07 -18.14
CA ALA G 527 -8.24 29.35 -18.95
C ALA G 527 -9.16 30.35 -18.29
N TRP G 528 -9.32 30.27 -16.97
CA TRP G 528 -10.18 31.22 -16.27
C TRP G 528 -9.64 32.63 -16.42
N CYS G 529 -8.33 32.81 -16.24
CA CYS G 529 -7.73 34.13 -16.39
C CYS G 529 -7.92 34.66 -17.80
N GLU G 530 -7.69 33.81 -18.80
CA GLU G 530 -7.88 34.24 -20.18
C GLU G 530 -9.33 34.60 -20.44
N LEU G 531 -10.27 33.88 -19.79
CA LEU G 531 -11.67 34.18 -19.97
C LEU G 531 -12.03 35.52 -19.33
N GLN G 532 -11.59 35.74 -18.09
CA GLN G 532 -11.88 37.00 -17.41
C GLN G 532 -11.36 38.19 -18.21
N ASN G 533 -10.15 38.08 -18.75
CA ASN G 533 -9.63 39.17 -19.56
C ASN G 533 -10.45 39.34 -20.82
N HIS G 534 -11.14 38.28 -21.25
CA HIS G 534 -11.98 38.34 -22.44
C HIS G 534 -13.29 39.05 -22.14
N GLU G 535 -13.83 38.86 -20.93
CA GLU G 535 -15.09 39.51 -20.57
C GLU G 535 -14.94 41.02 -20.47
N LEU G 536 -13.75 41.52 -20.14
CA LEU G 536 -13.56 42.96 -20.03
C LEU G 536 -13.94 43.67 -21.32
N THR G 537 -13.74 43.02 -22.47
CA THR G 537 -14.11 43.65 -23.73
C THR G 537 -15.62 43.85 -23.82
N LEU G 538 -16.39 43.02 -23.11
CA LEU G 538 -17.84 43.16 -23.12
C LEU G 538 -18.31 44.15 -22.06
N TRP G 539 -17.69 44.15 -20.89
CA TRP G 539 -18.08 45.07 -19.84
C TRP G 539 -17.78 46.52 -20.22
N ASN G 540 -16.72 46.74 -21.01
CA ASN G 540 -16.38 48.10 -21.42
C ASN G 540 -17.47 48.70 -22.29
N GLU G 541 -18.22 47.87 -23.01
CA GLU G 541 -19.32 48.31 -23.87
C GLU G 541 -20.67 48.21 -23.19
N ALA G 542 -20.85 47.21 -22.31
CA ALA G 542 -22.13 47.06 -21.61
C ALA G 542 -22.38 48.23 -20.67
N ARG G 543 -21.31 48.84 -20.15
CA ARG G 543 -21.48 49.97 -19.24
C ARG G 543 -22.14 51.15 -19.93
N LYS G 544 -21.81 51.40 -21.21
CA LYS G 544 -22.42 52.51 -21.94
C LYS G 544 -23.91 52.30 -22.14
N LEU G 545 -24.35 51.07 -22.37
CA LEU G 545 -25.77 50.79 -22.57
C LEU G 545 -26.58 51.11 -21.32
N ASN G 546 -26.08 50.70 -20.15
CA ASN G 546 -26.79 50.94 -18.89
C ASN G 546 -25.75 51.00 -17.77
N PRO G 547 -25.15 52.17 -17.54
CA PRO G 547 -24.14 52.26 -16.46
C PRO G 547 -24.70 51.95 -15.08
N ASN G 548 -25.99 52.16 -14.86
CA ASN G 548 -26.57 51.90 -13.54
C ASN G 548 -26.45 50.43 -13.18
N ALA G 549 -26.91 49.54 -14.06
CA ALA G 549 -26.86 48.11 -13.77
C ALA G 549 -25.42 47.58 -13.76
N ILE G 550 -24.57 48.06 -14.67
CA ILE G 550 -23.20 47.57 -14.71
C ILE G 550 -22.45 48.02 -13.45
N ALA G 551 -22.61 49.29 -13.06
CA ALA G 551 -21.90 49.80 -11.89
C ALA G 551 -22.39 49.13 -10.61
N SER G 552 -23.69 48.83 -10.53
CA SER G 552 -24.24 48.22 -9.33
C SER G 552 -23.62 46.86 -9.05
N VAL G 553 -23.57 45.99 -10.06
CA VAL G 553 -23.00 44.66 -9.84
C VAL G 553 -21.48 44.72 -9.64
N THR G 554 -20.79 45.60 -10.37
CA THR G 554 -19.35 45.69 -10.23
C THR G 554 -18.92 46.38 -8.94
N VAL G 555 -19.63 47.42 -8.51
CA VAL G 555 -19.27 48.12 -7.29
C VAL G 555 -19.66 47.34 -6.03
N GLY G 556 -20.67 46.48 -6.12
CA GLY G 556 -21.12 45.69 -4.99
C GLY G 556 -22.35 46.21 -4.28
N ARG G 557 -22.84 47.39 -4.65
CA ARG G 557 -24.03 47.97 -4.04
C ARG G 557 -24.77 48.74 -5.12
N ARG G 558 -26.09 48.88 -4.93
CA ARG G 558 -26.93 49.59 -5.88
C ARG G 558 -26.47 51.04 -5.99
N VAL G 559 -26.01 51.43 -7.18
CA VAL G 559 -25.52 52.77 -7.44
C VAL G 559 -25.92 53.17 -8.86
N SER G 560 -25.89 54.48 -9.10
CA SER G 560 -26.20 55.06 -10.40
C SER G 560 -24.92 55.66 -10.96
N ALA G 561 -24.73 55.50 -12.26
CA ALA G 561 -23.53 56.00 -12.92
C ALA G 561 -23.86 56.62 -14.27
N ARG G 562 -22.95 57.47 -14.72
CA ARG G 562 -23.05 58.14 -16.00
C ARG G 562 -21.64 58.25 -16.56
N MET G 563 -21.51 58.00 -17.85
CA MET G 563 -20.22 58.03 -18.54
C MET G 563 -19.57 59.40 -18.35
N LEU G 564 -18.36 59.40 -17.77
CA LEU G 564 -17.58 60.62 -17.56
C LEU G 564 -16.43 60.59 -18.55
N GLY G 565 -16.64 59.90 -19.67
CA GLY G 565 -15.63 59.74 -20.71
C GLY G 565 -15.17 58.30 -20.68
N ASP G 566 -13.89 58.07 -20.44
CA ASP G 566 -13.35 56.72 -20.36
C ASP G 566 -13.52 56.11 -18.98
N VAL G 567 -14.07 56.86 -18.03
CA VAL G 567 -14.30 56.42 -16.66
C VAL G 567 -15.74 56.76 -16.29
N MET G 568 -16.22 56.16 -15.21
CA MET G 568 -17.60 56.37 -14.75
C MET G 568 -17.63 56.93 -13.34
N ALA G 569 -18.66 57.72 -13.07
CA ALA G 569 -18.90 58.28 -11.75
C ALA G 569 -19.95 57.42 -11.06
N VAL G 570 -20.07 57.55 -9.74
CA VAL G 570 -21.03 56.74 -9.00
C VAL G 570 -21.61 57.52 -7.84
N SER G 571 -22.89 57.23 -7.55
CA SER G 571 -23.64 57.83 -6.47
C SER G 571 -24.42 56.72 -5.78
N THR G 572 -24.42 56.74 -4.45
CA THR G 572 -25.11 55.72 -3.67
C THR G 572 -26.60 56.04 -3.59
N CYS G 573 -27.43 55.07 -3.95
CA CYS G 573 -28.87 55.25 -3.92
C CYS G 573 -29.41 54.90 -2.53
N VAL G 574 -30.49 55.57 -2.16
CA VAL G 574 -31.14 55.38 -0.85
C VAL G 574 -32.29 54.39 -1.03
N PRO G 575 -32.45 53.40 -0.15
CA PRO G 575 -33.56 52.46 -0.31
C PRO G 575 -34.89 53.07 0.11
N VAL G 576 -35.97 52.42 -0.31
CA VAL G 576 -37.33 52.84 0.00
C VAL G 576 -38.18 51.59 0.17
N ALA G 577 -38.96 51.54 1.25
CA ALA G 577 -39.80 50.38 1.52
C ALA G 577 -40.90 50.25 0.47
N ALA G 578 -41.33 49.01 0.24
CA ALA G 578 -42.38 48.74 -0.75
C ALA G 578 -43.70 49.39 -0.39
N ASP G 579 -44.12 49.34 0.88
CA ASP G 579 -45.38 49.94 1.29
C ASP G 579 -45.44 51.44 1.06
N ASN G 580 -44.30 52.12 0.97
CA ASN G 580 -44.24 53.55 0.74
C ASN G 580 -44.24 53.92 -0.73
N VAL G 581 -44.65 52.99 -1.61
CA VAL G 581 -44.69 53.23 -3.06
C VAL G 581 -46.00 52.67 -3.59
N ILE G 582 -46.61 53.40 -4.52
CA ILE G 582 -47.87 53.00 -5.14
C ILE G 582 -47.86 53.41 -6.60
N VAL G 583 -48.44 52.57 -7.44
CA VAL G 583 -48.52 52.81 -8.88
C VAL G 583 -49.91 53.34 -9.21
N GLN G 584 -49.97 54.33 -10.10
CA GLN G 584 -51.26 54.91 -10.49
C GLN G 584 -52.05 53.94 -11.35
N ASN G 585 -53.37 54.12 -11.36
CA ASN G 585 -54.24 53.25 -12.13
C ASN G 585 -54.20 53.55 -13.63
N SER G 586 -53.61 54.66 -14.04
CA SER G 586 -53.54 55.00 -15.46
C SER G 586 -52.29 55.80 -15.74
N MET G 587 -51.91 55.82 -17.03
CA MET G 587 -50.72 56.55 -17.47
C MET G 587 -51.10 57.77 -18.29
N ARG G 588 -52.30 57.74 -18.90
CA ARG G 588 -52.85 58.78 -19.77
C ARG G 588 -52.45 60.21 -19.46
N ILE G 589 -51.94 60.90 -20.48
CA ILE G 589 -51.52 62.31 -20.38
C ILE G 589 -52.65 63.13 -20.97
N SER G 590 -53.59 63.56 -20.14
CA SER G 590 -54.73 64.33 -20.62
C SER G 590 -54.32 65.68 -21.19
N SER G 591 -53.15 66.19 -20.83
CA SER G 591 -52.72 67.49 -21.32
C SER G 591 -52.16 67.44 -22.75
N ARG G 592 -51.78 66.27 -23.25
CA ARG G 592 -51.22 66.14 -24.60
C ARG G 592 -51.66 64.83 -25.24
N PRO G 593 -52.78 64.84 -25.98
CA PRO G 593 -53.22 63.62 -26.65
C PRO G 593 -52.17 63.15 -27.65
N GLY G 594 -52.02 61.83 -27.76
CA GLY G 594 -51.06 61.23 -28.65
C GLY G 594 -49.71 60.96 -28.04
N ALA G 595 -49.44 61.48 -26.84
CA ALA G 595 -48.18 61.27 -26.14
C ALA G 595 -48.43 60.34 -24.96
N CYS G 596 -47.62 59.29 -24.86
CA CYS G 596 -47.76 58.28 -23.81
C CYS G 596 -46.41 57.95 -23.21
N TYR G 597 -46.35 57.86 -21.88
CA TYR G 597 -45.11 57.51 -21.20
C TYR G 597 -44.76 56.06 -21.48
N SER G 598 -43.46 55.78 -21.55
CA SER G 598 -43.01 54.41 -21.80
C SER G 598 -42.95 53.57 -20.53
N ARG G 599 -43.04 54.19 -19.35
CA ARG G 599 -43.01 53.49 -18.08
C ARG G 599 -44.12 54.05 -17.18
N PRO G 600 -44.66 53.25 -16.26
CA PRO G 600 -45.73 53.78 -15.39
C PRO G 600 -45.22 54.81 -14.41
N LEU G 601 -46.14 55.68 -13.97
CA LEU G 601 -45.82 56.72 -13.00
C LEU G 601 -45.96 56.14 -11.60
N VAL G 602 -45.36 56.84 -10.62
CA VAL G 602 -45.40 56.39 -9.23
C VAL G 602 -45.38 57.58 -8.28
N SER G 603 -45.82 57.32 -7.06
CA SER G 603 -45.86 58.28 -5.97
C SER G 603 -45.26 57.58 -4.76
N PHE G 604 -44.31 58.23 -4.10
CA PHE G 604 -43.66 57.61 -2.94
C PHE G 604 -43.21 58.66 -1.94
N ARG G 605 -42.82 58.17 -0.77
CA ARG G 605 -42.34 58.99 0.33
C ARG G 605 -41.11 58.32 0.91
N TYR G 606 -40.09 59.12 1.23
CA TYR G 606 -38.85 58.59 1.79
C TYR G 606 -39.11 57.92 3.15
N GLU G 607 -39.61 58.69 4.11
CA GLU G 607 -39.91 58.18 5.43
C GLU G 607 -41.37 57.75 5.49
N ASP G 608 -41.71 57.02 6.56
CA ASP G 608 -43.08 56.57 6.73
C ASP G 608 -44.05 57.74 6.84
N GLN G 609 -43.61 58.84 7.46
CA GLN G 609 -44.42 60.03 7.63
C GLN G 609 -44.02 61.16 6.69
N GLY G 610 -43.18 60.89 5.69
CA GLY G 610 -42.75 61.91 4.77
C GLY G 610 -43.81 62.25 3.72
N PRO G 611 -43.67 63.39 3.05
CA PRO G 611 -44.66 63.75 2.03
C PRO G 611 -44.54 62.88 0.80
N LEU G 612 -45.62 62.82 0.01
CA LEU G 612 -45.62 62.04 -1.21
C LEU G 612 -44.87 62.83 -2.30
N VAL G 613 -43.92 62.17 -2.96
CA VAL G 613 -43.10 62.78 -4.00
C VAL G 613 -43.53 62.25 -5.36
N GLU G 614 -43.52 63.13 -6.36
CA GLU G 614 -43.89 62.74 -7.71
C GLU G 614 -42.69 62.10 -8.41
N GLY G 615 -42.94 61.02 -9.13
CA GLY G 615 -41.87 60.34 -9.83
C GLY G 615 -42.41 59.31 -10.80
N GLN G 616 -41.47 58.60 -11.44
CA GLN G 616 -41.80 57.57 -12.41
C GLN G 616 -40.95 56.34 -12.12
N LEU G 617 -41.55 55.16 -12.35
CA LEU G 617 -40.86 53.91 -12.11
C LEU G 617 -39.73 53.71 -13.12
N GLY G 618 -38.72 52.94 -12.70
CA GLY G 618 -37.56 52.65 -13.51
C GLY G 618 -37.30 51.15 -13.59
N GLU G 619 -36.08 50.82 -14.01
CA GLU G 619 -35.68 49.42 -14.13
C GLU G 619 -35.08 48.92 -12.83
N ASN G 620 -35.36 47.65 -12.52
CA ASN G 620 -34.85 47.02 -11.31
C ASN G 620 -35.34 47.75 -10.06
N ASN G 621 -36.63 48.06 -10.04
CA ASN G 621 -37.28 48.76 -8.93
C ASN G 621 -36.66 50.14 -8.68
N GLU G 622 -36.16 50.78 -9.73
CA GLU G 622 -35.56 52.09 -9.59
C GLU G 622 -36.64 53.17 -9.71
N LEU G 623 -36.59 54.14 -8.80
CA LEU G 623 -37.55 55.24 -8.77
C LEU G 623 -36.88 56.48 -9.35
N ARG G 624 -37.44 56.99 -10.46
CA ARG G 624 -36.93 58.17 -11.14
C ARG G 624 -37.76 59.37 -10.73
N LEU G 625 -37.09 60.49 -10.44
CA LEU G 625 -37.78 61.71 -10.02
C LEU G 625 -38.21 62.59 -11.18
N THR G 626 -37.78 62.30 -12.41
CA THR G 626 -38.13 63.10 -13.57
C THR G 626 -38.94 62.25 -14.56
N ARG G 627 -40.03 62.84 -15.05
CA ARG G 627 -40.91 62.17 -16.02
C ARG G 627 -40.58 62.74 -17.40
N ASP G 628 -39.76 62.00 -18.16
CA ASP G 628 -39.37 62.41 -19.50
C ASP G 628 -39.35 61.29 -20.51
N ALA G 629 -39.75 60.08 -20.14
CA ALA G 629 -39.76 58.94 -21.06
C ALA G 629 -41.11 58.87 -21.78
N ILE G 630 -41.32 59.84 -22.69
CA ILE G 630 -42.53 59.95 -23.47
C ILE G 630 -42.30 59.35 -24.84
N GLU G 631 -43.30 58.61 -25.32
CA GLU G 631 -43.28 57.96 -26.62
C GLU G 631 -44.66 58.08 -27.24
N PRO G 632 -44.77 58.02 -28.56
CA PRO G 632 -46.10 58.11 -29.19
C PRO G 632 -46.96 56.92 -28.77
N CYS G 633 -48.24 57.19 -28.54
CA CYS G 633 -49.16 56.13 -28.14
C CYS G 633 -49.34 55.16 -29.29
N THR G 634 -49.20 53.87 -28.99
CA THR G 634 -49.31 52.79 -29.98
C THR G 634 -50.53 51.93 -29.65
N VAL G 635 -51.23 51.49 -30.69
CA VAL G 635 -52.41 50.66 -30.51
C VAL G 635 -51.99 49.29 -29.97
N GLY G 636 -52.88 48.66 -29.20
CA GLY G 636 -52.62 47.31 -28.68
C GLY G 636 -51.44 47.33 -27.73
N HIS G 637 -51.28 48.43 -26.98
CA HIS G 637 -50.16 48.56 -26.01
C HIS G 637 -50.25 47.41 -25.00
N ARG G 638 -49.10 47.00 -24.46
CA ARG G 638 -49.04 45.92 -23.45
C ARG G 638 -47.62 45.92 -22.91
N ARG G 639 -47.45 45.91 -21.59
CA ARG G 639 -46.08 45.97 -20.99
C ARG G 639 -46.07 45.48 -19.55
N TYR G 640 -45.16 44.56 -19.20
CA TYR G 640 -44.98 44.15 -17.79
C TYR G 640 -43.88 45.07 -17.27
N PHE G 641 -43.91 45.43 -15.98
CA PHE G 641 -42.85 46.28 -15.38
C PHE G 641 -42.54 45.75 -14.00
N THR G 642 -41.27 45.60 -13.66
CA THR G 642 -40.88 45.05 -12.36
C THR G 642 -41.30 46.01 -11.26
N PHE G 643 -41.92 45.45 -10.21
CA PHE G 643 -42.38 46.25 -9.08
C PHE G 643 -42.25 45.41 -7.82
N GLY G 644 -41.33 45.79 -6.94
CA GLY G 644 -41.13 45.03 -5.72
C GLY G 644 -40.71 43.61 -6.03
N GLY G 645 -41.36 42.65 -5.40
CA GLY G 645 -41.05 41.25 -5.62
C GLY G 645 -41.78 40.61 -6.77
N GLY G 646 -42.67 41.33 -7.43
CA GLY G 646 -43.45 40.82 -8.55
C GLY G 646 -43.39 41.76 -9.74
N TYR G 647 -44.50 41.77 -10.49
CA TYR G 647 -44.64 42.61 -11.67
C TYR G 647 -46.01 43.29 -11.68
N VAL G 648 -46.10 44.34 -12.49
CA VAL G 648 -47.33 45.11 -12.66
C VAL G 648 -47.67 45.05 -14.15
N TYR G 649 -48.88 44.57 -14.45
CA TYR G 649 -49.33 44.40 -15.82
C TYR G 649 -50.15 45.61 -16.26
N PHE G 650 -49.90 46.05 -17.50
CA PHE G 650 -50.59 47.19 -18.10
C PHE G 650 -51.07 46.83 -19.50
N GLU G 651 -52.26 47.30 -19.84
CA GLU G 651 -52.87 47.07 -21.14
C GLU G 651 -53.48 48.37 -21.64
N GLU G 652 -53.12 48.75 -22.87
CA GLU G 652 -53.61 49.98 -23.48
C GLU G 652 -53.26 51.17 -22.59
N TYR G 653 -52.07 51.13 -22.01
CA TYR G 653 -51.54 52.15 -21.10
C TYR G 653 -52.37 52.30 -19.83
N ALA G 654 -53.09 51.24 -19.44
CA ALA G 654 -53.92 51.24 -18.24
C ALA G 654 -53.51 50.11 -17.32
N TYR G 655 -53.42 50.42 -16.03
CA TYR G 655 -53.04 49.44 -15.02
C TYR G 655 -54.04 48.28 -15.00
N SER G 656 -53.52 47.07 -14.82
CA SER G 656 -54.37 45.87 -14.78
C SER G 656 -54.39 45.22 -13.41
N HIS G 657 -53.24 44.78 -12.89
CA HIS G 657 -53.18 44.13 -11.58
C HIS G 657 -51.73 43.74 -11.27
N GLN G 658 -51.52 43.22 -10.07
CA GLN G 658 -50.23 42.74 -9.62
C GLN G 658 -50.19 41.22 -9.71
N LEU G 659 -49.12 40.69 -10.28
CA LEU G 659 -48.95 39.24 -10.44
C LEU G 659 -47.62 38.81 -9.84
N SER G 660 -47.62 37.59 -9.30
CA SER G 660 -46.44 37.02 -8.66
C SER G 660 -45.30 36.85 -9.65
N ARG G 661 -44.10 36.62 -9.11
CA ARG G 661 -42.92 36.43 -9.94
C ARG G 661 -42.91 35.08 -10.65
N ALA G 662 -43.54 34.07 -10.05
CA ALA G 662 -43.59 32.74 -10.63
C ALA G 662 -44.70 32.56 -11.66
N ASP G 663 -45.51 33.59 -11.91
CA ASP G 663 -46.59 33.47 -12.87
C ASP G 663 -46.10 33.47 -14.31
N ILE G 664 -44.89 33.98 -14.56
CA ILE G 664 -44.31 34.06 -15.90
C ILE G 664 -43.32 32.93 -16.07
N THR G 665 -43.28 32.34 -17.27
CA THR G 665 -42.35 31.26 -17.54
C THR G 665 -40.92 31.78 -17.43
N THR G 666 -40.05 30.98 -16.80
CA THR G 666 -38.66 31.35 -16.58
C THR G 666 -37.74 30.38 -17.31
N VAL G 667 -36.70 30.93 -17.92
CA VAL G 667 -35.69 30.16 -18.65
C VAL G 667 -34.34 30.43 -17.99
N SER G 668 -33.61 29.36 -17.70
CA SER G 668 -32.30 29.50 -17.05
C SER G 668 -31.28 30.02 -18.04
N THR G 669 -30.78 31.23 -17.80
CA THR G 669 -29.77 31.84 -18.66
C THR G 669 -28.36 31.41 -18.27
N PHE G 670 -28.21 30.60 -17.23
CA PHE G 670 -26.92 30.14 -16.76
C PHE G 670 -26.61 28.74 -17.29
N ILE G 671 -25.32 28.43 -17.50
CA ILE G 671 -24.87 27.12 -18.04
C ILE G 671 -24.53 26.20 -16.87
N ASP G 672 -25.51 25.52 -16.29
CA ASP G 672 -25.33 24.68 -15.07
C ASP G 672 -24.08 23.80 -15.13
N LEU G 673 -23.32 23.72 -14.03
CA LEU G 673 -22.15 22.82 -13.91
C LEU G 673 -22.28 22.07 -12.58
N ASN G 674 -22.64 20.79 -12.61
CA ASN G 674 -22.85 19.98 -11.38
C ASN G 674 -21.50 19.52 -10.84
N ILE G 675 -21.22 19.77 -9.56
CA ILE G 675 -19.93 19.35 -8.93
C ILE G 675 -20.21 18.41 -7.74
N THR G 676 -19.86 17.12 -7.86
CA THR G 676 -20.07 16.11 -6.81
C THR G 676 -18.76 15.86 -6.08
N MET G 677 -18.62 16.40 -4.87
CA MET G 677 -17.39 16.23 -4.06
C MET G 677 -17.12 14.73 -3.89
N LEU G 678 -15.86 14.36 -3.63
CA LEU G 678 -15.47 12.95 -3.46
C LEU G 678 -15.88 12.50 -2.06
N GLU G 679 -16.71 11.46 -2.00
CA GLU G 679 -17.17 10.94 -0.72
C GLU G 679 -16.01 10.39 0.10
N ASP G 680 -16.11 10.57 1.41
CA ASP G 680 -15.07 10.07 2.31
C ASP G 680 -15.05 8.55 2.28
N HIS G 681 -13.85 7.97 2.34
CA HIS G 681 -13.67 6.53 2.32
C HIS G 681 -12.86 6.10 3.53
N GLU G 682 -13.26 4.99 4.14
CA GLU G 682 -12.59 4.43 5.30
C GLU G 682 -11.94 3.11 4.89
N PHE G 683 -10.64 2.98 5.17
CA PHE G 683 -9.87 1.79 4.84
C PHE G 683 -9.77 0.92 6.09
N VAL G 684 -10.15 -0.34 5.96
CA VAL G 684 -10.11 -1.29 7.08
C VAL G 684 -8.85 -2.15 6.96
N PRO G 685 -8.30 -2.66 8.06
CA PRO G 685 -7.10 -3.51 7.95
C PRO G 685 -7.39 -4.75 7.13
N LEU G 686 -6.41 -5.19 6.36
CA LEU G 686 -6.58 -6.37 5.52
C LEU G 686 -5.21 -7.02 5.27
N GLU G 687 -5.11 -8.31 5.59
CA GLU G 687 -3.89 -9.08 5.41
C GLU G 687 -4.24 -10.42 4.80
N VAL G 688 -3.44 -10.87 3.83
CA VAL G 688 -3.70 -12.17 3.22
C VAL G 688 -3.40 -13.28 4.21
N TYR G 689 -2.30 -13.16 4.93
CA TYR G 689 -1.89 -14.13 5.93
C TYR G 689 -1.30 -13.38 7.12
N THR G 690 -1.96 -13.46 8.27
CA THR G 690 -1.45 -12.79 9.45
C THR G 690 -0.13 -13.43 9.86
N ARG G 691 0.63 -12.73 10.70
CA ARG G 691 1.90 -13.28 11.15
C ARG G 691 1.70 -14.59 11.90
N HIS G 692 0.55 -14.75 12.56
CA HIS G 692 0.29 -16.01 13.26
C HIS G 692 0.06 -17.14 12.26
N GLU G 693 -0.65 -16.86 11.16
CA GLU G 693 -0.91 -17.88 10.16
C GLU G 693 0.39 -18.32 9.50
N ILE G 694 1.29 -17.36 9.20
CA ILE G 694 2.57 -17.70 8.58
C ILE G 694 3.37 -18.60 9.50
N LYS G 695 3.39 -18.29 10.80
CA LYS G 695 4.11 -19.12 11.75
C LYS G 695 3.51 -20.51 11.80
N ASP G 696 2.17 -20.59 11.78
CA ASP G 696 1.49 -21.87 11.81
C ASP G 696 1.65 -22.67 10.52
N SER G 697 2.08 -22.03 9.43
CA SER G 697 2.25 -22.74 8.18
C SER G 697 3.31 -23.83 8.27
N GLY G 698 4.29 -23.67 9.16
CA GLY G 698 5.33 -24.68 9.30
C GLY G 698 4.76 -25.97 9.86
N LEU G 699 5.23 -27.09 9.32
CA LEU G 699 4.75 -28.39 9.77
C LEU G 699 5.14 -28.64 11.22
N LEU G 700 6.36 -28.25 11.61
CA LEU G 700 6.86 -28.45 12.96
C LEU G 700 7.47 -27.15 13.48
N ASP G 701 7.36 -26.97 14.80
CA ASP G 701 7.89 -25.80 15.49
C ASP G 701 8.92 -26.29 16.52
N TYR G 702 10.15 -25.79 16.39
CA TYR G 702 11.20 -26.20 17.32
C TYR G 702 10.90 -25.78 18.75
N THR G 703 10.26 -24.62 18.92
CA THR G 703 9.93 -24.14 20.25
C THR G 703 8.95 -25.07 20.96
N GLU G 704 7.84 -25.36 20.30
CA GLU G 704 6.83 -26.23 20.91
C GLU G 704 7.33 -27.66 21.07
N VAL G 705 8.07 -28.17 20.10
CA VAL G 705 8.58 -29.55 20.19
C VAL G 705 9.52 -29.68 21.37
N GLN G 706 10.42 -28.71 21.55
CA GLN G 706 11.37 -28.78 22.65
C GLN G 706 10.67 -28.59 23.99
N ARG G 707 9.66 -27.71 24.03
CA ARG G 707 8.94 -27.48 25.29
C ARG G 707 8.24 -28.75 25.76
N ARG G 708 7.58 -29.46 24.83
CA ARG G 708 6.89 -30.68 25.20
C ARG G 708 7.86 -31.82 25.49
N ASN G 709 8.89 -31.97 24.64
CA ASN G 709 9.85 -33.04 24.84
C ASN G 709 10.59 -32.90 26.17
N GLN G 710 11.00 -31.68 26.52
CA GLN G 710 11.72 -31.48 27.78
C GLN G 710 10.83 -31.61 28.99
N LEU G 711 9.50 -31.53 28.82
CA LEU G 711 8.58 -31.69 29.94
C LEU G 711 8.29 -33.15 30.24
N HIS G 712 8.85 -34.08 29.46
CA HIS G 712 8.61 -35.50 29.66
C HIS G 712 9.04 -35.96 31.05
N ASP G 713 10.24 -35.57 31.47
CA ASP G 713 10.73 -35.99 32.79
C ASP G 713 9.86 -35.41 33.91
N LEU G 714 9.46 -34.15 33.80
CA LEU G 714 8.63 -33.54 34.84
C LEU G 714 7.20 -34.03 34.80
N ARG G 715 6.75 -34.57 33.65
CA ARG G 715 5.38 -35.03 33.53
C ARG G 715 5.23 -36.52 33.83
N PHE G 716 6.16 -37.35 33.34
CA PHE G 716 6.09 -38.80 33.52
C PHE G 716 7.13 -39.40 34.45
N ALA G 717 7.67 -38.64 35.40
CA ALA G 717 8.67 -39.20 36.30
C ALA G 717 8.89 -38.29 37.50
N ASP G 718 9.39 -38.89 38.58
CA ASP G 718 9.68 -38.18 39.81
C ASP G 718 11.11 -37.65 39.69
N ILE G 719 11.30 -36.37 40.05
CA ILE G 719 12.60 -35.74 39.92
C ILE G 719 13.34 -35.63 41.26
N ASP G 720 12.61 -35.58 42.37
CA ASP G 720 13.21 -35.42 43.69
C ASP G 720 13.34 -36.69 44.51
N THR G 721 12.47 -37.67 44.33
CA THR G 721 12.55 -38.89 45.12
C THR G 721 13.87 -39.62 44.86
N VAL G 722 14.50 -40.08 45.95
CA VAL G 722 15.76 -40.80 45.90
C VAL G 722 15.55 -42.15 46.57
N ILE G 723 16.04 -43.22 45.95
CA ILE G 723 15.92 -44.58 46.45
C ILE G 723 17.33 -45.13 46.63
N HIS G 724 17.62 -45.66 47.81
CA HIS G 724 18.93 -46.22 48.10
C HIS G 724 18.77 -47.35 49.11
N ALA G 725 19.76 -48.23 49.14
CA ALA G 725 19.76 -49.37 50.04
C ALA G 725 21.14 -49.59 50.63
N VAL H 2 35.54 25.94 -32.31
CA VAL H 2 36.10 25.29 -31.08
C VAL H 2 37.62 25.18 -31.23
N GLN H 3 38.33 25.31 -30.10
CA GLN H 3 39.78 25.22 -30.09
C GLN H 3 40.25 24.63 -28.77
N LEU H 4 41.18 23.69 -28.87
CA LEU H 4 41.76 23.02 -27.72
C LEU H 4 43.27 23.14 -27.81
N VAL H 5 43.91 23.57 -26.71
CA VAL H 5 45.35 23.76 -26.66
C VAL H 5 45.91 23.02 -25.44
N GLU H 6 47.07 22.40 -25.60
CA GLU H 6 47.75 21.66 -24.56
C GLU H 6 49.13 22.25 -24.31
N THR H 7 49.49 22.35 -23.04
CA THR H 7 50.78 22.88 -22.63
C THR H 7 51.34 22.01 -21.51
N GLY H 8 52.68 21.97 -21.41
CA GLY H 8 53.37 21.20 -20.40
C GLY H 8 54.19 20.03 -20.92
N GLY H 9 54.25 19.80 -22.23
CA GLY H 9 55.03 18.70 -22.74
C GLY H 9 56.52 18.98 -22.73
N GLY H 10 57.30 17.90 -22.83
CA GLY H 10 58.74 18.03 -22.83
C GLY H 10 59.40 16.70 -22.52
N VAL H 11 60.72 16.75 -22.42
CA VAL H 11 61.55 15.59 -22.12
C VAL H 11 61.74 15.51 -20.61
N VAL H 12 61.54 14.34 -20.04
CA VAL H 12 61.65 14.13 -18.59
C VAL H 12 62.32 12.79 -18.33
N ARG H 13 63.07 12.72 -17.23
CA ARG H 13 63.76 11.49 -16.88
C ARG H 13 62.77 10.46 -16.30
N PRO H 14 63.11 9.17 -16.34
CA PRO H 14 62.19 8.17 -15.78
C PRO H 14 62.01 8.34 -14.28
N GLY H 15 60.84 7.96 -13.79
CA GLY H 15 60.53 8.05 -12.38
C GLY H 15 60.29 9.45 -11.86
N ARG H 16 60.26 10.45 -12.74
CA ARG H 16 60.03 11.83 -12.35
C ARG H 16 58.58 12.22 -12.60
N SER H 17 58.16 13.35 -12.04
CA SER H 17 56.81 13.86 -12.17
C SER H 17 56.73 14.96 -13.22
N LEU H 18 55.59 15.02 -13.89
CA LEU H 18 55.31 16.01 -14.92
C LEU H 18 53.82 16.31 -14.87
N ARG H 19 53.47 17.59 -15.07
CA ARG H 19 52.09 18.05 -15.02
C ARG H 19 51.72 18.71 -16.34
N LEU H 20 50.66 18.23 -16.98
CA LEU H 20 50.17 18.77 -18.23
C LEU H 20 48.93 19.62 -17.99
N SER H 21 48.64 20.49 -18.94
CA SER H 21 47.48 21.37 -18.87
C SER H 21 46.84 21.44 -20.24
N CYS H 22 45.51 21.55 -20.26
CA CYS H 22 44.74 21.63 -21.50
C CYS H 22 43.71 22.75 -21.37
N THR H 23 43.89 23.81 -22.16
CA THR H 23 42.98 24.94 -22.18
C THR H 23 41.89 24.67 -23.19
N THR H 24 40.70 25.20 -22.93
CA THR H 24 39.54 25.02 -23.80
C THR H 24 38.90 26.34 -24.15
N SER H 25 38.06 26.30 -25.18
CA SER H 25 37.34 27.47 -25.67
C SER H 25 36.33 26.99 -26.72
N GLY H 26 35.23 27.73 -26.82
CA GLY H 26 34.19 27.42 -27.77
C GLY H 26 33.06 26.54 -27.26
N PHE H 27 33.15 26.00 -26.05
CA PHE H 27 32.11 25.14 -25.53
C PHE H 27 32.04 25.29 -24.02
N SER H 28 30.91 24.89 -23.45
CA SER H 28 30.68 24.96 -22.01
C SER H 28 31.55 23.91 -21.32
N PHE H 29 32.69 24.34 -20.77
CA PHE H 29 33.58 23.41 -20.10
C PHE H 29 32.92 22.80 -18.86
N SER H 30 32.16 23.60 -18.12
CA SER H 30 31.50 23.11 -16.92
C SER H 30 30.41 22.08 -17.21
N GLY H 31 29.90 22.02 -18.45
CA GLY H 31 28.85 21.10 -18.81
C GLY H 31 29.27 19.89 -19.64
N SER H 32 30.56 19.55 -19.68
CA SER H 32 31.02 18.41 -20.46
C SER H 32 32.24 17.78 -19.82
N ALA H 33 32.30 16.45 -19.86
CA ALA H 33 33.42 15.72 -19.30
C ALA H 33 34.62 15.82 -20.23
N MET H 34 35.80 15.57 -19.67
CA MET H 34 37.06 15.63 -20.42
C MET H 34 37.78 14.29 -20.29
N HIS H 35 38.50 13.92 -21.35
CA HIS H 35 39.25 12.68 -21.42
C HIS H 35 40.66 12.96 -21.90
N TRP H 36 41.57 12.05 -21.57
CA TRP H 36 42.97 12.13 -21.97
C TRP H 36 43.32 10.89 -22.78
N VAL H 37 43.92 11.10 -23.95
CA VAL H 37 44.30 10.03 -24.86
C VAL H 37 45.77 10.18 -25.21
N ARG H 38 46.46 9.04 -25.34
CA ARG H 38 47.87 8.99 -25.68
C ARG H 38 48.06 8.26 -27.00
N GLN H 39 49.13 8.60 -27.70
CA GLN H 39 49.47 8.01 -28.99
C GLN H 39 50.97 7.77 -29.02
N ALA H 40 51.38 6.53 -28.77
CA ALA H 40 52.80 6.22 -28.76
C ALA H 40 53.37 6.31 -30.18
N PRO H 41 54.69 6.46 -30.33
CA PRO H 41 55.26 6.57 -31.68
C PRO H 41 55.00 5.32 -32.53
N GLY H 42 54.26 5.53 -33.61
CA GLY H 42 53.95 4.45 -34.54
C GLY H 42 53.07 3.35 -33.98
N LYS H 43 52.35 3.62 -32.88
CA LYS H 43 51.46 2.63 -32.27
C LYS H 43 50.03 3.15 -32.33
N GLY H 44 49.11 2.39 -31.75
CA GLY H 44 47.71 2.78 -31.75
C GLY H 44 47.35 3.69 -30.59
N LEU H 45 46.13 4.21 -30.65
CA LEU H 45 45.64 5.10 -29.61
C LEU H 45 45.29 4.32 -28.34
N GLU H 46 45.32 5.00 -27.21
CA GLU H 46 45.01 4.40 -25.92
C GLU H 46 44.47 5.45 -24.98
N TRP H 47 43.38 5.11 -24.28
CA TRP H 47 42.76 6.02 -23.34
C TRP H 47 43.59 6.10 -22.07
N VAL H 48 43.55 7.27 -21.41
CA VAL H 48 44.32 7.52 -20.19
C VAL H 48 43.40 7.68 -18.98
N ALA H 49 42.54 8.70 -18.99
CA ALA H 49 41.65 8.92 -17.85
C ALA H 49 40.45 9.75 -18.30
N VAL H 50 39.58 10.05 -17.34
CA VAL H 50 38.38 10.84 -17.58
C VAL H 50 38.01 11.57 -16.30
N ILE H 51 37.47 12.78 -16.46
CA ILE H 51 37.01 13.63 -15.37
C ILE H 51 35.60 14.09 -15.73
N SER H 52 34.67 13.93 -14.81
CA SER H 52 33.30 14.32 -15.07
C SER H 52 33.19 15.83 -15.27
N HIS H 53 31.96 16.28 -15.59
CA HIS H 53 31.74 17.69 -15.83
C HIS H 53 32.07 18.52 -14.60
N ASP H 54 31.71 18.03 -13.42
CA ASP H 54 31.98 18.71 -12.15
C ASP H 54 33.13 18.08 -11.38
N GLY H 55 33.70 16.98 -11.88
CA GLY H 55 34.81 16.32 -11.21
C GLY H 55 34.45 15.47 -10.02
N ASN H 56 33.19 15.04 -9.89
CA ASN H 56 32.82 14.22 -8.74
C ASN H 56 33.33 12.79 -8.87
N ILE H 57 33.43 12.25 -10.08
CA ILE H 57 33.90 10.89 -10.32
C ILE H 57 35.08 10.90 -11.28
N ILE H 58 36.05 10.04 -11.00
CA ILE H 58 37.26 9.91 -11.80
C ILE H 58 37.50 8.43 -12.09
N GLN H 59 37.94 8.12 -13.30
CA GLN H 59 38.25 6.76 -13.73
C GLN H 59 39.58 6.79 -14.48
N TYR H 60 40.40 5.77 -14.24
CA TYR H 60 41.72 5.66 -14.87
C TYR H 60 41.89 4.34 -15.58
N HIS H 61 42.96 4.27 -16.37
CA HIS H 61 43.32 3.06 -17.09
C HIS H 61 44.18 2.20 -16.17
N ASP H 62 44.06 0.87 -16.32
CA ASP H 62 44.84 -0.03 -15.48
C ASP H 62 46.34 0.18 -15.61
N SER H 63 46.80 0.73 -16.74
CA SER H 63 48.23 0.95 -16.91
C SER H 63 48.70 2.25 -16.24
N VAL H 64 47.76 3.11 -15.85
CA VAL H 64 48.09 4.39 -15.21
C VAL H 64 47.36 4.58 -13.89
N LYS H 65 46.61 3.59 -13.42
CA LYS H 65 45.89 3.76 -12.15
C LYS H 65 46.88 3.84 -10.99
N GLY H 66 46.70 4.86 -10.16
CA GLY H 66 47.56 5.07 -9.02
C GLY H 66 48.82 5.87 -9.30
N ARG H 67 49.16 6.09 -10.57
CA ARG H 67 50.35 6.84 -10.95
C ARG H 67 49.99 8.25 -11.43
N PHE H 68 48.92 8.37 -12.21
CA PHE H 68 48.48 9.64 -12.74
C PHE H 68 47.49 10.31 -11.79
N THR H 69 47.09 11.53 -12.14
CA THR H 69 46.14 12.28 -11.33
C THR H 69 45.51 13.32 -12.23
N ILE H 70 44.21 13.16 -12.51
CA ILE H 70 43.47 14.08 -13.38
C ILE H 70 42.66 15.03 -12.51
N SER H 71 42.56 16.28 -12.96
CA SER H 71 41.80 17.31 -12.25
C SER H 71 41.39 18.39 -13.24
N ARG H 72 40.42 19.20 -12.83
CA ARG H 72 39.92 20.27 -13.67
C ARG H 72 39.51 21.45 -12.81
N ASP H 73 39.43 22.62 -13.44
CA ASP H 73 39.05 23.88 -12.79
C ASP H 73 38.02 24.54 -13.70
N ASN H 74 36.74 24.39 -13.36
CA ASN H 74 35.67 24.96 -14.17
C ASN H 74 35.73 26.49 -14.20
N SER H 75 36.20 27.12 -13.12
CA SER H 75 36.27 28.57 -13.09
C SER H 75 37.20 29.10 -14.18
N LYS H 76 38.36 28.47 -14.35
CA LYS H 76 39.33 28.86 -15.37
C LYS H 76 39.21 28.05 -16.65
N ASN H 77 38.22 27.14 -16.73
CA ASN H 77 37.99 26.27 -17.88
C ASN H 77 39.29 25.68 -18.42
N VAL H 78 40.05 25.07 -17.51
CA VAL H 78 41.33 24.46 -17.83
C VAL H 78 41.37 23.05 -17.24
N LEU H 79 41.89 22.10 -18.01
CA LEU H 79 42.03 20.71 -17.60
C LEU H 79 43.50 20.44 -17.31
N LEU H 80 43.75 19.62 -16.29
CA LEU H 80 45.11 19.28 -15.89
C LEU H 80 45.23 17.78 -15.64
N LEU H 81 46.45 17.27 -15.79
CA LEU H 81 46.76 15.85 -15.58
C LEU H 81 48.14 15.78 -14.92
N GLN H 82 48.15 15.71 -13.59
CA GLN H 82 49.40 15.62 -12.85
C GLN H 82 49.94 14.19 -12.96
N MET H 83 51.11 14.05 -13.58
CA MET H 83 51.75 12.75 -13.79
C MET H 83 52.89 12.56 -12.79
N ASN H 84 52.98 11.38 -12.22
CA ASN H 84 54.01 11.01 -11.26
C ASN H 84 54.50 9.59 -11.54
N SER H 85 55.78 9.35 -11.24
CA SER H 85 56.40 8.04 -11.46
C SER H 85 56.32 7.64 -12.93
N LEU H 86 56.95 8.45 -13.78
CA LEU H 86 56.94 8.18 -15.20
C LEU H 86 57.79 6.96 -15.53
N ARG H 87 57.52 6.36 -16.68
CA ARG H 87 58.23 5.18 -17.17
C ARG H 87 58.55 5.37 -18.65
N VAL H 88 59.46 4.54 -19.15
CA VAL H 88 59.85 4.63 -20.55
C VAL H 88 58.67 4.32 -21.47
N ASP H 89 57.80 3.38 -21.06
CA ASP H 89 56.66 3.03 -21.88
C ASP H 89 55.63 4.15 -21.98
N ASP H 90 55.73 5.19 -21.16
CA ASP H 90 54.78 6.29 -21.21
C ASP H 90 55.08 7.30 -22.32
N THR H 91 56.17 7.13 -23.06
CA THR H 91 56.51 8.05 -24.14
C THR H 91 55.42 8.04 -25.19
N ALA H 92 54.67 9.13 -25.31
CA ALA H 92 53.58 9.18 -26.27
C ALA H 92 53.01 10.59 -26.36
N MET H 93 52.29 10.84 -27.46
CA MET H 93 51.65 12.13 -27.65
C MET H 93 50.32 12.13 -26.92
N TYR H 94 50.22 12.99 -25.91
CA TYR H 94 49.03 13.10 -25.09
C TYR H 94 48.07 14.14 -25.69
N TYR H 95 46.81 13.74 -25.84
CA TYR H 95 45.76 14.59 -26.38
C TYR H 95 44.65 14.73 -25.35
N CYS H 96 44.08 15.93 -25.25
CA CYS H 96 42.95 16.18 -24.36
C CYS H 96 41.72 16.31 -25.24
N ALA H 97 40.69 15.52 -24.94
CA ALA H 97 39.47 15.52 -25.74
C ALA H 97 38.24 15.61 -24.86
N ARG H 98 37.21 16.27 -25.40
CA ARG H 98 35.94 16.44 -24.71
C ARG H 98 35.00 15.30 -25.11
N ASP H 99 34.10 14.96 -24.20
CA ASP H 99 33.15 13.89 -24.48
C ASP H 99 32.09 14.37 -25.48
N VAL H 100 31.32 13.41 -26.00
CA VAL H 100 30.26 13.76 -26.93
C VAL H 100 29.03 14.12 -26.11
N TRP H 101 28.59 15.36 -26.23
CA TRP H 101 27.43 15.80 -25.46
C TRP H 101 26.16 15.24 -26.09
N LEU H 102 25.52 14.30 -25.41
CA LEU H 102 24.27 13.67 -25.83
C LEU H 102 23.18 13.87 -24.81
N LEU H 103 23.54 13.93 -23.53
CA LEU H 103 22.61 14.15 -22.42
C LEU H 103 23.25 15.14 -21.46
N PRO H 104 22.45 15.73 -20.55
CA PRO H 104 23.00 16.75 -19.63
C PRO H 104 24.18 16.35 -18.74
N ALA H 105 24.04 15.31 -17.91
CA ALA H 105 25.10 14.93 -16.97
C ALA H 105 25.74 13.57 -17.21
N THR H 106 25.42 12.87 -18.28
CA THR H 106 26.04 11.57 -18.50
C THR H 106 27.39 11.72 -19.20
N ILE H 107 28.17 10.64 -19.17
CA ILE H 107 29.47 10.57 -19.80
C ILE H 107 29.35 9.59 -20.97
N SER H 108 29.50 10.09 -22.19
CA SER H 108 29.39 9.27 -23.38
C SER H 108 30.55 8.32 -23.58
N TYR H 109 31.69 8.55 -22.92
CA TYR H 109 32.88 7.72 -23.06
C TYR H 109 33.38 7.67 -24.51
N ALA H 110 33.02 8.70 -25.29
CA ALA H 110 33.45 8.83 -26.69
C ALA H 110 34.11 10.20 -26.82
N PHE H 111 34.84 10.43 -27.91
CA PHE H 111 35.57 11.71 -28.13
C PHE H 111 34.96 12.41 -29.32
N ASP H 112 34.71 13.71 -29.24
CA ASP H 112 34.08 14.47 -30.37
C ASP H 112 35.03 15.60 -30.80
N PHE H 113 35.73 16.22 -29.85
CA PHE H 113 36.69 17.29 -30.11
C PHE H 113 38.03 16.90 -29.51
N TRP H 114 39.09 17.06 -30.30
CA TRP H 114 40.44 16.71 -29.89
C TRP H 114 41.35 17.92 -29.98
N GLY H 115 42.39 17.93 -29.15
CA GLY H 115 43.34 19.02 -29.15
C GLY H 115 44.52 18.74 -30.07
N GLN H 116 45.41 19.73 -30.17
CA GLN H 116 46.58 19.57 -31.02
C GLN H 116 47.54 18.51 -30.51
N GLY H 117 47.57 18.28 -29.21
CA GLY H 117 48.45 17.28 -28.62
C GLY H 117 49.85 17.81 -28.37
N THR H 118 50.51 17.21 -27.40
CA THR H 118 51.86 17.57 -27.02
C THR H 118 52.67 16.32 -26.74
N MET H 119 53.98 16.42 -26.91
CA MET H 119 54.86 15.28 -26.70
C MET H 119 55.37 15.21 -25.26
N VAL H 120 55.52 13.98 -24.78
CA VAL H 120 56.05 13.67 -23.46
C VAL H 120 57.00 12.51 -23.65
N THR H 121 58.29 12.81 -23.79
CA THR H 121 59.31 11.80 -24.04
C THR H 121 60.04 11.46 -22.74
N VAL H 122 60.13 10.16 -22.43
CA VAL H 122 60.81 9.67 -21.25
C VAL H 122 62.12 9.03 -21.71
N SER H 123 63.23 9.71 -21.43
CA SER H 123 64.55 9.22 -21.82
C SER H 123 65.54 9.49 -20.71
N SER H 124 66.67 8.80 -20.78
CA SER H 124 67.74 8.93 -19.79
C SER H 124 69.09 9.02 -20.48
N VAL I 1 39.92 -6.33 -19.83
CA VAL I 1 40.16 -5.45 -21.02
C VAL I 1 39.56 -6.09 -22.25
N ILE I 2 38.83 -5.30 -23.04
CA ILE I 2 38.20 -5.77 -24.27
C ILE I 2 39.12 -5.43 -25.43
N TRP I 3 39.79 -6.43 -25.98
CA TRP I 3 40.68 -6.22 -27.10
C TRP I 3 39.88 -5.94 -28.36
N MET I 4 40.37 -5.03 -29.19
CA MET I 4 39.70 -4.62 -30.42
C MET I 4 40.53 -5.03 -31.63
N THR I 5 40.02 -6.00 -32.39
CA THR I 5 40.70 -6.48 -33.58
C THR I 5 40.12 -5.78 -34.79
N GLN I 6 40.95 -4.97 -35.47
CA GLN I 6 40.54 -4.23 -36.64
C GLN I 6 41.29 -4.72 -37.86
N SER I 7 40.56 -5.01 -38.93
CA SER I 7 41.14 -5.48 -40.18
C SER I 7 40.32 -4.94 -41.33
N PRO I 8 40.93 -4.77 -42.52
CA PRO I 8 42.33 -5.03 -42.88
C PRO I 8 43.25 -3.94 -42.36
N PRO I 9 44.49 -4.22 -41.94
CA PRO I 9 45.36 -3.14 -41.44
C PRO I 9 45.65 -2.07 -42.47
N SER I 10 45.56 -2.38 -43.77
CA SER I 10 45.83 -1.40 -44.80
C SER I 10 45.30 -1.91 -46.13
N LEU I 11 44.61 -1.02 -46.85
CA LEU I 11 44.05 -1.34 -48.16
C LEU I 11 44.02 -0.07 -48.98
N SER I 12 43.95 -0.23 -50.30
CA SER I 12 43.92 0.89 -51.23
C SER I 12 42.61 0.87 -52.01
N ALA I 13 42.14 2.07 -52.38
CA ALA I 13 40.90 2.22 -53.12
C ALA I 13 41.00 3.45 -54.02
N SER I 14 40.15 3.46 -55.04
CA SER I 14 40.10 4.56 -56.00
C SER I 14 38.98 5.52 -55.65
N ILE I 15 39.09 6.74 -56.20
CA ILE I 15 38.06 7.75 -55.95
C ILE I 15 36.79 7.35 -56.68
N GLY I 16 35.71 7.14 -55.92
CA GLY I 16 34.43 6.78 -56.49
C GLY I 16 34.10 5.30 -56.41
N ASP I 17 34.55 4.60 -55.38
CA ASP I 17 34.29 3.18 -55.20
C ASP I 17 33.84 2.92 -53.75
N THR I 18 33.42 1.69 -53.50
CA THR I 18 32.94 1.28 -52.18
C THR I 18 34.06 0.60 -51.39
N VAL I 19 34.06 0.80 -50.08
CA VAL I 19 35.04 0.23 -49.17
C VAL I 19 34.30 -0.25 -47.92
N THR I 20 34.88 -1.23 -47.23
CA THR I 20 34.29 -1.78 -46.01
C THR I 20 35.40 -2.12 -45.04
N ILE I 21 35.37 -1.51 -43.86
CA ILE I 21 36.36 -1.74 -42.81
C ILE I 21 35.68 -2.49 -41.69
N THR I 22 36.23 -3.65 -41.32
CA THR I 22 35.68 -4.50 -40.27
C THR I 22 36.43 -4.32 -38.97
N CYS I 23 35.67 -4.29 -37.88
CA CYS I 23 36.21 -4.16 -36.52
C CYS I 23 35.54 -5.23 -35.67
N ARG I 24 36.35 -5.98 -34.93
CA ARG I 24 35.85 -7.07 -34.09
C ARG I 24 36.39 -6.91 -32.67
N ALA I 25 35.54 -7.19 -31.68
CA ALA I 25 35.91 -7.10 -30.28
C ALA I 25 36.05 -8.51 -29.69
N SER I 26 36.79 -8.58 -28.59
CA SER I 26 37.03 -9.85 -27.92
C SER I 26 35.78 -10.42 -27.26
N GLN I 27 34.75 -9.61 -27.04
CA GLN I 27 33.52 -10.07 -26.41
C GLN I 27 32.36 -9.23 -26.90
N GLY I 28 31.16 -9.77 -26.73
CA GLY I 28 29.96 -9.06 -27.15
C GLY I 28 29.81 -7.75 -26.42
N ILE I 29 29.69 -6.66 -27.16
CA ILE I 29 29.56 -5.31 -26.61
C ILE I 29 28.25 -4.66 -27.03
N SER I 30 27.25 -5.44 -27.42
CA SER I 30 25.96 -4.93 -27.84
C SER I 30 26.10 -3.95 -28.99
N ASN I 31 26.16 -2.64 -28.69
CA ASN I 31 26.31 -1.62 -29.72
C ASN I 31 27.24 -0.50 -29.28
N SER I 32 27.86 -0.63 -28.11
CA SER I 32 28.76 0.40 -27.59
C SER I 32 30.09 0.37 -28.34
N ILE I 33 30.16 1.20 -29.39
CA ILE I 33 31.36 1.32 -30.22
C ILE I 33 31.27 2.62 -31.00
N ALA I 34 32.42 3.24 -31.21
CA ALA I 34 32.54 4.50 -31.93
C ALA I 34 33.60 4.37 -33.01
N TRP I 35 33.46 5.20 -34.06
CA TRP I 35 34.38 5.22 -35.18
C TRP I 35 34.99 6.61 -35.29
N TYR I 36 36.30 6.65 -35.59
CA TYR I 36 37.04 7.90 -35.71
C TYR I 36 37.80 7.94 -37.03
N GLN I 37 38.22 9.14 -37.40
CA GLN I 37 38.98 9.40 -38.61
C GLN I 37 40.08 10.40 -38.28
N ARG I 38 41.31 10.10 -38.73
CA ARG I 38 42.46 10.95 -38.46
C ARG I 38 43.20 11.16 -39.78
N ARG I 39 43.10 12.37 -40.33
CA ARG I 39 43.80 12.67 -41.57
C ARG I 39 45.27 12.92 -41.25
N PRO I 40 46.17 12.76 -42.22
CA PRO I 40 47.60 13.01 -41.93
C PRO I 40 47.85 14.44 -41.48
N GLY I 41 48.57 14.56 -40.36
CA GLY I 41 48.90 15.85 -39.82
C GLY I 41 47.82 16.54 -39.02
N LYS I 42 46.73 15.85 -38.69
CA LYS I 42 45.64 16.43 -37.93
C LYS I 42 45.18 15.49 -36.81
N ALA I 43 44.42 16.05 -35.89
CA ALA I 43 43.90 15.27 -34.78
C ALA I 43 42.70 14.45 -35.25
N PRO I 44 42.33 13.38 -34.53
CA PRO I 44 41.19 12.58 -34.97
C PRO I 44 39.87 13.31 -34.78
N GLU I 45 38.87 12.86 -35.53
CA GLU I 45 37.52 13.42 -35.48
C GLU I 45 36.52 12.28 -35.50
N LEU I 46 35.51 12.38 -34.64
CA LEU I 46 34.50 11.35 -34.53
C LEU I 46 33.59 11.31 -35.76
N LEU I 47 33.19 10.09 -36.14
CA LEU I 47 32.32 9.85 -37.28
C LEU I 47 30.98 9.23 -36.88
N VAL I 48 31.01 8.10 -36.18
CA VAL I 48 29.81 7.39 -35.77
C VAL I 48 29.88 7.09 -34.28
N TYR I 49 28.70 6.96 -33.66
CA TYR I 49 28.57 6.65 -32.24
C TYR I 49 27.52 5.58 -32.08
N ALA I 50 27.82 4.60 -31.23
CA ALA I 50 26.93 3.47 -30.95
C ALA I 50 26.70 2.60 -32.19
N ALA I 51 27.65 2.69 -33.14
CA ALA I 51 27.64 1.92 -34.38
C ALA I 51 26.60 2.34 -35.42
N TYR I 52 25.67 3.23 -35.07
CA TYR I 52 24.63 3.66 -36.01
C TYR I 52 24.37 5.16 -36.04
N ARG I 53 24.67 5.89 -34.97
CA ARG I 53 24.39 7.33 -34.93
C ARG I 53 25.48 8.09 -35.66
N LEU I 54 25.12 8.73 -36.77
CA LEU I 54 26.08 9.52 -37.52
C LEU I 54 26.24 10.89 -36.89
N GLN I 55 27.48 11.34 -36.76
CA GLN I 55 27.73 12.64 -36.17
C GLN I 55 27.23 13.76 -37.07
N SER I 56 26.92 14.90 -36.46
CA SER I 56 26.44 16.05 -37.21
C SER I 56 27.51 16.55 -38.17
N GLY I 57 27.11 16.75 -39.43
CA GLY I 57 28.03 17.23 -40.44
C GLY I 57 28.81 16.16 -41.15
N VAL I 58 28.71 14.90 -40.74
CA VAL I 58 29.43 13.81 -41.38
C VAL I 58 28.69 13.47 -42.68
N PRO I 59 29.37 13.08 -43.76
CA PRO I 59 28.64 12.75 -45.00
C PRO I 59 27.68 11.60 -44.78
N SER I 60 26.50 11.69 -45.41
CA SER I 60 25.50 10.64 -45.30
C SER I 60 25.94 9.36 -46.01
N ARG I 61 26.79 9.48 -47.04
CA ARG I 61 27.29 8.33 -47.79
C ARG I 61 28.12 7.39 -46.93
N LEU I 62 28.61 7.84 -45.78
CA LEU I 62 29.40 7.03 -44.87
C LEU I 62 28.49 6.55 -43.76
N SER I 63 28.51 5.25 -43.49
CA SER I 63 27.65 4.68 -42.45
C SER I 63 28.28 3.41 -41.90
N GLY I 64 27.85 3.04 -40.69
CA GLY I 64 28.32 1.86 -40.02
C GLY I 64 27.19 0.89 -39.72
N SER I 65 27.56 -0.34 -39.40
CA SER I 65 26.57 -1.37 -39.11
C SER I 65 27.23 -2.48 -38.32
N GLY I 66 26.41 -3.44 -37.90
CA GLY I 66 26.86 -4.59 -37.14
C GLY I 66 26.12 -4.71 -35.82
N SER I 67 26.42 -5.81 -35.12
CA SER I 67 25.81 -6.10 -33.83
C SER I 67 26.72 -7.07 -33.09
N GLY I 68 26.49 -7.18 -31.79
CA GLY I 68 27.28 -8.07 -30.96
C GLY I 68 28.74 -7.69 -30.95
N ALA I 69 29.61 -8.61 -31.33
CA ALA I 69 31.05 -8.37 -31.38
C ALA I 69 31.56 -8.07 -32.79
N GLU I 70 30.68 -8.04 -33.79
CA GLU I 70 31.06 -7.78 -35.17
C GLU I 70 30.52 -6.41 -35.58
N TYR I 71 31.39 -5.58 -36.15
CA TYR I 71 31.00 -4.24 -36.59
C TYR I 71 31.76 -3.92 -37.88
N THR I 72 31.14 -3.06 -38.70
CA THR I 72 31.73 -2.68 -39.97
C THR I 72 31.37 -1.24 -40.30
N LEU I 73 32.30 -0.55 -40.96
CA LEU I 73 32.14 0.83 -41.40
C LEU I 73 32.25 0.81 -42.92
N THR I 74 31.26 1.37 -43.61
CA THR I 74 31.24 1.38 -45.06
C THR I 74 31.05 2.77 -45.62
N ILE I 75 31.60 2.98 -46.81
CA ILE I 75 31.52 4.23 -47.56
C ILE I 75 31.10 3.84 -48.97
N LYS I 76 29.94 4.32 -49.40
CA LYS I 76 29.44 3.98 -50.73
C LYS I 76 30.09 4.80 -51.84
N ASN I 77 30.69 5.95 -51.53
CA ASN I 77 31.31 6.79 -52.56
C ASN I 77 32.52 7.49 -51.94
N MET I 78 33.70 6.94 -52.17
CA MET I 78 34.91 7.53 -51.65
C MET I 78 35.19 8.86 -52.33
N GLN I 79 35.73 9.79 -51.56
CA GLN I 79 36.13 11.11 -52.00
C GLN I 79 37.60 11.33 -51.67
N PRO I 80 38.26 12.29 -52.32
CA PRO I 80 39.69 12.50 -52.02
C PRO I 80 39.99 12.81 -50.57
N GLU I 81 39.03 13.40 -49.84
CA GLU I 81 39.23 13.73 -48.43
C GLU I 81 38.94 12.58 -47.49
N ASP I 82 38.47 11.44 -47.98
CA ASP I 82 38.17 10.29 -47.13
C ASP I 82 39.37 9.39 -46.87
N PHE I 83 40.42 9.48 -47.69
CA PHE I 83 41.60 8.65 -47.50
C PHE I 83 42.32 9.10 -46.23
N ALA I 84 42.21 8.28 -45.19
CA ALA I 84 42.82 8.59 -43.90
C ALA I 84 42.76 7.35 -43.03
N THR I 85 43.29 7.46 -41.82
CA THR I 85 43.28 6.34 -40.89
C THR I 85 41.96 6.33 -40.13
N TYR I 86 41.35 5.15 -40.01
CA TYR I 86 40.09 4.98 -39.31
C TYR I 86 40.27 4.04 -38.14
N TYR I 87 39.84 4.48 -36.95
CA TYR I 87 39.95 3.71 -35.72
C TYR I 87 38.58 3.43 -35.13
N CYS I 88 38.43 2.23 -34.58
CA CYS I 88 37.22 1.80 -33.91
C CYS I 88 37.50 1.64 -32.42
N GLN I 89 36.69 2.32 -31.61
CA GLN I 89 36.87 2.31 -30.16
C GLN I 89 35.57 1.88 -29.49
N GLN I 90 35.70 1.08 -28.43
CA GLN I 90 34.55 0.61 -27.68
C GLN I 90 34.45 1.34 -26.35
N TYR I 91 33.23 1.39 -25.81
CA TYR I 91 32.97 2.01 -24.52
C TYR I 91 31.99 1.18 -23.69
N TYR I 92 31.91 -0.13 -23.97
CA TYR I 92 31.01 -1.01 -23.23
C TYR I 92 31.48 -1.17 -21.78
N ASP I 93 32.78 -1.34 -21.59
CA ASP I 93 33.36 -1.52 -20.26
C ASP I 93 34.74 -0.90 -20.26
N ASN I 94 35.14 -0.41 -19.10
CA ASN I 94 36.46 0.20 -18.97
C ASN I 94 37.55 -0.87 -18.91
N PRO I 95 38.78 -0.56 -19.32
CA PRO I 95 39.26 0.71 -19.89
C PRO I 95 38.92 0.85 -21.36
N LEU I 96 38.74 2.07 -21.86
CA LEU I 96 38.42 2.25 -23.28
C LEU I 96 39.61 1.80 -24.12
N THR I 97 39.33 1.01 -25.15
CA THR I 97 40.36 0.48 -26.03
C THR I 97 40.04 0.82 -27.48
N PHE I 98 41.08 1.19 -28.23
CA PHE I 98 40.95 1.53 -29.64
C PHE I 98 41.31 0.35 -30.52
N GLY I 99 40.95 0.44 -31.79
CA GLY I 99 41.29 -0.61 -32.73
C GLY I 99 42.69 -0.43 -33.29
N GLY I 100 43.15 -1.45 -33.99
CA GLY I 100 44.47 -1.39 -34.59
C GLY I 100 44.63 -0.34 -35.65
N GLY I 101 43.53 0.15 -36.23
CA GLY I 101 43.58 1.15 -37.26
C GLY I 101 43.79 0.55 -38.64
N THR I 102 43.11 1.15 -39.63
CA THR I 102 43.17 0.71 -41.04
C THR I 102 43.43 1.93 -41.89
N LYS I 103 44.54 1.97 -42.63
CA LYS I 103 44.89 3.18 -43.43
C LYS I 103 44.39 3.01 -44.87
N VAL I 104 43.35 3.76 -45.25
CA VAL I 104 42.84 3.74 -46.64
C VAL I 104 43.77 4.68 -47.41
N GLU I 105 44.26 4.26 -48.58
CA GLU I 105 45.23 5.06 -49.36
C GLU I 105 44.78 5.09 -50.82
N ILE I 106 45.40 5.90 -51.67
CA ILE I 106 45.07 5.91 -53.13
C ILE I 106 45.65 4.64 -53.74
N LYS I 107 44.97 4.04 -54.72
CA LYS I 107 45.45 2.81 -55.39
C LYS I 107 45.84 3.14 -56.84
C1 NAG J . -23.38 -2.78 -19.85
C2 NAG J . -23.23 -4.15 -20.53
C3 NAG J . -24.50 -4.48 -21.30
C4 NAG J . -25.65 -4.44 -20.31
C5 NAG J . -25.77 -3.00 -19.79
C6 NAG J . -26.91 -2.75 -18.83
C7 NAG J . -21.00 -4.96 -21.15
C8 NAG J . -19.88 -4.82 -22.16
N2 NAG J . -22.06 -4.17 -21.37
O3 NAG J . -24.33 -5.74 -21.89
O4 NAG J . -26.78 -5.02 -20.92
O5 NAG J . -24.57 -2.69 -19.11
O6 NAG J . -27.27 -1.39 -18.86
O7 NAG J . -20.89 -5.74 -20.23
C1 NAG J . -27.50 -4.25 -21.90
C2 NAG J . -27.82 -5.22 -23.04
C3 NAG J . -29.08 -4.85 -23.83
C4 NAG J . -30.17 -4.51 -22.85
C5 NAG J . -29.70 -3.28 -22.07
C6 NAG J . -30.76 -2.67 -21.19
C7 NAG J . -26.04 -6.46 -24.23
C8 NAG J . -24.91 -6.30 -25.21
N2 NAG J . -26.71 -5.33 -23.95
O3 NAG J . -29.41 -5.94 -24.64
O4 NAG J . -31.36 -4.26 -23.58
O5 NAG J . -28.62 -3.69 -21.27
O6 NAG J . -31.26 -3.65 -20.29
O7 NAG J . -26.31 -7.55 -23.74
C1 BMA J . -32.43 -5.09 -23.04
C2 BMA J . -33.72 -4.57 -23.62
C3 BMA J . -34.87 -5.39 -23.01
C4 BMA J . -34.65 -6.91 -23.05
C5 BMA J . -33.24 -7.41 -23.42
C6 BMA J . -33.14 -8.15 -24.75
O2 BMA J . -33.67 -4.64 -25.01
O3 BMA J . -36.07 -4.97 -23.65
O4 BMA J . -34.98 -7.36 -21.75
O5 BMA J . -32.20 -6.44 -23.39
O6 BMA J . -34.17 -9.12 -24.74
C1 MAN J . -33.74 -10.44 -25.13
C2 MAN J . -33.52 -10.49 -26.64
C3 MAN J . -34.84 -10.16 -27.34
C4 MAN J . -35.92 -11.14 -26.87
C5 MAN J . -36.00 -11.09 -25.34
C6 MAN J . -37.01 -12.06 -24.77
O2 MAN J . -33.08 -11.81 -26.95
O3 MAN J . -34.60 -10.24 -28.73
O4 MAN J . -37.13 -10.74 -27.47
O5 MAN J . -34.74 -11.37 -24.78
O6 MAN J . -36.79 -12.18 -23.38
C1 MAN J . -35.30 -9.15 -29.39
C2 MAN J . -35.27 -9.44 -30.89
C3 MAN J . -33.84 -9.38 -31.39
C4 MAN J . -33.24 -8.01 -31.08
C5 MAN J . -33.35 -7.73 -29.58
C6 MAN J . -32.96 -6.30 -29.26
O2 MAN J . -36.09 -8.48 -31.51
O3 MAN J . -33.85 -9.66 -32.78
O4 MAN J . -31.90 -8.03 -31.51
O5 MAN J . -34.69 -7.91 -29.13
O6 MAN J . -33.17 -6.06 -27.89
C1 MAN J . -36.93 -11.03 -22.58
C2 MAN J . -36.58 -11.44 -21.16
C3 MAN J . -37.60 -12.41 -20.61
C4 MAN J . -39.01 -11.84 -20.77
C5 MAN J . -39.26 -11.50 -22.22
C6 MAN J . -40.61 -10.85 -22.46
O2 MAN J . -36.46 -10.29 -20.33
O3 MAN J . -37.33 -12.67 -19.23
O4 MAN J . -39.98 -12.79 -20.35
O5 MAN J . -38.27 -10.55 -22.65
O6 MAN J . -40.75 -10.45 -23.81
C1 MAN J . -36.60 -3.74 -23.09
C2 MAN J . -38.14 -3.82 -23.14
C3 MAN J . -38.65 -3.71 -24.57
C4 MAN J . -38.07 -2.46 -25.24
C5 MAN J . -36.54 -2.53 -25.16
C6 MAN J . -35.89 -1.28 -25.72
O2 MAN J . -38.62 -2.77 -22.34
O3 MAN J . -40.05 -3.65 -24.51
O4 MAN J . -38.52 -2.45 -26.58
O5 MAN J . -36.14 -2.63 -23.81
O6 MAN J . -34.49 -1.45 -25.71
C1 NAG K . -5.19 -14.56 -18.78
C2 NAG K . -4.23 -15.42 -17.95
C3 NAG K . -2.80 -15.32 -18.49
C4 NAG K . -2.76 -15.55 -20.00
C5 NAG K . -3.75 -14.59 -20.65
C6 NAG K . -3.80 -14.67 -22.16
C7 NAG K . -4.76 -15.71 -15.54
C8 NAG K . -4.69 -15.04 -14.20
N2 NAG K . -4.27 -14.99 -16.57
O3 NAG K . -2.01 -16.25 -17.78
O4 NAG K . -1.45 -15.30 -20.45
O5 NAG K . -5.04 -14.86 -20.14
O6 NAG K . -4.91 -13.94 -22.63
O7 NAG K . -5.26 -16.83 -15.67
C1 NAG K . -0.58 -16.45 -20.48
C2 NAG K . 0.09 -16.50 -21.87
C3 NAG K . 1.08 -17.66 -21.93
C4 NAG K . 2.07 -17.55 -20.78
C5 NAG K . 1.29 -17.49 -19.46
C6 NAG K . 2.17 -17.38 -18.24
C7 NAG K . -1.07 -15.80 -23.94
C8 NAG K . -2.18 -16.17 -24.89
N2 NAG K . -0.91 -16.65 -22.90
O3 NAG K . 1.73 -17.59 -23.18
O4 NAG K . 2.91 -18.69 -20.84
O5 NAG K . 0.42 -16.36 -19.50
O6 NAG K . 3.03 -18.48 -18.17
O7 NAG K . -0.40 -14.80 -24.12
C1 NAG L . -13.38 22.79 15.78
C2 NAG L . -13.91 22.18 17.08
C3 NAG L . -14.32 23.28 18.04
C4 NAG L . -13.09 24.16 18.26
C5 NAG L . -12.74 24.80 16.92
C6 NAG L . -11.57 25.76 16.97
C7 NAG L . -14.95 19.95 17.04
C8 NAG L . -16.20 19.19 16.66
N2 NAG L . -14.99 21.27 16.80
O3 NAG L . -14.79 22.69 19.22
O4 NAG L . -13.36 25.02 19.36
O5 NAG L . -12.38 23.77 16.03
O6 NAG L . -11.66 26.67 15.89
O7 NAG L . -13.99 19.37 17.52
C1 NAG L . -14.23 26.14 19.14
C2 NAG L . -15.14 26.21 20.38
C3 NAG L . -15.65 27.60 20.70
C4 NAG L . -14.48 28.56 20.64
C5 NAG L . -13.98 28.55 19.19
C6 NAG L . -12.94 29.61 18.89
C7 NAG L . -16.57 24.28 21.01
C8 NAG L . -17.80 23.51 20.62
N2 NAG L . -16.26 25.31 20.21
O3 NAG L . -16.25 27.56 21.96
O4 NAG L . -14.93 29.84 21.03
O5 NAG L . -13.41 27.28 18.96
O6 NAG L . -11.86 29.47 19.78
O7 NAG L . -15.92 23.97 22.00
C1 BMA L . -14.07 30.33 22.10
C2 BMA L . -14.39 31.81 22.26
C3 BMA L . -13.43 32.37 23.33
C4 BMA L . -13.37 31.52 24.62
C5 BMA L . -14.00 30.12 24.57
C6 BMA L . -15.22 29.93 25.46
O2 BMA L . -15.74 31.96 22.57
O3 BMA L . -13.81 33.71 23.57
O4 BMA L . -11.98 31.40 24.89
O5 BMA L . -14.32 29.61 23.28
O6 BMA L . -14.86 30.42 26.75
C1 MAN L . -15.20 29.53 27.83
C2 MAN L . -16.70 29.57 28.09
C3 MAN L . -17.10 30.99 28.46
C4 MAN L . -16.29 31.45 29.67
C5 MAN L . -14.79 31.30 29.34
C6 MAN L . -13.90 31.66 30.50
O2 MAN L . -16.95 28.66 29.15
O3 MAN L . -18.49 30.99 28.70
O4 MAN L . -16.63 32.80 29.91
O5 MAN L . -14.52 29.96 28.98
O6 MAN L . -12.59 31.20 30.25
C1 MAN L . -19.08 32.18 28.14
C2 MAN L . -20.51 32.28 28.69
C3 MAN L . -21.34 31.12 28.16
C4 MAN L . -21.33 31.14 26.64
C5 MAN L . -19.88 31.11 26.13
C6 MAN L . -19.82 31.33 24.63
O2 MAN L . -21.03 33.53 28.28
O3 MAN L . -22.64 31.24 28.69
O4 MAN L . -22.06 30.00 26.20
O5 MAN L . -19.12 32.14 26.73
O6 MAN L . -18.48 31.39 24.22
C1 MAN L . -11.91 31.69 29.12
C2 MAN L . -10.58 30.97 29.06
C3 MAN L . -9.70 31.36 30.23
C4 MAN L . -9.59 32.88 30.31
C5 MAN L . -10.98 33.49 30.38
C6 MAN L . -10.96 35.00 30.40
O2 MAN L . -9.94 31.22 27.82
O3 MAN L . -8.42 30.77 30.08
O4 MAN L . -8.85 33.26 31.46
O5 MAN L . -11.73 33.10 29.22
O6 MAN L . -12.27 35.53 30.36
C1 MAN L . -13.29 34.63 22.57
C2 MAN L . -12.97 35.97 23.26
C3 MAN L . -14.25 36.71 23.64
C4 MAN L . -15.17 36.84 22.43
C5 MAN L . -15.44 35.45 21.86
C6 MAN L . -16.27 35.49 20.60
O2 MAN L . -12.20 36.71 22.35
O3 MAN L . -13.87 37.96 24.14
O4 MAN L . -16.36 37.47 22.87
O5 MAN L . -14.21 34.82 21.52
O6 MAN L . -16.56 34.19 20.19
C1 NAG M . -15.30 1.40 18.85
C2 NAG M . -14.63 0.04 19.07
C3 NAG M . -15.50 -1.10 18.50
C4 NAG M . -16.93 -0.98 19.01
C5 NAG M . -17.44 0.43 18.67
C6 NAG M . -18.87 0.68 19.08
C7 NAG M . -12.15 -0.01 19.06
C8 NAG M . -10.95 -0.01 18.16
N2 NAG M . -13.34 0.02 18.43
O3 NAG M . -14.90 -2.32 18.89
O4 NAG M . -17.71 -1.96 18.35
O5 NAG M . -16.62 1.36 19.33
O6 NAG M . -19.16 2.05 18.95
O7 NAG M . -12.03 -0.04 20.29
C1 NAG M . -17.82 -3.22 19.04
C2 NAG M . -19.31 -3.60 19.10
C3 NAG M . -19.47 -4.98 19.74
C4 NAG M . -18.60 -6.00 19.02
C5 NAG M . -17.15 -5.50 19.02
C6 NAG M . -16.20 -6.44 18.32
C7 NAG M . -21.11 -1.93 19.34
C8 NAG M . -21.73 -0.95 20.31
N2 NAG M . -20.06 -2.61 19.83
O3 NAG M . -20.83 -5.32 19.69
O4 NAG M . -18.73 -7.22 19.72
O5 NAG M . -17.11 -4.24 18.37
O6 NAG M . -16.21 -7.69 18.97
O7 NAG M . -21.56 -2.07 18.22
C1 NAG N . 15.83 19.15 -18.18
C2 NAG N . 17.28 19.15 -17.68
C3 NAG N . 18.19 19.84 -18.68
C4 NAG N . 18.02 19.10 -20.00
C5 NAG N . 16.56 19.27 -20.46
C6 NAG N . 16.23 18.65 -21.79
C7 NAG N . 17.73 19.12 -15.25
C8 NAG N . 17.74 19.96 -13.99
N2 NAG N . 17.37 19.76 -16.37
O3 NAG N . 19.50 19.80 -18.20
O4 NAG N . 19.04 19.51 -20.88
O5 NAG N . 15.73 18.67 -19.49
O6 NAG N . 15.12 19.29 -22.36
O7 NAG N . 18.04 17.93 -15.21
C1 NAG N . 18.91 20.81 -21.51
C2 NAG N . 20.31 21.44 -21.43
C3 NAG N . 20.59 22.45 -22.54
C4 NAG N . 20.15 21.84 -23.86
C5 NAG N . 18.64 21.63 -23.77
C6 NAG N . 17.99 21.20 -25.06
C7 NAG N . 21.47 21.76 -19.27
C8 NAG N . 21.46 22.60 -18.01
N2 NAG N . 20.50 22.08 -20.16
O3 NAG N . 21.95 22.74 -22.53
O4 NAG N . 20.49 22.72 -24.91
O5 NAG N . 18.42 20.61 -22.80
O6 NAG N . 18.61 20.04 -25.55
O7 NAG N . 22.30 20.90 -19.44
C1 BMA N . 21.26 22.00 -25.89
C2 BMA N . 21.33 22.89 -27.13
C3 BMA N . 22.09 22.11 -28.22
C4 BMA N . 23.40 21.47 -27.74
C5 BMA N . 23.66 21.44 -26.22
C6 BMA N . 24.83 22.29 -25.75
O2 BMA N . 21.94 24.11 -26.78
O3 BMA N . 22.26 22.99 -29.32
O4 BMA N . 23.36 20.15 -28.24
O5 BMA N . 22.54 21.71 -25.39
O6 BMA N . 25.93 21.97 -26.59
C1 MAN N . 27.15 21.71 -25.87
C2 MAN N . 27.76 23.01 -25.35
C3 MAN N . 28.05 23.93 -26.54
C4 MAN N . 28.97 23.21 -27.52
C5 MAN N . 28.33 21.88 -27.92
C6 MAN N . 29.20 21.04 -28.83
O2 MAN N . 28.93 22.68 -24.65
O3 MAN N . 28.61 25.11 -26.03
O4 MAN N . 29.14 24.05 -28.63
O5 MAN N . 28.07 21.11 -26.75
O6 MAN N . 28.70 19.73 -28.89
C1 MAN N . 28.07 26.26 -26.75
C2 MAN N . 28.92 27.46 -26.37
C3 MAN N . 28.73 27.78 -24.89
C4 MAN N . 27.26 28.04 -24.61
C5 MAN N . 26.43 26.82 -25.06
C6 MAN N . 24.95 27.12 -24.99
O2 MAN N . 28.50 28.52 -27.20
O3 MAN N . 29.52 28.90 -24.59
O4 MAN N . 27.13 28.27 -23.22
O5 MAN N . 26.72 26.49 -26.41
O6 MAN N . 24.23 26.01 -25.49
C1 MAN N . 27.39 19.51 -29.37
C2 MAN N . 27.11 18.04 -29.24
C3 MAN N . 27.98 17.23 -30.18
C4 MAN N . 27.87 17.78 -31.60
C5 MAN N . 28.21 19.26 -31.61
C6 MAN N . 28.05 19.90 -32.97
O2 MAN N . 25.73 17.78 -29.49
O3 MAN N . 27.61 15.87 -30.14
O4 MAN N . 28.78 17.10 -32.47
O5 MAN N . 27.31 19.94 -30.73
O6 MAN N . 28.26 21.30 -32.91
C1 MAN N . 21.06 23.09 -30.15
C2 MAN N . 21.51 23.28 -31.61
C3 MAN N . 22.10 24.67 -31.83
C4 MAN N . 21.13 25.73 -31.34
C5 MAN N . 20.80 25.47 -29.87
C6 MAN N . 19.77 26.43 -29.34
O2 MAN N . 20.37 23.06 -32.40
O3 MAN N . 22.35 24.79 -33.21
O4 MAN N . 21.76 26.98 -31.53
O5 MAN N . 20.25 24.16 -29.74
O6 MAN N . 19.58 26.19 -27.96
C1 NAG O . 21.61 11.08 1.12
C2 NAG O . 21.81 9.87 2.04
C3 NAG O . 21.60 10.24 3.50
C4 NAG O . 22.40 11.48 3.87
C5 NAG O . 22.04 12.59 2.88
C6 NAG O . 22.74 13.90 3.15
C7 NAG O . 21.24 7.66 1.08
C8 NAG O . 20.09 6.73 0.78
N2 NAG O . 20.89 8.82 1.65
O3 NAG O . 21.96 9.12 4.28
O4 NAG O . 22.05 11.86 5.19
O5 NAG O . 22.39 12.16 1.59
O6 NAG O . 22.54 14.77 2.06
O7 NAG O . 22.39 7.33 0.81
C1 NAG O . 22.89 11.29 6.23
C2 NAG O . 23.34 12.43 7.15
C3 NAG O . 24.14 11.87 8.32
C4 NAG O . 23.36 10.78 9.02
C5 NAG O . 22.95 9.72 8.00
C6 NAG O . 22.17 8.58 8.59
C7 NAG O . 23.81 14.71 6.33
C8 NAG O . 24.78 15.53 5.51
N2 NAG O . 24.10 13.41 6.43
O3 NAG O . 24.44 12.94 9.18
O4 NAG O . 24.19 10.25 10.03
O5 NAG O . 22.19 10.33 6.99
O6 NAG O . 22.93 7.94 9.59
O7 NAG O . 22.83 15.23 6.86
C1 NAG P . -37.83 -12.69 1.80
C2 NAG P . -38.34 -13.28 3.12
C3 NAG P . -39.81 -13.68 2.97
C4 NAG P . -40.65 -12.53 2.43
C5 NAG P . -40.01 -12.04 1.12
C6 NAG P . -40.74 -10.88 0.49
C7 NAG P . -36.66 -14.43 4.50
C8 NAG P . -35.96 -15.74 4.70
N2 NAG P . -37.55 -14.41 3.50
O3 NAG P . -40.27 -14.11 4.23
O4 NAG P . -41.94 -13.02 2.23
O5 NAG P . -38.68 -11.64 1.39
O6 NAG P . -40.03 -10.44 -0.66
O7 NAG P . -36.42 -13.46 5.22
C1 NAG Q . -7.04 33.83 -3.80
C2 NAG Q . -6.49 35.21 -4.17
C3 NAG Q . -7.22 36.29 -3.37
C4 NAG Q . -8.71 36.21 -3.67
C5 NAG Q . -9.20 34.80 -3.32
C6 NAG Q . -10.65 34.57 -3.64
C7 NAG Q . -4.47 35.31 -2.75
C8 NAG Q . -2.99 35.50 -2.74
N2 NAG Q . -5.06 35.31 -3.95
O3 NAG Q . -6.71 37.56 -3.71
O4 NAG Q . -9.42 37.16 -2.87
O5 NAG Q . -8.45 33.83 -4.06
O6 NAG Q . -11.06 33.26 -3.26
O7 NAG Q . -5.11 35.16 -1.71
C1 NAG R . 12.02 27.73 26.10
C2 NAG R . 13.47 27.71 26.57
C3 NAG R . 13.73 28.85 27.55
C4 NAG R . 13.27 30.18 26.95
C5 NAG R . 11.81 30.05 26.53
C6 NAG R . 11.24 31.31 25.90
C7 NAG R . 14.55 25.49 26.65
C8 NAG R . 14.73 24.27 27.51
N2 NAG R . 13.79 26.45 27.20
O3 NAG R . 15.09 28.87 27.86
O4 NAG R . 13.43 31.16 27.95
O5 NAG R . 11.71 29.00 25.59
O6 NAG R . 9.92 31.06 25.47
O7 NAG R . 15.08 25.57 25.55
C1 NAG S . -5.75 21.48 -26.70
C2 NAG S . -6.37 21.63 -28.08
C3 NAG S . -5.56 22.62 -28.91
C4 NAG S . -5.49 23.96 -28.19
C5 NAG S . -4.88 23.73 -26.81
C6 NAG S . -4.83 24.97 -25.95
C7 NAG S . -5.48 19.66 -29.27
C8 NAG S . -5.86 18.43 -30.03
N2 NAG S . -6.51 20.38 -28.79
O3 NAG S . -6.14 22.77 -30.20
O4 NAG S . -4.65 24.86 -28.92
O5 NAG S . -5.67 22.76 -26.10
O6 NAG S . -4.22 24.70 -24.70
O7 NAG S . -4.32 19.98 -29.08
C1 NAG T . 19.34 -2.91 -34.81
C2 NAG T . 19.46 -4.28 -35.47
C3 NAG T . 20.22 -4.17 -36.79
C4 NAG T . 19.61 -3.09 -37.67
C5 NAG T . 19.54 -1.79 -36.89
C6 NAG T . 18.94 -0.63 -37.66
C7 NAG T . 19.53 -6.21 -33.93
C8 NAG T . 20.45 -7.05 -33.08
N2 NAG T . 20.12 -5.20 -34.59
O3 NAG T . 20.20 -5.43 -37.41
O4 NAG T . 20.42 -2.97 -38.82
O5 NAG T . 18.77 -2.00 -35.73
O6 NAG T . 18.84 0.50 -36.83
O7 NAG T . 18.33 -6.46 -34.00
C1 NAG U . -26.85 18.81 -11.61
C2 NAG U . -28.05 19.67 -11.23
C3 NAG U . -29.15 19.51 -12.27
C4 NAG U . -28.61 19.89 -13.64
C5 NAG U . -27.40 19.04 -13.95
C6 NAG U . -26.72 19.39 -15.25
C7 NAG U . -29.19 18.21 -9.58
C8 NAG U . -29.70 18.14 -8.18
N2 NAG U . -28.57 19.36 -9.91
O3 NAG U . -30.28 20.30 -11.92
O4 NAG U . -29.62 19.68 -14.63
O5 NAG U . -26.41 19.20 -12.90
O6 NAG U . -25.62 18.53 -15.50
O7 NAG U . -29.31 17.29 -10.37
#